data_6Q9E
#
_entry.id   6Q9E
#
_cell.length_a   1
_cell.length_b   1
_cell.length_c   1
_cell.angle_alpha   90
_cell.angle_beta   90
_cell.angle_gamma   90
#
_symmetry.space_group_name_H-M   'P 1'
#
loop_
_entity.id
_entity.type
_entity.pdbx_description
1 polymer 'Ubiquinol-cytochrome c reductase core protein 1'
2 polymer 'Ubiquinol-cytochrome c reductase core protein 2'
3 polymer 'Cytochrome b'
4 polymer 'Cytochrome c1'
5 polymer 'Cytochrome b-c1 complex subunit Rieske, mitochondrial'
6 polymer 'Cytochrome b-c1 complex subunit 7'
7 polymer 'Ubiquinol-cytochrome c reductase complex III subunit VII'
8 polymer 'Cytochrome b-c1 complex subunit 6'
9 polymer 'Cytochrome b-c1 complex subunit Rieske, mitochondrial'
10 polymer 'Ubiquinol-cytochrome c reductase, complex III subunit X'
11 non-polymer 'PROTOPORPHYRIN IX CONTAINING FE'
12 non-polymer 1,2-Distearoyl-sn-glycerophosphoethanolamine
13 non-polymer CARDIOLIPIN
14 non-polymer UBIQUINONE-10
15 non-polymer 'HEME C'
16 non-polymer 'FE2/S2 (INORGANIC) CLUSTER'
#
loop_
_entity_poly.entity_id
_entity_poly.type
_entity_poly.pdbx_seq_one_letter_code
_entity_poly.pdbx_strand_id
1 'polypeptide(L)'
;TATYAQALQSVPETQVSQLDNGLRVASEQSSQPTCTVGVWIDAGSRYETEKNNGAGYFVEHLAFKGTKNRPGNALEKEVE
SMGAHLNAYSTREHTAYYIKALSKDLPKAVELLADIVQNCSLEDSQIEKERDVILQELQENDTSMRDVVFNYLHATAFQG
TPLAQSVEGPSENVRKLSRADLTEYLSRHYKAPRMVLAAAGGLEHRQLLDLAQKHFSGLSGTYDEDAVPTLTPCRFTGSE
IRHREDGLPLAHVAIAVEGPGWANPDNVALQVANAIIGHYDCTYGGGMHLSSPLASVAVTNKLCQSFQTFNICYADTGLL
GAHFVCDHMSIDDMMFVLQGQWMRLCTSATESEVVRGKNLLRNALVSHLDGTTPVCEDIGRSLLTYGRRIPLAEWESRIA
EVDARVVREVCSKYFYDQCPAVAGFGPIEQLPDYNRIRSGMFWLRF
;
a1,a3
2 'polypeptide(L)'
;SLKVAPKAKATAAPAGVPQHPQDLEFTRLPNGLVIASLENYAPASRIGLFIKAGSRYENFNNLGTSHLLRLASSLTTKGA
SSFKITRGIEAVGGKLSVTSTRENMAYTVECLRDDVDILMEFLLNVTTAPEFRRWEVAALQSQLRIDKAVAFQNPQAHVI
ENLHAAAYRNALANSLYCPDYRIGKVTPDELHDYVQNHFTSARMALIGLGVSHPVLKQVAEQFLNIRGGLGLSGAKAKYR
GGEIREQNGDSLVHAALVAESAAIGSAEANAFSVLQHVLGAGPHVKRGSNATSSLYQAVAKGVHQPFDVSAFNASYSDSG
LFGFYTISQAASAGDVIKAAYNQVKTIAQGNLSNPDVQAAKNKLKAGYLMSVESSEGFLDEVGCQALAAGSYTPPSTVLQ
QIDAVADADVINAAKKFVSGRKSMAASGNLGHTPFIDEL
;
a2,a4
3 'polypeptide(L)'
;MINIRKTHPLMKIVNNAFIDLPAPSNISSWWNFGSLLGICLILQILTGLFLAMHYTPDTTTAFSSVTHICRDVNYGWIIR
YMHANGASMFFICLFMHVGRGLYYGSYTFLETWNIGVILLFATMATAFMGYVLPWGQMSFWGATVITNLLSAIPYIGTNL
VEWIWGGFSVDKATLTRFFAFHFIFPFIIAALAMVHLLFLHETGSNNPTGIPSDTDKIPFHPYYTIKDILGAILLILILM
LLVLFTPDLLGDPDNYTPANPLNTPPHIKPEWYFLFAYAILRSIPNKLGGVLALVLSILVLVIMPLLHTSKQRSMMFRPI
SQCMFWILVADLLTLTWIGGQPVEHPYIIIGQLASIMYFLIILVMMPVASIIENNLLKW
;
b1,b2
4 'polypeptide(L)'
;SDLELHPPSYPWSHRGLLSSLDHTSIRRGFQVYKQVCSSCHSMDYVAYRHLVGVCYTEDEAKALAEEVEVQDGPNEDGEM
FMRPGKLSDYFPKPYPNPEAARAANNGALPPDLSYIVRARHGGEDYVFSLLTGYCEPPRVSLREGLYFNPYFPGQAIGMA
PPIYNEVLEFDDGTPATMSQVAKDVCTFLRWAAEPEHDHRKRMGLKMLLMMGLLLPLVYAMKRHKWSVLKSRKLAYRPPK
;
c1,c2
5 'polypeptide(L)'
;SHTDIKVPDFSDYRRPEVLDSTKSSKESSEARKGFSYLITATTTVGVAYAAKNVVSQFVSSMSASADVLAMSKIEIKLSD
IPEGKNMAFKWRGKPLFVRHRTKKEIDQEAAVEVSQLRDPQHDLERVKKPEWVILIGVCTHLGCVPIANAGDFGGYYCPC
HGSHYDASGRIRKGPAPLNLEVPSYEFTSDDMVIVG
;
f1,f2
6 'polypeptide(L)'
;AGRPAVSASSKWLEGIRKWYYNAAGFNKLGLMRDDTIHENDDVKEAIRRLPENLYNDRVFRIKRALDLSMRQQILPKEQW
TKYEEDKFYLEPYLKEVIRERKEREEWTKK
;
d1,d2
7 'polypeptide(L)'
;GRQFGHLTRVRHVITYSLSPFEQRAFPHYFSKGIPNVLRRTRACILRVAPPFVVFYLVYTWGTQEFEKSKRKNPAAYEND
K
;
q1,q2
8 'polypeptide(L)' GDPKEEEEEEEELVDPLTTVREQCEQLEKCVKARERLELCDERVSSRSQTEEDCTEELFDFLHARDHCVAHKLFNSLK h1,h2
9 'polypeptide(L)'
;(UNK)(UNK)(UNK)(UNK)(UNK)(UNK)(UNK)(UNK)(UNK)(UNK)(UNK)(UNK)(UNK)(UNK)(UNK)(UNK)
(UNK)(UNK)(UNK)(UNK)(UNK)(UNK)(UNK)(UNK)(UNK)(UNK)(UNK)(UNK)(UNK)(UNK)(UNK)(UNK)
(UNK)
;
x1,x2
10 'polypeptide(L)' AAPTLTARLYSLLFRRTSTFALTIVVGALFFERAFDQGADAIYEHINEGKLWKHIKHKYENKE i1,i2
#
loop_
_chem_comp.id
_chem_comp.type
_chem_comp.name
_chem_comp.formula
3PE non-polymer 1,2-Distearoyl-sn-glycerophosphoethanolamine 'C41 H82 N O8 P'
CDL non-polymer CARDIOLIPIN 'C81 H156 O17 P2 -2'
FES non-polymer 'FE2/S2 (INORGANIC) CLUSTER' 'Fe2 S2'
HEC non-polymer 'HEME C' 'C34 H34 Fe N4 O4'
HEM non-polymer 'PROTOPORPHYRIN IX CONTAINING FE' 'C34 H32 Fe N4 O4'
U10 non-polymer UBIQUINONE-10 'C59 H90 O4'
#
# COMPACT_ATOMS: atom_id res chain seq x y z
N ALA A 2 -9.19 -44.65 -46.21
CA ALA A 2 -9.74 -43.41 -46.73
C ALA A 2 -9.00 -42.20 -46.15
N THR A 3 -8.80 -41.19 -46.99
CA THR A 3 -8.14 -39.94 -46.61
C THR A 3 -9.05 -38.76 -46.95
N TYR A 4 -8.48 -37.55 -46.86
CA TYR A 4 -9.23 -36.34 -47.16
C TYR A 4 -9.65 -36.25 -48.62
N ALA A 5 -8.80 -36.70 -49.54
CA ALA A 5 -9.21 -36.78 -50.93
C ALA A 5 -10.34 -37.79 -51.10
N GLN A 6 -10.24 -38.92 -50.40
CA GLN A 6 -11.29 -39.92 -50.42
C GLN A 6 -12.57 -39.38 -49.78
N ALA A 7 -12.47 -38.87 -48.55
CA ALA A 7 -13.65 -38.45 -47.82
C ALA A 7 -14.23 -37.13 -48.31
N LEU A 8 -13.49 -36.38 -49.12
CA LEU A 8 -13.98 -35.12 -49.65
C LEU A 8 -14.46 -35.23 -51.09
N GLN A 9 -13.89 -36.16 -51.87
CA GLN A 9 -14.48 -36.48 -53.17
C GLN A 9 -15.84 -37.13 -52.98
N SER A 10 -15.90 -38.17 -52.16
CA SER A 10 -17.16 -38.83 -51.85
C SER A 10 -17.98 -37.93 -50.94
N VAL A 11 -18.85 -37.12 -51.54
CA VAL A 11 -19.73 -36.22 -50.81
C VAL A 11 -20.95 -36.03 -51.71
N PRO A 12 -22.15 -35.85 -51.17
CA PRO A 12 -23.27 -35.43 -52.01
C PRO A 12 -23.06 -34.04 -52.59
N GLU A 13 -23.87 -33.75 -53.61
CA GLU A 13 -23.47 -32.81 -54.65
C GLU A 13 -24.22 -31.49 -54.64
N THR A 14 -25.34 -31.39 -53.92
CA THR A 14 -26.17 -30.20 -53.79
C THR A 14 -26.65 -29.71 -55.16
N GLN A 15 -27.53 -30.51 -55.75
CA GLN A 15 -28.08 -30.16 -57.05
C GLN A 15 -29.04 -28.98 -56.90
N VAL A 16 -28.81 -27.94 -57.70
CA VAL A 16 -29.62 -26.74 -57.63
C VAL A 16 -30.32 -26.54 -58.96
N SER A 17 -31.37 -25.72 -58.94
CA SER A 17 -32.11 -25.37 -60.14
C SER A 17 -32.87 -24.09 -59.88
N GLN A 18 -33.45 -23.54 -60.95
CA GLN A 18 -34.21 -22.30 -60.87
C GLN A 18 -35.53 -22.48 -61.59
N LEU A 19 -36.61 -22.34 -60.85
CA LEU A 19 -37.92 -22.24 -61.47
C LEU A 19 -38.11 -20.84 -62.04
N ASP A 20 -38.95 -20.76 -63.09
CA ASP A 20 -39.14 -19.55 -63.89
C ASP A 20 -39.98 -18.51 -63.17
N ASN A 21 -39.57 -18.20 -61.95
CA ASN A 21 -40.04 -17.06 -61.18
C ASN A 21 -38.84 -16.54 -60.40
N GLY A 22 -37.63 -16.93 -60.79
CA GLY A 22 -36.48 -16.75 -59.95
C GLY A 22 -36.48 -17.61 -58.71
N LEU A 23 -37.27 -18.67 -58.65
CA LEU A 23 -37.40 -19.45 -57.44
C LEU A 23 -36.19 -20.38 -57.34
N ARG A 24 -35.33 -20.18 -56.35
CA ARG A 24 -34.08 -20.95 -56.33
C ARG A 24 -34.29 -22.18 -55.47
N VAL A 25 -34.16 -23.35 -56.08
CA VAL A 25 -34.53 -24.62 -55.46
C VAL A 25 -33.29 -25.49 -55.37
N ALA A 26 -33.15 -26.23 -54.28
CA ALA A 26 -31.89 -26.90 -54.01
C ALA A 26 -32.10 -28.14 -53.17
N SER A 27 -31.44 -29.23 -53.55
CA SER A 27 -31.59 -30.49 -52.84
C SER A 27 -30.24 -31.15 -52.62
N GLU A 28 -30.22 -32.00 -51.60
CA GLU A 28 -29.05 -32.81 -51.28
C GLU A 28 -29.51 -34.16 -50.75
N GLN A 29 -28.97 -35.23 -51.32
CA GLN A 29 -29.44 -36.57 -51.03
C GLN A 29 -28.43 -37.37 -50.22
N SER A 30 -28.95 -38.22 -49.35
CA SER A 30 -28.14 -39.17 -48.59
C SER A 30 -29.02 -40.36 -48.26
N SER A 31 -28.47 -41.31 -47.50
CA SER A 31 -29.14 -42.60 -47.30
C SER A 31 -30.02 -42.66 -46.07
N GLN A 32 -30.04 -41.61 -45.25
CA GLN A 32 -30.90 -41.78 -44.08
C GLN A 32 -32.35 -41.41 -44.41
N PRO A 33 -33.33 -42.17 -43.88
CA PRO A 33 -34.75 -41.97 -44.27
C PRO A 33 -35.45 -40.89 -43.46
N THR A 34 -35.15 -39.64 -43.81
CA THR A 34 -35.69 -38.46 -43.15
C THR A 34 -35.49 -37.28 -44.08
N CYS A 35 -36.22 -36.20 -43.82
CA CYS A 35 -36.09 -35.04 -44.69
C CYS A 35 -36.16 -33.76 -43.89
N THR A 36 -35.52 -32.73 -44.43
CA THR A 36 -35.58 -31.39 -43.88
C THR A 36 -35.86 -30.44 -45.03
N VAL A 37 -37.07 -29.88 -45.07
CA VAL A 37 -37.52 -29.08 -46.21
C VAL A 37 -37.95 -27.73 -45.68
N GLY A 38 -37.37 -26.67 -46.21
CA GLY A 38 -37.68 -25.35 -45.72
C GLY A 38 -37.65 -24.32 -46.83
N VAL A 39 -38.20 -23.16 -46.50
CA VAL A 39 -38.07 -21.98 -47.32
C VAL A 39 -37.19 -21.01 -46.57
N TRP A 40 -36.01 -20.76 -47.10
CA TRP A 40 -35.17 -19.68 -46.65
C TRP A 40 -35.47 -18.43 -47.46
N ILE A 41 -35.52 -17.29 -46.79
CA ILE A 41 -36.00 -16.03 -47.37
C ILE A 41 -35.03 -14.94 -46.99
N ASP A 42 -34.55 -14.20 -47.98
CA ASP A 42 -33.56 -13.14 -47.75
C ASP A 42 -34.27 -11.82 -47.49
N ALA A 43 -35.02 -11.78 -46.39
CA ALA A 43 -35.79 -10.59 -46.02
C ALA A 43 -36.00 -10.62 -44.51
N GLY A 44 -35.29 -9.77 -43.79
CA GLY A 44 -35.44 -9.72 -42.36
C GLY A 44 -35.84 -8.37 -41.84
N SER A 45 -35.05 -7.82 -40.93
CA SER A 45 -35.30 -6.49 -40.39
C SER A 45 -34.38 -5.43 -40.99
N ARG A 46 -33.39 -5.84 -41.79
CA ARG A 46 -32.56 -4.87 -42.49
C ARG A 46 -33.36 -4.13 -43.55
N TYR A 47 -34.33 -4.79 -44.16
CA TYR A 47 -35.13 -4.19 -45.22
C TYR A 47 -36.27 -3.33 -44.69
N GLU A 48 -36.49 -3.33 -43.37
CA GLU A 48 -37.58 -2.56 -42.78
C GLU A 48 -37.14 -1.14 -42.46
N THR A 49 -38.03 -0.20 -42.68
CA THR A 49 -37.75 1.20 -42.36
C THR A 49 -38.06 1.46 -40.89
N GLU A 50 -38.11 2.74 -40.51
CA GLU A 50 -38.23 3.08 -39.09
C GLU A 50 -39.64 2.86 -38.58
N LYS A 51 -40.64 3.14 -39.40
CA LYS A 51 -42.02 2.97 -38.96
C LYS A 51 -42.49 1.53 -39.01
N ASN A 52 -41.79 0.65 -39.72
CA ASN A 52 -42.20 -0.74 -39.87
C ASN A 52 -41.19 -1.68 -39.23
N ASN A 53 -40.62 -1.26 -38.10
CA ASN A 53 -39.73 -2.13 -37.34
C ASN A 53 -40.57 -3.18 -36.62
N GLY A 54 -40.18 -4.43 -36.76
CA GLY A 54 -40.79 -5.52 -36.02
C GLY A 54 -41.83 -6.32 -36.77
N ALA A 55 -42.13 -5.95 -38.01
CA ALA A 55 -43.16 -6.67 -38.75
C ALA A 55 -42.67 -8.05 -39.19
N GLY A 56 -41.37 -8.25 -39.32
CA GLY A 56 -40.87 -9.56 -39.73
C GLY A 56 -41.03 -10.61 -38.65
N TYR A 57 -40.65 -10.26 -37.42
CA TYR A 57 -40.89 -11.11 -36.26
C TYR A 57 -42.39 -11.33 -36.06
N PHE A 58 -43.17 -10.31 -36.38
CA PHE A 58 -44.63 -10.41 -36.31
C PHE A 58 -45.16 -11.42 -37.32
N VAL A 59 -44.61 -11.42 -38.54
CA VAL A 59 -45.02 -12.38 -39.56
C VAL A 59 -44.66 -13.79 -39.14
N GLU A 60 -43.46 -13.98 -38.61
CA GLU A 60 -43.10 -15.35 -38.23
C GLU A 60 -43.79 -15.79 -36.94
N HIS A 61 -44.45 -14.89 -36.22
CA HIS A 61 -45.47 -15.35 -35.29
C HIS A 61 -46.76 -15.75 -36.00
N LEU A 62 -47.26 -14.90 -36.92
CA LEU A 62 -48.57 -15.14 -37.49
C LEU A 62 -48.58 -16.17 -38.61
N ALA A 63 -47.46 -16.78 -38.94
CA ALA A 63 -47.40 -17.63 -40.12
C ALA A 63 -47.96 -19.02 -39.90
N PHE A 64 -48.36 -19.37 -38.67
CA PHE A 64 -48.91 -20.68 -38.39
C PHE A 64 -50.31 -20.58 -37.82
N LYS A 65 -50.87 -19.38 -37.79
CA LYS A 65 -52.10 -19.10 -37.06
C LYS A 65 -53.26 -18.84 -38.02
N GLY A 66 -53.32 -19.62 -39.09
CA GLY A 66 -54.48 -19.55 -39.96
C GLY A 66 -54.19 -19.12 -41.38
N THR A 67 -54.32 -20.05 -42.30
CA THR A 67 -54.28 -19.76 -43.73
C THR A 67 -55.70 -19.66 -44.27
N LYS A 68 -55.82 -19.52 -45.58
CA LYS A 68 -57.14 -19.41 -46.20
C LYS A 68 -57.77 -20.78 -46.40
N ASN A 69 -57.00 -21.76 -46.85
CA ASN A 69 -57.53 -23.09 -47.14
C ASN A 69 -57.51 -23.99 -45.92
N ARG A 70 -56.41 -23.99 -45.16
CA ARG A 70 -56.40 -24.59 -43.83
C ARG A 70 -56.52 -23.49 -42.80
N PRO A 71 -57.69 -23.29 -42.18
CA PRO A 71 -57.82 -22.24 -41.16
C PRO A 71 -57.13 -22.59 -39.84
N GLY A 72 -57.34 -21.72 -38.84
CA GLY A 72 -56.53 -21.55 -37.64
C GLY A 72 -55.82 -22.70 -36.98
N ASN A 73 -56.45 -23.87 -36.91
CA ASN A 73 -55.81 -25.03 -36.30
C ASN A 73 -55.69 -26.21 -37.24
N ALA A 74 -56.19 -26.10 -38.47
CA ALA A 74 -56.10 -27.21 -39.42
C ALA A 74 -54.66 -27.45 -39.86
N LEU A 75 -53.87 -26.38 -39.95
CA LEU A 75 -52.46 -26.48 -40.33
C LEU A 75 -51.68 -27.30 -39.30
N GLU A 76 -51.72 -26.89 -38.03
CA GLU A 76 -51.04 -27.61 -36.98
C GLU A 76 -51.63 -29.00 -36.76
N LYS A 77 -52.94 -29.16 -37.00
CA LYS A 77 -53.55 -30.47 -36.88
C LYS A 77 -53.00 -31.44 -37.93
N GLU A 78 -52.89 -31.00 -39.18
CA GLU A 78 -52.35 -31.87 -40.22
C GLU A 78 -50.87 -32.13 -40.03
N VAL A 79 -50.12 -31.13 -39.55
CA VAL A 79 -48.68 -31.29 -39.32
C VAL A 79 -48.44 -32.31 -38.22
N GLU A 80 -49.07 -32.13 -37.06
CA GLU A 80 -48.86 -33.08 -35.97
C GLU A 80 -49.68 -34.36 -36.13
N SER A 81 -50.53 -34.44 -37.15
CA SER A 81 -51.16 -35.71 -37.51
C SER A 81 -50.30 -36.54 -38.44
N MET A 82 -49.46 -35.91 -39.26
CA MET A 82 -48.46 -36.69 -39.97
C MET A 82 -47.18 -36.86 -39.16
N GLY A 83 -47.08 -36.19 -38.01
CA GLY A 83 -45.95 -36.36 -37.13
C GLY A 83 -44.66 -35.74 -37.62
N ALA A 84 -44.58 -34.42 -37.62
CA ALA A 84 -43.35 -33.74 -38.02
C ALA A 84 -43.09 -32.56 -37.09
N HIS A 85 -41.83 -32.15 -37.05
CA HIS A 85 -41.44 -30.94 -36.35
C HIS A 85 -41.48 -29.76 -37.31
N LEU A 86 -41.80 -28.60 -36.76
CA LEU A 86 -41.91 -27.37 -37.53
C LEU A 86 -41.21 -26.27 -36.76
N ASN A 87 -40.55 -25.37 -37.48
CA ASN A 87 -39.72 -24.39 -36.80
C ASN A 87 -39.54 -23.18 -37.71
N ALA A 88 -39.23 -22.03 -37.10
CA ALA A 88 -38.99 -20.83 -37.87
C ALA A 88 -38.11 -19.89 -37.07
N TYR A 89 -37.38 -19.04 -37.78
CA TYR A 89 -36.65 -17.96 -37.14
C TYR A 89 -36.48 -16.81 -38.10
N SER A 90 -35.99 -15.69 -37.58
CA SER A 90 -35.71 -14.52 -38.41
C SER A 90 -34.61 -13.72 -37.74
N THR A 91 -33.46 -13.62 -38.40
CA THR A 91 -32.36 -12.78 -37.94
C THR A 91 -32.56 -11.36 -38.48
N ARG A 92 -31.51 -10.54 -38.41
CA ARG A 92 -31.60 -9.21 -39.00
C ARG A 92 -31.54 -9.23 -40.52
N GLU A 93 -31.13 -10.33 -41.14
CA GLU A 93 -31.24 -10.41 -42.58
C GLU A 93 -32.13 -11.56 -43.06
N HIS A 94 -31.92 -12.77 -42.55
CA HIS A 94 -32.54 -13.96 -43.13
C HIS A 94 -33.69 -14.45 -42.27
N THR A 95 -34.64 -15.13 -42.91
CA THR A 95 -35.83 -15.66 -42.25
C THR A 95 -36.14 -17.03 -42.81
N ALA A 96 -36.29 -18.03 -41.95
CA ALA A 96 -36.47 -19.38 -42.43
C ALA A 96 -37.68 -20.03 -41.78
N TYR A 97 -38.48 -20.70 -42.62
CA TYR A 97 -39.53 -21.60 -42.15
C TYR A 97 -39.12 -23.00 -42.59
N TYR A 98 -38.86 -23.90 -41.64
CA TYR A 98 -38.45 -25.23 -42.06
C TYR A 98 -39.19 -26.32 -41.29
N ILE A 99 -39.48 -27.41 -42.00
CA ILE A 99 -40.14 -28.58 -41.47
C ILE A 99 -39.11 -29.70 -41.42
N LYS A 100 -38.92 -30.28 -40.23
CA LYS A 100 -38.19 -31.53 -40.08
C LYS A 100 -39.23 -32.65 -40.16
N ALA A 101 -39.22 -33.42 -41.24
CA ALA A 101 -40.33 -34.34 -41.47
C ALA A 101 -39.82 -35.69 -41.91
N LEU A 102 -40.78 -36.60 -42.12
CA LEU A 102 -40.55 -37.96 -42.54
C LEU A 102 -40.51 -38.02 -44.07
N SER A 103 -39.86 -39.06 -44.59
CA SER A 103 -39.57 -39.13 -46.02
C SER A 103 -40.82 -39.32 -46.85
N LYS A 104 -41.77 -40.13 -46.37
CA LYS A 104 -42.99 -40.37 -47.12
C LYS A 104 -43.98 -39.21 -47.07
N ASP A 105 -43.69 -38.19 -46.29
CA ASP A 105 -44.52 -36.98 -46.21
C ASP A 105 -43.92 -35.82 -46.98
N LEU A 106 -43.36 -36.06 -48.17
CA LEU A 106 -42.83 -34.94 -48.95
C LEU A 106 -43.91 -34.06 -49.57
N PRO A 107 -44.92 -34.58 -50.31
CA PRO A 107 -45.84 -33.64 -51.00
C PRO A 107 -46.74 -32.87 -50.06
N LYS A 108 -47.16 -33.48 -48.95
CA LYS A 108 -47.98 -32.76 -48.00
C LYS A 108 -47.17 -31.67 -47.31
N ALA A 109 -45.88 -31.92 -47.06
CA ALA A 109 -45.02 -30.89 -46.48
C ALA A 109 -44.82 -29.73 -47.43
N VAL A 110 -44.63 -30.03 -48.72
CA VAL A 110 -44.44 -28.94 -49.70
C VAL A 110 -45.73 -28.12 -49.86
N GLU A 111 -46.88 -28.80 -49.84
CA GLU A 111 -48.16 -28.09 -49.94
C GLU A 111 -48.41 -27.19 -48.74
N LEU A 112 -48.24 -27.73 -47.53
CA LEU A 112 -48.42 -26.94 -46.32
C LEU A 112 -47.41 -25.81 -46.23
N LEU A 113 -46.20 -26.00 -46.76
CA LEU A 113 -45.18 -24.98 -46.66
C LEU A 113 -45.46 -23.83 -47.62
N ALA A 114 -45.94 -24.13 -48.83
CA ALA A 114 -46.35 -23.06 -49.74
C ALA A 114 -47.60 -22.35 -49.23
N ASP A 115 -48.49 -23.06 -48.53
CA ASP A 115 -49.64 -22.41 -47.95
C ASP A 115 -49.23 -21.49 -46.80
N ILE A 116 -48.18 -21.85 -46.07
CA ILE A 116 -47.65 -20.97 -45.03
C ILE A 116 -47.01 -19.74 -45.64
N VAL A 117 -46.30 -19.91 -46.76
CA VAL A 117 -45.58 -18.79 -47.35
C VAL A 117 -46.54 -17.78 -47.98
N GLN A 118 -47.38 -18.22 -48.92
CA GLN A 118 -48.06 -17.24 -49.77
C GLN A 118 -49.51 -16.98 -49.43
N ASN A 119 -50.09 -17.63 -48.42
CA ASN A 119 -51.51 -17.44 -48.13
C ASN A 119 -51.76 -17.28 -46.63
N CYS A 120 -51.05 -16.37 -45.99
CA CYS A 120 -51.29 -16.11 -44.57
C CYS A 120 -52.49 -15.18 -44.41
N SER A 121 -53.50 -15.64 -43.69
CA SER A 121 -54.62 -14.80 -43.31
C SER A 121 -54.26 -13.98 -42.08
N LEU A 122 -54.96 -12.85 -41.92
CA LEU A 122 -54.74 -11.94 -40.78
C LEU A 122 -56.10 -11.61 -40.18
N GLU A 123 -56.55 -12.45 -39.26
CA GLU A 123 -57.77 -12.19 -38.52
C GLU A 123 -57.42 -11.33 -37.31
N ASP A 124 -58.32 -10.39 -36.99
CA ASP A 124 -58.00 -9.37 -35.99
C ASP A 124 -58.01 -9.91 -34.57
N SER A 125 -58.71 -11.03 -34.33
CA SER A 125 -58.51 -11.75 -33.08
C SER A 125 -57.08 -12.23 -32.96
N GLN A 126 -56.52 -12.75 -34.05
CA GLN A 126 -55.13 -13.19 -34.06
C GLN A 126 -54.17 -12.03 -33.89
N ILE A 127 -54.49 -10.86 -34.44
CA ILE A 127 -53.57 -9.75 -34.30
C ILE A 127 -53.61 -9.22 -32.87
N GLU A 128 -54.75 -9.36 -32.18
CA GLU A 128 -54.80 -8.95 -30.78
C GLU A 128 -54.01 -9.91 -29.90
N LYS A 129 -54.21 -11.22 -30.11
CA LYS A 129 -53.48 -12.24 -29.35
C LYS A 129 -51.98 -12.10 -29.54
N GLU A 130 -51.55 -11.92 -30.78
CA GLU A 130 -50.11 -11.86 -31.00
C GLU A 130 -49.50 -10.52 -30.64
N ARG A 131 -50.30 -9.45 -30.58
CA ARG A 131 -49.78 -8.22 -30.01
C ARG A 131 -49.46 -8.39 -28.53
N ASP A 132 -50.37 -9.03 -27.78
CA ASP A 132 -50.10 -9.27 -26.36
C ASP A 132 -48.93 -10.25 -26.17
N VAL A 133 -48.86 -11.28 -27.01
CA VAL A 133 -47.80 -12.28 -26.86
C VAL A 133 -46.44 -11.71 -27.21
N ILE A 134 -46.36 -10.85 -28.23
CA ILE A 134 -45.06 -10.29 -28.59
C ILE A 134 -44.62 -9.24 -27.58
N LEU A 135 -45.56 -8.52 -26.96
CA LEU A 135 -45.16 -7.65 -25.84
C LEU A 135 -44.62 -8.45 -24.65
N GLN A 136 -45.26 -9.60 -24.35
CA GLN A 136 -44.74 -10.42 -23.26
C GLN A 136 -43.40 -11.07 -23.59
N GLU A 137 -43.17 -11.41 -24.86
CA GLU A 137 -41.86 -11.96 -25.21
C GLU A 137 -40.78 -10.88 -25.25
N LEU A 138 -41.13 -9.63 -25.56
CA LEU A 138 -40.21 -8.53 -25.36
C LEU A 138 -39.78 -8.44 -23.90
N GLN A 139 -40.75 -8.50 -22.98
CA GLN A 139 -40.39 -8.42 -21.57
C GLN A 139 -39.66 -9.67 -21.09
N GLU A 140 -39.87 -10.81 -21.75
CA GLU A 140 -39.09 -12.02 -21.43
C GLU A 140 -37.65 -11.88 -21.89
N ASN A 141 -37.43 -11.50 -23.16
CA ASN A 141 -36.08 -11.36 -23.69
C ASN A 141 -35.31 -10.19 -23.10
N ASP A 142 -35.97 -9.30 -22.37
CA ASP A 142 -35.23 -8.30 -21.58
C ASP A 142 -34.35 -8.91 -20.51
N THR A 143 -34.67 -10.13 -20.05
CA THR A 143 -33.92 -10.72 -18.94
C THR A 143 -32.65 -11.41 -19.40
N SER A 144 -32.68 -12.08 -20.56
CA SER A 144 -31.51 -12.77 -21.08
C SER A 144 -30.45 -11.75 -21.48
N MET A 145 -29.36 -11.71 -20.72
CA MET A 145 -28.41 -10.60 -20.81
C MET A 145 -27.60 -10.62 -22.09
N ARG A 146 -27.37 -11.80 -22.66
CA ARG A 146 -26.52 -11.94 -23.84
C ARG A 146 -27.16 -11.31 -25.08
N ASP A 147 -28.45 -11.51 -25.28
CA ASP A 147 -29.12 -10.91 -26.42
C ASP A 147 -29.26 -9.41 -26.26
N VAL A 148 -29.41 -8.93 -25.02
CA VAL A 148 -29.38 -7.51 -24.73
C VAL A 148 -28.02 -6.94 -25.12
N VAL A 149 -26.95 -7.69 -24.86
CA VAL A 149 -25.62 -7.24 -25.19
C VAL A 149 -25.39 -7.20 -26.70
N PHE A 150 -25.82 -8.23 -27.43
CA PHE A 150 -25.64 -8.19 -28.89
C PHE A 150 -26.55 -7.15 -29.56
N ASN A 151 -27.71 -6.86 -28.98
CA ASN A 151 -28.53 -5.80 -29.54
C ASN A 151 -27.94 -4.44 -29.24
N TYR A 152 -27.33 -4.26 -28.06
CA TYR A 152 -26.51 -3.08 -27.81
C TYR A 152 -25.38 -2.95 -28.81
N LEU A 153 -24.72 -4.08 -29.11
CA LEU A 153 -23.52 -4.02 -29.93
C LEU A 153 -23.86 -3.68 -31.37
N HIS A 154 -24.94 -4.23 -31.90
CA HIS A 154 -25.37 -3.81 -33.23
C HIS A 154 -25.89 -2.38 -33.23
N ALA A 155 -26.65 -1.98 -32.20
CA ALA A 155 -27.23 -0.65 -32.20
C ALA A 155 -26.20 0.44 -31.94
N THR A 156 -25.02 0.10 -31.43
CA THR A 156 -23.96 1.08 -31.34
C THR A 156 -22.88 0.92 -32.41
N ALA A 157 -22.88 -0.20 -33.12
CA ALA A 157 -21.90 -0.33 -34.20
C ALA A 157 -22.45 0.15 -35.53
N PHE A 158 -23.76 0.20 -35.68
CA PHE A 158 -24.29 0.68 -36.94
C PHE A 158 -25.28 1.80 -36.71
N GLN A 159 -24.91 2.78 -35.88
CA GLN A 159 -25.76 3.88 -35.44
C GLN A 159 -26.34 4.70 -36.58
N GLY A 160 -27.64 4.61 -36.79
CA GLY A 160 -28.29 5.42 -37.80
C GLY A 160 -28.80 4.64 -38.99
N THR A 161 -28.02 3.65 -39.43
CA THR A 161 -28.40 2.77 -40.52
C THR A 161 -29.55 1.87 -40.08
N PRO A 162 -30.26 1.22 -41.03
CA PRO A 162 -31.27 0.24 -40.63
C PRO A 162 -30.71 -0.99 -39.96
N LEU A 163 -29.40 -1.24 -40.04
CA LEU A 163 -28.82 -2.42 -39.42
C LEU A 163 -28.78 -2.32 -37.91
N ALA A 164 -28.99 -1.15 -37.35
CA ALA A 164 -29.10 -1.00 -35.91
C ALA A 164 -30.48 -1.35 -35.38
N GLN A 165 -31.43 -1.65 -36.25
CA GLN A 165 -32.75 -2.06 -35.79
C GLN A 165 -32.68 -3.45 -35.19
N SER A 166 -33.29 -3.62 -34.02
CA SER A 166 -33.39 -4.93 -33.43
C SER A 166 -34.40 -5.77 -34.21
N VAL A 167 -34.38 -7.08 -33.94
CA VAL A 167 -35.25 -8.01 -34.65
C VAL A 167 -36.71 -7.76 -34.30
N GLU A 168 -37.03 -7.74 -33.02
CA GLU A 168 -38.42 -7.58 -32.60
C GLU A 168 -38.91 -6.16 -32.77
N GLY A 169 -38.00 -5.18 -32.85
CA GLY A 169 -38.39 -3.79 -32.97
C GLY A 169 -38.74 -3.19 -31.64
N PRO A 170 -38.79 -1.86 -31.56
CA PRO A 170 -39.16 -1.20 -30.31
C PRO A 170 -40.63 -1.39 -29.99
N SER A 171 -40.95 -1.30 -28.71
CA SER A 171 -42.24 -1.78 -28.21
C SER A 171 -43.40 -0.88 -28.60
N GLU A 172 -43.16 0.43 -28.71
CA GLU A 172 -44.21 1.31 -29.21
C GLU A 172 -44.45 1.07 -30.68
N ASN A 173 -43.43 0.64 -31.42
CA ASN A 173 -43.61 0.19 -32.78
C ASN A 173 -44.16 -1.23 -32.85
N VAL A 174 -44.30 -1.91 -31.73
CA VAL A 174 -45.02 -3.18 -31.70
C VAL A 174 -46.50 -2.96 -31.47
N ARG A 175 -46.85 -2.13 -30.49
CA ARG A 175 -48.25 -2.00 -30.14
C ARG A 175 -49.03 -1.07 -31.06
N LYS A 176 -48.44 -0.55 -32.14
CA LYS A 176 -49.16 0.36 -33.03
C LYS A 176 -49.35 -0.17 -34.44
N LEU A 177 -48.72 -1.28 -34.81
CA LEU A 177 -48.84 -1.77 -36.18
C LEU A 177 -50.20 -2.40 -36.38
N SER A 178 -50.94 -1.88 -37.34
CA SER A 178 -52.25 -2.41 -37.70
C SER A 178 -52.07 -3.45 -38.81
N ARG A 179 -53.18 -3.87 -39.41
CA ARG A 179 -53.12 -4.99 -40.35
C ARG A 179 -52.60 -4.57 -41.72
N ALA A 180 -52.89 -3.34 -42.13
CA ALA A 180 -52.57 -2.90 -43.50
C ALA A 180 -51.08 -2.82 -43.73
N ASP A 181 -50.32 -2.40 -42.71
CA ASP A 181 -48.86 -2.36 -42.82
C ASP A 181 -48.29 -3.76 -42.95
N LEU A 182 -48.91 -4.73 -42.27
CA LEU A 182 -48.42 -6.10 -42.33
C LEU A 182 -48.71 -6.72 -43.69
N THR A 183 -49.89 -6.40 -44.27
CA THR A 183 -50.21 -6.87 -45.61
C THR A 183 -49.28 -6.26 -46.65
N GLU A 184 -48.94 -4.97 -46.48
CA GLU A 184 -48.01 -4.32 -47.38
C GLU A 184 -46.62 -4.94 -47.28
N TYR A 185 -46.19 -5.27 -46.06
CA TYR A 185 -44.92 -5.97 -45.84
C TYR A 185 -44.88 -7.31 -46.56
N LEU A 186 -45.92 -8.13 -46.35
CA LEU A 186 -45.99 -9.46 -46.95
C LEU A 186 -46.06 -9.38 -48.47
N SER A 187 -46.81 -8.42 -49.00
CA SER A 187 -46.93 -8.26 -50.45
C SER A 187 -45.74 -7.55 -51.06
N ARG A 188 -44.83 -6.99 -50.27
CA ARG A 188 -43.61 -6.46 -50.87
C ARG A 188 -42.46 -7.45 -50.89
N HIS A 189 -42.14 -8.08 -49.76
CA HIS A 189 -40.80 -8.65 -49.70
C HIS A 189 -40.69 -10.04 -50.32
N TYR A 190 -41.72 -10.86 -50.22
CA TYR A 190 -41.54 -12.29 -50.47
C TYR A 190 -41.76 -12.68 -51.94
N LYS A 191 -41.17 -12.02 -52.94
CA LYS A 191 -41.56 -12.47 -54.26
C LYS A 191 -40.59 -13.31 -55.10
N ALA A 192 -39.71 -12.66 -55.87
CA ALA A 192 -39.21 -13.48 -56.96
C ALA A 192 -37.86 -14.16 -56.71
N PRO A 193 -36.73 -13.46 -56.49
CA PRO A 193 -35.45 -14.18 -56.47
C PRO A 193 -35.04 -14.61 -55.07
N ARG A 194 -35.68 -14.05 -54.05
CA ARG A 194 -35.15 -14.00 -52.71
C ARG A 194 -35.74 -15.10 -51.84
N MET A 195 -36.01 -16.25 -52.45
CA MET A 195 -36.48 -17.39 -51.69
C MET A 195 -35.99 -18.68 -52.29
N VAL A 196 -35.49 -19.53 -51.39
CA VAL A 196 -34.83 -20.77 -51.73
C VAL A 196 -35.62 -21.89 -51.08
N LEU A 197 -36.07 -22.83 -51.89
CA LEU A 197 -36.68 -24.05 -51.39
C LEU A 197 -35.56 -25.05 -51.19
N ALA A 198 -35.13 -25.22 -49.95
CA ALA A 198 -34.01 -26.07 -49.63
C ALA A 198 -34.51 -27.38 -49.08
N ALA A 199 -33.84 -28.47 -49.45
CA ALA A 199 -34.30 -29.80 -49.05
C ALA A 199 -33.11 -30.73 -48.91
N ALA A 200 -32.80 -31.08 -47.67
CA ALA A 200 -31.73 -32.03 -47.40
C ALA A 200 -32.32 -33.35 -46.94
N GLY A 201 -31.58 -34.42 -47.15
CA GLY A 201 -31.95 -35.70 -46.61
C GLY A 201 -32.53 -36.63 -47.66
N GLY A 202 -33.10 -37.73 -47.17
CA GLY A 202 -33.47 -38.86 -48.01
C GLY A 202 -34.67 -38.62 -48.89
N LEU A 203 -34.52 -37.76 -49.87
CA LEU A 203 -35.58 -37.42 -50.81
C LEU A 203 -35.03 -37.55 -52.22
N GLU A 204 -35.85 -37.20 -53.21
CA GLU A 204 -35.45 -37.27 -54.60
C GLU A 204 -35.56 -35.90 -55.24
N HIS A 205 -34.49 -35.50 -55.95
CA HIS A 205 -34.40 -34.16 -56.51
C HIS A 205 -35.44 -33.91 -57.57
N ARG A 206 -35.77 -34.95 -58.34
CA ARG A 206 -36.82 -34.86 -59.35
C ARG A 206 -38.17 -34.57 -58.71
N GLN A 207 -38.49 -35.29 -57.62
CA GLN A 207 -39.76 -35.10 -56.94
C GLN A 207 -39.83 -33.73 -56.31
N LEU A 208 -38.71 -33.24 -55.80
CA LEU A 208 -38.69 -31.95 -55.12
C LEU A 208 -38.87 -30.82 -56.13
N LEU A 209 -38.22 -30.93 -57.29
CA LEU A 209 -38.41 -29.97 -58.36
C LEU A 209 -39.85 -30.01 -58.89
N ASP A 210 -40.42 -31.21 -59.00
CA ASP A 210 -41.80 -31.34 -59.49
C ASP A 210 -42.81 -30.75 -58.51
N LEU A 211 -42.57 -30.92 -57.21
CA LEU A 211 -43.50 -30.36 -56.23
C LEU A 211 -43.38 -28.86 -56.12
N ALA A 212 -42.17 -28.32 -56.30
CA ALA A 212 -42.01 -26.88 -56.40
C ALA A 212 -42.75 -26.34 -57.61
N GLN A 213 -42.60 -27.04 -58.76
CA GLN A 213 -43.26 -26.67 -60.00
C GLN A 213 -44.78 -26.71 -59.86
N LYS A 214 -45.28 -27.66 -59.08
CA LYS A 214 -46.70 -27.74 -58.82
C LYS A 214 -47.18 -26.60 -57.93
N HIS A 215 -46.68 -26.53 -56.69
CA HIS A 215 -47.34 -25.70 -55.70
C HIS A 215 -46.91 -24.23 -55.76
N PHE A 216 -45.66 -23.93 -56.09
CA PHE A 216 -45.26 -22.53 -56.11
C PHE A 216 -45.64 -21.81 -57.40
N SER A 217 -46.44 -22.44 -58.25
CA SER A 217 -47.03 -21.73 -59.38
C SER A 217 -48.08 -20.76 -58.87
N GLY A 218 -48.23 -19.64 -59.58
CA GLY A 218 -49.13 -18.60 -59.13
C GLY A 218 -48.58 -17.68 -58.07
N LEU A 219 -47.36 -17.93 -57.60
CA LEU A 219 -46.70 -16.98 -56.70
C LEU A 219 -46.41 -15.67 -57.41
N SER A 220 -45.85 -15.76 -58.63
CA SER A 220 -45.79 -14.68 -59.63
C SER A 220 -45.05 -13.44 -59.11
N GLY A 221 -43.75 -13.60 -58.91
CA GLY A 221 -42.94 -12.51 -58.43
C GLY A 221 -42.38 -11.60 -59.51
N THR A 222 -42.62 -10.29 -59.36
CA THR A 222 -42.07 -9.28 -60.25
C THR A 222 -42.04 -7.92 -59.55
N PRO A 229 -34.12 -3.81 -54.93
CA PRO A 229 -34.27 -2.35 -54.87
C PRO A 229 -33.81 -1.77 -53.53
N THR A 230 -32.86 -2.44 -52.90
CA THR A 230 -32.42 -2.13 -51.54
C THR A 230 -30.92 -2.45 -51.50
N LEU A 231 -30.40 -2.74 -50.31
CA LEU A 231 -29.01 -3.17 -50.04
C LEU A 231 -28.00 -2.08 -50.41
N THR A 232 -28.07 -1.02 -49.63
CA THR A 232 -27.01 -0.03 -49.55
C THR A 232 -25.90 -0.49 -48.60
N PRO A 233 -24.68 -0.02 -48.78
CA PRO A 233 -23.65 -0.27 -47.77
C PRO A 233 -23.95 0.47 -46.48
N CYS A 234 -23.36 -0.03 -45.40
CA CYS A 234 -23.67 0.44 -44.05
C CYS A 234 -22.44 1.05 -43.39
N ARG A 235 -22.70 1.89 -42.41
CA ARG A 235 -21.66 2.64 -41.72
C ARG A 235 -21.29 1.91 -40.43
N PHE A 236 -20.02 1.57 -40.31
CA PHE A 236 -19.48 0.98 -39.08
C PHE A 236 -18.90 2.12 -38.27
N THR A 237 -19.68 2.61 -37.30
CA THR A 237 -19.30 3.83 -36.59
C THR A 237 -18.15 3.59 -35.62
N GLY A 238 -18.35 2.71 -34.66
CA GLY A 238 -17.33 2.47 -33.67
C GLY A 238 -17.53 3.46 -32.55
N SER A 239 -17.81 2.97 -31.35
CA SER A 239 -18.29 3.82 -30.27
C SER A 239 -18.22 3.00 -28.99
N GLU A 240 -18.81 3.52 -27.93
CA GLU A 240 -18.92 2.79 -26.68
C GLU A 240 -20.26 3.10 -26.05
N ILE A 241 -21.06 2.06 -25.82
CA ILE A 241 -22.28 2.18 -25.04
C ILE A 241 -22.09 1.38 -23.76
N ARG A 242 -22.45 1.99 -22.63
CA ARG A 242 -22.46 1.26 -21.38
C ARG A 242 -23.80 1.43 -20.71
N HIS A 243 -24.33 0.33 -20.20
CA HIS A 243 -25.58 0.34 -19.45
C HIS A 243 -25.20 -0.12 -18.06
N ARG A 244 -24.92 0.84 -17.19
CA ARG A 244 -24.50 0.51 -15.86
C ARG A 244 -25.70 0.15 -15.03
N GLU A 245 -25.63 -1.04 -14.42
CA GLU A 245 -26.62 -1.57 -13.49
C GLU A 245 -25.86 -2.37 -12.44
N ASP A 246 -25.74 -1.80 -11.24
CA ASP A 246 -24.88 -2.34 -10.20
C ASP A 246 -25.59 -3.38 -9.33
N GLY A 247 -26.80 -3.77 -9.68
CA GLY A 247 -27.52 -4.75 -8.87
C GLY A 247 -27.51 -6.14 -9.48
N LEU A 248 -26.55 -6.40 -10.35
CA LEU A 248 -26.45 -7.67 -11.06
C LEU A 248 -25.16 -8.41 -10.69
N PRO A 249 -25.18 -9.74 -10.71
CA PRO A 249 -23.98 -10.48 -10.25
C PRO A 249 -22.86 -10.58 -11.27
N LEU A 250 -23.11 -10.34 -12.55
CA LEU A 250 -22.10 -10.53 -13.57
C LEU A 250 -22.03 -9.34 -14.51
N ALA A 251 -20.85 -9.09 -15.05
CA ALA A 251 -20.65 -8.06 -16.06
C ALA A 251 -20.56 -8.72 -17.43
N HIS A 252 -21.31 -8.19 -18.40
CA HIS A 252 -21.31 -8.69 -19.76
C HIS A 252 -20.70 -7.64 -20.67
N VAL A 253 -19.61 -7.97 -21.35
CA VAL A 253 -18.93 -7.02 -22.21
C VAL A 253 -18.71 -7.66 -23.57
N ALA A 254 -19.22 -7.05 -24.62
CA ALA A 254 -18.84 -7.42 -25.97
C ALA A 254 -18.01 -6.30 -26.57
N ILE A 255 -17.16 -6.67 -27.51
CA ILE A 255 -16.37 -5.70 -28.25
C ILE A 255 -16.15 -6.23 -29.66
N ALA A 256 -16.41 -5.39 -30.66
CA ALA A 256 -16.23 -5.84 -32.03
C ALA A 256 -15.52 -4.78 -32.84
N VAL A 257 -14.75 -5.23 -33.83
CA VAL A 257 -14.23 -4.35 -34.88
C VAL A 257 -14.91 -4.80 -36.16
N GLU A 258 -14.63 -4.16 -37.29
CA GLU A 258 -15.38 -4.50 -38.50
C GLU A 258 -14.78 -5.70 -39.22
N GLY A 259 -15.63 -6.70 -39.48
CA GLY A 259 -15.27 -7.85 -40.25
C GLY A 259 -15.43 -7.61 -41.74
N PRO A 260 -14.90 -8.52 -42.55
CA PRO A 260 -14.81 -8.26 -43.99
C PRO A 260 -16.11 -8.44 -44.75
N GLY A 261 -16.95 -9.39 -44.34
CA GLY A 261 -18.16 -9.68 -45.08
C GLY A 261 -18.25 -11.12 -45.53
N TRP A 262 -19.09 -11.39 -46.54
CA TRP A 262 -19.26 -12.76 -47.01
C TRP A 262 -18.26 -13.15 -48.08
N ALA A 263 -17.85 -12.21 -48.92
CA ALA A 263 -17.19 -12.54 -50.18
C ALA A 263 -15.68 -12.35 -50.16
N ASN A 264 -15.00 -12.72 -49.08
CA ASN A 264 -13.55 -12.59 -49.08
C ASN A 264 -12.88 -13.87 -48.62
N PRO A 265 -11.67 -14.16 -49.11
CA PRO A 265 -10.82 -15.17 -48.45
C PRO A 265 -10.30 -14.71 -47.10
N ASP A 266 -10.33 -13.40 -46.86
CA ASP A 266 -10.04 -12.85 -45.54
C ASP A 266 -11.02 -13.34 -44.51
N ASN A 267 -12.24 -13.73 -44.93
CA ASN A 267 -13.17 -14.37 -44.03
C ASN A 267 -12.65 -15.72 -43.56
N VAL A 268 -12.00 -16.48 -44.45
CA VAL A 268 -11.41 -17.75 -44.04
C VAL A 268 -10.23 -17.49 -43.11
N ALA A 269 -9.45 -16.45 -43.39
CA ALA A 269 -8.31 -16.11 -42.53
C ALA A 269 -8.76 -15.72 -41.12
N LEU A 270 -9.78 -14.87 -41.03
CA LEU A 270 -10.29 -14.51 -39.72
C LEU A 270 -11.06 -15.65 -39.06
N GLN A 271 -11.57 -16.60 -39.83
CA GLN A 271 -12.10 -17.81 -39.20
C GLN A 271 -11.00 -18.65 -38.57
N VAL A 272 -9.82 -18.67 -39.18
CA VAL A 272 -8.69 -19.35 -38.55
C VAL A 272 -8.27 -18.62 -37.28
N ALA A 273 -8.26 -17.29 -37.32
CA ALA A 273 -7.86 -16.49 -36.15
C ALA A 273 -8.85 -16.64 -35.00
N ASN A 274 -10.14 -16.54 -35.29
CA ASN A 274 -11.13 -16.75 -34.24
C ASN A 274 -11.29 -18.21 -33.87
N ALA A 275 -10.79 -19.15 -34.67
CA ALA A 275 -10.71 -20.51 -34.19
C ALA A 275 -9.56 -20.66 -33.20
N ILE A 276 -8.49 -19.88 -33.37
CA ILE A 276 -7.43 -19.85 -32.37
C ILE A 276 -7.96 -19.28 -31.06
N ILE A 277 -8.65 -18.14 -31.13
CA ILE A 277 -9.02 -17.50 -29.87
C ILE A 277 -10.28 -18.16 -29.30
N GLY A 278 -11.44 -18.06 -29.97
CA GLY A 278 -12.46 -19.09 -29.72
C GLY A 278 -13.16 -18.97 -28.38
N HIS A 279 -13.40 -20.11 -27.74
CA HIS A 279 -14.36 -20.16 -26.66
C HIS A 279 -13.81 -20.83 -25.42
N TYR A 280 -14.29 -20.36 -24.27
CA TYR A 280 -14.09 -21.00 -22.99
C TYR A 280 -15.32 -20.75 -22.13
N ASP A 281 -15.65 -21.73 -21.29
CA ASP A 281 -16.77 -21.65 -20.36
C ASP A 281 -16.28 -22.16 -19.01
N CYS A 282 -17.02 -21.83 -17.94
CA CYS A 282 -16.56 -22.17 -16.60
C CYS A 282 -16.68 -23.64 -16.25
N THR A 283 -17.39 -24.44 -17.04
CA THR A 283 -17.65 -25.82 -16.70
C THR A 283 -16.76 -26.80 -17.45
N TYR A 284 -15.72 -26.32 -18.12
CA TYR A 284 -14.97 -27.20 -19.00
C TYR A 284 -14.05 -28.11 -18.21
N GLY A 285 -13.63 -29.19 -18.85
CA GLY A 285 -12.76 -30.17 -18.24
C GLY A 285 -11.32 -30.01 -18.69
N GLY A 286 -10.45 -29.70 -17.74
CA GLY A 286 -9.05 -29.44 -18.04
C GLY A 286 -8.87 -27.95 -18.18
N GLY A 287 -8.40 -27.30 -17.13
CA GLY A 287 -8.35 -25.86 -17.13
C GLY A 287 -7.00 -25.25 -17.39
N MET A 288 -5.98 -25.73 -16.67
CA MET A 288 -4.69 -25.07 -16.66
C MET A 288 -3.90 -25.30 -17.92
N HIS A 289 -4.28 -26.28 -18.73
CA HIS A 289 -3.43 -26.78 -19.80
C HIS A 289 -4.07 -26.60 -21.17
N LEU A 290 -5.04 -25.70 -21.30
CA LEU A 290 -5.72 -25.50 -22.57
C LEU A 290 -4.80 -24.87 -23.60
N SER A 291 -5.18 -25.01 -24.87
CA SER A 291 -4.30 -24.60 -25.96
C SER A 291 -4.28 -23.09 -26.16
N SER A 292 -5.41 -22.44 -25.93
CA SER A 292 -5.44 -20.99 -26.01
C SER A 292 -4.67 -20.40 -24.84
N PRO A 293 -3.72 -19.49 -25.08
CA PRO A 293 -3.01 -18.84 -23.96
C PRO A 293 -3.94 -17.96 -23.15
N LEU A 294 -4.92 -17.36 -23.81
CA LEU A 294 -5.97 -16.60 -23.13
C LEU A 294 -6.70 -17.46 -22.10
N ALA A 295 -7.12 -18.66 -22.50
CA ALA A 295 -7.81 -19.56 -21.58
C ALA A 295 -6.89 -20.05 -20.47
N SER A 296 -5.61 -20.27 -20.79
CA SER A 296 -4.65 -20.73 -19.78
C SER A 296 -4.45 -19.67 -18.69
N VAL A 297 -4.29 -18.41 -19.09
CA VAL A 297 -4.15 -17.33 -18.11
C VAL A 297 -5.45 -17.14 -17.33
N ALA A 298 -6.59 -17.21 -18.01
CA ALA A 298 -7.87 -16.97 -17.36
C ALA A 298 -8.25 -18.10 -16.40
N VAL A 299 -7.69 -19.30 -16.56
CA VAL A 299 -7.87 -20.32 -15.53
C VAL A 299 -6.83 -20.16 -14.43
N THR A 300 -5.61 -19.76 -14.81
CA THR A 300 -4.51 -19.61 -13.85
C THR A 300 -4.81 -18.54 -12.81
N ASN A 301 -5.52 -17.49 -13.20
CA ASN A 301 -5.80 -16.40 -12.29
C ASN A 301 -7.28 -16.20 -12.01
N LYS A 302 -8.16 -17.02 -12.60
CA LYS A 302 -9.60 -17.01 -12.39
C LYS A 302 -10.22 -15.64 -12.70
N LEU A 303 -9.95 -15.13 -13.90
CA LEU A 303 -10.48 -13.83 -14.28
C LEU A 303 -11.96 -13.90 -14.62
N CYS A 304 -12.29 -14.60 -15.70
CA CYS A 304 -13.63 -14.53 -16.27
C CYS A 304 -14.39 -15.81 -16.02
N GLN A 305 -15.72 -15.71 -16.17
CA GLN A 305 -16.55 -16.90 -16.18
C GLN A 305 -16.55 -17.54 -17.57
N SER A 306 -16.75 -16.74 -18.61
CA SER A 306 -16.82 -17.33 -19.94
C SER A 306 -16.43 -16.30 -20.99
N PHE A 307 -16.04 -16.79 -22.16
CA PHE A 307 -15.95 -15.93 -23.33
C PHE A 307 -16.15 -16.75 -24.58
N GLN A 308 -16.62 -16.07 -25.62
CA GLN A 308 -16.62 -16.62 -26.97
C GLN A 308 -16.20 -15.52 -27.92
N THR A 309 -15.17 -15.81 -28.72
CA THR A 309 -14.55 -14.86 -29.61
C THR A 309 -14.64 -15.43 -31.00
N PHE A 310 -15.26 -14.65 -31.89
CA PHE A 310 -16.17 -15.12 -32.93
C PHE A 310 -16.17 -14.14 -34.10
N ASN A 311 -16.95 -14.51 -35.12
CA ASN A 311 -17.18 -13.73 -36.34
C ASN A 311 -18.67 -13.74 -36.66
N ILE A 312 -19.19 -12.59 -37.12
CA ILE A 312 -20.52 -12.48 -37.70
C ILE A 312 -20.43 -11.70 -38.99
N CYS A 313 -20.93 -12.27 -40.07
CA CYS A 313 -20.87 -11.61 -41.38
C CYS A 313 -22.26 -11.24 -41.83
N TYR A 314 -22.43 -10.01 -42.28
CA TYR A 314 -23.63 -9.56 -42.97
C TYR A 314 -23.27 -9.23 -44.42
N ALA A 315 -24.28 -8.82 -45.19
CA ALA A 315 -24.11 -8.64 -46.62
C ALA A 315 -23.17 -7.47 -46.88
N ASP A 316 -21.91 -7.83 -47.16
CA ASP A 316 -20.79 -6.91 -47.35
C ASP A 316 -20.55 -6.01 -46.13
N THR A 317 -20.71 -6.58 -44.94
CA THR A 317 -20.12 -6.01 -43.72
C THR A 317 -19.98 -7.12 -42.69
N GLY A 318 -19.58 -6.77 -41.48
CA GLY A 318 -19.54 -7.79 -40.45
C GLY A 318 -18.81 -7.31 -39.23
N LEU A 319 -19.11 -7.99 -38.12
CA LEU A 319 -18.43 -7.77 -36.87
C LEU A 319 -17.43 -8.88 -36.65
N LEU A 320 -16.24 -8.51 -36.23
CA LEU A 320 -15.18 -9.41 -35.82
C LEU A 320 -15.15 -9.20 -34.31
N GLY A 321 -15.78 -10.12 -33.57
CA GLY A 321 -16.22 -9.82 -32.22
C GLY A 321 -15.60 -10.73 -31.17
N ALA A 322 -15.77 -10.31 -29.93
CA ALA A 322 -15.36 -11.08 -28.78
C ALA A 322 -16.24 -10.67 -27.61
N HIS A 323 -16.77 -11.66 -26.90
CA HIS A 323 -17.78 -11.40 -25.88
C HIS A 323 -17.49 -12.21 -24.63
N PHE A 324 -17.24 -11.52 -23.52
CA PHE A 324 -16.91 -12.19 -22.28
C PHE A 324 -17.83 -11.78 -21.15
N VAL A 325 -18.17 -12.77 -20.35
CA VAL A 325 -18.99 -12.62 -19.17
C VAL A 325 -18.06 -12.84 -18.00
N CYS A 326 -17.75 -11.77 -17.28
CA CYS A 326 -16.75 -11.84 -16.23
C CYS A 326 -17.25 -11.12 -14.99
N ASP A 327 -16.52 -11.31 -13.89
CA ASP A 327 -16.87 -10.68 -12.63
C ASP A 327 -16.48 -9.21 -12.67
N HIS A 328 -17.13 -8.41 -11.82
CA HIS A 328 -16.96 -6.96 -11.86
C HIS A 328 -15.63 -6.49 -11.30
N MET A 329 -14.80 -7.38 -10.77
CA MET A 329 -13.50 -6.98 -10.23
C MET A 329 -12.36 -7.18 -11.22
N SER A 330 -12.60 -7.84 -12.34
CA SER A 330 -11.50 -8.16 -13.26
C SER A 330 -11.90 -7.91 -14.69
N ILE A 331 -12.58 -6.80 -14.96
CA ILE A 331 -12.89 -6.45 -16.33
C ILE A 331 -11.64 -5.96 -17.05
N ASP A 332 -10.86 -5.11 -16.39
CA ASP A 332 -9.71 -4.49 -17.04
C ASP A 332 -8.59 -5.49 -17.29
N ASP A 333 -8.40 -6.45 -16.39
CA ASP A 333 -7.36 -7.46 -16.58
C ASP A 333 -7.70 -8.37 -17.74
N MET A 334 -8.97 -8.79 -17.83
CA MET A 334 -9.43 -9.61 -18.95
C MET A 334 -9.34 -8.82 -20.25
N MET A 335 -9.61 -7.52 -20.19
CA MET A 335 -9.52 -6.66 -21.36
C MET A 335 -8.08 -6.55 -21.85
N PHE A 336 -7.14 -6.37 -20.92
CA PHE A 336 -5.73 -6.27 -21.27
C PHE A 336 -5.22 -7.56 -21.88
N VAL A 337 -5.59 -8.70 -21.30
CA VAL A 337 -5.10 -9.97 -21.82
C VAL A 337 -5.73 -10.28 -23.18
N LEU A 338 -6.99 -9.88 -23.39
CA LEU A 338 -7.63 -10.06 -24.69
C LEU A 338 -6.94 -9.25 -25.79
N GLN A 339 -6.67 -7.98 -25.52
CA GLN A 339 -6.00 -7.19 -26.54
C GLN A 339 -4.55 -7.60 -26.73
N GLY A 340 -3.92 -8.15 -25.68
CA GLY A 340 -2.60 -8.73 -25.85
C GLY A 340 -2.60 -9.93 -26.78
N GLN A 341 -3.62 -10.78 -26.67
CA GLN A 341 -3.70 -11.94 -27.56
C GLN A 341 -4.02 -11.54 -28.99
N TRP A 342 -4.87 -10.51 -29.16
CA TRP A 342 -5.11 -9.97 -30.49
C TRP A 342 -3.83 -9.46 -31.14
N MET A 343 -3.04 -8.68 -30.40
CA MET A 343 -1.85 -8.12 -31.03
C MET A 343 -0.74 -9.14 -31.19
N ARG A 344 -0.68 -10.16 -30.33
CA ARG A 344 0.25 -11.26 -30.55
C ARG A 344 -0.07 -12.01 -31.82
N LEU A 345 -1.36 -12.22 -32.12
CA LEU A 345 -1.68 -12.80 -33.42
C LEU A 345 -1.50 -11.82 -34.56
N CYS A 346 -1.51 -10.51 -34.27
CA CYS A 346 -1.32 -9.54 -35.34
C CYS A 346 0.13 -9.38 -35.76
N THR A 347 1.07 -9.54 -34.84
CA THR A 347 2.45 -9.20 -35.14
C THR A 347 3.35 -10.42 -35.32
N SER A 348 3.46 -11.28 -34.31
CA SER A 348 4.45 -12.34 -34.39
C SER A 348 3.85 -13.71 -34.14
N ALA A 349 2.74 -14.03 -34.82
CA ALA A 349 2.16 -15.35 -34.72
C ALA A 349 2.96 -16.34 -35.54
N THR A 350 3.41 -17.43 -34.91
CA THR A 350 4.25 -18.41 -35.59
C THR A 350 3.39 -19.36 -36.40
N GLU A 351 4.00 -20.45 -36.88
CA GLU A 351 3.34 -21.38 -37.79
C GLU A 351 2.52 -22.43 -37.06
N SER A 352 3.02 -22.90 -35.90
CA SER A 352 2.42 -24.04 -35.21
C SER A 352 1.02 -23.73 -34.70
N GLU A 353 0.83 -22.53 -34.14
CA GLU A 353 -0.49 -22.15 -33.68
C GLU A 353 -1.45 -21.88 -34.84
N VAL A 354 -0.91 -21.48 -36.00
CA VAL A 354 -1.75 -21.39 -37.19
C VAL A 354 -2.19 -22.78 -37.65
N VAL A 355 -1.32 -23.78 -37.51
CA VAL A 355 -1.69 -25.16 -37.85
C VAL A 355 -2.75 -25.68 -36.87
N ARG A 356 -2.62 -25.31 -35.59
CA ARG A 356 -3.66 -25.64 -34.62
C ARG A 356 -4.99 -24.98 -34.96
N GLY A 357 -4.93 -23.74 -35.43
CA GLY A 357 -6.16 -23.06 -35.86
C GLY A 357 -6.79 -23.71 -37.08
N LYS A 358 -5.97 -24.19 -38.01
CA LYS A 358 -6.51 -24.86 -39.18
C LYS A 358 -7.15 -26.19 -38.83
N ASN A 359 -6.54 -26.93 -37.88
CA ASN A 359 -7.16 -28.17 -37.42
C ASN A 359 -8.48 -27.91 -36.71
N LEU A 360 -8.54 -26.86 -35.88
CA LEU A 360 -9.78 -26.53 -35.20
C LEU A 360 -10.85 -26.07 -36.18
N LEU A 361 -10.45 -25.36 -37.23
CA LEU A 361 -11.41 -24.93 -38.24
C LEU A 361 -11.98 -26.11 -39.02
N ARG A 362 -11.12 -27.05 -39.42
CA ARG A 362 -11.60 -28.22 -40.15
C ARG A 362 -12.54 -29.06 -39.28
N ASN A 363 -12.14 -29.33 -38.03
CA ASN A 363 -12.95 -30.16 -37.15
C ASN A 363 -14.28 -29.51 -36.83
N ALA A 364 -14.28 -28.20 -36.57
CA ALA A 364 -15.52 -27.50 -36.23
C ALA A 364 -16.45 -27.43 -37.43
N LEU A 365 -15.92 -27.17 -38.63
CA LEU A 365 -16.75 -27.07 -39.82
C LEU A 365 -17.37 -28.42 -40.19
N VAL A 366 -16.56 -29.47 -40.21
CA VAL A 366 -17.07 -30.77 -40.63
C VAL A 366 -18.01 -31.35 -39.58
N SER A 367 -17.68 -31.20 -38.29
CA SER A 367 -18.58 -31.66 -37.24
C SER A 367 -19.85 -30.81 -37.16
N HIS A 368 -19.82 -29.59 -37.66
CA HIS A 368 -21.04 -28.80 -37.69
C HIS A 368 -21.94 -29.21 -38.85
N LEU A 369 -21.38 -29.37 -40.04
CA LEU A 369 -22.20 -29.73 -41.20
C LEU A 369 -22.45 -31.24 -41.22
N ASP A 370 -23.26 -31.68 -40.26
CA ASP A 370 -23.54 -33.09 -40.09
C ASP A 370 -24.94 -33.22 -39.49
N GLY A 371 -25.64 -34.28 -39.89
CA GLY A 371 -27.05 -34.39 -39.60
C GLY A 371 -27.88 -33.93 -40.77
N THR A 372 -29.05 -33.35 -40.51
CA THR A 372 -29.90 -32.84 -41.57
C THR A 372 -30.13 -31.34 -41.46
N THR A 373 -30.50 -30.85 -40.29
CA THR A 373 -30.84 -29.45 -40.07
C THR A 373 -29.67 -28.48 -40.29
N PRO A 374 -28.44 -28.71 -39.78
CA PRO A 374 -27.37 -27.77 -40.14
C PRO A 374 -27.00 -27.84 -41.61
N VAL A 375 -27.17 -29.00 -42.23
CA VAL A 375 -26.92 -29.14 -43.66
C VAL A 375 -27.90 -28.30 -44.45
N CYS A 376 -29.17 -28.34 -44.08
CA CYS A 376 -30.16 -27.59 -44.83
C CYS A 376 -30.10 -26.09 -44.52
N GLU A 377 -29.75 -25.73 -43.28
CA GLU A 377 -29.40 -24.34 -42.95
C GLU A 377 -28.25 -23.84 -43.81
N ASP A 378 -27.24 -24.68 -44.01
CA ASP A 378 -26.11 -24.31 -44.85
C ASP A 378 -26.54 -24.13 -46.29
N ILE A 379 -27.48 -24.95 -46.77
CA ILE A 379 -27.96 -24.80 -48.14
C ILE A 379 -28.69 -23.48 -48.33
N GLY A 380 -29.53 -23.12 -47.35
CA GLY A 380 -30.23 -21.84 -47.42
C GLY A 380 -29.30 -20.64 -47.38
N ARG A 381 -28.44 -20.58 -46.35
CA ARG A 381 -27.54 -19.44 -46.25
C ARG A 381 -26.42 -19.45 -47.28
N SER A 382 -26.17 -20.59 -47.93
CA SER A 382 -25.15 -20.64 -48.97
C SER A 382 -25.70 -20.29 -50.34
N LEU A 383 -26.99 -20.50 -50.58
CA LEU A 383 -27.55 -20.00 -51.81
C LEU A 383 -28.01 -18.55 -51.72
N LEU A 384 -28.27 -18.04 -50.52
CA LEU A 384 -28.64 -16.63 -50.47
C LEU A 384 -27.42 -15.72 -50.49
N THR A 385 -26.46 -15.97 -49.60
CA THR A 385 -25.36 -15.02 -49.43
C THR A 385 -24.33 -15.14 -50.55
N TYR A 386 -23.94 -16.37 -50.89
CA TYR A 386 -22.88 -16.57 -51.89
C TYR A 386 -23.42 -16.60 -53.31
N GLY A 387 -24.56 -17.26 -53.51
CA GLY A 387 -25.03 -17.59 -54.83
C GLY A 387 -24.80 -19.03 -55.21
N ARG A 388 -24.06 -19.78 -54.39
CA ARG A 388 -23.73 -21.17 -54.65
C ARG A 388 -23.30 -21.80 -53.32
N ARG A 389 -23.66 -23.07 -53.12
CA ARG A 389 -23.16 -23.78 -51.96
C ARG A 389 -21.78 -24.32 -52.27
N ILE A 390 -20.80 -23.94 -51.47
CA ILE A 390 -19.42 -24.35 -51.68
C ILE A 390 -19.29 -25.78 -51.20
N PRO A 391 -18.82 -26.71 -52.02
CA PRO A 391 -18.44 -28.03 -51.49
C PRO A 391 -17.20 -27.90 -50.63
N LEU A 392 -17.06 -28.82 -49.67
CA LEU A 392 -16.04 -28.66 -48.65
C LEU A 392 -14.62 -28.94 -49.16
N ALA A 393 -14.47 -29.53 -50.34
CA ALA A 393 -13.14 -29.63 -50.94
C ALA A 393 -12.58 -28.25 -51.28
N GLU A 394 -13.45 -27.32 -51.68
CA GLU A 394 -12.98 -25.97 -51.95
C GLU A 394 -12.63 -25.23 -50.66
N TRP A 395 -13.32 -25.52 -49.56
CA TRP A 395 -12.88 -25.00 -48.27
C TRP A 395 -11.56 -25.60 -47.85
N GLU A 396 -11.32 -26.87 -48.19
CA GLU A 396 -9.99 -27.46 -47.94
C GLU A 396 -8.92 -26.78 -48.78
N SER A 397 -9.25 -26.41 -50.01
CA SER A 397 -8.31 -25.69 -50.86
C SER A 397 -7.99 -24.31 -50.28
N ARG A 398 -9.00 -23.59 -49.83
CA ARG A 398 -8.76 -22.27 -49.26
C ARG A 398 -8.15 -22.35 -47.87
N ILE A 399 -8.23 -23.49 -47.19
CA ILE A 399 -7.43 -23.67 -45.98
C ILE A 399 -5.97 -23.95 -46.33
N ALA A 400 -5.74 -24.71 -47.40
CA ALA A 400 -4.37 -24.97 -47.85
C ALA A 400 -3.72 -23.73 -48.46
N GLU A 401 -4.49 -22.71 -48.82
CA GLU A 401 -3.94 -21.44 -49.26
C GLU A 401 -3.65 -20.48 -48.11
N VAL A 402 -3.54 -20.98 -46.88
CA VAL A 402 -3.37 -20.14 -45.69
C VAL A 402 -2.16 -20.62 -44.92
N ASP A 403 -1.17 -19.75 -44.77
CA ASP A 403 -0.03 -19.95 -43.89
C ASP A 403 -0.03 -18.87 -42.81
N ALA A 404 1.08 -18.78 -42.07
CA ALA A 404 1.15 -17.78 -41.00
C ALA A 404 1.24 -16.36 -41.54
N ARG A 405 1.82 -16.21 -42.74
CA ARG A 405 2.06 -14.88 -43.31
C ARG A 405 0.76 -14.17 -43.65
N VAL A 406 -0.16 -14.89 -44.31
CA VAL A 406 -1.45 -14.32 -44.68
C VAL A 406 -2.26 -14.00 -43.45
N VAL A 407 -2.16 -14.84 -42.41
CA VAL A 407 -2.91 -14.62 -41.18
C VAL A 407 -2.42 -13.36 -40.47
N ARG A 408 -1.11 -13.19 -40.33
CA ARG A 408 -0.65 -12.00 -39.61
C ARG A 408 -0.83 -10.73 -40.44
N GLU A 409 -0.80 -10.82 -41.78
CA GLU A 409 -1.07 -9.63 -42.59
C GLU A 409 -2.53 -9.24 -42.55
N VAL A 410 -3.45 -10.20 -42.61
CA VAL A 410 -4.88 -9.86 -42.57
C VAL A 410 -5.29 -9.42 -41.16
N CYS A 411 -4.70 -10.00 -40.12
CA CYS A 411 -5.00 -9.52 -38.77
C CYS A 411 -4.38 -8.16 -38.51
N SER A 412 -3.24 -7.84 -39.12
CA SER A 412 -2.75 -6.48 -39.07
C SER A 412 -3.59 -5.54 -39.91
N LYS A 413 -4.36 -6.08 -40.85
CA LYS A 413 -5.25 -5.25 -41.64
C LYS A 413 -6.57 -4.95 -40.94
N TYR A 414 -7.07 -5.87 -40.10
CA TYR A 414 -8.40 -5.70 -39.52
C TYR A 414 -8.40 -5.40 -38.02
N PHE A 415 -7.76 -6.23 -37.20
CA PHE A 415 -7.73 -5.97 -35.76
C PHE A 415 -6.97 -4.70 -35.42
N TYR A 416 -5.77 -4.56 -36.00
CA TYR A 416 -4.80 -3.58 -35.55
C TYR A 416 -5.24 -2.17 -35.92
N ASP A 417 -5.35 -1.31 -34.90
CA ASP A 417 -5.57 0.13 -35.03
C ASP A 417 -6.87 0.45 -35.77
N GLN A 418 -7.98 0.08 -35.15
CA GLN A 418 -9.31 0.47 -35.61
C GLN A 418 -10.07 1.07 -34.43
N CYS A 419 -11.30 1.49 -34.70
CA CYS A 419 -12.15 2.04 -33.65
C CYS A 419 -13.17 0.98 -33.25
N PRO A 420 -13.08 0.41 -32.06
CA PRO A 420 -14.01 -0.65 -31.67
C PRO A 420 -15.39 -0.11 -31.38
N ALA A 421 -16.36 -1.02 -31.45
CA ALA A 421 -17.64 -0.85 -30.83
C ALA A 421 -17.64 -1.66 -29.55
N VAL A 422 -17.68 -0.97 -28.42
CA VAL A 422 -17.69 -1.59 -27.10
C VAL A 422 -19.10 -1.48 -26.55
N ALA A 423 -19.64 -2.59 -26.04
CA ALA A 423 -21.00 -2.61 -25.50
C ALA A 423 -20.96 -3.32 -24.16
N GLY A 424 -21.33 -2.62 -23.11
CA GLY A 424 -21.24 -3.15 -21.75
C GLY A 424 -22.59 -3.13 -21.06
N PHE A 425 -22.84 -4.17 -20.27
CA PHE A 425 -24.08 -4.25 -19.51
C PHE A 425 -23.78 -4.82 -18.14
N GLY A 426 -24.15 -4.10 -17.09
CA GLY A 426 -24.00 -4.62 -15.76
C GLY A 426 -23.13 -3.75 -14.87
N PRO A 427 -22.38 -4.39 -13.96
CA PRO A 427 -21.43 -3.68 -13.08
C PRO A 427 -20.09 -3.43 -13.76
N ILE A 428 -20.04 -2.35 -14.54
CA ILE A 428 -18.92 -2.14 -15.45
C ILE A 428 -18.22 -0.82 -15.15
N GLU A 429 -18.10 -0.50 -13.86
CA GLU A 429 -17.36 0.69 -13.48
C GLU A 429 -15.88 0.56 -13.82
N GLN A 430 -15.32 -0.63 -13.64
CA GLN A 430 -13.91 -0.86 -13.91
C GLN A 430 -13.63 -1.07 -15.40
N LEU A 431 -14.67 -1.10 -16.23
CA LEU A 431 -14.47 -1.08 -17.68
C LEU A 431 -13.77 0.21 -18.06
N PRO A 432 -12.72 0.17 -18.87
CA PRO A 432 -11.93 1.37 -19.15
C PRO A 432 -12.71 2.36 -20.00
N ASP A 433 -12.28 3.61 -19.92
CA ASP A 433 -12.79 4.60 -20.85
C ASP A 433 -12.20 4.32 -22.22
N TYR A 434 -12.84 4.89 -23.25
CA TYR A 434 -12.64 4.45 -24.63
C TYR A 434 -11.22 4.69 -25.12
N ASN A 435 -10.56 5.74 -24.62
CA ASN A 435 -9.20 6.00 -25.02
C ASN A 435 -8.21 5.03 -24.38
N ARG A 436 -8.58 4.39 -23.27
CA ARG A 436 -7.73 3.32 -22.77
C ARG A 436 -7.83 2.07 -23.63
N ILE A 437 -9.01 1.79 -24.19
CA ILE A 437 -9.15 0.73 -25.18
C ILE A 437 -8.34 1.06 -26.43
N ARG A 438 -8.31 2.34 -26.80
CA ARG A 438 -7.50 2.70 -27.97
C ARG A 438 -6.00 2.60 -27.68
N SER A 439 -5.55 3.06 -26.53
CA SER A 439 -4.13 2.96 -26.19
C SER A 439 -3.70 1.53 -25.91
N GLY A 440 -4.65 0.65 -25.61
CA GLY A 440 -4.35 -0.77 -25.58
C GLY A 440 -4.52 -1.47 -26.90
N MET A 441 -5.13 -0.83 -27.89
CA MET A 441 -5.35 -1.50 -29.17
C MET A 441 -4.05 -1.64 -29.95
N PHE A 442 -3.40 -0.53 -30.25
CA PHE A 442 -2.17 -0.62 -31.03
C PHE A 442 -0.99 -0.88 -30.11
N TRP A 443 0.15 -1.16 -30.73
CA TRP A 443 1.41 -1.33 -30.01
C TRP A 443 2.42 -0.28 -30.45
N LEU A 444 3.09 0.31 -29.46
CA LEU A 444 4.45 0.81 -29.62
C LEU A 444 5.47 -0.24 -29.20
N ARG A 445 5.07 -1.51 -29.30
CA ARG A 445 5.58 -2.68 -28.57
C ARG A 445 5.38 -2.57 -27.06
N PHE A 446 4.49 -1.66 -26.63
CA PHE A 446 4.04 -1.44 -25.26
C PHE A 446 5.16 -1.24 -24.24
N HIS B 20 -24.06 -48.39 -51.29
CA HIS B 20 -23.56 -48.46 -49.92
C HIS B 20 -23.32 -49.90 -49.52
N PRO B 21 -22.12 -50.43 -49.81
CA PRO B 21 -21.85 -51.85 -49.55
C PRO B 21 -21.53 -52.20 -48.11
N GLN B 22 -21.48 -51.24 -47.18
CA GLN B 22 -21.09 -51.49 -45.80
C GLN B 22 -22.24 -51.18 -44.86
N ASP B 23 -22.95 -52.22 -44.41
CA ASP B 23 -23.84 -52.09 -43.28
C ASP B 23 -23.04 -52.28 -42.00
N LEU B 24 -23.71 -52.18 -40.85
CA LEU B 24 -22.97 -52.17 -39.59
C LEU B 24 -22.55 -53.59 -39.21
N GLU B 25 -21.45 -53.67 -38.49
CA GLU B 25 -20.86 -54.93 -38.11
C GLU B 25 -20.79 -55.02 -36.60
N PHE B 26 -20.80 -56.26 -36.10
CA PHE B 26 -21.13 -56.51 -34.71
C PHE B 26 -20.42 -57.79 -34.28
N THR B 27 -19.62 -57.71 -33.21
CA THR B 27 -18.85 -58.87 -32.78
C THR B 27 -18.62 -58.79 -31.29
N ARG B 28 -19.00 -59.82 -30.57
CA ARG B 28 -18.73 -59.92 -29.15
C ARG B 28 -17.44 -60.71 -28.94
N LEU B 29 -16.39 -60.02 -28.52
CA LEU B 29 -15.17 -60.75 -28.21
C LEU B 29 -15.32 -61.48 -26.89
N PRO B 30 -14.95 -62.76 -26.82
CA PRO B 30 -15.38 -63.65 -25.74
C PRO B 30 -14.62 -63.50 -24.43
N ASN B 31 -13.68 -62.56 -24.33
CA ASN B 31 -13.32 -62.06 -23.01
C ASN B 31 -14.49 -61.32 -22.37
N GLY B 32 -15.36 -60.75 -23.20
CA GLY B 32 -16.65 -60.29 -22.72
C GLY B 32 -17.21 -59.05 -23.37
N LEU B 33 -16.44 -58.36 -24.21
CA LEU B 33 -16.87 -57.02 -24.59
C LEU B 33 -17.44 -57.02 -25.99
N VAL B 34 -18.03 -55.89 -26.39
CA VAL B 34 -18.74 -55.83 -27.66
C VAL B 34 -18.14 -54.75 -28.53
N ILE B 35 -17.61 -55.14 -29.69
CA ILE B 35 -17.10 -54.19 -30.68
C ILE B 35 -18.10 -54.14 -31.83
N ALA B 36 -18.57 -52.93 -32.14
CA ALA B 36 -19.44 -52.74 -33.27
C ALA B 36 -18.94 -51.54 -34.07
N SER B 37 -19.29 -51.51 -35.34
CA SER B 37 -18.85 -50.39 -36.16
C SER B 37 -19.81 -50.17 -37.32
N LEU B 38 -19.64 -49.02 -37.96
CA LEU B 38 -20.40 -48.66 -39.17
C LEU B 38 -19.44 -47.85 -40.04
N GLU B 39 -18.87 -48.51 -41.05
CA GLU B 39 -17.98 -47.84 -41.99
C GLU B 39 -18.83 -47.12 -43.03
N ASN B 40 -19.05 -45.82 -42.83
CA ASN B 40 -19.64 -44.97 -43.84
C ASN B 40 -18.58 -44.04 -44.39
N TYR B 41 -18.91 -43.42 -45.52
CA TYR B 41 -17.99 -42.45 -46.10
C TYR B 41 -18.33 -41.02 -45.65
N ALA B 42 -18.45 -40.85 -44.32
CA ALA B 42 -18.61 -39.55 -43.71
C ALA B 42 -17.27 -39.12 -43.13
N PRO B 43 -16.86 -37.85 -43.30
CA PRO B 43 -15.48 -37.48 -42.96
C PRO B 43 -15.20 -37.40 -41.47
N ALA B 44 -16.22 -37.38 -40.62
CA ALA B 44 -16.02 -37.31 -39.19
C ALA B 44 -16.04 -38.72 -38.60
N SER B 45 -14.98 -39.06 -37.87
CA SER B 45 -14.86 -40.35 -37.21
C SER B 45 -15.14 -40.21 -35.73
N ARG B 46 -16.03 -41.04 -35.23
CA ARG B 46 -16.38 -41.06 -33.82
C ARG B 46 -16.04 -42.41 -33.22
N ILE B 47 -15.50 -42.39 -32.00
CA ILE B 47 -15.25 -43.59 -31.23
C ILE B 47 -15.98 -43.42 -29.92
N GLY B 48 -17.04 -44.19 -29.72
CA GLY B 48 -17.78 -44.20 -28.48
C GLY B 48 -17.35 -45.41 -27.66
N LEU B 49 -17.22 -45.21 -26.35
CA LEU B 49 -16.90 -46.30 -25.44
C LEU B 49 -17.89 -46.23 -24.30
N PHE B 50 -18.83 -47.17 -24.26
CA PHE B 50 -19.96 -47.10 -23.36
C PHE B 50 -19.72 -48.10 -22.24
N ILE B 51 -19.86 -47.63 -20.99
CA ILE B 51 -19.51 -48.39 -19.81
C ILE B 51 -20.72 -48.42 -18.89
N LYS B 52 -21.06 -49.59 -18.35
CA LYS B 52 -22.09 -49.72 -17.33
C LYS B 52 -21.50 -49.29 -15.99
N ALA B 53 -21.36 -47.99 -15.81
CA ALA B 53 -20.80 -47.49 -14.56
C ALA B 53 -21.44 -46.19 -14.13
N GLY B 54 -22.73 -46.03 -14.38
CA GLY B 54 -23.44 -44.82 -14.00
C GLY B 54 -23.70 -44.70 -12.51
N SER B 55 -24.70 -43.90 -12.15
CA SER B 55 -24.96 -43.64 -10.74
C SER B 55 -25.60 -44.82 -10.04
N ARG B 56 -26.24 -45.73 -10.76
CA ARG B 56 -27.00 -46.80 -10.12
C ARG B 56 -26.11 -47.91 -9.58
N TYR B 57 -24.80 -47.82 -9.75
CA TYR B 57 -23.90 -48.84 -9.24
C TYR B 57 -23.10 -48.34 -8.05
N GLU B 58 -23.67 -47.44 -7.26
CA GLU B 58 -23.05 -46.94 -6.05
C GLU B 58 -23.84 -47.41 -4.83
N ASN B 59 -23.22 -47.23 -3.67
CA ASN B 59 -23.87 -47.50 -2.40
C ASN B 59 -23.92 -46.20 -1.59
N PHE B 60 -24.29 -46.30 -0.32
CA PHE B 60 -24.48 -45.13 0.51
C PHE B 60 -23.19 -44.66 1.18
N ASN B 61 -22.05 -44.93 0.57
CA ASN B 61 -20.77 -44.54 1.15
C ASN B 61 -19.83 -43.83 0.19
N ASN B 62 -20.00 -43.99 -1.12
CA ASN B 62 -19.17 -43.29 -2.10
C ASN B 62 -20.05 -42.51 -3.07
N LEU B 63 -20.99 -41.75 -2.52
CA LEU B 63 -21.83 -40.89 -3.34
C LEU B 63 -20.99 -39.76 -3.91
N GLY B 64 -21.28 -39.40 -5.16
CA GLY B 64 -20.49 -38.38 -5.82
C GLY B 64 -19.16 -38.85 -6.34
N THR B 65 -18.88 -40.15 -6.28
CA THR B 65 -17.70 -40.68 -6.93
C THR B 65 -17.93 -40.77 -8.44
N SER B 66 -19.19 -40.96 -8.86
CA SER B 66 -19.53 -40.91 -10.27
C SER B 66 -19.27 -39.53 -10.86
N HIS B 67 -19.60 -38.49 -10.09
CA HIS B 67 -19.45 -37.13 -10.61
C HIS B 67 -17.97 -36.73 -10.67
N LEU B 68 -17.20 -37.06 -9.62
CA LEU B 68 -15.77 -36.80 -9.63
C LEU B 68 -15.07 -37.63 -10.69
N LEU B 69 -15.57 -38.83 -10.95
CA LEU B 69 -15.03 -39.64 -12.04
C LEU B 69 -15.42 -39.05 -13.39
N ARG B 70 -16.58 -38.38 -13.47
CA ARG B 70 -17.01 -37.81 -14.73
C ARG B 70 -16.18 -36.57 -15.07
N LEU B 71 -15.83 -35.77 -14.08
CA LEU B 71 -15.00 -34.61 -14.37
C LEU B 71 -13.51 -34.91 -14.44
N ALA B 72 -13.12 -36.18 -14.45
CA ALA B 72 -11.71 -36.57 -14.40
C ALA B 72 -11.24 -37.18 -15.71
N SER B 73 -11.65 -36.60 -16.83
CA SER B 73 -11.15 -37.09 -18.11
C SER B 73 -9.70 -36.72 -18.31
N SER B 74 -9.32 -35.51 -17.92
CA SER B 74 -8.02 -34.93 -18.28
C SER B 74 -7.00 -35.06 -17.15
N LEU B 75 -6.99 -36.16 -16.41
CA LEU B 75 -5.96 -36.37 -15.41
C LEU B 75 -4.87 -37.26 -16.00
N THR B 76 -3.77 -37.36 -15.26
CA THR B 76 -2.60 -38.07 -15.77
C THR B 76 -2.84 -39.57 -15.74
N THR B 77 -2.40 -40.23 -16.80
CA THR B 77 -2.56 -41.66 -16.95
C THR B 77 -1.20 -42.35 -16.84
N LYS B 78 -1.24 -43.66 -16.61
CA LYS B 78 -0.01 -44.43 -16.62
C LYS B 78 0.49 -44.53 -18.04
N GLY B 79 1.33 -43.59 -18.44
CA GLY B 79 1.83 -43.52 -19.81
C GLY B 79 1.66 -42.16 -20.47
N ALA B 80 0.82 -41.28 -19.93
CA ALA B 80 0.62 -39.96 -20.52
C ALA B 80 0.17 -38.99 -19.45
N SER B 81 0.95 -37.95 -19.23
CA SER B 81 0.58 -36.91 -18.28
C SER B 81 -0.53 -36.04 -18.86
N SER B 82 -1.08 -35.17 -18.01
CA SER B 82 -2.30 -34.45 -18.36
C SER B 82 -2.04 -33.36 -19.39
N PHE B 83 -0.87 -32.73 -19.34
CA PHE B 83 -0.52 -31.70 -20.33
C PHE B 83 -0.46 -32.28 -21.73
N LYS B 84 0.17 -33.44 -21.87
CA LYS B 84 0.29 -34.08 -23.17
C LYS B 84 -1.07 -34.52 -23.68
N ILE B 85 -1.95 -34.96 -22.78
CA ILE B 85 -3.30 -35.37 -23.16
C ILE B 85 -4.08 -34.19 -23.71
N THR B 86 -4.14 -33.08 -22.96
CA THR B 86 -4.94 -31.94 -23.36
C THR B 86 -4.38 -31.30 -24.63
N ARG B 87 -3.07 -31.11 -24.71
CA ARG B 87 -2.50 -30.45 -25.88
C ARG B 87 -2.53 -31.34 -27.10
N GLY B 88 -2.42 -32.67 -26.95
CA GLY B 88 -2.51 -33.53 -28.12
C GLY B 88 -3.92 -33.64 -28.66
N ILE B 89 -4.91 -33.75 -27.78
CA ILE B 89 -6.30 -33.80 -28.20
C ILE B 89 -6.71 -32.50 -28.89
N GLU B 90 -6.33 -31.36 -28.31
CA GLU B 90 -6.68 -30.12 -28.99
C GLU B 90 -5.73 -29.78 -30.14
N ALA B 91 -4.61 -30.49 -30.28
CA ALA B 91 -3.78 -30.32 -31.46
C ALA B 91 -4.37 -31.04 -32.66
N VAL B 92 -4.93 -32.24 -32.45
CA VAL B 92 -5.74 -32.83 -33.50
C VAL B 92 -7.16 -32.30 -33.47
N GLY B 93 -7.53 -31.57 -32.43
CA GLY B 93 -8.80 -30.87 -32.39
C GLY B 93 -10.02 -31.73 -32.24
N GLY B 94 -9.86 -32.97 -31.78
CA GLY B 94 -11.01 -33.81 -31.54
C GLY B 94 -11.74 -33.41 -30.27
N LYS B 95 -13.04 -33.65 -30.26
CA LYS B 95 -13.84 -33.44 -29.06
C LYS B 95 -13.85 -34.72 -28.24
N LEU B 96 -13.41 -34.62 -26.99
CA LEU B 96 -13.51 -35.71 -26.02
C LEU B 96 -14.56 -35.33 -24.99
N SER B 97 -15.72 -35.95 -25.08
CA SER B 97 -16.82 -35.64 -24.18
C SER B 97 -17.18 -36.85 -23.35
N VAL B 98 -17.72 -36.59 -22.18
CA VAL B 98 -18.12 -37.62 -21.24
C VAL B 98 -19.58 -37.38 -20.93
N THR B 99 -20.45 -38.27 -21.40
CA THR B 99 -21.87 -38.15 -21.11
C THR B 99 -22.33 -39.32 -20.25
N SER B 100 -23.20 -39.02 -19.29
CA SER B 100 -23.60 -39.99 -18.29
C SER B 100 -25.09 -39.93 -18.05
N THR B 101 -25.72 -41.09 -18.14
CA THR B 101 -27.05 -41.35 -17.60
C THR B 101 -26.88 -42.26 -16.40
N ARG B 102 -27.98 -42.46 -15.65
CA ARG B 102 -27.94 -43.21 -14.40
C ARG B 102 -27.53 -44.67 -14.56
N GLU B 103 -27.54 -45.20 -15.78
CA GLU B 103 -26.93 -46.48 -16.07
C GLU B 103 -25.53 -46.36 -16.63
N ASN B 104 -25.31 -45.46 -17.59
CA ASN B 104 -24.15 -45.57 -18.47
C ASN B 104 -23.29 -44.34 -18.42
N MET B 105 -21.98 -44.54 -18.38
CA MET B 105 -21.07 -43.48 -18.79
C MET B 105 -20.63 -43.75 -20.20
N ALA B 106 -20.18 -42.70 -20.87
CA ALA B 106 -19.87 -42.81 -22.28
C ALA B 106 -18.75 -41.84 -22.61
N TYR B 107 -17.61 -42.40 -23.01
CA TYR B 107 -16.47 -41.62 -23.45
C TYR B 107 -16.53 -41.54 -24.97
N THR B 108 -16.89 -40.37 -25.48
CA THR B 108 -17.06 -40.19 -26.91
C THR B 108 -15.98 -39.26 -27.41
N VAL B 109 -15.14 -39.75 -28.32
CA VAL B 109 -14.05 -38.95 -28.88
C VAL B 109 -14.21 -38.92 -30.39
N GLU B 110 -14.28 -37.72 -30.94
CA GLU B 110 -14.47 -37.59 -32.38
C GLU B 110 -13.46 -36.63 -32.98
N CYS B 111 -13.20 -36.82 -34.27
CA CYS B 111 -12.21 -36.04 -35.00
C CYS B 111 -12.42 -36.28 -36.49
N LEU B 112 -11.45 -35.84 -37.29
CA LEU B 112 -11.38 -36.23 -38.68
C LEU B 112 -10.56 -37.49 -38.81
N ARG B 113 -10.86 -38.29 -39.85
CA ARG B 113 -10.42 -39.68 -39.95
C ARG B 113 -8.92 -39.86 -40.13
N ASP B 114 -8.14 -38.79 -40.29
CA ASP B 114 -6.70 -38.93 -40.37
C ASP B 114 -6.02 -39.04 -39.01
N ASP B 115 -6.74 -38.78 -37.92
CA ASP B 115 -6.15 -38.79 -36.58
C ASP B 115 -6.98 -39.63 -35.63
N VAL B 116 -7.34 -40.83 -36.07
CA VAL B 116 -8.09 -41.73 -35.20
C VAL B 116 -7.19 -42.49 -34.23
N ASP B 117 -5.91 -42.68 -34.58
CA ASP B 117 -5.07 -43.60 -33.83
C ASP B 117 -4.56 -42.98 -32.53
N ILE B 118 -4.13 -41.71 -32.59
CA ILE B 118 -3.64 -41.05 -31.38
C ILE B 118 -4.77 -40.81 -30.40
N LEU B 119 -5.98 -40.50 -30.87
CA LEU B 119 -7.09 -40.33 -29.97
C LEU B 119 -7.60 -41.66 -29.45
N MET B 120 -7.47 -42.73 -30.25
CA MET B 120 -7.71 -44.06 -29.74
C MET B 120 -6.77 -44.39 -28.59
N GLU B 121 -5.50 -44.02 -28.72
CA GLU B 121 -4.52 -44.28 -27.67
C GLU B 121 -4.84 -43.48 -26.41
N PHE B 122 -5.23 -42.20 -26.57
CA PHE B 122 -5.59 -41.41 -25.39
C PHE B 122 -6.88 -41.90 -24.75
N LEU B 123 -7.80 -42.43 -25.55
CA LEU B 123 -9.01 -43.04 -24.99
C LEU B 123 -8.68 -44.26 -24.15
N LEU B 124 -7.81 -45.13 -24.66
CA LEU B 124 -7.34 -46.29 -23.89
C LEU B 124 -6.61 -45.85 -22.62
N ASN B 125 -5.85 -44.77 -22.71
CA ASN B 125 -5.11 -44.26 -21.55
C ASN B 125 -6.06 -43.81 -20.45
N VAL B 126 -7.05 -42.98 -20.80
CA VAL B 126 -7.96 -42.43 -19.81
C VAL B 126 -8.84 -43.53 -19.21
N THR B 127 -9.20 -44.54 -20.00
CA THR B 127 -10.00 -45.63 -19.46
C THR B 127 -9.18 -46.55 -18.58
N THR B 128 -8.19 -47.24 -19.16
CA THR B 128 -7.50 -48.31 -18.47
C THR B 128 -6.05 -47.98 -18.17
N ALA B 129 -5.77 -46.74 -17.78
CA ALA B 129 -4.56 -46.41 -17.03
C ALA B 129 -4.87 -45.33 -16.01
N PRO B 130 -5.59 -45.66 -14.93
CA PRO B 130 -6.02 -44.61 -14.01
C PRO B 130 -5.02 -44.38 -12.89
N GLU B 131 -4.77 -43.11 -12.58
CA GLU B 131 -3.86 -42.77 -11.50
C GLU B 131 -4.55 -42.04 -10.36
N PHE B 132 -5.18 -40.90 -10.64
CA PHE B 132 -5.93 -40.07 -9.69
C PHE B 132 -5.06 -39.62 -8.52
N ARG B 133 -4.10 -38.77 -8.85
CA ARG B 133 -3.29 -38.18 -7.79
C ARG B 133 -4.08 -37.07 -7.10
N ARG B 134 -3.62 -36.72 -5.90
CA ARG B 134 -4.49 -36.13 -4.89
C ARG B 134 -4.76 -34.63 -5.11
N TRP B 135 -3.75 -33.88 -5.51
CA TRP B 135 -3.91 -32.43 -5.67
C TRP B 135 -4.85 -32.09 -6.81
N GLU B 136 -4.77 -32.88 -7.89
CA GLU B 136 -5.71 -32.74 -9.00
C GLU B 136 -7.13 -33.07 -8.56
N VAL B 137 -7.26 -34.01 -7.62
CA VAL B 137 -8.57 -34.33 -7.05
C VAL B 137 -9.13 -33.15 -6.25
N ALA B 138 -8.27 -32.41 -5.54
CA ALA B 138 -8.75 -31.24 -4.79
C ALA B 138 -9.23 -30.11 -5.72
N ALA B 139 -8.43 -29.80 -6.74
CA ALA B 139 -8.86 -28.84 -7.76
C ALA B 139 -10.14 -29.29 -8.44
N LEU B 140 -10.29 -30.58 -8.63
CA LEU B 140 -11.51 -31.08 -9.25
C LEU B 140 -12.70 -31.03 -8.29
N GLN B 141 -12.47 -30.99 -6.97
CA GLN B 141 -13.56 -30.74 -6.03
C GLN B 141 -14.16 -29.36 -6.22
N SER B 142 -13.28 -28.36 -6.35
CA SER B 142 -13.78 -27.00 -6.64
C SER B 142 -14.53 -26.96 -7.97
N GLN B 143 -14.02 -27.69 -8.97
CA GLN B 143 -14.71 -27.81 -10.25
C GLN B 143 -16.08 -28.46 -10.11
N LEU B 144 -16.20 -29.46 -9.21
CA LEU B 144 -17.47 -30.13 -8.95
C LEU B 144 -18.52 -29.15 -8.44
N ARG B 145 -18.13 -28.30 -7.48
CA ARG B 145 -19.11 -27.36 -6.92
C ARG B 145 -19.59 -26.36 -7.97
N ILE B 146 -18.66 -25.84 -8.79
CA ILE B 146 -19.07 -24.87 -9.81
C ILE B 146 -19.95 -25.53 -10.87
N ASP B 147 -19.65 -26.78 -11.24
CA ASP B 147 -20.47 -27.49 -12.22
C ASP B 147 -21.86 -27.80 -11.69
N LYS B 148 -21.97 -28.12 -10.40
CA LYS B 148 -23.29 -28.37 -9.81
C LYS B 148 -24.12 -27.10 -9.77
N ALA B 149 -23.49 -25.96 -9.50
CA ALA B 149 -24.21 -24.68 -9.52
C ALA B 149 -24.75 -24.36 -10.91
N VAL B 150 -23.90 -24.51 -11.94
CA VAL B 150 -24.31 -24.24 -13.32
C VAL B 150 -25.39 -25.24 -13.76
N ALA B 151 -25.34 -26.46 -13.26
CA ALA B 151 -26.35 -27.45 -13.62
C ALA B 151 -27.69 -27.14 -12.98
N PHE B 152 -27.71 -26.84 -11.69
CA PHE B 152 -28.97 -26.59 -11.01
C PHE B 152 -29.40 -25.13 -11.02
N GLN B 153 -28.88 -24.31 -11.94
CA GLN B 153 -29.60 -23.07 -12.18
C GLN B 153 -30.87 -23.30 -13.00
N ASN B 154 -31.05 -24.49 -13.57
CA ASN B 154 -32.34 -24.89 -14.14
C ASN B 154 -33.20 -25.55 -13.07
N PRO B 155 -34.50 -25.25 -13.03
CA PRO B 155 -35.36 -25.92 -12.04
C PRO B 155 -35.66 -27.37 -12.40
N GLN B 156 -35.58 -27.70 -13.69
CA GLN B 156 -35.96 -29.02 -14.17
C GLN B 156 -35.08 -30.11 -13.59
N ALA B 157 -33.78 -29.83 -13.47
CA ALA B 157 -32.85 -30.82 -12.94
C ALA B 157 -33.14 -31.12 -11.47
N HIS B 158 -33.45 -30.09 -10.69
CA HIS B 158 -33.68 -30.32 -9.27
C HIS B 158 -35.01 -31.02 -9.04
N VAL B 159 -36.02 -30.72 -9.88
CA VAL B 159 -37.29 -31.42 -9.78
C VAL B 159 -37.13 -32.90 -10.13
N ILE B 160 -36.40 -33.21 -11.21
CA ILE B 160 -36.23 -34.59 -11.60
C ILE B 160 -35.34 -35.36 -10.62
N GLU B 161 -34.38 -34.68 -9.98
CA GLU B 161 -33.56 -35.39 -9.00
C GLU B 161 -34.31 -35.67 -7.72
N ASN B 162 -35.16 -34.73 -7.26
CA ASN B 162 -36.04 -35.07 -6.15
C ASN B 162 -37.08 -36.12 -6.55
N LEU B 163 -37.43 -36.18 -7.84
CA LEU B 163 -38.36 -37.18 -8.33
C LEU B 163 -37.75 -38.58 -8.21
N HIS B 164 -36.57 -38.78 -8.78
CA HIS B 164 -35.89 -40.07 -8.66
C HIS B 164 -35.36 -40.33 -7.26
N ALA B 165 -35.36 -39.34 -6.37
CA ALA B 165 -35.10 -39.64 -4.97
C ALA B 165 -36.36 -40.04 -4.22
N ALA B 166 -37.53 -39.61 -4.66
CA ALA B 166 -38.75 -39.88 -3.94
C ALA B 166 -39.51 -41.09 -4.45
N ALA B 167 -38.99 -41.78 -5.47
CA ALA B 167 -39.70 -42.91 -6.04
C ALA B 167 -38.93 -44.23 -5.95
N TYR B 168 -37.78 -44.24 -5.30
CA TYR B 168 -37.00 -45.46 -5.14
C TYR B 168 -36.25 -45.40 -3.82
N ARG B 169 -36.23 -46.52 -3.11
CA ARG B 169 -35.52 -46.62 -1.84
C ARG B 169 -34.07 -47.05 -2.02
N ASN B 170 -33.60 -47.13 -3.26
CA ASN B 170 -32.50 -48.03 -3.60
C ASN B 170 -31.70 -47.38 -4.72
N ALA B 171 -30.98 -48.20 -5.49
CA ALA B 171 -29.91 -47.76 -6.38
C ALA B 171 -30.34 -46.79 -7.49
N LEU B 172 -31.62 -46.64 -7.77
CA LEU B 172 -31.99 -45.56 -8.68
C LEU B 172 -32.12 -44.22 -7.99
N ALA B 173 -32.05 -44.17 -6.67
CA ALA B 173 -32.12 -42.91 -5.94
C ALA B 173 -30.74 -42.28 -5.75
N ASN B 174 -29.77 -42.64 -6.58
CA ASN B 174 -28.47 -42.00 -6.56
C ASN B 174 -28.48 -40.85 -7.55
N SER B 175 -27.97 -39.70 -7.12
CA SER B 175 -28.03 -38.50 -7.93
C SER B 175 -27.04 -38.56 -9.08
N LEU B 176 -27.31 -37.74 -10.10
CA LEU B 176 -26.31 -37.50 -11.14
C LEU B 176 -25.15 -36.71 -10.59
N TYR B 177 -25.38 -35.88 -9.58
CA TYR B 177 -24.43 -34.90 -9.11
C TYR B 177 -24.00 -35.25 -7.69
N CYS B 178 -22.81 -34.78 -7.32
CA CYS B 178 -22.36 -34.94 -5.95
C CYS B 178 -23.17 -34.01 -5.05
N PRO B 179 -23.56 -34.47 -3.86
CA PRO B 179 -24.40 -33.63 -2.99
C PRO B 179 -23.64 -32.48 -2.34
N ASP B 180 -24.30 -31.83 -1.38
CA ASP B 180 -23.73 -30.63 -0.77
C ASP B 180 -22.52 -30.95 0.09
N TYR B 181 -22.58 -32.02 0.88
CA TYR B 181 -21.57 -32.21 1.92
C TYR B 181 -20.38 -33.06 1.45
N ARG B 182 -20.57 -33.94 0.48
CA ARG B 182 -19.49 -34.80 0.00
C ARG B 182 -18.48 -34.08 -0.89
N ILE B 183 -18.69 -32.80 -1.19
CA ILE B 183 -17.73 -32.03 -1.98
C ILE B 183 -16.48 -31.81 -1.13
N GLY B 184 -15.37 -32.41 -1.53
CA GLY B 184 -14.13 -32.30 -0.81
C GLY B 184 -13.75 -33.49 0.04
N LYS B 185 -14.71 -34.38 0.32
CA LYS B 185 -14.45 -35.51 1.21
C LYS B 185 -14.43 -36.83 0.45
N VAL B 186 -14.34 -36.79 -0.87
CA VAL B 186 -14.13 -37.98 -1.69
C VAL B 186 -12.66 -38.04 -2.08
N THR B 187 -12.05 -39.20 -1.86
CA THR B 187 -10.62 -39.41 -1.88
C THR B 187 -10.24 -40.35 -3.02
N PRO B 188 -8.97 -40.36 -3.45
CA PRO B 188 -8.58 -41.29 -4.53
C PRO B 188 -8.60 -42.77 -4.14
N ASP B 189 -8.74 -43.11 -2.87
CA ASP B 189 -8.91 -44.50 -2.49
C ASP B 189 -10.21 -45.07 -3.05
N GLU B 190 -11.30 -44.33 -2.86
CA GLU B 190 -12.58 -44.72 -3.43
C GLU B 190 -12.58 -44.64 -4.94
N LEU B 191 -11.75 -43.76 -5.52
CA LEU B 191 -11.62 -43.71 -6.97
C LEU B 191 -10.97 -44.97 -7.51
N HIS B 192 -9.86 -45.42 -6.89
CA HIS B 192 -9.24 -46.69 -7.28
C HIS B 192 -10.20 -47.85 -7.10
N ASP B 193 -10.96 -47.85 -6.01
CA ASP B 193 -11.87 -48.96 -5.75
C ASP B 193 -12.99 -49.02 -6.79
N TYR B 194 -13.61 -47.86 -7.06
CA TYR B 194 -14.70 -47.81 -8.02
C TYR B 194 -14.24 -48.11 -9.43
N VAL B 195 -13.02 -47.69 -9.79
CA VAL B 195 -12.50 -48.02 -11.11
C VAL B 195 -12.20 -49.51 -11.22
N GLN B 196 -11.57 -50.09 -10.19
CA GLN B 196 -11.21 -51.50 -10.26
C GLN B 196 -12.42 -52.43 -10.24
N ASN B 197 -13.52 -52.04 -9.61
CA ASN B 197 -14.65 -52.97 -9.60
C ASN B 197 -15.90 -52.43 -10.28
N HIS B 198 -15.77 -51.47 -11.18
CA HIS B 198 -16.85 -51.20 -12.11
C HIS B 198 -16.41 -50.97 -13.55
N PHE B 199 -15.13 -51.14 -13.87
CA PHE B 199 -14.63 -51.08 -15.24
C PHE B 199 -14.08 -52.46 -15.59
N THR B 200 -14.95 -53.37 -16.00
CA THR B 200 -14.53 -54.71 -16.37
C THR B 200 -14.67 -54.91 -17.86
N SER B 201 -14.09 -56.01 -18.35
CA SER B 201 -14.06 -56.28 -19.78
C SER B 201 -15.33 -56.93 -20.29
N ALA B 202 -16.38 -57.03 -19.47
CA ALA B 202 -17.67 -57.50 -19.92
C ALA B 202 -18.73 -56.40 -19.93
N ARG B 203 -18.43 -55.24 -19.36
CA ARG B 203 -19.38 -54.15 -19.24
C ARG B 203 -19.06 -53.02 -20.20
N MET B 204 -18.45 -53.34 -21.35
CA MET B 204 -17.91 -52.32 -22.24
C MET B 204 -18.33 -52.58 -23.67
N ALA B 205 -18.86 -51.53 -24.31
CA ALA B 205 -19.22 -51.54 -25.71
C ALA B 205 -18.38 -50.50 -26.43
N LEU B 206 -17.51 -50.95 -27.32
CA LEU B 206 -16.68 -50.09 -28.14
C LEU B 206 -17.37 -49.95 -29.50
N ILE B 207 -17.83 -48.74 -29.80
CA ILE B 207 -18.60 -48.45 -31.00
C ILE B 207 -17.78 -47.53 -31.88
N GLY B 208 -17.76 -47.83 -33.18
CA GLY B 208 -17.03 -47.00 -34.12
C GLY B 208 -17.92 -46.53 -35.25
N LEU B 209 -17.79 -45.25 -35.58
CA LEU B 209 -18.50 -44.65 -36.71
C LEU B 209 -17.45 -44.06 -37.61
N GLY B 210 -17.27 -44.65 -38.78
CA GLY B 210 -16.27 -44.20 -39.72
C GLY B 210 -14.98 -44.99 -39.69
N VAL B 211 -14.81 -45.90 -38.75
CA VAL B 211 -13.62 -46.72 -38.66
C VAL B 211 -13.96 -48.13 -39.10
N SER B 212 -12.94 -48.94 -39.34
CA SER B 212 -13.14 -50.32 -39.73
C SER B 212 -13.16 -51.22 -38.50
N HIS B 213 -13.92 -52.29 -38.59
CA HIS B 213 -13.94 -53.32 -37.54
C HIS B 213 -12.60 -53.96 -37.18
N PRO B 214 -11.69 -54.33 -38.11
CA PRO B 214 -10.46 -54.99 -37.65
C PRO B 214 -9.52 -54.07 -36.87
N VAL B 215 -9.56 -52.76 -37.11
CA VAL B 215 -8.74 -51.85 -36.33
C VAL B 215 -9.22 -51.80 -34.87
N LEU B 216 -10.54 -51.71 -34.68
CA LEU B 216 -11.11 -51.78 -33.34
C LEU B 216 -10.86 -53.13 -32.70
N LYS B 217 -10.86 -54.20 -33.49
CA LYS B 217 -10.56 -55.52 -32.95
C LYS B 217 -9.13 -55.61 -32.47
N GLN B 218 -8.18 -55.03 -33.22
CA GLN B 218 -6.79 -54.96 -32.77
C GLN B 218 -6.66 -54.17 -31.48
N VAL B 219 -7.33 -53.01 -31.40
CA VAL B 219 -7.22 -52.13 -30.24
C VAL B 219 -7.77 -52.81 -28.98
N ALA B 220 -9.02 -53.28 -29.04
CA ALA B 220 -9.62 -53.88 -27.87
C ALA B 220 -9.11 -55.28 -27.58
N GLU B 221 -8.50 -55.95 -28.55
CA GLU B 221 -7.92 -57.24 -28.30
C GLU B 221 -6.56 -57.10 -27.63
N GLN B 222 -5.82 -56.06 -27.97
CA GLN B 222 -4.50 -55.88 -27.40
C GLN B 222 -4.52 -55.19 -26.04
N PHE B 223 -5.34 -54.13 -25.88
CA PHE B 223 -5.03 -53.13 -24.86
C PHE B 223 -6.11 -52.91 -23.81
N LEU B 224 -6.98 -53.90 -23.52
CA LEU B 224 -7.89 -53.72 -22.40
C LEU B 224 -7.67 -54.75 -21.30
N ASN B 225 -7.99 -56.03 -21.55
CA ASN B 225 -7.63 -57.23 -20.75
C ASN B 225 -7.75 -57.06 -19.22
N ILE B 226 -8.96 -56.78 -18.75
CA ILE B 226 -9.16 -56.53 -17.32
C ILE B 226 -9.65 -57.79 -16.63
N ARG B 227 -10.80 -58.31 -17.04
CA ARG B 227 -11.33 -59.54 -16.45
C ARG B 227 -12.11 -60.35 -17.47
N GLY B 234 -25.38 -54.17 -9.77
CA GLY B 234 -25.07 -54.69 -8.47
C GLY B 234 -26.27 -55.25 -7.75
N ALA B 235 -27.24 -54.39 -7.45
CA ALA B 235 -28.46 -54.78 -6.77
C ALA B 235 -29.66 -54.12 -7.47
N LYS B 236 -30.77 -54.85 -7.53
CA LYS B 236 -31.97 -54.31 -8.17
C LYS B 236 -32.59 -53.24 -7.29
N ALA B 237 -33.36 -52.35 -7.92
CA ALA B 237 -33.98 -51.22 -7.24
C ALA B 237 -35.44 -51.52 -6.97
N LYS B 238 -35.86 -51.29 -5.72
CA LYS B 238 -37.24 -51.52 -5.32
C LYS B 238 -38.02 -50.22 -5.43
N TYR B 239 -39.32 -50.34 -5.66
CA TYR B 239 -40.16 -49.15 -5.64
C TYR B 239 -40.42 -48.74 -4.20
N ARG B 240 -40.50 -47.43 -3.97
CA ARG B 240 -40.64 -46.89 -2.62
C ARG B 240 -41.97 -46.17 -2.44
N GLY B 241 -42.26 -45.16 -3.24
CA GLY B 241 -43.48 -44.41 -3.09
C GLY B 241 -43.32 -43.33 -2.05
N GLY B 242 -43.58 -42.09 -2.42
CA GLY B 242 -43.38 -40.99 -1.50
C GLY B 242 -43.43 -39.66 -2.22
N GLU B 243 -43.10 -38.62 -1.48
CA GLU B 243 -43.17 -37.27 -2.00
C GLU B 243 -42.06 -36.42 -1.41
N ILE B 244 -41.57 -35.48 -2.21
CA ILE B 244 -40.56 -34.53 -1.78
C ILE B 244 -40.98 -33.15 -2.27
N ARG B 245 -41.10 -32.21 -1.33
CA ARG B 245 -41.49 -30.84 -1.63
C ARG B 245 -40.34 -29.89 -1.33
N GLU B 246 -40.31 -28.78 -2.07
CA GLU B 246 -39.25 -27.78 -1.92
C GLU B 246 -39.87 -26.40 -1.92
N GLN B 247 -39.68 -25.67 -0.82
CA GLN B 247 -40.14 -24.29 -0.72
C GLN B 247 -39.05 -23.38 -1.27
N ASN B 248 -39.28 -22.84 -2.47
CA ASN B 248 -38.22 -22.12 -3.16
C ASN B 248 -38.70 -20.73 -3.55
N GLY B 249 -40.02 -20.56 -3.65
CA GLY B 249 -40.61 -19.23 -3.81
C GLY B 249 -40.32 -18.54 -5.11
N ASP B 250 -40.15 -19.28 -6.19
CA ASP B 250 -39.71 -18.72 -7.45
C ASP B 250 -40.87 -18.41 -8.40
N SER B 251 -42.11 -18.43 -7.88
CA SER B 251 -43.34 -18.05 -8.59
C SER B 251 -43.62 -18.91 -9.82
N LEU B 252 -43.09 -20.14 -9.83
CA LEU B 252 -43.44 -21.14 -10.85
C LEU B 252 -43.45 -22.48 -10.14
N VAL B 253 -44.65 -22.97 -9.82
CA VAL B 253 -44.75 -24.27 -9.19
C VAL B 253 -44.45 -25.33 -10.24
N HIS B 254 -43.43 -26.12 -9.98
CA HIS B 254 -43.15 -27.32 -10.77
C HIS B 254 -43.69 -28.51 -10.01
N ALA B 255 -44.30 -29.45 -10.73
CA ALA B 255 -44.84 -30.62 -10.06
C ALA B 255 -44.76 -31.82 -10.98
N ALA B 256 -44.13 -32.88 -10.52
CA ALA B 256 -44.06 -34.13 -11.24
C ALA B 256 -44.83 -35.18 -10.46
N LEU B 257 -45.80 -35.81 -11.11
CA LEU B 257 -46.59 -36.89 -10.53
C LEU B 257 -46.28 -38.13 -11.34
N VAL B 258 -45.69 -39.13 -10.69
CA VAL B 258 -44.96 -40.21 -11.35
C VAL B 258 -45.29 -41.52 -10.66
N ALA B 259 -45.65 -42.54 -11.43
CA ALA B 259 -45.86 -43.88 -10.92
C ALA B 259 -45.04 -44.89 -11.69
N GLU B 260 -44.79 -46.03 -11.05
CA GLU B 260 -43.98 -47.09 -11.63
C GLU B 260 -44.70 -47.73 -12.80
N SER B 261 -44.00 -47.86 -13.94
CA SER B 261 -44.63 -48.38 -15.14
C SER B 261 -44.07 -49.70 -15.63
N ALA B 262 -42.78 -49.76 -15.98
CA ALA B 262 -42.28 -50.87 -16.80
C ALA B 262 -40.76 -50.82 -16.88
N ALA B 263 -40.17 -52.00 -17.03
CA ALA B 263 -38.77 -52.12 -17.35
C ALA B 263 -38.57 -51.94 -18.85
N ILE B 264 -37.31 -51.81 -19.26
CA ILE B 264 -37.01 -51.53 -20.65
C ILE B 264 -37.03 -52.83 -21.45
N GLY B 265 -37.16 -52.70 -22.78
CA GLY B 265 -37.01 -53.80 -23.68
C GLY B 265 -38.30 -54.42 -24.16
N SER B 266 -39.37 -54.29 -23.39
CA SER B 266 -40.59 -55.03 -23.71
C SER B 266 -41.64 -54.15 -24.38
N ALA B 267 -42.63 -54.82 -24.98
CA ALA B 267 -43.75 -54.13 -25.58
C ALA B 267 -44.65 -53.46 -24.54
N GLU B 268 -44.52 -53.84 -23.28
CA GLU B 268 -45.09 -53.05 -22.19
C GLU B 268 -44.52 -51.63 -22.18
N ALA B 269 -43.18 -51.53 -22.25
CA ALA B 269 -42.55 -50.21 -22.34
C ALA B 269 -42.88 -49.51 -23.65
N ASN B 270 -43.03 -50.27 -24.74
CA ASN B 270 -43.48 -49.67 -25.99
C ASN B 270 -44.88 -49.10 -25.87
N ALA B 271 -45.76 -49.79 -25.13
CA ALA B 271 -47.12 -49.31 -24.92
C ALA B 271 -47.13 -48.07 -24.06
N PHE B 272 -46.21 -47.97 -23.09
CA PHE B 272 -46.12 -46.72 -22.34
C PHE B 272 -45.55 -45.58 -23.18
N SER B 273 -44.69 -45.89 -24.16
CA SER B 273 -44.24 -44.84 -25.08
C SER B 273 -45.39 -44.34 -25.96
N VAL B 274 -46.21 -45.27 -26.44
CA VAL B 274 -47.43 -44.92 -27.17
C VAL B 274 -48.35 -44.08 -26.28
N LEU B 275 -48.41 -44.41 -24.99
CA LEU B 275 -49.28 -43.68 -24.09
C LEU B 275 -48.77 -42.25 -23.85
N GLN B 276 -47.46 -42.06 -23.80
CA GLN B 276 -46.99 -40.68 -23.60
C GLN B 276 -47.18 -39.85 -24.86
N HIS B 277 -47.09 -40.47 -26.04
CA HIS B 277 -47.41 -39.67 -27.22
C HIS B 277 -48.91 -39.47 -27.41
N VAL B 278 -49.74 -40.30 -26.79
CA VAL B 278 -51.18 -40.01 -26.72
C VAL B 278 -51.42 -38.81 -25.81
N LEU B 279 -50.78 -38.80 -24.64
CA LEU B 279 -51.04 -37.75 -23.66
C LEU B 279 -50.47 -36.41 -24.11
N GLY B 280 -49.15 -36.33 -24.30
CA GLY B 280 -48.59 -35.09 -24.79
C GLY B 280 -47.09 -34.93 -24.56
N ALA B 281 -46.37 -34.49 -25.57
CA ALA B 281 -44.92 -34.40 -25.54
C ALA B 281 -44.50 -32.95 -25.71
N GLY B 282 -43.21 -32.75 -25.97
CA GLY B 282 -42.67 -31.47 -26.28
C GLY B 282 -43.30 -30.86 -27.52
N PRO B 283 -43.30 -29.52 -27.61
CA PRO B 283 -44.06 -28.84 -28.67
C PRO B 283 -43.44 -29.06 -30.04
N HIS B 284 -44.18 -29.72 -30.92
CA HIS B 284 -43.68 -29.96 -32.26
C HIS B 284 -43.69 -28.69 -33.09
N VAL B 285 -44.65 -27.81 -32.85
CA VAL B 285 -44.78 -26.54 -33.58
C VAL B 285 -44.34 -25.42 -32.65
N LYS B 286 -43.42 -24.59 -33.12
CA LYS B 286 -42.90 -23.51 -32.30
C LYS B 286 -43.92 -22.38 -32.21
N ARG B 287 -44.12 -21.87 -30.98
CA ARG B 287 -45.15 -20.87 -30.64
C ARG B 287 -46.55 -21.32 -31.07
N GLY B 288 -46.83 -22.60 -30.89
CA GLY B 288 -48.06 -23.20 -31.33
C GLY B 288 -49.09 -23.31 -30.22
N SER B 289 -50.12 -24.12 -30.50
CA SER B 289 -51.22 -24.31 -29.57
C SER B 289 -51.33 -25.74 -29.04
N ASN B 290 -50.64 -26.71 -29.67
CA ASN B 290 -50.61 -28.13 -29.27
C ASN B 290 -52.02 -28.73 -29.25
N ALA B 291 -52.76 -28.55 -30.35
CA ALA B 291 -54.13 -29.02 -30.42
C ALA B 291 -54.23 -30.53 -30.67
N THR B 292 -53.12 -31.23 -30.88
CA THR B 292 -53.16 -32.68 -30.97
C THR B 292 -53.01 -33.29 -29.57
N SER B 293 -52.20 -32.67 -28.72
CA SER B 293 -52.04 -33.12 -27.35
C SER B 293 -53.34 -32.98 -26.56
N SER B 294 -53.69 -34.03 -25.82
CA SER B 294 -54.97 -34.05 -25.13
C SER B 294 -54.92 -33.43 -23.75
N LEU B 295 -53.80 -33.62 -23.02
CA LEU B 295 -53.69 -33.06 -21.67
C LEU B 295 -53.72 -31.54 -21.69
N TYR B 296 -53.08 -30.93 -22.68
CA TYR B 296 -53.08 -29.48 -22.78
C TYR B 296 -54.48 -28.96 -23.08
N GLN B 297 -55.25 -29.69 -23.89
CA GLN B 297 -56.62 -29.27 -24.18
C GLN B 297 -57.52 -29.44 -22.97
N ALA B 298 -57.30 -30.50 -22.19
CA ALA B 298 -58.10 -30.71 -20.99
C ALA B 298 -57.84 -29.64 -19.94
N VAL B 299 -56.57 -29.32 -19.70
CA VAL B 299 -56.24 -28.29 -18.71
C VAL B 299 -56.62 -26.91 -19.22
N ALA B 300 -56.56 -26.70 -20.54
CA ALA B 300 -56.93 -25.40 -21.10
C ALA B 300 -58.44 -25.18 -21.06
N LYS B 301 -59.23 -26.25 -21.23
CA LYS B 301 -60.65 -26.13 -20.93
C LYS B 301 -60.87 -25.85 -19.46
N GLY B 302 -60.14 -26.54 -18.58
CA GLY B 302 -60.31 -26.33 -17.16
C GLY B 302 -59.79 -24.98 -16.69
N VAL B 303 -58.53 -24.68 -17.00
CA VAL B 303 -57.81 -23.54 -16.42
C VAL B 303 -57.49 -22.55 -17.54
N HIS B 304 -57.57 -21.25 -17.24
CA HIS B 304 -57.21 -20.19 -18.18
C HIS B 304 -56.03 -19.41 -17.60
N GLN B 305 -54.83 -19.91 -17.84
CA GLN B 305 -53.62 -19.37 -17.26
C GLN B 305 -52.48 -19.58 -18.24
N PRO B 306 -51.33 -18.95 -18.01
CA PRO B 306 -50.08 -19.43 -18.63
C PRO B 306 -49.56 -20.63 -17.88
N PHE B 307 -49.72 -21.81 -18.47
CA PHE B 307 -49.30 -23.05 -17.83
C PHE B 307 -48.55 -23.93 -18.82
N ASP B 308 -48.21 -25.14 -18.39
CA ASP B 308 -47.58 -26.12 -19.26
C ASP B 308 -47.73 -27.48 -18.62
N VAL B 309 -48.10 -28.49 -19.40
CA VAL B 309 -48.18 -29.89 -18.95
C VAL B 309 -47.51 -30.73 -20.03
N SER B 310 -46.63 -31.64 -19.62
CA SER B 310 -46.06 -32.61 -20.55
C SER B 310 -46.03 -33.97 -19.89
N ALA B 311 -45.87 -35.01 -20.71
CA ALA B 311 -45.70 -36.34 -20.16
C ALA B 311 -44.24 -36.56 -19.79
N PHE B 312 -43.96 -37.70 -19.16
CA PHE B 312 -42.62 -38.00 -18.68
C PHE B 312 -42.47 -39.51 -18.60
N ASN B 313 -41.81 -40.09 -19.60
CA ASN B 313 -41.47 -41.51 -19.62
C ASN B 313 -39.96 -41.61 -19.43
N ALA B 314 -39.55 -42.13 -18.28
CA ALA B 314 -38.15 -42.48 -18.05
C ALA B 314 -38.07 -43.99 -17.98
N SER B 315 -37.02 -44.56 -18.55
CA SER B 315 -36.93 -46.01 -18.60
C SER B 315 -35.55 -46.46 -18.20
N TYR B 316 -35.48 -47.56 -17.45
CA TYR B 316 -34.21 -48.11 -16.99
C TYR B 316 -34.28 -49.63 -17.10
N SER B 317 -33.23 -50.30 -16.63
CA SER B 317 -33.09 -51.73 -16.85
C SER B 317 -34.13 -52.53 -16.06
N ASP B 318 -34.14 -52.38 -14.75
CA ASP B 318 -35.06 -53.16 -13.93
C ASP B 318 -36.44 -52.53 -13.83
N SER B 319 -36.53 -51.21 -13.91
CA SER B 319 -37.76 -50.50 -13.65
C SER B 319 -37.87 -49.32 -14.59
N GLY B 320 -38.79 -48.42 -14.27
CA GLY B 320 -39.01 -47.27 -15.10
C GLY B 320 -40.22 -46.52 -14.60
N LEU B 321 -40.28 -45.26 -14.97
CA LEU B 321 -41.26 -44.34 -14.44
C LEU B 321 -42.10 -43.75 -15.56
N PHE B 322 -43.38 -43.58 -15.27
CA PHE B 322 -44.27 -42.86 -16.16
C PHE B 322 -45.06 -41.86 -15.35
N GLY B 323 -45.22 -40.66 -15.88
CA GLY B 323 -46.00 -39.68 -15.16
C GLY B 323 -46.18 -38.43 -15.99
N PHE B 324 -46.58 -37.36 -15.33
CA PHE B 324 -46.67 -36.08 -16.01
C PHE B 324 -45.97 -35.01 -15.18
N TYR B 325 -45.65 -33.91 -15.87
CA TYR B 325 -44.74 -32.88 -15.40
C TYR B 325 -45.33 -31.54 -15.77
N THR B 326 -45.71 -30.75 -14.77
CA THR B 326 -46.45 -29.52 -14.99
C THR B 326 -45.70 -28.32 -14.44
N ILE B 327 -45.81 -27.20 -15.14
CA ILE B 327 -45.31 -25.92 -14.70
C ILE B 327 -46.49 -24.97 -14.68
N SER B 328 -46.75 -24.36 -13.52
CA SER B 328 -47.90 -23.49 -13.43
C SER B 328 -47.57 -22.28 -12.57
N GLN B 329 -48.48 -21.30 -12.60
CA GLN B 329 -48.40 -20.19 -11.68
C GLN B 329 -48.69 -20.64 -10.26
N ALA B 330 -48.35 -19.80 -9.30
CA ALA B 330 -48.44 -20.19 -7.89
C ALA B 330 -49.86 -20.28 -7.36
N ALA B 331 -50.85 -19.80 -8.12
CA ALA B 331 -52.21 -19.70 -7.60
C ALA B 331 -52.94 -21.03 -7.65
N SER B 332 -52.95 -21.68 -8.81
CA SER B 332 -53.91 -22.75 -9.08
C SER B 332 -53.22 -23.95 -9.70
N ALA B 333 -52.13 -24.41 -9.07
CA ALA B 333 -51.51 -25.67 -9.49
C ALA B 333 -52.44 -26.85 -9.25
N GLY B 334 -53.27 -26.76 -8.21
CA GLY B 334 -54.13 -27.88 -7.86
C GLY B 334 -55.18 -28.17 -8.92
N ASP B 335 -55.77 -27.13 -9.50
CA ASP B 335 -56.75 -27.33 -10.57
C ASP B 335 -56.10 -27.95 -11.80
N VAL B 336 -54.86 -27.57 -12.08
CA VAL B 336 -54.10 -28.12 -13.19
C VAL B 336 -53.88 -29.62 -12.99
N ILE B 337 -53.38 -29.99 -11.81
CA ILE B 337 -53.04 -31.39 -11.57
C ILE B 337 -54.29 -32.26 -11.47
N LYS B 338 -55.39 -31.70 -10.92
CA LYS B 338 -56.64 -32.45 -10.87
C LYS B 338 -57.23 -32.66 -12.26
N ALA B 339 -57.17 -31.64 -13.13
CA ALA B 339 -57.69 -31.81 -14.48
C ALA B 339 -56.88 -32.82 -15.27
N ALA B 340 -55.54 -32.78 -15.13
CA ALA B 340 -54.71 -33.74 -15.83
C ALA B 340 -54.91 -35.15 -15.30
N TYR B 341 -55.14 -35.29 -14.00
CA TYR B 341 -55.33 -36.61 -13.41
C TYR B 341 -56.66 -37.20 -13.82
N ASN B 342 -57.70 -36.37 -13.90
CA ASN B 342 -58.98 -36.87 -14.40
C ASN B 342 -58.93 -37.20 -15.89
N GLN B 343 -58.11 -36.49 -16.66
CA GLN B 343 -57.95 -36.85 -18.07
C GLN B 343 -57.26 -38.19 -18.24
N VAL B 344 -56.21 -38.44 -17.44
CA VAL B 344 -55.51 -39.72 -17.55
C VAL B 344 -56.41 -40.86 -17.04
N LYS B 345 -57.22 -40.59 -16.02
CA LYS B 345 -58.18 -41.59 -15.55
C LYS B 345 -59.24 -41.91 -16.60
N THR B 346 -59.77 -40.89 -17.28
CA THR B 346 -60.82 -41.18 -18.25
C THR B 346 -60.26 -41.75 -19.55
N ILE B 347 -58.96 -41.58 -19.83
CA ILE B 347 -58.39 -42.38 -20.90
C ILE B 347 -58.18 -43.81 -20.42
N ALA B 348 -57.86 -43.99 -19.14
CA ALA B 348 -57.65 -45.34 -18.60
C ALA B 348 -58.92 -46.15 -18.53
N GLN B 349 -60.07 -45.49 -18.41
CA GLN B 349 -61.32 -46.24 -18.28
C GLN B 349 -61.95 -46.59 -19.62
N GLY B 350 -61.23 -46.43 -20.73
CA GLY B 350 -61.71 -46.86 -22.02
C GLY B 350 -62.35 -45.79 -22.88
N ASN B 351 -61.69 -44.65 -23.04
CA ASN B 351 -62.20 -43.55 -23.85
C ASN B 351 -61.06 -42.97 -24.68
N LEU B 352 -60.89 -43.47 -25.91
CA LEU B 352 -59.89 -42.96 -26.83
C LEU B 352 -60.28 -43.39 -28.24
N SER B 353 -59.58 -42.80 -29.22
CA SER B 353 -59.84 -43.04 -30.62
C SER B 353 -58.63 -43.71 -31.26
N ASN B 354 -58.88 -44.66 -32.14
CA ASN B 354 -57.79 -45.38 -32.80
C ASN B 354 -57.02 -44.56 -33.84
N PRO B 355 -57.64 -43.62 -34.59
CA PRO B 355 -56.79 -42.64 -35.30
C PRO B 355 -55.92 -41.78 -34.39
N ASP B 356 -56.32 -41.53 -33.14
CA ASP B 356 -55.39 -40.89 -32.22
C ASP B 356 -54.23 -41.83 -31.88
N VAL B 357 -54.48 -43.13 -31.85
CA VAL B 357 -53.39 -44.08 -31.64
C VAL B 357 -52.47 -44.10 -32.85
N GLN B 358 -53.01 -43.97 -34.05
CA GLN B 358 -52.17 -43.96 -35.24
C GLN B 358 -51.36 -42.66 -35.33
N ALA B 359 -51.94 -41.54 -34.92
CA ALA B 359 -51.18 -40.30 -34.84
C ALA B 359 -50.07 -40.39 -33.80
N ALA B 360 -50.35 -41.06 -32.68
CA ALA B 360 -49.32 -41.29 -31.67
C ALA B 360 -48.19 -42.18 -32.21
N LYS B 361 -48.55 -43.19 -33.01
CA LYS B 361 -47.53 -44.07 -33.56
C LYS B 361 -46.72 -43.37 -34.64
N ASN B 362 -47.33 -42.49 -35.42
CA ASN B 362 -46.55 -41.72 -36.38
C ASN B 362 -45.63 -40.74 -35.68
N LYS B 363 -46.07 -40.16 -34.56
CA LYS B 363 -45.18 -39.32 -33.76
C LYS B 363 -44.01 -40.12 -33.20
N LEU B 364 -44.27 -41.35 -32.77
CA LEU B 364 -43.21 -42.16 -32.18
C LEU B 364 -42.22 -42.64 -33.25
N LYS B 365 -42.72 -43.01 -34.43
CA LYS B 365 -41.86 -43.35 -35.56
C LYS B 365 -40.99 -42.17 -35.97
N ALA B 366 -41.58 -40.96 -36.00
CA ALA B 366 -40.80 -39.78 -36.33
C ALA B 366 -39.75 -39.49 -35.27
N GLY B 367 -40.10 -39.63 -33.99
CA GLY B 367 -39.15 -39.37 -32.93
C GLY B 367 -37.98 -40.34 -32.94
N TYR B 368 -38.25 -41.62 -33.23
CA TYR B 368 -37.16 -42.58 -33.25
C TYR B 368 -36.31 -42.44 -34.50
N LEU B 369 -36.93 -42.20 -35.66
CA LEU B 369 -36.14 -42.07 -36.87
C LEU B 369 -35.39 -40.75 -36.95
N MET B 370 -35.80 -39.74 -36.20
CA MET B 370 -35.12 -38.47 -36.25
C MET B 370 -34.34 -38.17 -34.99
N SER B 371 -34.29 -39.12 -34.06
CA SER B 371 -33.29 -39.08 -32.99
C SER B 371 -31.99 -39.74 -33.39
N VAL B 372 -31.93 -40.39 -34.55
CA VAL B 372 -30.73 -41.09 -35.00
C VAL B 372 -30.23 -40.56 -36.34
N GLU B 373 -30.60 -39.33 -36.70
CA GLU B 373 -30.05 -38.71 -37.90
C GLU B 373 -28.59 -38.34 -37.68
N SER B 374 -28.33 -37.49 -36.69
CA SER B 374 -27.03 -36.90 -36.49
C SER B 374 -26.06 -37.92 -35.88
N SER B 375 -24.86 -37.44 -35.57
CA SER B 375 -23.77 -38.31 -35.16
C SER B 375 -23.97 -38.84 -33.74
N GLU B 376 -24.10 -37.94 -32.78
CA GLU B 376 -24.05 -38.32 -31.37
C GLU B 376 -25.29 -39.10 -30.96
N GLY B 377 -26.46 -38.74 -31.49
CA GLY B 377 -27.66 -39.48 -31.18
C GLY B 377 -27.63 -40.90 -31.71
N PHE B 378 -27.09 -41.07 -32.92
CA PHE B 378 -26.93 -42.41 -33.50
C PHE B 378 -25.93 -43.24 -32.70
N LEU B 379 -24.84 -42.61 -32.29
CA LEU B 379 -23.84 -43.29 -31.46
C LEU B 379 -24.45 -43.75 -30.15
N ASP B 380 -25.21 -42.88 -29.49
CA ASP B 380 -25.82 -43.23 -28.21
C ASP B 380 -26.85 -44.34 -28.36
N GLU B 381 -27.68 -44.26 -29.40
CA GLU B 381 -28.71 -45.28 -29.62
C GLU B 381 -28.09 -46.64 -29.91
N VAL B 382 -27.15 -46.69 -30.85
CA VAL B 382 -26.52 -47.95 -31.23
C VAL B 382 -25.73 -48.54 -30.06
N GLY B 383 -25.06 -47.68 -29.29
CA GLY B 383 -24.24 -48.21 -28.21
C GLY B 383 -25.05 -48.72 -27.04
N CYS B 384 -26.08 -47.97 -26.62
CA CYS B 384 -26.93 -48.45 -25.54
C CYS B 384 -27.72 -49.68 -25.96
N GLN B 385 -28.18 -49.70 -27.22
CA GLN B 385 -28.91 -50.84 -27.76
C GLN B 385 -28.04 -52.09 -27.84
N ALA B 386 -26.75 -51.93 -28.13
CA ALA B 386 -25.87 -53.07 -28.17
C ALA B 386 -25.43 -53.49 -26.77
N LEU B 387 -25.29 -52.54 -25.86
CA LEU B 387 -24.72 -52.84 -24.56
C LEU B 387 -25.75 -53.49 -23.64
N ALA B 388 -26.97 -52.96 -23.61
CA ALA B 388 -27.96 -53.41 -22.63
C ALA B 388 -28.44 -54.83 -22.94
N ALA B 389 -29.04 -55.03 -24.11
CA ALA B 389 -29.55 -56.34 -24.47
C ALA B 389 -28.47 -57.27 -25.01
N GLY B 390 -27.22 -56.83 -25.08
CA GLY B 390 -26.14 -57.66 -25.57
C GLY B 390 -26.15 -57.97 -27.04
N SER B 391 -27.04 -57.32 -27.81
CA SER B 391 -27.20 -57.62 -29.23
C SER B 391 -27.87 -56.43 -29.90
N TYR B 392 -27.64 -56.30 -31.20
CA TYR B 392 -28.18 -55.19 -31.96
C TYR B 392 -29.52 -55.56 -32.60
N THR B 393 -30.36 -54.55 -32.78
CA THR B 393 -31.62 -54.68 -33.51
C THR B 393 -31.68 -53.56 -34.55
N PRO B 394 -31.99 -53.88 -35.80
CA PRO B 394 -31.99 -52.85 -36.86
C PRO B 394 -33.15 -51.89 -36.70
N PRO B 395 -33.08 -50.70 -37.32
CA PRO B 395 -34.16 -49.71 -37.13
C PRO B 395 -35.48 -50.08 -37.78
N SER B 396 -35.46 -50.80 -38.90
CA SER B 396 -36.69 -51.09 -39.64
C SER B 396 -37.62 -52.01 -38.86
N THR B 397 -37.06 -53.05 -38.24
CA THR B 397 -37.89 -53.90 -37.40
C THR B 397 -38.30 -53.21 -36.10
N VAL B 398 -37.57 -52.19 -35.66
CA VAL B 398 -38.04 -51.38 -34.53
C VAL B 398 -39.27 -50.59 -34.94
N LEU B 399 -39.27 -50.03 -36.16
CA LEU B 399 -40.48 -49.39 -36.68
C LEU B 399 -41.63 -50.38 -36.80
N GLN B 400 -41.32 -51.62 -37.20
CA GLN B 400 -42.34 -52.65 -37.31
C GLN B 400 -42.94 -53.01 -35.95
N GLN B 401 -42.10 -53.09 -34.92
CA GLN B 401 -42.60 -53.40 -33.59
C GLN B 401 -43.35 -52.24 -32.95
N ILE B 402 -42.98 -51.00 -33.30
CA ILE B 402 -43.80 -49.86 -32.90
C ILE B 402 -45.16 -49.92 -33.58
N ASP B 403 -45.19 -50.38 -34.84
CA ASP B 403 -46.46 -50.57 -35.53
C ASP B 403 -47.30 -51.69 -34.90
N ALA B 404 -46.66 -52.71 -34.36
CA ALA B 404 -47.38 -53.90 -33.92
C ALA B 404 -48.02 -53.76 -32.53
N VAL B 405 -47.88 -52.63 -31.86
CA VAL B 405 -48.44 -52.45 -30.53
C VAL B 405 -49.94 -52.20 -30.66
N ALA B 406 -50.73 -52.88 -29.84
CA ALA B 406 -52.18 -52.82 -29.93
C ALA B 406 -52.77 -51.84 -28.91
N ASP B 407 -54.10 -51.67 -28.96
CA ASP B 407 -54.82 -50.62 -28.26
C ASP B 407 -55.22 -51.01 -26.85
N ALA B 408 -55.58 -52.28 -26.66
CA ALA B 408 -55.85 -52.79 -25.32
C ALA B 408 -54.60 -52.73 -24.46
N ASP B 409 -53.41 -52.83 -25.07
CA ASP B 409 -52.17 -52.61 -24.35
C ASP B 409 -52.07 -51.19 -23.82
N VAL B 410 -52.53 -50.21 -24.61
CA VAL B 410 -52.50 -48.81 -24.18
C VAL B 410 -53.45 -48.59 -23.02
N ILE B 411 -54.66 -49.14 -23.13
CA ILE B 411 -55.64 -49.01 -22.05
C ILE B 411 -55.18 -49.71 -20.79
N ASN B 412 -54.51 -50.86 -20.93
CA ASN B 412 -54.01 -51.58 -19.76
C ASN B 412 -52.80 -50.89 -19.16
N ALA B 413 -52.01 -50.19 -19.97
CA ALA B 413 -50.89 -49.43 -19.41
C ALA B 413 -51.39 -48.24 -18.62
N ALA B 414 -52.42 -47.55 -19.12
CA ALA B 414 -52.98 -46.45 -18.36
C ALA B 414 -53.69 -46.93 -17.11
N LYS B 415 -54.32 -48.11 -17.17
CA LYS B 415 -54.90 -48.72 -15.99
C LYS B 415 -53.83 -49.12 -14.98
N LYS B 416 -52.64 -49.52 -15.46
CA LYS B 416 -51.55 -49.83 -14.56
C LYS B 416 -50.99 -48.56 -13.92
N PHE B 417 -51.01 -47.45 -14.65
CA PHE B 417 -50.64 -46.17 -14.05
C PHE B 417 -51.64 -45.75 -12.97
N VAL B 418 -52.93 -45.98 -13.21
CA VAL B 418 -53.94 -45.59 -12.22
C VAL B 418 -53.86 -46.48 -10.99
N SER B 419 -53.79 -47.79 -11.19
CA SER B 419 -53.82 -48.77 -10.10
C SER B 419 -52.50 -48.88 -9.35
N GLY B 420 -51.45 -48.17 -9.79
CA GLY B 420 -50.20 -48.17 -9.06
C GLY B 420 -50.13 -47.06 -8.05
N ARG B 421 -49.22 -47.21 -7.08
CA ARG B 421 -48.99 -46.16 -6.11
C ARG B 421 -48.26 -44.99 -6.75
N LYS B 422 -48.63 -43.78 -6.36
CA LYS B 422 -48.05 -42.60 -6.96
C LYS B 422 -46.74 -42.23 -6.27
N SER B 423 -46.15 -41.14 -6.74
CA SER B 423 -44.95 -40.54 -6.15
C SER B 423 -44.86 -39.13 -6.71
N MET B 424 -44.64 -38.16 -5.84
CA MET B 424 -44.73 -36.76 -6.26
C MET B 424 -43.52 -35.96 -5.81
N ALA B 425 -43.02 -35.12 -6.71
CA ALA B 425 -41.97 -34.17 -6.36
C ALA B 425 -42.40 -32.79 -6.82
N ALA B 426 -42.41 -31.83 -5.90
CA ALA B 426 -42.90 -30.50 -6.22
C ALA B 426 -41.93 -29.45 -5.71
N SER B 427 -41.83 -28.34 -6.43
CA SER B 427 -40.96 -27.25 -6.01
C SER B 427 -41.61 -25.92 -6.32
N GLY B 428 -41.28 -24.91 -5.51
CA GLY B 428 -41.76 -23.57 -5.70
C GLY B 428 -42.63 -23.11 -4.55
N ASN B 429 -43.55 -22.21 -4.87
CA ASN B 429 -44.47 -21.64 -3.87
C ASN B 429 -45.64 -22.60 -3.72
N LEU B 430 -45.55 -23.49 -2.74
CA LEU B 430 -46.39 -24.68 -2.70
C LEU B 430 -47.65 -24.50 -1.85
N GLY B 431 -48.24 -23.31 -1.86
CA GLY B 431 -49.38 -23.04 -1.01
C GLY B 431 -50.67 -23.71 -1.41
N HIS B 432 -50.80 -24.10 -2.69
CA HIS B 432 -52.04 -24.62 -3.22
C HIS B 432 -51.80 -25.87 -4.05
N THR B 433 -51.11 -26.84 -3.46
CA THR B 433 -50.77 -28.07 -4.15
C THR B 433 -51.32 -29.26 -3.37
N PRO B 434 -52.08 -30.14 -4.01
CA PRO B 434 -52.54 -31.36 -3.33
C PRO B 434 -51.39 -32.31 -3.08
N PHE B 435 -51.55 -33.15 -2.05
CA PHE B 435 -50.41 -33.95 -1.63
C PHE B 435 -50.44 -35.36 -2.22
N ILE B 436 -51.36 -36.21 -1.76
CA ILE B 436 -51.61 -37.51 -2.38
C ILE B 436 -53.11 -37.72 -2.54
N ASP B 437 -53.86 -37.54 -1.45
CA ASP B 437 -55.28 -37.87 -1.45
C ASP B 437 -56.06 -36.87 -2.28
N GLU B 438 -55.71 -35.59 -2.19
CA GLU B 438 -56.47 -34.55 -2.88
C GLU B 438 -56.10 -34.41 -4.36
N LEU B 439 -55.44 -35.40 -4.96
CA LEU B 439 -55.18 -35.39 -6.39
C LEU B 439 -56.47 -35.61 -7.17
N ILE C 2 -0.30 -11.63 -14.74
CA ILE C 2 -1.29 -10.98 -15.59
C ILE C 2 -0.65 -9.84 -16.36
N ASN C 3 -0.17 -8.83 -15.63
CA ASN C 3 0.31 -7.60 -16.21
C ASN C 3 1.57 -7.17 -15.48
N ILE C 4 2.39 -6.36 -16.15
CA ILE C 4 3.59 -5.83 -15.53
C ILE C 4 3.22 -4.81 -14.47
N ARG C 5 2.20 -3.99 -14.76
CA ARG C 5 1.95 -2.78 -13.98
C ARG C 5 1.29 -3.08 -12.64
N LYS C 6 0.39 -4.06 -12.58
CA LYS C 6 -0.42 -4.26 -11.40
C LYS C 6 0.19 -5.23 -10.41
N THR C 7 1.41 -5.71 -10.65
CA THR C 7 2.11 -6.56 -9.70
C THR C 7 3.41 -5.98 -9.20
N HIS C 8 4.07 -5.15 -10.00
CA HIS C 8 5.40 -4.67 -9.67
C HIS C 8 5.31 -3.63 -8.55
N PRO C 9 6.26 -3.64 -7.60
CA PRO C 9 6.12 -2.74 -6.45
C PRO C 9 6.31 -1.26 -6.76
N LEU C 10 7.11 -0.93 -7.78
CA LEU C 10 7.17 0.47 -8.20
C LEU C 10 5.94 0.85 -9.02
N MET C 11 5.53 -0.02 -9.93
CA MET C 11 4.45 0.36 -10.82
C MET C 11 3.09 0.31 -10.16
N LYS C 12 2.95 -0.26 -8.96
CA LYS C 12 1.72 -0.05 -8.20
C LYS C 12 1.65 1.38 -7.69
N ILE C 13 2.79 1.95 -7.30
CA ILE C 13 2.82 3.35 -6.88
C ILE C 13 2.55 4.26 -8.07
N VAL C 14 3.19 3.96 -9.21
CA VAL C 14 2.95 4.75 -10.42
C VAL C 14 1.52 4.54 -10.93
N ASN C 15 0.93 3.37 -10.66
CA ASN C 15 -0.44 3.11 -11.08
C ASN C 15 -1.43 3.86 -10.22
N ASN C 16 -1.22 3.89 -8.90
CA ASN C 16 -2.10 4.64 -8.04
C ASN C 16 -1.80 6.13 -8.02
N ALA C 17 -0.74 6.57 -8.70
CA ALA C 17 -0.51 8.00 -8.88
C ALA C 17 -0.95 8.51 -10.24
N PHE C 18 -0.40 7.96 -11.32
CA PHE C 18 -0.43 8.62 -12.61
C PHE C 18 -1.29 7.93 -13.66
N ILE C 19 -1.68 6.68 -13.46
CA ILE C 19 -2.39 5.98 -14.54
C ILE C 19 -3.84 5.72 -14.19
N ASP C 20 -4.10 4.94 -13.13
CA ASP C 20 -5.46 4.56 -12.80
C ASP C 20 -5.94 5.21 -11.52
N LEU C 21 -5.40 6.37 -11.21
CA LEU C 21 -5.98 7.20 -10.17
C LEU C 21 -7.35 7.70 -10.62
N PRO C 22 -8.41 7.45 -9.86
CA PRO C 22 -9.70 8.00 -10.25
C PRO C 22 -9.80 9.48 -9.96
N ALA C 23 -9.78 10.26 -10.96
CA ALA C 23 -9.93 11.70 -10.81
C ALA C 23 -11.31 12.12 -11.29
N PRO C 24 -11.88 13.19 -10.75
CA PRO C 24 -13.21 13.62 -11.18
C PRO C 24 -13.19 14.16 -12.60
N SER C 25 -14.33 14.04 -13.28
CA SER C 25 -14.46 14.46 -14.67
C SER C 25 -14.89 15.90 -14.81
N ASN C 26 -14.60 16.73 -13.83
CA ASN C 26 -15.18 18.06 -13.80
C ASN C 26 -14.16 19.16 -13.54
N ILE C 27 -12.93 18.82 -13.14
CA ILE C 27 -12.04 19.85 -12.60
C ILE C 27 -11.56 20.76 -13.72
N SER C 28 -11.65 22.06 -13.46
CA SER C 28 -11.33 23.10 -14.43
C SER C 28 -9.84 23.34 -14.50
N SER C 29 -9.44 24.45 -15.12
CA SER C 29 -8.02 24.76 -15.24
C SER C 29 -7.37 25.09 -13.92
N TRP C 30 -8.14 25.41 -12.89
CA TRP C 30 -7.58 25.73 -11.58
C TRP C 30 -6.97 24.53 -10.89
N TRP C 31 -7.33 23.31 -11.31
CA TRP C 31 -6.69 22.08 -10.85
C TRP C 31 -5.52 21.68 -11.72
N ASN C 32 -4.89 22.62 -12.41
CA ASN C 32 -3.61 22.34 -13.06
C ASN C 32 -2.42 22.79 -12.25
N PHE C 33 -2.63 23.65 -11.25
CA PHE C 33 -1.51 24.26 -10.57
C PHE C 33 -0.82 23.31 -9.60
N GLY C 34 -1.40 22.15 -9.31
CA GLY C 34 -0.63 21.12 -8.62
C GLY C 34 0.54 20.65 -9.45
N SER C 35 0.27 20.25 -10.70
CA SER C 35 1.33 19.83 -11.59
C SER C 35 2.23 20.99 -11.99
N LEU C 36 1.70 22.20 -12.03
CA LEU C 36 2.55 23.34 -12.36
C LEU C 36 3.50 23.67 -11.23
N LEU C 37 3.06 23.53 -9.97
CA LEU C 37 3.99 23.69 -8.87
C LEU C 37 5.01 22.57 -8.83
N GLY C 38 4.63 21.35 -9.21
CA GLY C 38 5.60 20.27 -9.26
C GLY C 38 6.67 20.48 -10.33
N ILE C 39 6.25 20.92 -11.51
CA ILE C 39 7.18 21.14 -12.60
C ILE C 39 8.06 22.37 -12.30
N CYS C 40 7.48 23.42 -11.71
CA CYS C 40 8.29 24.55 -11.26
C CYS C 40 9.28 24.14 -10.18
N LEU C 41 8.90 23.20 -9.31
CA LEU C 41 9.80 22.81 -8.24
C LEU C 41 10.98 22.02 -8.77
N ILE C 42 10.73 21.10 -9.71
CA ILE C 42 11.86 20.36 -10.25
C ILE C 42 12.69 21.25 -11.18
N LEU C 43 12.08 22.27 -11.78
CA LEU C 43 12.85 23.20 -12.61
C LEU C 43 13.72 24.10 -11.75
N GLN C 44 13.21 24.53 -10.60
CA GLN C 44 14.03 25.26 -9.65
C GLN C 44 15.19 24.44 -9.16
N ILE C 45 14.93 23.16 -8.85
CA ILE C 45 16.00 22.28 -8.35
C ILE C 45 17.09 22.09 -9.39
N LEU C 46 16.72 21.90 -10.65
CA LEU C 46 17.72 21.65 -11.68
C LEU C 46 18.52 22.91 -12.01
N THR C 47 17.84 24.02 -12.29
CA THR C 47 18.56 25.23 -12.67
C THR C 47 19.35 25.81 -11.51
N GLY C 48 18.82 25.69 -10.29
CA GLY C 48 19.59 26.07 -9.14
C GLY C 48 20.78 25.17 -8.92
N LEU C 49 20.68 23.90 -9.30
CA LEU C 49 21.84 23.02 -9.16
C LEU C 49 22.96 23.44 -10.09
N PHE C 50 22.60 23.93 -11.28
CA PHE C 50 23.66 24.42 -12.17
C PHE C 50 24.26 25.72 -11.64
N LEU C 51 23.41 26.62 -11.12
CA LEU C 51 23.92 27.84 -10.49
C LEU C 51 24.81 27.53 -9.29
N ALA C 52 24.45 26.52 -8.51
CA ALA C 52 25.30 26.13 -7.39
C ALA C 52 26.57 25.46 -7.84
N MET C 53 26.60 24.89 -9.04
CA MET C 53 27.89 24.46 -9.57
C MET C 53 28.77 25.64 -9.95
N HIS C 54 28.21 26.80 -10.25
CA HIS C 54 29.07 27.92 -10.61
C HIS C 54 29.17 29.03 -9.56
N TYR C 55 28.96 28.73 -8.29
CA TYR C 55 28.82 29.76 -7.26
C TYR C 55 29.82 29.57 -6.12
N THR C 56 30.39 30.67 -5.62
CA THR C 56 31.31 30.63 -4.50
C THR C 56 30.76 31.41 -3.31
N PRO C 57 30.19 30.74 -2.32
CA PRO C 57 29.54 31.45 -1.21
C PRO C 57 30.48 32.06 -0.18
N ASP C 58 30.95 33.28 -0.45
CA ASP C 58 31.65 34.06 0.56
C ASP C 58 31.35 35.53 0.32
N THR C 59 31.32 36.32 1.40
CA THR C 59 30.97 37.73 1.30
C THR C 59 31.98 38.57 0.54
N THR C 60 33.18 38.04 0.29
CA THR C 60 34.11 38.75 -0.59
C THR C 60 33.73 38.56 -2.05
N THR C 61 33.43 37.33 -2.45
CA THR C 61 33.42 36.96 -3.86
C THR C 61 32.07 36.45 -4.35
N ALA C 62 30.99 36.64 -3.60
CA ALA C 62 29.69 36.12 -4.04
C ALA C 62 29.17 36.90 -5.23
N PHE C 63 29.19 38.23 -5.13
CA PHE C 63 28.69 39.07 -6.21
C PHE C 63 29.58 38.99 -7.43
N SER C 64 30.90 38.87 -7.20
CA SER C 64 31.85 38.65 -8.29
C SER C 64 31.59 37.32 -8.99
N SER C 65 31.28 36.27 -8.22
CA SER C 65 31.01 34.96 -8.83
C SER C 65 29.70 34.96 -9.60
N VAL C 66 28.70 35.67 -9.11
CA VAL C 66 27.43 35.76 -9.83
C VAL C 66 27.60 36.54 -11.13
N THR C 67 28.41 37.60 -11.09
CA THR C 67 28.74 38.33 -12.31
C THR C 67 29.54 37.46 -13.28
N HIS C 68 30.41 36.60 -12.73
CA HIS C 68 31.12 35.64 -13.54
C HIS C 68 30.19 34.64 -14.21
N ILE C 69 29.11 34.26 -13.53
CA ILE C 69 28.11 33.39 -14.13
C ILE C 69 27.39 34.12 -15.26
N CYS C 70 26.93 35.32 -14.99
CA CYS C 70 26.11 36.03 -15.97
C CYS C 70 26.92 36.66 -17.09
N ARG C 71 28.24 36.60 -17.05
CA ARG C 71 29.02 37.06 -18.18
C ARG C 71 29.81 35.92 -18.84
N ASP C 72 30.57 35.17 -18.07
CA ASP C 72 31.64 34.37 -18.64
C ASP C 72 31.23 32.93 -18.92
N VAL C 73 30.47 32.30 -18.02
CA VAL C 73 30.00 30.95 -18.25
C VAL C 73 28.94 30.99 -19.34
N ASN C 74 29.00 30.03 -20.27
CA ASN C 74 28.00 29.90 -21.32
C ASN C 74 26.63 29.68 -20.72
N TYR C 75 25.67 30.50 -21.14
CA TYR C 75 24.24 30.42 -20.82
C TYR C 75 23.92 30.54 -19.33
N GLY C 76 24.89 31.01 -18.53
CA GLY C 76 24.62 31.22 -17.11
C GLY C 76 23.58 32.30 -16.88
N TRP C 77 23.47 33.25 -17.82
CA TRP C 77 22.47 34.31 -17.70
C TRP C 77 21.06 33.77 -17.87
N ILE C 78 20.84 32.86 -18.83
CA ILE C 78 19.49 32.30 -18.93
C ILE C 78 19.22 31.33 -17.80
N ILE C 79 20.23 30.63 -17.28
CA ILE C 79 19.92 29.72 -16.18
C ILE C 79 19.63 30.51 -14.89
N ARG C 80 20.33 31.62 -14.68
CA ARG C 80 20.06 32.46 -13.53
C ARG C 80 18.69 33.14 -13.65
N TYR C 81 18.32 33.57 -14.85
CA TYR C 81 17.03 34.19 -15.03
C TYR C 81 15.89 33.18 -14.92
N MET C 82 16.11 31.95 -15.38
CA MET C 82 15.15 30.87 -15.12
C MET C 82 14.96 30.66 -13.64
N HIS C 83 16.04 30.70 -12.86
CA HIS C 83 15.91 30.46 -11.43
C HIS C 83 15.11 31.57 -10.74
N ALA C 84 15.42 32.83 -11.05
CA ALA C 84 14.74 33.94 -10.37
C ALA C 84 13.28 34.07 -10.81
N ASN C 85 13.03 34.13 -12.12
CA ASN C 85 11.65 34.24 -12.54
C ASN C 85 10.87 32.95 -12.34
N GLY C 86 11.54 31.81 -12.19
CA GLY C 86 10.85 30.61 -11.81
C GLY C 86 10.43 30.64 -10.37
N ALA C 87 11.19 31.32 -9.52
CA ALA C 87 10.70 31.61 -8.17
C ALA C 87 9.45 32.48 -8.21
N SER C 88 9.45 33.49 -9.08
CA SER C 88 8.28 34.38 -9.17
C SER C 88 7.04 33.63 -9.67
N MET C 89 7.19 32.83 -10.74
CA MET C 89 6.06 32.06 -11.23
C MET C 89 5.68 30.93 -10.29
N PHE C 90 6.64 30.45 -9.49
CA PHE C 90 6.35 29.47 -8.46
C PHE C 90 5.41 30.04 -7.42
N PHE C 91 5.63 31.29 -7.00
CA PHE C 91 4.69 31.84 -6.04
C PHE C 91 3.39 32.32 -6.67
N ILE C 92 3.38 32.68 -7.95
CA ILE C 92 2.09 32.89 -8.64
C ILE C 92 1.24 31.63 -8.61
N CYS C 93 1.83 30.50 -9.00
CA CYS C 93 1.04 29.27 -9.02
C CYS C 93 0.74 28.76 -7.62
N LEU C 94 1.57 29.11 -6.62
CA LEU C 94 1.26 28.72 -5.26
C LEU C 94 0.08 29.51 -4.71
N PHE C 95 0.01 30.81 -4.97
CA PHE C 95 -1.15 31.54 -4.48
C PHE C 95 -2.41 31.23 -5.28
N MET C 96 -2.28 30.81 -6.55
CA MET C 96 -3.48 30.36 -7.25
C MET C 96 -3.96 29.01 -6.74
N HIS C 97 -3.01 28.13 -6.38
CA HIS C 97 -3.33 26.85 -5.75
C HIS C 97 -4.05 27.04 -4.42
N VAL C 98 -3.57 27.96 -3.59
CA VAL C 98 -4.22 28.23 -2.31
C VAL C 98 -5.58 28.88 -2.52
N GLY C 99 -5.69 29.78 -3.51
CA GLY C 99 -6.97 30.42 -3.77
C GLY C 99 -8.03 29.45 -4.24
N ARG C 100 -7.64 28.48 -5.07
CA ARG C 100 -8.53 27.38 -5.43
C ARG C 100 -8.98 26.63 -4.19
N GLY C 101 -8.01 26.16 -3.39
CA GLY C 101 -8.32 25.33 -2.24
C GLY C 101 -9.11 26.02 -1.16
N LEU C 102 -9.09 27.35 -1.14
CA LEU C 102 -9.89 28.10 -0.20
C LEU C 102 -11.27 28.44 -0.76
N TYR C 103 -11.36 28.70 -2.06
CA TYR C 103 -12.63 29.11 -2.63
C TYR C 103 -13.59 27.93 -2.82
N TYR C 104 -13.09 26.80 -3.32
CA TYR C 104 -13.99 25.69 -3.62
C TYR C 104 -14.25 24.77 -2.45
N GLY C 105 -14.03 25.23 -1.23
CA GLY C 105 -14.34 24.43 -0.05
C GLY C 105 -13.51 23.19 0.12
N SER C 106 -12.29 23.18 -0.40
CA SER C 106 -11.42 22.02 -0.22
C SER C 106 -10.66 22.07 1.10
N TYR C 107 -10.93 23.06 1.93
CA TYR C 107 -10.39 23.13 3.27
C TYR C 107 -11.22 22.36 4.27
N THR C 108 -12.20 21.59 3.82
CA THR C 108 -12.81 20.60 4.69
C THR C 108 -11.89 19.41 4.90
N PHE C 109 -10.92 19.22 4.03
CA PHE C 109 -9.83 18.29 4.29
C PHE C 109 -8.99 18.87 5.41
N LEU C 110 -8.56 18.04 6.36
CA LEU C 110 -7.84 18.58 7.49
C LEU C 110 -6.34 18.38 7.35
N GLU C 111 -5.91 17.13 7.23
CA GLU C 111 -4.48 16.83 7.29
C GLU C 111 -3.75 17.27 6.03
N THR C 112 -4.42 17.19 4.87
CA THR C 112 -3.83 17.71 3.64
C THR C 112 -3.67 19.22 3.73
N TRP C 113 -4.63 19.89 4.37
CA TRP C 113 -4.57 21.33 4.51
C TRP C 113 -3.46 21.76 5.45
N ASN C 114 -3.26 21.02 6.54
CA ASN C 114 -2.21 21.40 7.48
C ASN C 114 -0.82 21.14 6.90
N ILE C 115 -0.64 20.02 6.19
CA ILE C 115 0.65 19.78 5.53
C ILE C 115 0.86 20.80 4.41
N GLY C 116 -0.23 21.27 3.81
CA GLY C 116 -0.13 22.38 2.87
C GLY C 116 0.43 23.63 3.51
N VAL C 117 -0.11 24.04 4.65
CA VAL C 117 0.36 25.27 5.30
C VAL C 117 1.83 25.13 5.75
N ILE C 118 2.24 23.94 6.16
CA ILE C 118 3.64 23.72 6.49
C ILE C 118 4.53 23.85 5.25
N LEU C 119 4.03 23.38 4.10
CA LEU C 119 4.74 23.62 2.84
C LEU C 119 4.82 25.09 2.48
N LEU C 120 3.79 25.87 2.82
CA LEU C 120 3.83 27.31 2.55
C LEU C 120 4.90 27.99 3.38
N PHE C 121 4.98 27.66 4.68
CA PHE C 121 6.06 28.14 5.53
C PHE C 121 7.43 27.79 4.96
N ALA C 122 7.58 26.54 4.50
CA ALA C 122 8.89 26.08 4.03
C ALA C 122 9.31 26.79 2.75
N THR C 123 8.37 26.97 1.81
CA THR C 123 8.71 27.64 0.56
C THR C 123 9.00 29.12 0.78
N MET C 124 8.30 29.77 1.71
CA MET C 124 8.58 31.17 1.97
C MET C 124 9.94 31.37 2.62
N ALA C 125 10.30 30.50 3.58
CA ALA C 125 11.63 30.62 4.20
C ALA C 125 12.74 30.29 3.20
N THR C 126 12.51 29.31 2.33
CA THR C 126 13.50 28.94 1.32
C THR C 126 13.73 30.07 0.33
N ALA C 127 12.64 30.69 -0.15
CA ALA C 127 12.80 31.76 -1.12
C ALA C 127 13.40 33.01 -0.50
N PHE C 128 13.17 33.24 0.80
CA PHE C 128 13.86 34.37 1.42
C PHE C 128 15.36 34.11 1.56
N MET C 129 15.76 32.90 1.94
CA MET C 129 17.20 32.62 2.06
C MET C 129 17.89 32.70 0.70
N GLY C 130 17.21 32.23 -0.35
CA GLY C 130 17.74 32.39 -1.68
C GLY C 130 17.83 33.83 -2.12
N TYR C 131 16.88 34.67 -1.69
CA TYR C 131 16.99 36.08 -2.01
C TYR C 131 18.09 36.77 -1.23
N VAL C 132 18.49 36.21 -0.09
CA VAL C 132 19.68 36.74 0.59
C VAL C 132 20.95 36.40 -0.17
N LEU C 133 21.03 35.19 -0.72
CA LEU C 133 22.22 34.70 -1.45
C LEU C 133 22.96 35.55 -2.50
N PRO C 134 22.34 36.41 -3.33
CA PRO C 134 23.14 37.16 -4.31
C PRO C 134 24.04 38.21 -3.71
N TRP C 135 23.80 38.59 -2.45
CA TRP C 135 24.65 39.48 -1.66
C TRP C 135 24.70 40.87 -2.30
N GLY C 136 23.51 41.39 -2.60
CA GLY C 136 23.35 42.78 -2.96
C GLY C 136 22.93 43.61 -1.77
N GLN C 137 22.61 44.87 -2.05
CA GLN C 137 22.26 45.81 -0.99
C GLN C 137 20.91 45.45 -0.38
N MET C 138 19.95 45.09 -1.24
CA MET C 138 18.62 44.71 -0.79
C MET C 138 18.66 43.39 -0.03
N SER C 139 19.52 42.47 -0.45
CA SER C 139 19.67 41.19 0.26
C SER C 139 20.28 41.42 1.64
N PHE C 140 21.28 42.29 1.72
CA PHE C 140 21.92 42.60 3.00
C PHE C 140 20.93 43.18 3.99
N TRP C 141 20.18 44.21 3.56
CA TRP C 141 19.27 44.82 4.51
C TRP C 141 18.03 43.97 4.76
N GLY C 142 17.63 43.12 3.81
CA GLY C 142 16.54 42.20 4.07
C GLY C 142 16.89 41.17 5.11
N ALA C 143 18.11 40.62 5.03
CA ALA C 143 18.60 39.70 6.05
C ALA C 143 18.68 40.37 7.42
N THR C 144 19.18 41.61 7.46
CA THR C 144 19.32 42.33 8.73
C THR C 144 17.96 42.58 9.38
N VAL C 145 17.00 43.07 8.61
CA VAL C 145 15.73 43.47 9.18
C VAL C 145 14.89 42.26 9.57
N ILE C 146 14.94 41.18 8.78
CA ILE C 146 14.14 40.02 9.19
C ILE C 146 14.80 39.27 10.34
N THR C 147 16.13 39.32 10.46
CA THR C 147 16.72 38.71 11.63
C THR C 147 16.44 39.51 12.89
N ASN C 148 16.34 40.84 12.78
CA ASN C 148 15.90 41.59 13.95
C ASN C 148 14.42 41.41 14.24
N LEU C 149 13.61 41.11 13.21
CA LEU C 149 12.22 40.70 13.43
C LEU C 149 12.14 39.41 14.23
N LEU C 150 13.08 38.49 13.98
CA LEU C 150 13.16 37.34 14.88
C LEU C 150 13.65 37.74 16.26
N SER C 151 14.41 38.82 16.37
CA SER C 151 14.84 39.29 17.69
C SER C 151 13.77 40.08 18.43
N ALA C 152 12.63 40.34 17.80
CA ALA C 152 11.58 41.13 18.44
C ALA C 152 11.00 40.46 19.67
N ILE C 153 10.96 39.13 19.70
CA ILE C 153 10.27 38.40 20.77
C ILE C 153 11.11 38.46 22.04
N PRO C 154 10.54 38.86 23.17
CA PRO C 154 11.30 38.87 24.43
C PRO C 154 11.57 37.45 24.92
N TYR C 155 12.65 37.32 25.70
CA TYR C 155 13.08 36.16 26.48
C TYR C 155 13.61 35.02 25.60
N ILE C 156 13.46 35.12 24.28
CA ILE C 156 13.93 34.08 23.37
C ILE C 156 14.80 34.73 22.30
N GLY C 157 14.50 35.98 21.98
CA GLY C 157 14.91 36.59 20.72
C GLY C 157 16.38 36.88 20.51
N THR C 158 16.98 37.69 21.40
CA THR C 158 18.29 38.27 21.13
C THR C 158 19.38 37.21 21.11
N ASN C 159 19.29 36.22 21.99
CA ASN C 159 20.21 35.10 21.96
C ASN C 159 20.03 34.25 20.71
N LEU C 160 18.78 34.04 20.30
CA LEU C 160 18.48 33.29 19.09
C LEU C 160 19.00 33.98 17.84
N VAL C 161 19.02 35.29 17.85
CA VAL C 161 19.39 36.07 16.68
C VAL C 161 20.88 36.31 16.61
N GLU C 162 21.56 36.47 17.75
CA GLU C 162 23.01 36.37 17.72
C GLU C 162 23.47 34.95 17.47
N TRP C 163 22.60 33.95 17.66
CA TRP C 163 22.91 32.58 17.33
C TRP C 163 22.83 32.32 15.83
N ILE C 164 21.79 32.82 15.17
CA ILE C 164 21.70 32.59 13.72
C ILE C 164 22.36 33.70 12.90
N TRP C 165 22.83 34.77 13.52
CA TRP C 165 23.65 35.75 12.82
C TRP C 165 24.98 35.18 12.36
N GLY C 166 25.50 34.19 13.06
CA GLY C 166 26.86 33.76 12.80
C GLY C 166 27.87 34.80 13.23
N GLY C 167 27.62 35.46 14.34
CA GLY C 167 28.46 36.53 14.80
C GLY C 167 27.62 37.59 15.50
N PHE C 168 27.90 38.85 15.17
CA PHE C 168 27.16 39.97 15.71
C PHE C 168 26.52 40.84 14.66
N SER C 169 26.74 40.54 13.38
CA SER C 169 26.06 41.20 12.28
C SER C 169 25.96 40.19 11.13
N VAL C 170 25.71 40.69 9.92
CA VAL C 170 25.61 39.83 8.76
C VAL C 170 27.03 39.66 8.22
N ASP C 171 27.70 38.62 8.71
CA ASP C 171 29.10 38.35 8.40
C ASP C 171 29.17 37.28 7.31
N LYS C 172 30.38 36.73 7.09
CA LYS C 172 30.58 35.59 6.19
C LYS C 172 29.69 34.42 6.55
N ALA C 173 29.61 34.12 7.85
CA ALA C 173 28.90 32.94 8.32
C ALA C 173 27.42 33.02 8.00
N THR C 174 26.84 34.22 7.95
CA THR C 174 25.43 34.34 7.61
C THR C 174 25.18 33.96 6.15
N LEU C 175 26.07 34.39 5.27
CA LEU C 175 25.95 34.05 3.85
C LEU C 175 26.14 32.56 3.64
N THR C 176 27.07 31.95 4.36
CA THR C 176 27.27 30.50 4.19
C THR C 176 26.12 29.69 4.81
N ARG C 177 25.59 30.13 5.96
CA ARG C 177 24.43 29.45 6.55
C ARG C 177 23.23 29.52 5.62
N PHE C 178 22.98 30.67 5.02
CA PHE C 178 21.81 30.77 4.16
C PHE C 178 22.03 30.05 2.85
N PHE C 179 23.30 29.94 2.39
CA PHE C 179 23.57 29.09 1.24
C PHE C 179 23.24 27.64 1.53
N ALA C 180 23.64 27.14 2.70
CA ALA C 180 23.40 25.74 3.02
C ALA C 180 21.92 25.46 3.23
N PHE C 181 21.20 26.35 3.90
CA PHE C 181 19.79 26.05 4.14
C PHE C 181 18.94 26.25 2.89
N HIS C 182 19.28 27.24 2.05
CA HIS C 182 18.60 27.35 0.77
C HIS C 182 18.93 26.19 -0.13
N PHE C 183 20.09 25.58 0.05
CA PHE C 183 20.53 24.50 -0.79
C PHE C 183 20.08 23.14 -0.26
N ILE C 184 19.47 23.09 0.93
CA ILE C 184 18.89 21.84 1.40
C ILE C 184 17.36 21.86 1.47
N PHE C 185 16.73 22.99 1.83
CA PHE C 185 15.28 22.99 2.11
C PHE C 185 14.33 22.56 0.98
N PRO C 186 14.59 22.76 -0.33
CA PRO C 186 13.64 22.23 -1.31
C PRO C 186 13.55 20.72 -1.38
N PHE C 187 14.53 19.97 -0.89
CA PHE C 187 14.37 18.53 -0.83
C PHE C 187 13.37 18.14 0.26
N ILE C 188 13.38 18.86 1.38
CA ILE C 188 12.37 18.70 2.42
C ILE C 188 11.01 19.12 1.89
N ILE C 189 10.98 20.15 1.05
CA ILE C 189 9.74 20.57 0.40
C ILE C 189 9.22 19.49 -0.53
N ALA C 190 10.11 18.79 -1.23
CA ALA C 190 9.70 17.68 -2.10
C ALA C 190 9.16 16.50 -1.28
N ALA C 191 9.78 16.21 -0.14
CA ALA C 191 9.29 15.13 0.70
C ALA C 191 7.91 15.45 1.31
N LEU C 192 7.74 16.68 1.80
CA LEU C 192 6.42 17.05 2.30
C LEU C 192 5.39 17.20 1.18
N ALA C 193 5.82 17.48 -0.05
CA ALA C 193 4.90 17.44 -1.17
C ALA C 193 4.44 16.02 -1.45
N MET C 194 5.35 15.04 -1.29
CA MET C 194 4.94 13.64 -1.40
C MET C 194 3.95 13.26 -0.30
N VAL C 195 4.15 13.78 0.91
CA VAL C 195 3.22 13.48 2.01
C VAL C 195 1.85 14.12 1.77
N HIS C 196 1.86 15.37 1.30
CA HIS C 196 0.67 16.10 0.85
C HIS C 196 -0.11 15.30 -0.18
N LEU C 197 0.58 14.83 -1.21
CA LEU C 197 -0.05 14.06 -2.27
C LEU C 197 -0.53 12.70 -1.76
N LEU C 198 0.15 12.14 -0.76
CA LEU C 198 -0.28 10.87 -0.17
C LEU C 198 -1.61 11.01 0.55
N PHE C 199 -1.76 12.04 1.38
CA PHE C 199 -3.04 12.23 2.05
C PHE C 199 -4.15 12.58 1.06
N LEU C 200 -3.81 13.26 -0.03
CA LEU C 200 -4.82 13.50 -1.08
C LEU C 200 -5.31 12.19 -1.69
N HIS C 201 -4.37 11.34 -2.14
CA HIS C 201 -4.75 10.06 -2.72
C HIS C 201 -5.41 9.13 -1.72
N GLU C 202 -5.21 9.36 -0.43
CA GLU C 202 -6.06 8.71 0.56
C GLU C 202 -7.50 9.18 0.43
N THR C 203 -7.73 10.49 0.55
CA THR C 203 -9.11 10.97 0.61
C THR C 203 -9.79 10.92 -0.75
N GLY C 204 -9.26 11.66 -1.73
CA GLY C 204 -9.93 11.80 -3.01
C GLY C 204 -10.16 13.25 -3.33
N SER C 205 -10.15 13.61 -4.61
CA SER C 205 -10.07 15.00 -5.02
C SER C 205 -11.43 15.69 -4.91
N ASN C 206 -11.50 16.91 -5.43
CA ASN C 206 -12.67 17.75 -5.35
C ASN C 206 -13.11 18.08 -6.78
N ASN C 207 -14.06 19.00 -6.92
CA ASN C 207 -14.64 19.39 -8.20
C ASN C 207 -15.26 20.77 -8.02
N PRO C 208 -15.53 21.51 -9.11
CA PRO C 208 -16.10 22.85 -8.96
C PRO C 208 -17.49 22.92 -8.36
N THR C 209 -18.23 21.81 -8.26
CA THR C 209 -19.54 21.90 -7.65
C THR C 209 -19.47 21.69 -6.14
N GLY C 210 -18.47 20.97 -5.65
CA GLY C 210 -18.44 20.57 -4.27
C GLY C 210 -19.25 19.34 -3.94
N ILE C 211 -20.14 18.92 -4.83
CA ILE C 211 -20.82 17.63 -4.71
C ILE C 211 -19.78 16.52 -4.83
N PRO C 212 -19.81 15.50 -3.98
CA PRO C 212 -18.87 14.38 -4.14
C PRO C 212 -19.14 13.61 -5.42
N SER C 213 -18.06 13.37 -6.18
CA SER C 213 -18.13 12.89 -7.55
C SER C 213 -17.84 11.41 -7.65
N ASP C 214 -18.33 10.61 -6.70
CA ASP C 214 -18.04 9.18 -6.64
C ASP C 214 -18.61 8.39 -7.82
N THR C 215 -19.53 8.96 -8.58
CA THR C 215 -20.12 8.27 -9.71
C THR C 215 -19.34 8.44 -11.00
N ASP C 216 -18.61 9.54 -11.15
CA ASP C 216 -18.10 9.93 -12.46
C ASP C 216 -16.59 10.17 -12.41
N LYS C 217 -15.86 9.23 -11.82
CA LYS C 217 -14.42 9.30 -11.87
C LYS C 217 -13.93 8.83 -13.22
N ILE C 218 -12.98 9.56 -13.81
CA ILE C 218 -12.33 9.12 -15.02
C ILE C 218 -10.86 8.90 -14.68
N PRO C 219 -10.14 8.01 -15.37
CA PRO C 219 -8.75 7.77 -15.00
C PRO C 219 -7.87 8.96 -15.37
N PHE C 220 -6.76 9.07 -14.66
CA PHE C 220 -5.88 10.23 -14.80
C PHE C 220 -5.20 10.24 -16.15
N HIS C 221 -4.69 9.11 -16.57
CA HIS C 221 -4.09 8.90 -17.88
C HIS C 221 -5.13 8.33 -18.84
N PRO C 222 -5.20 8.79 -20.08
CA PRO C 222 -4.43 9.88 -20.68
C PRO C 222 -5.26 11.13 -20.94
N TYR C 223 -6.11 11.53 -19.98
CA TYR C 223 -6.84 12.78 -20.11
C TYR C 223 -6.13 13.93 -19.40
N TYR C 224 -5.95 13.79 -18.09
CA TYR C 224 -5.33 14.87 -17.34
C TYR C 224 -3.82 14.93 -17.54
N THR C 225 -3.20 13.88 -18.07
CA THR C 225 -1.77 13.97 -18.37
C THR C 225 -1.52 14.94 -19.51
N ILE C 226 -2.30 14.83 -20.58
CA ILE C 226 -2.14 15.80 -21.66
C ILE C 226 -2.71 17.16 -21.26
N LYS C 227 -3.66 17.20 -20.33
CA LYS C 227 -4.09 18.50 -19.81
C LYS C 227 -2.98 19.20 -19.02
N ASP C 228 -2.21 18.43 -18.26
CA ASP C 228 -1.09 19.02 -17.53
C ASP C 228 0.10 19.31 -18.43
N ILE C 229 0.27 18.57 -19.52
CA ILE C 229 1.26 18.95 -20.52
C ILE C 229 0.90 20.29 -21.15
N LEU C 230 -0.39 20.50 -21.44
CA LEU C 230 -0.86 21.78 -21.95
C LEU C 230 -0.61 22.91 -20.97
N GLY C 231 -0.92 22.67 -19.69
CA GLY C 231 -0.63 23.65 -18.65
C GLY C 231 0.85 23.93 -18.50
N ALA C 232 1.69 22.91 -18.65
CA ALA C 232 3.12 23.09 -18.55
C ALA C 232 3.68 23.89 -19.71
N ILE C 233 3.15 23.67 -20.92
CA ILE C 233 3.61 24.46 -22.06
C ILE C 233 3.20 25.92 -21.91
N LEU C 234 1.99 26.18 -21.39
CA LEU C 234 1.60 27.57 -21.11
C LEU C 234 2.48 28.20 -20.05
N LEU C 235 2.81 27.46 -19.00
CA LEU C 235 3.68 28.01 -17.96
C LEU C 235 5.09 28.27 -18.47
N ILE C 236 5.63 27.36 -19.27
CA ILE C 236 6.99 27.56 -19.77
C ILE C 236 7.04 28.71 -20.75
N LEU C 237 5.97 28.94 -21.52
CA LEU C 237 6.03 30.09 -22.42
C LEU C 237 5.91 31.40 -21.65
N ILE C 238 5.12 31.43 -20.57
CA ILE C 238 5.06 32.65 -19.76
C ILE C 238 6.39 32.90 -19.07
N LEU C 239 6.98 31.84 -18.50
CA LEU C 239 8.27 31.96 -17.81
C LEU C 239 9.38 32.38 -18.76
N MET C 240 9.39 31.83 -19.96
CA MET C 240 10.45 32.10 -20.90
C MET C 240 10.28 33.46 -21.59
N LEU C 241 9.05 33.90 -21.87
CA LEU C 241 8.87 35.26 -22.33
C LEU C 241 9.26 36.27 -21.27
N LEU C 242 9.03 35.92 -20.00
CA LEU C 242 9.44 36.80 -18.92
C LEU C 242 10.96 36.87 -18.80
N VAL C 243 11.66 35.75 -19.04
CA VAL C 243 13.12 35.80 -18.95
C VAL C 243 13.81 36.23 -20.23
N LEU C 244 13.10 36.30 -21.36
CA LEU C 244 13.75 36.70 -22.59
C LEU C 244 13.34 38.06 -23.11
N PHE C 245 12.26 38.67 -22.63
CA PHE C 245 11.92 40.00 -23.11
C PHE C 245 12.08 41.07 -22.04
N THR C 246 11.44 40.91 -20.89
CA THR C 246 11.57 41.87 -19.79
C THR C 246 11.99 41.13 -18.54
N PRO C 247 13.28 40.82 -18.39
CA PRO C 247 13.72 40.14 -17.18
C PRO C 247 13.73 41.04 -15.96
N ASP C 248 13.77 42.35 -16.17
CA ASP C 248 13.82 43.31 -15.07
C ASP C 248 12.45 43.84 -14.68
N LEU C 249 11.39 43.38 -15.35
CA LEU C 249 10.05 43.89 -15.09
C LEU C 249 9.56 43.52 -13.71
N LEU C 250 10.04 42.43 -13.14
CA LEU C 250 9.64 42.07 -11.79
C LEU C 250 10.75 42.20 -10.77
N GLY C 251 12.01 42.06 -11.19
CA GLY C 251 13.10 42.09 -10.25
C GLY C 251 13.40 43.49 -9.75
N ASP C 252 14.19 43.54 -8.69
CA ASP C 252 14.52 44.81 -8.07
C ASP C 252 15.66 45.49 -8.82
N PRO C 253 15.57 46.79 -9.09
CA PRO C 253 16.74 47.50 -9.60
C PRO C 253 17.82 47.65 -8.56
N ASP C 254 17.44 47.72 -7.30
CA ASP C 254 18.36 48.09 -6.23
C ASP C 254 19.18 46.91 -5.75
N ASN C 255 19.03 45.74 -6.37
CA ASN C 255 19.85 44.61 -5.98
C ASN C 255 21.29 44.78 -6.47
N TYR C 256 21.47 45.33 -7.66
CA TYR C 256 22.71 45.17 -8.41
C TYR C 256 23.85 46.04 -7.92
N THR C 257 23.67 46.75 -6.95
CA THR C 257 24.81 47.36 -6.31
C THR C 257 25.46 46.36 -5.36
N PRO C 258 26.77 46.43 -5.13
CA PRO C 258 27.40 45.52 -4.17
C PRO C 258 27.03 45.89 -2.75
N ALA C 259 27.31 44.97 -1.84
CA ALA C 259 26.84 45.11 -0.46
C ALA C 259 27.72 46.10 0.30
N ASN C 260 27.26 47.34 0.36
CA ASN C 260 27.86 48.34 1.23
C ASN C 260 27.04 48.40 2.51
N PRO C 261 27.61 48.11 3.67
CA PRO C 261 26.81 48.09 4.90
C PRO C 261 26.59 49.45 5.52
N LEU C 262 26.82 50.53 4.75
CA LEU C 262 26.81 51.88 5.28
C LEU C 262 25.72 52.76 4.69
N ASN C 263 25.07 52.36 3.61
CA ASN C 263 24.30 53.32 2.83
C ASN C 263 22.83 53.38 3.25
N THR C 264 22.15 52.21 3.35
CA THR C 264 20.72 52.05 3.61
C THR C 264 19.88 52.85 2.61
N PRO C 265 19.59 52.26 1.44
CA PRO C 265 18.89 53.00 0.40
C PRO C 265 17.49 53.40 0.85
N PRO C 266 16.91 54.42 0.22
CA PRO C 266 15.56 54.86 0.64
C PRO C 266 14.47 53.84 0.37
N HIS C 267 14.40 53.27 -0.83
CA HIS C 267 13.28 52.41 -1.18
C HIS C 267 13.64 50.95 -0.94
N ILE C 268 13.63 50.58 0.33
CA ILE C 268 13.84 49.20 0.73
C ILE C 268 12.51 48.47 0.67
N LYS C 269 12.53 47.26 0.11
CA LYS C 269 11.33 46.50 -0.19
C LYS C 269 11.73 45.05 -0.44
N PRO C 270 10.80 44.11 -0.30
CA PRO C 270 11.11 42.74 -0.70
C PRO C 270 11.18 42.56 -2.20
N GLU C 271 11.40 41.33 -2.64
CA GLU C 271 10.93 40.95 -3.96
C GLU C 271 9.43 40.73 -3.87
N TRP C 272 8.72 41.04 -4.96
CA TRP C 272 7.32 41.45 -4.94
C TRP C 272 6.36 40.45 -4.28
N TYR C 273 6.75 39.18 -4.15
CA TYR C 273 5.86 38.20 -3.54
C TYR C 273 5.71 38.37 -2.03
N PHE C 274 6.63 39.05 -1.35
CA PHE C 274 6.55 39.24 0.08
C PHE C 274 6.11 40.64 0.46
N LEU C 275 5.32 41.31 -0.38
CA LEU C 275 4.94 42.67 -0.04
C LEU C 275 3.87 42.70 1.04
N PHE C 276 2.90 41.79 1.00
CA PHE C 276 1.81 41.85 1.97
C PHE C 276 2.24 41.39 3.36
N ALA C 277 3.23 40.51 3.43
CA ALA C 277 3.83 40.19 4.72
C ALA C 277 4.53 41.41 5.31
N TYR C 278 5.17 42.20 4.45
CA TYR C 278 5.80 43.44 4.87
C TYR C 278 4.79 44.57 5.03
N ALA C 279 3.60 44.45 4.46
CA ALA C 279 2.59 45.49 4.61
C ALA C 279 1.79 45.35 5.89
N ILE C 280 1.60 44.12 6.37
CA ILE C 280 0.97 43.94 7.68
C ILE C 280 1.93 44.42 8.77
N LEU C 281 3.23 44.27 8.54
CA LEU C 281 4.23 44.62 9.53
C LEU C 281 4.30 46.12 9.78
N ARG C 282 4.55 46.91 8.73
CA ARG C 282 4.79 48.33 8.92
C ARG C 282 3.52 49.15 8.99
N SER C 283 2.34 48.51 9.00
CA SER C 283 1.09 49.23 9.20
C SER C 283 0.54 49.00 10.60
N ILE C 284 1.38 48.56 11.54
CA ILE C 284 1.02 48.46 12.94
C ILE C 284 2.18 49.04 13.74
N PRO C 285 1.98 50.15 14.45
CA PRO C 285 3.10 50.79 15.17
C PRO C 285 3.45 50.09 16.48
N ASN C 286 3.87 48.84 16.36
CA ASN C 286 4.24 48.04 17.52
C ASN C 286 5.07 46.87 17.01
N LYS C 287 6.15 46.56 17.72
CA LYS C 287 7.11 45.59 17.23
C LYS C 287 6.57 44.17 17.35
N LEU C 288 6.29 43.75 18.60
CA LEU C 288 5.71 42.44 18.87
C LEU C 288 4.34 42.30 18.23
N GLY C 289 3.56 43.39 18.20
CA GLY C 289 2.28 43.36 17.53
C GLY C 289 2.39 43.12 16.04
N GLY C 290 3.42 43.68 15.40
CA GLY C 290 3.62 43.47 13.98
C GLY C 290 4.03 42.04 13.66
N VAL C 291 5.05 41.52 14.35
CA VAL C 291 5.51 40.16 14.03
C VAL C 291 4.47 39.13 14.44
N LEU C 292 3.74 39.39 15.52
CA LEU C 292 2.69 38.48 15.95
C LEU C 292 1.50 38.54 15.00
N ALA C 293 1.21 39.71 14.41
CA ALA C 293 0.11 39.79 13.45
C ALA C 293 0.46 39.08 12.14
N LEU C 294 1.73 39.11 11.74
CA LEU C 294 2.15 38.34 10.56
C LEU C 294 1.99 36.83 10.80
N VAL C 295 2.54 36.35 11.93
CA VAL C 295 2.42 34.93 12.27
C VAL C 295 0.97 34.54 12.46
N LEU C 296 0.15 35.44 13.01
CA LEU C 296 -1.29 35.22 13.10
C LEU C 296 -1.99 35.25 11.75
N SER C 297 -1.43 35.91 10.74
CA SER C 297 -2.04 35.81 9.40
C SER C 297 -1.91 34.40 8.85
N ILE C 298 -0.70 33.83 8.90
CA ILE C 298 -0.61 32.48 8.34
C ILE C 298 -1.22 31.44 9.30
N LEU C 299 -1.27 31.74 10.60
CA LEU C 299 -2.06 30.88 11.48
C LEU C 299 -3.56 31.06 11.30
N VAL C 300 -4.02 32.19 10.75
CA VAL C 300 -5.41 32.30 10.34
C VAL C 300 -5.70 31.36 9.16
N LEU C 301 -4.73 31.25 8.24
CA LEU C 301 -4.86 30.21 7.20
C LEU C 301 -4.86 28.79 7.80
N VAL C 302 -4.21 28.60 8.95
CA VAL C 302 -4.39 27.33 9.66
C VAL C 302 -5.80 27.22 10.23
N ILE C 303 -6.35 28.34 10.73
CA ILE C 303 -7.63 28.34 11.43
C ILE C 303 -8.79 27.97 10.51
N MET C 304 -8.72 28.41 9.24
CA MET C 304 -9.80 28.33 8.23
C MET C 304 -10.65 27.05 8.12
N PRO C 305 -10.13 25.82 8.35
CA PRO C 305 -11.07 24.67 8.43
C PRO C 305 -12.00 24.68 9.62
N LEU C 306 -11.71 25.44 10.67
CA LEU C 306 -12.54 25.42 11.87
C LEU C 306 -13.71 26.38 11.80
N LEU C 307 -13.94 27.02 10.67
CA LEU C 307 -15.03 27.97 10.50
C LEU C 307 -15.90 27.61 9.30
N HIS C 308 -15.93 26.33 8.93
CA HIS C 308 -16.79 25.90 7.83
C HIS C 308 -18.15 25.55 8.42
N THR C 309 -18.90 26.60 8.76
CA THR C 309 -20.23 26.45 9.35
C THR C 309 -21.34 26.56 8.32
N SER C 310 -21.02 26.44 7.04
CA SER C 310 -22.04 26.37 6.00
C SER C 310 -22.51 24.92 5.83
N LYS C 311 -23.38 24.70 4.85
CA LYS C 311 -23.86 23.36 4.59
C LYS C 311 -23.77 22.94 3.12
N GLN C 312 -23.49 23.85 2.21
CA GLN C 312 -22.88 23.44 0.96
C GLN C 312 -21.38 23.25 1.19
N ARG C 313 -20.66 22.86 0.14
CA ARG C 313 -19.22 22.72 0.25
C ARG C 313 -18.51 23.85 -0.51
N SER C 314 -18.80 24.00 -1.79
CA SER C 314 -18.16 25.03 -2.58
C SER C 314 -18.72 26.41 -2.25
N MET C 315 -18.08 27.42 -2.83
CA MET C 315 -18.66 28.75 -2.90
C MET C 315 -19.20 29.03 -4.29
N MET C 316 -19.38 28.00 -5.10
CA MET C 316 -20.04 28.18 -6.39
C MET C 316 -21.50 28.57 -6.21
N PHE C 317 -22.15 28.01 -5.19
CA PHE C 317 -23.59 28.17 -5.03
C PHE C 317 -23.96 29.21 -3.99
N ARG C 318 -22.97 29.84 -3.35
CA ARG C 318 -23.23 30.87 -2.35
C ARG C 318 -22.75 32.20 -2.87
N PRO C 319 -23.63 33.04 -3.44
CA PRO C 319 -23.17 34.29 -4.06
C PRO C 319 -22.71 35.33 -3.07
N ILE C 320 -23.26 35.34 -1.85
CA ILE C 320 -22.87 36.34 -0.86
C ILE C 320 -21.42 36.10 -0.42
N SER C 321 -21.10 34.85 -0.09
CA SER C 321 -19.72 34.51 0.25
C SER C 321 -18.81 34.62 -0.95
N GLN C 322 -19.35 34.48 -2.17
CA GLN C 322 -18.58 34.68 -3.39
C GLN C 322 -18.13 36.13 -3.52
N CYS C 323 -19.05 37.06 -3.31
CA CYS C 323 -18.70 38.49 -3.35
C CYS C 323 -17.75 38.85 -2.24
N MET C 324 -17.94 38.26 -1.05
CA MET C 324 -17.01 38.54 0.03
C MET C 324 -15.62 37.97 -0.24
N PHE C 325 -15.53 36.83 -0.93
CA PHE C 325 -14.23 36.31 -1.31
C PHE C 325 -13.53 37.19 -2.33
N TRP C 326 -14.29 37.77 -3.26
CA TRP C 326 -13.62 38.66 -4.21
C TRP C 326 -13.21 39.97 -3.55
N ILE C 327 -13.94 40.41 -2.52
CA ILE C 327 -13.46 41.52 -1.69
C ILE C 327 -12.15 41.15 -1.01
N LEU C 328 -12.04 39.89 -0.55
CA LEU C 328 -10.79 39.43 0.08
C LEU C 328 -9.63 39.40 -0.90
N VAL C 329 -9.89 38.99 -2.15
CA VAL C 329 -8.84 38.96 -3.16
C VAL C 329 -8.35 40.36 -3.48
N ALA C 330 -9.29 41.30 -3.69
CA ALA C 330 -8.91 42.68 -3.96
C ALA C 330 -8.20 43.31 -2.76
N ASP C 331 -8.53 42.88 -1.55
CA ASP C 331 -7.86 43.42 -0.37
C ASP C 331 -6.43 42.91 -0.25
N LEU C 332 -6.19 41.65 -0.59
CA LEU C 332 -4.82 41.15 -0.59
C LEU C 332 -3.98 41.80 -1.68
N LEU C 333 -4.57 42.07 -2.84
CA LEU C 333 -3.83 42.78 -3.87
C LEU C 333 -3.56 44.23 -3.45
N THR C 334 -4.49 44.81 -2.68
CA THR C 334 -4.27 46.14 -2.11
C THR C 334 -3.14 46.15 -1.10
N LEU C 335 -3.05 45.09 -0.27
CA LEU C 335 -1.93 44.99 0.66
C LEU C 335 -0.61 44.85 -0.08
N THR C 336 -0.59 44.08 -1.16
CA THR C 336 0.63 43.96 -1.96
C THR C 336 1.06 45.31 -2.55
N TRP C 337 0.09 46.08 -3.06
CA TRP C 337 0.42 47.39 -3.61
C TRP C 337 0.90 48.36 -2.53
N ILE C 338 0.27 48.35 -1.35
CA ILE C 338 0.66 49.27 -0.29
C ILE C 338 2.03 48.90 0.27
N GLY C 339 2.33 47.61 0.37
CA GLY C 339 3.66 47.19 0.73
C GLY C 339 4.71 47.60 -0.28
N GLY C 340 4.35 47.61 -1.56
CA GLY C 340 5.28 48.10 -2.56
C GLY C 340 5.27 49.60 -2.79
N GLN C 341 5.22 50.39 -1.70
CA GLN C 341 5.21 51.85 -1.76
C GLN C 341 6.03 52.42 -0.61
N PRO C 342 6.33 53.73 -0.61
CA PRO C 342 6.85 54.34 0.63
C PRO C 342 5.80 54.51 1.70
N VAL C 343 6.15 55.16 2.80
CA VAL C 343 5.27 55.25 3.97
C VAL C 343 4.98 56.72 4.21
N GLU C 344 3.78 57.16 3.84
CA GLU C 344 3.27 58.49 4.15
C GLU C 344 1.80 58.40 4.51
N HIS C 345 1.20 59.58 4.71
CA HIS C 345 -0.06 59.70 5.45
C HIS C 345 -1.25 58.98 4.82
N PRO C 346 -1.57 59.13 3.51
CA PRO C 346 -2.66 58.30 2.95
C PRO C 346 -2.27 56.82 2.89
N TYR C 347 -1.00 56.54 2.66
CA TYR C 347 -0.54 55.15 2.64
C TYR C 347 -0.61 54.53 4.02
N ILE C 348 -0.25 55.29 5.07
CA ILE C 348 -0.38 54.82 6.45
C ILE C 348 -1.83 54.47 6.76
N ILE C 349 -2.75 55.38 6.41
CA ILE C 349 -4.16 55.18 6.75
C ILE C 349 -4.73 53.98 6.02
N ILE C 350 -4.50 53.89 4.71
CA ILE C 350 -5.15 52.78 4.01
C ILE C 350 -4.39 51.47 4.16
N GLY C 351 -3.12 51.50 4.59
CA GLY C 351 -2.48 50.26 4.99
C GLY C 351 -3.08 49.70 6.26
N GLN C 352 -3.30 50.56 7.26
CA GLN C 352 -3.97 50.14 8.48
C GLN C 352 -5.38 49.64 8.20
N LEU C 353 -6.10 50.35 7.33
CA LEU C 353 -7.47 49.95 7.02
C LEU C 353 -7.51 48.66 6.21
N ALA C 354 -6.51 48.41 5.36
CA ALA C 354 -6.51 47.18 4.57
C ALA C 354 -6.18 45.98 5.44
N SER C 355 -5.25 46.11 6.39
CA SER C 355 -4.98 45.01 7.31
C SER C 355 -6.19 44.70 8.19
N ILE C 356 -6.85 45.75 8.71
CA ILE C 356 -8.04 45.58 9.52
C ILE C 356 -9.16 44.91 8.73
N MET C 357 -9.34 45.32 7.47
CA MET C 357 -10.40 44.73 6.67
C MET C 357 -10.06 43.30 6.26
N TYR C 358 -8.79 42.97 6.13
CA TYR C 358 -8.39 41.57 5.90
C TYR C 358 -8.81 40.68 7.04
N PHE C 359 -8.45 41.05 8.27
CA PHE C 359 -8.84 40.24 9.42
C PHE C 359 -10.36 40.24 9.64
N LEU C 360 -11.03 41.34 9.31
CA LEU C 360 -12.48 41.38 9.47
C LEU C 360 -13.20 40.53 8.44
N ILE C 361 -12.69 40.47 7.21
CA ILE C 361 -13.28 39.62 6.19
C ILE C 361 -13.14 38.15 6.56
N ILE C 362 -11.94 37.75 6.98
CA ILE C 362 -11.76 36.33 7.26
C ILE C 362 -12.47 35.92 8.54
N LEU C 363 -12.12 36.54 9.67
CA LEU C 363 -12.54 35.97 10.95
C LEU C 363 -13.98 36.27 11.32
N VAL C 364 -14.66 37.19 10.63
CA VAL C 364 -16.01 37.61 10.98
C VAL C 364 -16.97 37.45 9.80
N MET C 365 -16.56 37.90 8.62
CA MET C 365 -17.51 38.00 7.51
C MET C 365 -17.83 36.65 6.87
N MET C 366 -16.87 35.70 6.87
CA MET C 366 -17.20 34.37 6.37
C MET C 366 -18.26 33.66 7.21
N PRO C 367 -18.21 33.61 8.54
CA PRO C 367 -19.32 32.96 9.26
C PRO C 367 -20.62 33.76 9.26
N VAL C 368 -20.57 35.09 9.14
CA VAL C 368 -21.83 35.84 9.07
C VAL C 368 -22.51 35.61 7.73
N ALA C 369 -21.74 35.61 6.64
CA ALA C 369 -22.30 35.23 5.35
C ALA C 369 -22.79 33.79 5.37
N SER C 370 -22.06 32.92 6.07
CA SER C 370 -22.44 31.51 6.17
C SER C 370 -23.73 31.32 6.95
N ILE C 371 -23.93 32.09 8.02
CA ILE C 371 -25.15 31.91 8.80
C ILE C 371 -26.34 32.57 8.12
N ILE C 372 -26.12 33.59 7.28
CA ILE C 372 -27.22 34.07 6.45
C ILE C 372 -27.56 33.05 5.38
N GLU C 373 -26.56 32.31 4.89
CA GLU C 373 -26.84 31.21 3.97
C GLU C 373 -27.62 30.09 4.64
N ASN C 374 -27.24 29.74 5.87
CA ASN C 374 -27.88 28.66 6.59
C ASN C 374 -29.31 29.05 6.97
N ASN C 375 -29.55 30.32 7.24
CA ASN C 375 -30.90 30.78 7.52
C ASN C 375 -31.74 30.83 6.26
N LEU C 376 -31.15 31.24 5.13
CA LEU C 376 -31.96 31.75 4.04
C LEU C 376 -32.56 30.62 3.20
N LEU C 377 -31.94 29.45 3.19
CA LEU C 377 -32.47 28.32 2.42
C LEU C 377 -33.18 27.31 3.30
N LYS C 378 -33.67 27.74 4.47
CA LYS C 378 -34.51 26.95 5.37
C LYS C 378 -33.83 25.66 5.82
N TRP C 379 -32.73 25.82 6.54
CA TRP C 379 -31.99 24.67 7.05
C TRP C 379 -31.80 24.73 8.56
N SER D 1 14.20 68.50 -0.23
CA SER D 1 13.10 68.59 -1.19
C SER D 1 12.39 67.26 -1.38
N ASP D 2 13.16 66.27 -1.86
CA ASP D 2 12.69 64.91 -2.14
C ASP D 2 11.56 64.88 -3.17
N LEU D 3 11.57 65.84 -4.10
CA LEU D 3 10.71 65.77 -5.27
C LEU D 3 11.52 65.16 -6.39
N GLU D 4 11.47 63.83 -6.49
CA GLU D 4 12.14 63.13 -7.57
C GLU D 4 11.47 63.47 -8.90
N LEU D 5 12.24 63.34 -9.97
CA LEU D 5 11.72 63.56 -11.31
C LEU D 5 11.98 62.34 -12.15
N HIS D 6 10.94 61.83 -12.78
CA HIS D 6 11.11 60.66 -13.63
C HIS D 6 11.70 61.09 -14.96
N PRO D 7 12.76 60.44 -15.42
CA PRO D 7 13.33 60.79 -16.72
C PRO D 7 12.38 60.41 -17.84
N PRO D 8 12.41 61.14 -18.95
CA PRO D 8 11.43 60.89 -20.02
C PRO D 8 11.66 59.60 -20.77
N SER D 9 10.74 59.25 -21.65
CA SER D 9 10.82 58.04 -22.45
C SER D 9 11.45 58.39 -23.79
N TYR D 10 12.65 57.89 -24.03
CA TYR D 10 13.43 58.24 -25.21
C TYR D 10 13.37 57.12 -26.24
N PRO D 11 13.13 57.43 -27.49
CA PRO D 11 13.00 56.38 -28.51
C PRO D 11 14.33 55.78 -28.90
N TRP D 12 14.82 54.81 -28.13
CA TRP D 12 16.11 54.21 -28.43
C TRP D 12 16.02 53.28 -29.63
N SER D 13 17.18 52.79 -30.06
CA SER D 13 17.22 51.75 -31.08
C SER D 13 17.16 50.35 -30.50
N HIS D 14 17.20 50.22 -29.18
CA HIS D 14 16.98 48.95 -28.50
C HIS D 14 15.73 49.02 -27.64
N ARG D 15 14.75 49.81 -28.07
CA ARG D 15 13.55 50.01 -27.27
C ARG D 15 12.49 48.97 -27.59
N GLY D 16 12.45 48.49 -28.83
CA GLY D 16 11.39 47.59 -29.28
C GLY D 16 11.55 46.18 -28.72
N LEU D 17 10.56 45.35 -29.04
CA LEU D 17 10.53 43.99 -28.51
C LEU D 17 11.39 43.02 -29.31
N LEU D 18 11.97 43.44 -30.43
CA LEU D 18 12.91 42.60 -31.14
C LEU D 18 14.15 43.33 -31.61
N SER D 19 14.27 44.63 -31.39
CA SER D 19 15.36 45.39 -31.95
C SER D 19 16.66 45.10 -31.21
N SER D 20 17.78 45.33 -31.90
CA SER D 20 19.10 45.06 -31.37
C SER D 20 19.85 46.36 -31.12
N LEU D 21 21.03 46.21 -30.50
CA LEU D 21 21.91 47.35 -30.28
C LEU D 21 22.66 47.72 -31.56
N ASP D 22 23.29 48.88 -31.54
CA ASP D 22 24.09 49.37 -32.66
C ASP D 22 25.56 49.20 -32.27
N HIS D 23 26.24 48.29 -32.95
CA HIS D 23 27.60 47.95 -32.54
C HIS D 23 28.59 49.05 -32.90
N THR D 24 28.30 49.84 -33.94
CA THR D 24 29.12 51.02 -34.20
C THR D 24 28.95 52.04 -33.08
N SER D 25 27.73 52.14 -32.55
CA SER D 25 27.49 53.02 -31.42
C SER D 25 28.18 52.51 -30.15
N ILE D 26 28.23 51.18 -29.96
CA ILE D 26 28.96 50.62 -28.83
C ILE D 26 30.45 50.93 -28.95
N ARG D 27 30.98 50.87 -30.17
CA ARG D 27 32.40 51.17 -30.38
C ARG D 27 32.71 52.64 -30.11
N ARG D 28 31.83 53.54 -30.57
CA ARG D 28 32.02 54.96 -30.27
C ARG D 28 31.94 55.22 -28.77
N GLY D 29 30.97 54.58 -28.11
CA GLY D 29 30.85 54.73 -26.67
C GLY D 29 32.04 54.20 -25.90
N PHE D 30 32.69 53.16 -26.43
CA PHE D 30 33.88 52.66 -25.76
C PHE D 30 35.07 53.61 -25.97
N GLN D 31 35.16 54.25 -27.13
CA GLN D 31 36.18 55.27 -27.30
C GLN D 31 35.95 56.45 -26.36
N VAL D 32 34.69 56.81 -26.16
CA VAL D 32 34.33 57.82 -25.17
C VAL D 32 34.76 57.40 -23.78
N TYR D 33 34.44 56.16 -23.40
CA TYR D 33 34.77 55.70 -22.06
C TYR D 33 36.27 55.59 -21.84
N LYS D 34 37.03 55.25 -22.87
CA LYS D 34 38.47 55.20 -22.72
C LYS D 34 39.04 56.59 -22.54
N GLN D 35 38.54 57.57 -23.29
CA GLN D 35 39.19 58.88 -23.25
C GLN D 35 38.54 59.88 -22.30
N VAL D 36 37.37 59.59 -21.73
CA VAL D 36 36.74 60.55 -20.83
C VAL D 36 36.48 59.95 -19.46
N CYS D 37 35.64 58.92 -19.41
CA CYS D 37 35.05 58.53 -18.13
C CYS D 37 35.94 57.61 -17.32
N SER D 38 37.03 57.11 -17.87
CA SER D 38 37.88 56.18 -17.15
C SER D 38 38.88 56.86 -16.25
N SER D 39 38.78 58.16 -16.05
CA SER D 39 39.67 58.84 -15.13
C SER D 39 39.14 58.84 -13.70
N CYS D 40 37.86 58.62 -13.52
CA CYS D 40 37.29 58.63 -12.18
C CYS D 40 36.56 57.35 -11.82
N HIS D 41 35.80 56.78 -12.73
CA HIS D 41 34.97 55.62 -12.44
C HIS D 41 35.72 54.33 -12.70
N SER D 42 35.06 53.19 -12.44
CA SER D 42 35.65 51.88 -12.62
C SER D 42 34.58 50.95 -13.19
N MET D 43 35.00 50.02 -14.03
CA MET D 43 34.06 49.12 -14.68
C MET D 43 34.64 47.71 -14.63
N ASP D 44 34.93 47.29 -13.39
CA ASP D 44 35.66 46.08 -12.99
C ASP D 44 35.40 44.82 -13.79
N TYR D 45 34.16 44.58 -14.18
CA TYR D 45 33.78 43.30 -14.73
C TYR D 45 33.59 43.35 -16.24
N VAL D 46 34.38 44.15 -16.95
CA VAL D 46 34.36 44.16 -18.40
C VAL D 46 35.79 43.91 -18.87
N ALA D 47 36.07 42.67 -19.26
CA ALA D 47 37.39 42.34 -19.75
C ALA D 47 37.47 42.57 -21.26
N TYR D 48 38.69 42.58 -21.76
CA TYR D 48 38.92 42.88 -23.17
C TYR D 48 38.45 41.78 -24.10
N ARG D 49 38.30 40.55 -23.61
CA ARG D 49 37.80 39.48 -24.47
C ARG D 49 36.31 39.64 -24.76
N HIS D 50 35.59 40.46 -23.99
CA HIS D 50 34.22 40.78 -24.34
C HIS D 50 34.15 41.71 -25.54
N LEU D 51 35.22 42.42 -25.84
CA LEU D 51 35.26 43.37 -26.93
C LEU D 51 35.77 42.78 -28.23
N VAL D 52 36.10 41.49 -28.26
CA VAL D 52 36.75 40.94 -29.44
C VAL D 52 35.77 40.75 -30.58
N GLY D 53 34.63 40.14 -30.32
CA GLY D 53 33.72 39.83 -31.40
C GLY D 53 32.49 40.71 -31.47
N VAL D 54 32.27 41.50 -30.43
CA VAL D 54 31.03 42.29 -30.35
C VAL D 54 31.12 43.54 -31.21
N CYS D 55 32.14 44.37 -30.96
CA CYS D 55 32.28 45.61 -31.70
C CYS D 55 33.54 45.63 -32.55
N TYR D 56 34.72 45.46 -31.95
CA TYR D 56 35.97 45.51 -32.70
C TYR D 56 36.20 44.21 -33.46
N THR D 57 37.38 44.13 -34.07
CA THR D 57 37.98 42.86 -34.46
C THR D 57 38.89 42.44 -33.32
N GLU D 58 39.78 41.48 -33.59
CA GLU D 58 40.70 41.03 -32.55
C GLU D 58 42.00 41.82 -32.53
N ASP D 59 42.38 42.43 -33.64
CA ASP D 59 43.67 43.09 -33.73
C ASP D 59 43.69 44.39 -32.94
N GLU D 60 42.68 45.23 -33.13
CA GLU D 60 42.59 46.46 -32.36
C GLU D 60 42.31 46.19 -30.88
N ALA D 61 41.79 45.02 -30.54
CA ALA D 61 41.71 44.63 -29.13
C ALA D 61 43.09 44.47 -28.52
N LYS D 62 44.00 43.81 -29.24
CA LYS D 62 45.39 43.71 -28.77
C LYS D 62 46.06 45.06 -28.74
N ALA D 63 45.72 45.93 -29.71
CA ALA D 63 46.27 47.29 -29.72
C ALA D 63 45.83 48.07 -28.48
N LEU D 64 44.52 48.08 -28.19
CA LEU D 64 43.99 48.77 -27.03
C LEU D 64 44.48 48.19 -25.71
N ALA D 65 44.74 46.88 -25.67
CA ALA D 65 45.28 46.32 -24.45
C ALA D 65 46.75 46.63 -24.27
N GLU D 66 47.51 46.71 -25.37
CA GLU D 66 48.91 47.07 -25.26
C GLU D 66 49.13 48.57 -25.22
N GLU D 67 48.08 49.38 -25.28
CA GLU D 67 48.25 50.80 -24.98
C GLU D 67 48.45 51.03 -23.50
N VAL D 68 47.75 50.27 -22.65
CA VAL D 68 47.74 50.49 -21.22
C VAL D 68 48.37 49.28 -20.54
N GLU D 69 49.50 49.50 -19.87
CA GLU D 69 50.20 48.48 -19.12
C GLU D 69 49.63 48.41 -17.71
N VAL D 70 49.41 47.19 -17.21
CA VAL D 70 48.67 47.11 -15.95
C VAL D 70 49.54 46.67 -14.79
N GLN D 71 49.91 45.38 -14.75
CA GLN D 71 50.46 44.76 -13.55
C GLN D 71 50.75 43.30 -13.87
N ASP D 72 51.61 42.68 -13.07
CA ASP D 72 51.90 41.26 -13.18
C ASP D 72 52.43 40.79 -11.82
N GLY D 73 52.61 39.48 -11.69
CA GLY D 73 53.13 38.88 -10.49
C GLY D 73 54.63 39.01 -10.34
N PRO D 74 55.23 38.20 -9.46
CA PRO D 74 56.67 38.30 -9.22
C PRO D 74 57.46 37.74 -10.39
N ASN D 75 58.59 38.37 -10.68
CA ASN D 75 59.53 37.87 -11.69
C ASN D 75 60.57 36.97 -11.04
N GLU D 76 60.09 36.01 -10.24
CA GLU D 76 60.87 35.17 -9.31
C GLU D 76 61.76 35.99 -8.37
N ASP D 77 61.39 37.24 -8.12
CA ASP D 77 62.14 38.15 -7.27
C ASP D 77 61.27 38.95 -6.32
N GLY D 78 59.96 39.00 -6.54
CA GLY D 78 59.08 39.76 -5.69
C GLY D 78 59.20 41.25 -5.88
N GLU D 79 58.89 41.73 -7.09
CA GLU D 79 58.99 43.16 -7.38
C GLU D 79 57.80 43.74 -8.12
N MET D 80 56.91 42.91 -8.68
CA MET D 80 55.60 43.30 -9.22
C MET D 80 55.73 44.34 -10.34
N PHE D 81 56.33 43.89 -11.43
CA PHE D 81 56.67 44.74 -12.55
C PHE D 81 55.43 45.11 -13.37
N MET D 82 55.64 45.72 -14.53
CA MET D 82 54.56 46.20 -15.39
C MET D 82 54.41 45.29 -16.60
N ARG D 83 53.24 44.73 -16.77
CA ARG D 83 52.95 43.91 -17.93
C ARG D 83 52.06 44.70 -18.88
N PRO D 84 52.30 44.62 -20.20
CA PRO D 84 51.38 45.28 -21.15
C PRO D 84 49.98 44.70 -21.12
N GLY D 85 49.84 43.39 -20.95
CA GLY D 85 48.53 42.79 -20.79
C GLY D 85 47.94 42.42 -22.13
N LYS D 86 47.75 41.13 -22.39
CA LYS D 86 47.51 40.71 -23.76
C LYS D 86 46.04 40.85 -24.14
N LEU D 87 45.17 40.02 -23.56
CA LEU D 87 43.73 40.22 -23.69
C LEU D 87 42.95 39.91 -22.43
N SER D 88 43.53 39.21 -21.46
CA SER D 88 42.75 38.64 -20.39
C SER D 88 42.54 39.60 -19.23
N ASP D 89 43.04 40.82 -19.32
CA ASP D 89 42.90 41.76 -18.22
C ASP D 89 41.49 42.32 -18.15
N TYR D 90 41.08 42.68 -16.94
CA TYR D 90 39.96 43.57 -16.77
C TYR D 90 40.44 45.00 -17.00
N PHE D 91 39.53 45.93 -16.95
CA PHE D 91 39.93 47.31 -17.21
C PHE D 91 40.68 47.86 -16.01
N PRO D 92 41.66 48.74 -16.25
CA PRO D 92 42.49 49.24 -15.13
C PRO D 92 41.69 50.13 -14.19
N LYS D 93 41.67 49.74 -12.93
CA LYS D 93 41.06 50.56 -11.90
C LYS D 93 41.87 51.82 -11.70
N PRO D 94 41.25 53.00 -11.73
CA PRO D 94 42.02 54.21 -11.43
C PRO D 94 42.42 54.31 -9.98
N TYR D 95 41.48 54.10 -9.07
CA TYR D 95 41.79 54.19 -7.66
C TYR D 95 41.86 52.80 -7.07
N PRO D 96 42.89 52.49 -6.31
CA PRO D 96 42.95 51.21 -5.60
C PRO D 96 41.88 51.08 -4.53
N ASN D 97 41.82 52.00 -3.66
CA ASN D 97 40.95 51.85 -2.51
C ASN D 97 39.71 52.72 -2.66
N PRO D 98 38.62 52.37 -1.98
CA PRO D 98 37.51 53.33 -1.85
C PRO D 98 37.91 54.57 -1.09
N GLU D 99 38.77 54.43 -0.09
CA GLU D 99 39.33 55.58 0.60
C GLU D 99 40.20 56.41 -0.33
N ALA D 100 40.89 55.76 -1.26
CA ALA D 100 41.62 56.49 -2.29
C ALA D 100 40.68 57.20 -3.23
N ALA D 101 39.48 56.64 -3.45
CA ALA D 101 38.50 57.32 -4.28
C ALA D 101 37.91 58.53 -3.57
N ARG D 102 37.75 58.45 -2.26
CA ARG D 102 37.30 59.60 -1.50
C ARG D 102 38.40 60.63 -1.32
N ALA D 103 39.66 60.21 -1.39
CA ALA D 103 40.78 61.07 -1.11
C ALA D 103 41.20 61.94 -2.28
N ALA D 104 40.43 61.95 -3.36
CA ALA D 104 40.68 62.87 -4.46
C ALA D 104 39.41 63.57 -4.91
N ASN D 105 38.29 63.35 -4.23
CA ASN D 105 37.02 63.96 -4.58
C ASN D 105 36.41 64.50 -3.29
N ASN D 106 35.29 65.20 -3.42
CA ASN D 106 34.59 65.75 -2.26
C ASN D 106 33.78 64.64 -1.60
N GLY D 107 34.50 63.75 -0.92
CA GLY D 107 33.91 62.48 -0.52
C GLY D 107 33.60 61.73 -1.79
N ALA D 108 32.32 61.35 -1.94
CA ALA D 108 31.68 61.09 -3.23
C ALA D 108 32.37 59.97 -4.01
N LEU D 109 32.20 58.74 -3.48
CA LEU D 109 32.61 57.52 -4.15
C LEU D 109 32.02 57.45 -5.56
N PRO D 110 32.85 57.37 -6.59
CA PRO D 110 32.33 57.22 -7.94
C PRO D 110 31.74 55.84 -8.12
N PRO D 111 30.48 55.75 -8.54
CA PRO D 111 29.85 54.44 -8.69
C PRO D 111 30.43 53.69 -9.87
N ASP D 112 30.35 52.37 -9.80
CA ASP D 112 31.00 51.52 -10.77
C ASP D 112 30.10 51.28 -11.98
N LEU D 113 30.57 51.66 -13.16
CA LEU D 113 29.73 51.76 -14.35
C LEU D 113 29.44 50.44 -15.02
N SER D 114 29.68 49.31 -14.37
CA SER D 114 29.27 48.05 -14.99
C SER D 114 27.76 47.86 -14.93
N TYR D 115 27.10 48.38 -13.90
CA TYR D 115 25.71 48.06 -13.60
C TYR D 115 24.85 49.29 -13.32
N ILE D 116 25.27 50.49 -13.76
CA ILE D 116 24.50 51.68 -13.43
C ILE D 116 23.21 51.75 -14.25
N VAL D 117 23.18 51.07 -15.40
CA VAL D 117 21.95 50.96 -16.15
C VAL D 117 20.92 50.13 -15.39
N ARG D 118 21.33 48.98 -14.91
CA ARG D 118 20.42 48.06 -14.26
C ARG D 118 20.25 48.32 -12.78
N ALA D 119 20.97 49.31 -12.23
CA ALA D 119 20.99 49.51 -10.79
C ALA D 119 20.18 50.70 -10.32
N ARG D 120 19.81 51.61 -11.20
CA ARG D 120 19.07 52.79 -10.82
C ARG D 120 17.65 52.71 -11.37
N HIS D 121 16.72 53.39 -10.70
CA HIS D 121 15.35 53.41 -11.16
C HIS D 121 15.25 54.23 -12.42
N GLY D 122 14.71 53.63 -13.47
CA GLY D 122 14.84 54.19 -14.80
C GLY D 122 16.10 53.66 -15.45
N GLY D 123 16.03 53.33 -16.73
CA GLY D 123 17.15 52.70 -17.38
C GLY D 123 18.23 53.68 -17.79
N GLU D 124 18.74 53.53 -19.01
CA GLU D 124 19.79 54.40 -19.51
C GLU D 124 19.29 55.82 -19.79
N ASP D 125 17.97 56.02 -19.83
CA ASP D 125 17.42 57.37 -19.96
C ASP D 125 17.78 58.23 -18.76
N TYR D 126 17.85 57.61 -17.58
CA TYR D 126 18.35 58.30 -16.39
C TYR D 126 19.78 58.77 -16.58
N VAL D 127 20.63 57.93 -17.19
CA VAL D 127 22.01 58.32 -17.40
C VAL D 127 22.11 59.40 -18.47
N PHE D 128 21.22 59.36 -19.46
CA PHE D 128 21.19 60.40 -20.49
C PHE D 128 20.80 61.74 -19.88
N SER D 129 19.74 61.76 -19.08
CA SER D 129 19.29 63.02 -18.51
C SER D 129 20.21 63.52 -17.41
N LEU D 130 20.92 62.60 -16.75
CA LEU D 130 21.90 63.01 -15.76
C LEU D 130 23.12 63.62 -16.40
N LEU D 131 23.54 63.08 -17.56
CA LEU D 131 24.64 63.68 -18.29
C LEU D 131 24.22 64.97 -18.96
N THR D 132 22.94 65.09 -19.31
CA THR D 132 22.49 66.24 -20.07
C THR D 132 22.10 67.43 -19.20
N GLY D 133 21.10 67.26 -18.33
CA GLY D 133 20.40 68.41 -17.77
C GLY D 133 21.09 69.20 -16.68
N TYR D 134 22.33 69.61 -16.92
CA TYR D 134 23.00 70.51 -15.98
C TYR D 134 22.43 71.91 -16.15
N CYS D 135 21.82 72.42 -15.08
CA CYS D 135 21.23 73.74 -15.08
C CYS D 135 21.52 74.39 -13.74
N GLU D 136 20.82 75.48 -13.44
CA GLU D 136 21.16 76.28 -12.28
C GLU D 136 20.04 76.25 -11.25
N PRO D 137 20.36 76.37 -9.96
CA PRO D 137 19.30 76.44 -8.96
C PRO D 137 18.60 77.78 -9.01
N PRO D 138 17.30 77.82 -8.70
CA PRO D 138 16.61 79.12 -8.61
C PRO D 138 17.11 79.96 -7.45
N ARG D 139 17.07 79.39 -6.25
CA ARG D 139 17.45 80.09 -5.03
C ARG D 139 18.34 79.31 -4.08
N VAL D 140 18.48 78.00 -4.23
CA VAL D 140 19.11 77.17 -3.21
C VAL D 140 20.59 77.08 -3.50
N SER D 141 21.40 77.72 -2.66
CA SER D 141 22.84 77.53 -2.63
C SER D 141 23.16 76.49 -1.56
N LEU D 142 24.07 75.57 -1.87
CA LEU D 142 24.25 74.40 -1.01
C LEU D 142 25.58 74.39 -0.27
N ARG D 143 26.73 74.32 -0.95
CA ARG D 143 27.99 74.69 -0.31
C ARG D 143 29.04 75.24 -1.26
N GLU D 144 28.77 75.32 -2.56
CA GLU D 144 29.78 75.47 -3.62
C GLU D 144 30.95 74.50 -3.38
N GLY D 145 30.61 73.22 -3.39
CA GLY D 145 31.59 72.19 -3.57
C GLY D 145 31.05 71.14 -4.50
N LEU D 146 29.73 71.20 -4.70
CA LEU D 146 28.99 70.23 -5.48
C LEU D 146 28.22 71.00 -6.55
N TYR D 147 27.68 70.28 -7.51
CA TYR D 147 27.01 70.92 -8.64
C TYR D 147 25.55 70.53 -8.66
N PHE D 148 24.76 71.28 -9.41
CA PHE D 148 23.30 71.11 -9.41
C PHE D 148 22.86 70.38 -10.68
N ASN D 149 22.06 69.33 -10.49
CA ASN D 149 21.52 68.55 -11.59
C ASN D 149 20.24 67.86 -11.10
N PRO D 150 19.08 68.19 -11.68
CA PRO D 150 17.81 67.85 -11.03
C PRO D 150 17.43 66.39 -11.10
N TYR D 151 18.00 65.60 -12.00
CA TYR D 151 17.69 64.17 -12.09
C TYR D 151 18.55 63.38 -11.10
N PHE D 152 18.39 63.69 -9.83
CA PHE D 152 19.26 63.11 -8.82
C PHE D 152 18.58 63.16 -7.46
N PRO D 153 18.47 62.04 -6.76
CA PRO D 153 17.90 62.09 -5.41
C PRO D 153 18.83 62.79 -4.44
N GLY D 154 18.38 63.93 -3.93
CA GLY D 154 19.22 64.85 -3.19
C GLY D 154 19.54 66.11 -3.96
N GLN D 155 19.43 66.06 -5.29
CA GLN D 155 19.39 67.22 -6.17
C GLN D 155 20.70 67.99 -6.20
N ALA D 156 21.82 67.32 -5.90
CA ALA D 156 23.13 67.96 -5.91
C ALA D 156 24.18 66.88 -6.16
N ILE D 157 24.69 66.81 -7.38
CA ILE D 157 25.68 65.80 -7.72
C ILE D 157 27.07 66.36 -7.41
N GLY D 158 28.04 65.48 -7.28
CA GLY D 158 29.41 65.89 -7.06
C GLY D 158 30.27 65.66 -8.29
N MET D 159 29.65 65.50 -9.43
CA MET D 159 30.37 65.21 -10.66
C MET D 159 30.36 66.45 -11.55
N ALA D 160 31.54 66.84 -12.01
CA ALA D 160 31.64 67.91 -12.99
C ALA D 160 31.04 67.44 -14.31
N PRO D 161 30.39 68.32 -15.06
CA PRO D 161 29.78 67.91 -16.33
C PRO D 161 30.82 67.60 -17.39
N PRO D 162 31.05 66.33 -17.67
CA PRO D 162 32.28 65.94 -18.36
C PRO D 162 32.15 65.84 -19.87
N ILE D 163 31.50 66.78 -20.54
CA ILE D 163 31.29 66.61 -21.97
C ILE D 163 31.72 67.81 -22.81
N TYR D 164 31.03 68.94 -22.63
CA TYR D 164 31.31 70.30 -23.13
C TYR D 164 31.91 70.37 -24.54
N ASN D 165 31.17 69.83 -25.52
CA ASN D 165 31.30 70.23 -26.93
C ASN D 165 32.66 70.00 -27.60
N GLU D 166 32.90 68.77 -28.09
CA GLU D 166 34.09 68.31 -28.80
C GLU D 166 35.34 68.24 -27.93
N VAL D 167 35.34 67.36 -26.94
CA VAL D 167 36.57 67.00 -26.26
C VAL D 167 37.23 65.76 -26.87
N LEU D 168 36.58 65.09 -27.81
CA LEU D 168 37.10 63.82 -28.31
C LEU D 168 37.43 63.84 -29.79
N GLU D 169 36.48 64.25 -30.64
CA GLU D 169 36.53 64.28 -32.10
C GLU D 169 37.11 63.01 -32.71
N PHE D 170 36.39 61.91 -32.54
CA PHE D 170 36.87 60.56 -32.83
C PHE D 170 36.85 60.22 -34.31
N ASP D 171 36.92 58.91 -34.62
CA ASP D 171 37.50 58.37 -35.84
C ASP D 171 36.86 58.90 -37.12
N ASP D 172 35.57 58.61 -37.31
CA ASP D 172 34.88 59.07 -38.52
C ASP D 172 34.47 60.54 -38.36
N GLY D 173 33.63 61.03 -39.27
CA GLY D 173 33.25 62.43 -39.32
C GLY D 173 32.58 62.97 -38.08
N THR D 174 31.30 62.55 -37.85
CA THR D 174 30.59 62.40 -36.58
C THR D 174 30.99 63.36 -35.45
N PRO D 175 30.74 64.67 -35.59
CA PRO D 175 31.32 65.64 -34.65
C PRO D 175 30.71 65.52 -33.27
N ALA D 176 31.57 65.65 -32.26
CA ALA D 176 31.20 65.41 -30.87
C ALA D 176 30.35 66.58 -30.37
N THR D 177 29.03 66.41 -30.42
CA THR D 177 28.13 67.33 -29.75
C THR D 177 27.93 66.85 -28.33
N MET D 178 26.98 67.39 -27.60
CA MET D 178 26.55 66.70 -26.39
C MET D 178 25.75 65.46 -26.74
N SER D 179 24.99 65.51 -27.84
CA SER D 179 24.04 64.47 -28.17
C SER D 179 24.72 63.20 -28.61
N GLN D 180 25.74 63.30 -29.46
CA GLN D 180 26.41 62.11 -29.97
C GLN D 180 27.15 61.38 -28.87
N VAL D 181 27.86 62.12 -28.02
CA VAL D 181 28.62 61.47 -26.96
C VAL D 181 27.69 60.89 -25.91
N ALA D 182 26.54 61.54 -25.65
CA ALA D 182 25.64 61.01 -24.63
C ALA D 182 24.90 59.78 -25.14
N LYS D 183 24.49 59.79 -26.41
CA LYS D 183 23.86 58.62 -27.02
C LYS D 183 24.83 57.44 -27.05
N ASP D 184 26.09 57.69 -27.41
CA ASP D 184 27.06 56.60 -27.50
C ASP D 184 27.39 56.04 -26.12
N VAL D 185 27.49 56.90 -25.11
CA VAL D 185 27.84 56.36 -23.80
C VAL D 185 26.66 55.65 -23.16
N CYS D 186 25.42 56.05 -23.48
CA CYS D 186 24.27 55.31 -22.97
C CYS D 186 24.15 53.95 -23.64
N THR D 187 24.40 53.89 -24.96
CA THR D 187 24.41 52.60 -25.65
C THR D 187 25.49 51.70 -25.12
N PHE D 188 26.68 52.25 -24.86
CA PHE D 188 27.77 51.45 -24.33
C PHE D 188 27.51 50.98 -22.92
N LEU D 189 26.86 51.80 -22.09
CA LEU D 189 26.53 51.34 -20.75
C LEU D 189 25.44 50.29 -20.77
N ARG D 190 24.52 50.34 -21.73
CA ARG D 190 23.53 49.28 -21.86
C ARG D 190 24.20 47.98 -22.30
N TRP D 191 25.21 48.08 -23.16
CA TRP D 191 25.97 46.90 -23.56
C TRP D 191 26.75 46.32 -22.39
N ALA D 192 27.41 47.18 -21.63
CA ALA D 192 28.21 46.70 -20.51
C ALA D 192 27.33 46.19 -19.38
N ALA D 193 26.09 46.65 -19.30
CA ALA D 193 25.15 46.09 -18.33
C ALA D 193 24.71 44.70 -18.76
N GLU D 194 24.08 44.60 -19.93
CA GLU D 194 23.69 43.28 -20.42
C GLU D 194 24.57 42.92 -21.60
N PRO D 195 25.50 41.98 -21.45
CA PRO D 195 26.39 41.64 -22.57
C PRO D 195 25.69 40.86 -23.67
N GLU D 196 24.53 40.29 -23.40
CA GLU D 196 23.88 39.40 -24.35
C GLU D 196 22.47 39.86 -24.66
N HIS D 197 22.32 41.13 -25.03
CA HIS D 197 21.02 41.60 -25.48
C HIS D 197 20.64 40.98 -26.81
N ASP D 198 21.62 40.84 -27.71
CA ASP D 198 21.35 40.36 -29.07
C ASP D 198 20.95 38.90 -29.08
N HIS D 199 21.67 38.07 -28.35
CA HIS D 199 21.35 36.64 -28.31
C HIS D 199 20.06 36.41 -27.54
N ARG D 200 19.73 37.30 -26.60
CA ARG D 200 18.45 37.21 -25.90
C ARG D 200 17.30 37.47 -26.85
N LYS D 201 17.42 38.52 -27.67
CA LYS D 201 16.36 38.78 -28.64
C LYS D 201 16.28 37.69 -29.71
N ARG D 202 17.41 37.05 -30.04
CA ARG D 202 17.39 35.95 -31.00
C ARG D 202 16.61 34.76 -30.45
N MET D 203 16.89 34.35 -29.22
CA MET D 203 16.13 33.25 -28.63
C MET D 203 14.69 33.63 -28.37
N GLY D 204 14.41 34.91 -28.11
CA GLY D 204 13.02 35.35 -28.00
C GLY D 204 12.26 35.22 -29.30
N LEU D 205 12.94 35.49 -30.42
CA LEU D 205 12.28 35.34 -31.71
C LEU D 205 12.03 33.88 -32.06
N LYS D 206 13.02 33.01 -31.80
CA LYS D 206 12.84 31.58 -32.01
C LYS D 206 11.72 31.03 -31.13
N MET D 207 11.59 31.58 -29.93
CA MET D 207 10.54 31.14 -29.02
C MET D 207 9.16 31.60 -29.45
N LEU D 208 9.06 32.80 -30.01
CA LEU D 208 7.76 33.22 -30.54
C LEU D 208 7.35 32.39 -31.73
N LEU D 209 8.32 31.95 -32.55
CA LEU D 209 7.95 31.02 -33.61
C LEU D 209 7.60 29.63 -33.07
N MET D 210 8.24 29.22 -31.96
CA MET D 210 7.83 27.99 -31.26
C MET D 210 6.38 28.06 -30.82
N MET D 211 6.04 29.07 -30.03
CA MET D 211 4.68 29.17 -29.52
C MET D 211 3.68 29.62 -30.57
N GLY D 212 4.14 29.97 -31.78
CA GLY D 212 3.24 29.94 -32.92
C GLY D 212 3.00 28.54 -33.44
N LEU D 213 4.01 27.67 -33.36
CA LEU D 213 3.82 26.32 -33.86
C LEU D 213 3.05 25.44 -32.88
N LEU D 214 3.58 25.27 -31.66
CA LEU D 214 3.11 24.23 -30.75
C LEU D 214 1.73 24.53 -30.17
N LEU D 215 1.47 25.80 -29.84
CA LEU D 215 0.25 26.14 -29.11
C LEU D 215 -1.07 25.85 -29.82
N PRO D 216 -1.20 25.91 -31.15
CA PRO D 216 -2.39 25.29 -31.73
C PRO D 216 -2.39 23.78 -31.63
N LEU D 217 -1.22 23.15 -31.56
CA LEU D 217 -1.18 21.72 -31.84
C LEU D 217 -1.22 20.85 -30.60
N VAL D 218 -0.56 21.26 -29.51
CA VAL D 218 -0.76 20.56 -28.24
C VAL D 218 -2.19 20.74 -27.77
N TYR D 219 -2.73 21.95 -27.96
CA TYR D 219 -4.14 22.20 -27.69
C TYR D 219 -5.05 21.41 -28.62
N ALA D 220 -4.60 21.13 -29.84
CA ALA D 220 -5.38 20.28 -30.73
C ALA D 220 -5.41 18.84 -30.26
N MET D 221 -4.26 18.33 -29.78
CA MET D 221 -4.24 16.97 -29.23
C MET D 221 -5.07 16.86 -27.96
N LYS D 222 -5.03 17.90 -27.12
CA LYS D 222 -5.85 17.90 -25.90
C LYS D 222 -7.32 17.92 -26.25
N ARG D 223 -7.71 18.74 -27.22
CA ARG D 223 -9.09 18.80 -27.66
C ARG D 223 -9.53 17.48 -28.29
N HIS D 224 -8.60 16.81 -28.97
CA HIS D 224 -8.91 15.53 -29.60
C HIS D 224 -9.14 14.42 -28.57
N LYS D 225 -8.22 14.27 -27.62
CA LYS D 225 -8.39 13.18 -26.65
C LYS D 225 -9.48 13.49 -25.64
N TRP D 226 -9.74 14.75 -25.35
CA TRP D 226 -10.91 15.14 -24.56
C TRP D 226 -12.16 15.28 -25.39
N SER D 227 -12.14 14.97 -26.68
CA SER D 227 -13.39 15.04 -27.42
C SER D 227 -14.27 13.82 -27.23
N VAL D 228 -13.91 12.91 -26.34
CA VAL D 228 -14.83 11.84 -25.96
C VAL D 228 -15.75 12.30 -24.86
N LEU D 229 -15.21 12.93 -23.82
CA LEU D 229 -16.03 13.41 -22.71
C LEU D 229 -16.83 14.65 -23.06
N LYS D 230 -16.41 15.41 -24.07
CA LYS D 230 -17.20 16.58 -24.44
C LYS D 230 -18.44 16.24 -25.25
N SER D 231 -18.68 14.96 -25.56
CA SER D 231 -19.86 14.62 -26.34
C SER D 231 -20.53 13.32 -25.89
N ARG D 232 -20.23 12.80 -24.70
CA ARG D 232 -20.94 11.64 -24.21
C ARG D 232 -22.31 12.06 -23.67
N LYS D 233 -23.29 11.19 -23.85
CA LYS D 233 -24.66 11.52 -23.50
C LYS D 233 -25.21 10.48 -22.55
N LEU D 234 -26.27 10.85 -21.84
CA LEU D 234 -26.81 10.06 -20.75
C LEU D 234 -28.30 9.83 -20.92
N ALA D 235 -28.78 8.76 -20.31
CA ALA D 235 -30.20 8.47 -20.22
C ALA D 235 -30.46 7.64 -18.97
N TYR D 236 -31.66 7.79 -18.42
CA TYR D 236 -32.04 7.16 -17.17
C TYR D 236 -33.15 6.14 -17.42
N ARG D 237 -32.85 4.86 -17.24
CA ARG D 237 -33.88 3.84 -17.30
C ARG D 237 -34.15 3.31 -15.91
N PRO D 238 -35.40 3.41 -15.48
CA PRO D 238 -35.85 2.69 -14.30
C PRO D 238 -36.46 1.36 -14.72
N PRO D 239 -36.64 0.42 -13.78
CA PRO D 239 -37.38 -0.79 -14.11
C PRO D 239 -38.86 -0.52 -14.37
N SER E 1 -37.87 -3.44 -24.05
CA SER E 1 -37.14 -2.44 -23.28
C SER E 1 -35.74 -2.21 -23.83
N HIS E 2 -34.98 -3.29 -23.99
CA HIS E 2 -33.68 -3.14 -24.62
C HIS E 2 -33.79 -3.01 -26.14
N THR E 3 -34.95 -3.36 -26.71
CA THR E 3 -35.23 -2.98 -28.08
C THR E 3 -35.78 -1.56 -28.17
N ASP E 4 -36.21 -0.98 -27.05
CA ASP E 4 -36.67 0.39 -27.00
C ASP E 4 -35.52 1.38 -26.91
N ILE E 5 -34.28 0.90 -26.84
CA ILE E 5 -33.11 1.74 -26.65
C ILE E 5 -32.56 2.08 -28.02
N LYS E 6 -32.66 3.35 -28.39
CA LYS E 6 -32.18 3.85 -29.67
C LYS E 6 -31.12 4.90 -29.41
N VAL E 7 -29.94 4.68 -29.98
CA VAL E 7 -28.79 5.57 -29.79
C VAL E 7 -29.11 6.91 -30.45
N PRO E 8 -28.84 8.06 -29.78
CA PRO E 8 -29.21 9.35 -30.37
C PRO E 8 -28.34 9.72 -31.56
N ASP E 9 -28.63 10.86 -32.16
CA ASP E 9 -28.02 11.27 -33.41
C ASP E 9 -26.97 12.35 -33.13
N PHE E 10 -25.74 12.08 -33.53
CA PHE E 10 -24.61 12.99 -33.32
C PHE E 10 -24.21 13.71 -34.61
N SER E 11 -25.18 14.09 -35.44
CA SER E 11 -24.86 14.66 -36.74
C SER E 11 -24.26 16.06 -36.65
N ASP E 12 -24.38 16.72 -35.51
CA ASP E 12 -23.69 17.98 -35.31
C ASP E 12 -22.19 17.76 -35.09
N TYR E 13 -21.79 16.56 -34.70
CA TYR E 13 -20.45 16.36 -34.17
C TYR E 13 -19.54 15.55 -35.07
N ARG E 14 -20.07 14.75 -35.99
CA ARG E 14 -19.23 13.88 -36.80
C ARG E 14 -18.40 14.67 -37.80
N ARG E 15 -17.33 14.04 -38.26
CA ARG E 15 -16.51 14.59 -39.33
C ARG E 15 -17.31 14.63 -40.63
N PRO E 16 -17.02 15.58 -41.52
CA PRO E 16 -17.86 15.75 -42.71
C PRO E 16 -17.76 14.62 -43.72
N GLU E 17 -16.72 13.80 -43.66
CA GLU E 17 -16.61 12.67 -44.58
C GLU E 17 -17.62 11.58 -44.26
N VAL E 18 -18.04 11.47 -43.00
CA VAL E 18 -18.78 10.30 -42.56
C VAL E 18 -20.18 10.78 -42.15
N LEU E 19 -20.70 11.78 -42.85
CA LEU E 19 -22.01 12.31 -42.49
C LEU E 19 -23.13 11.34 -42.88
N ASP E 20 -23.14 10.89 -44.12
CA ASP E 20 -24.21 10.04 -44.62
C ASP E 20 -24.06 8.62 -44.08
N SER E 21 -25.17 7.91 -44.01
CA SER E 21 -25.16 6.51 -43.61
C SER E 21 -24.67 5.60 -44.73
N THR E 22 -24.67 6.06 -45.97
CA THR E 22 -24.34 5.21 -47.10
C THR E 22 -22.83 4.97 -47.19
N LYS E 23 -22.04 6.03 -47.07
CA LYS E 23 -20.60 5.94 -47.26
C LYS E 23 -19.96 5.16 -46.11
N SER E 24 -19.12 4.19 -46.46
CA SER E 24 -18.56 3.26 -45.50
C SER E 24 -17.46 3.91 -44.68
N SER E 25 -16.91 3.15 -43.74
CA SER E 25 -15.82 3.62 -42.90
C SER E 25 -14.46 3.08 -43.30
N LYS E 26 -14.39 1.84 -43.81
CA LYS E 26 -13.10 1.28 -44.21
C LYS E 26 -12.52 1.96 -45.44
N GLU E 27 -13.34 2.62 -46.24
CA GLU E 27 -12.86 3.28 -47.44
C GLU E 27 -12.41 4.72 -47.17
N SER E 28 -12.58 5.23 -45.96
CA SER E 28 -12.13 6.59 -45.68
C SER E 28 -11.49 6.72 -44.30
N SER E 29 -10.96 5.64 -43.72
CA SER E 29 -10.42 5.71 -42.38
C SER E 29 -9.06 6.37 -42.33
N GLU E 30 -8.24 6.15 -43.37
CA GLU E 30 -6.83 6.48 -43.31
C GLU E 30 -6.60 7.97 -43.31
N ALA E 31 -7.49 8.75 -43.94
CA ALA E 31 -7.34 10.20 -43.93
C ALA E 31 -7.58 10.79 -42.55
N ARG E 32 -8.59 10.27 -41.85
CA ARG E 32 -8.91 10.77 -40.51
C ARG E 32 -7.81 10.40 -39.52
N LYS E 33 -7.39 9.13 -39.56
CA LYS E 33 -6.34 8.67 -38.66
C LYS E 33 -5.02 9.37 -38.97
N GLY E 34 -4.74 9.62 -40.25
CA GLY E 34 -3.52 10.31 -40.61
C GLY E 34 -3.54 11.78 -40.25
N PHE E 35 -4.71 12.41 -40.26
CA PHE E 35 -4.80 13.80 -39.82
C PHE E 35 -4.52 13.92 -38.33
N SER E 36 -5.15 13.06 -37.52
CA SER E 36 -4.93 13.13 -36.07
C SER E 36 -3.51 12.72 -35.70
N TYR E 37 -2.98 11.67 -36.35
CA TYR E 37 -1.61 11.28 -36.12
C TYR E 37 -0.61 12.29 -36.67
N LEU E 38 -1.00 13.08 -37.68
CA LEU E 38 -0.16 14.16 -38.16
C LEU E 38 -0.05 15.26 -37.13
N ILE E 39 -1.16 15.56 -36.46
CA ILE E 39 -1.14 16.54 -35.37
C ILE E 39 -0.24 16.07 -34.24
N THR E 40 -0.38 14.79 -33.84
CA THR E 40 0.49 14.26 -32.78
C THR E 40 1.95 14.22 -33.21
N ALA E 41 2.21 13.96 -34.49
CA ALA E 41 3.59 13.92 -34.98
C ALA E 41 4.21 15.30 -34.98
N THR E 42 3.44 16.33 -35.34
CA THR E 42 4.00 17.68 -35.36
C THR E 42 4.25 18.19 -33.93
N THR E 43 3.35 17.83 -33.01
CA THR E 43 3.60 18.08 -31.59
C THR E 43 4.87 17.40 -31.10
N THR E 44 5.07 16.13 -31.49
CA THR E 44 6.23 15.37 -31.03
C THR E 44 7.52 15.93 -31.61
N VAL E 45 7.49 16.39 -32.86
CA VAL E 45 8.66 17.01 -33.48
C VAL E 45 9.01 18.32 -32.78
N GLY E 46 7.99 19.13 -32.45
CA GLY E 46 8.26 20.37 -31.74
C GLY E 46 8.83 20.17 -30.35
N VAL E 47 8.28 19.20 -29.61
CA VAL E 47 8.77 18.88 -28.27
C VAL E 47 10.19 18.34 -28.32
N ALA E 48 10.49 17.43 -29.26
CA ALA E 48 11.82 16.84 -29.34
C ALA E 48 12.87 17.86 -29.76
N TYR E 49 12.51 18.79 -30.66
CA TYR E 49 13.48 19.78 -31.08
C TYR E 49 13.74 20.81 -29.97
N ALA E 50 12.69 21.23 -29.25
CA ALA E 50 12.90 22.12 -28.10
C ALA E 50 13.73 21.44 -27.02
N ALA E 51 13.51 20.13 -26.81
CA ALA E 51 14.25 19.41 -25.78
C ALA E 51 15.71 19.26 -26.15
N LYS E 52 16.01 19.00 -27.43
CA LYS E 52 17.42 18.85 -27.79
C LYS E 52 18.14 20.20 -27.78
N ASN E 53 17.44 21.30 -28.08
CA ASN E 53 18.04 22.61 -27.88
C ASN E 53 18.34 22.89 -26.41
N VAL E 54 17.40 22.57 -25.51
CA VAL E 54 17.58 22.88 -24.09
C VAL E 54 18.68 22.02 -23.48
N VAL E 55 18.73 20.73 -23.84
CA VAL E 55 19.77 19.84 -23.32
C VAL E 55 21.14 20.25 -23.88
N SER E 56 21.20 20.68 -25.14
CA SER E 56 22.47 21.15 -25.70
C SER E 56 22.93 22.44 -25.02
N GLN E 57 21.98 23.33 -24.71
CA GLN E 57 22.31 24.56 -23.96
C GLN E 57 22.85 24.25 -22.58
N PHE E 58 22.24 23.29 -21.87
CA PHE E 58 22.69 23.03 -20.51
C PHE E 58 24.01 22.27 -20.47
N VAL E 59 24.21 21.31 -21.37
CA VAL E 59 25.46 20.56 -21.36
C VAL E 59 26.61 21.43 -21.88
N SER E 60 26.34 22.33 -22.83
CA SER E 60 27.39 23.28 -23.18
C SER E 60 27.55 24.37 -22.14
N SER E 61 26.55 24.59 -21.27
CA SER E 61 26.74 25.50 -20.15
C SER E 61 27.64 24.89 -19.10
N MET E 62 27.65 23.57 -19.00
CA MET E 62 28.57 22.91 -18.09
C MET E 62 29.96 22.71 -18.68
N SER E 63 30.31 23.36 -19.78
CA SER E 63 31.53 22.98 -20.49
C SER E 63 32.78 23.57 -19.87
N ALA E 64 32.93 24.89 -19.98
CA ALA E 64 34.16 25.57 -19.60
C ALA E 64 33.87 27.06 -19.65
N SER E 65 34.38 27.77 -18.64
CA SER E 65 34.19 29.21 -18.62
C SER E 65 35.09 29.87 -19.66
N ALA E 66 34.70 31.06 -20.09
CA ALA E 66 35.42 31.73 -21.18
C ALA E 66 36.78 32.23 -20.72
N ASP E 67 36.90 32.64 -19.46
CA ASP E 67 38.20 33.08 -18.97
C ASP E 67 39.17 31.93 -18.74
N VAL E 68 38.66 30.71 -18.54
CA VAL E 68 39.54 29.56 -18.43
C VAL E 68 40.15 29.23 -19.79
N LEU E 69 39.45 29.58 -20.87
CA LEU E 69 39.95 29.42 -22.23
C LEU E 69 41.10 30.36 -22.58
N ALA E 70 41.53 31.24 -21.68
CA ALA E 70 42.71 32.05 -21.90
C ALA E 70 43.94 31.15 -21.86
N MET E 71 44.59 30.98 -23.01
CA MET E 71 45.84 30.24 -23.11
C MET E 71 46.97 31.19 -23.51
N SER E 72 48.19 30.86 -23.11
CA SER E 72 49.29 31.81 -23.19
C SER E 72 50.56 31.13 -23.73
N LYS E 73 51.44 31.97 -24.27
CA LYS E 73 52.76 31.55 -24.74
C LYS E 73 53.80 32.14 -23.79
N ILE E 74 54.87 31.39 -23.54
CA ILE E 74 55.84 31.78 -22.51
C ILE E 74 57.21 31.93 -23.18
N GLU E 75 58.11 32.63 -22.50
CA GLU E 75 59.51 32.72 -22.90
C GLU E 75 60.39 32.05 -21.85
N ILE E 76 61.30 31.19 -22.31
CA ILE E 76 62.15 30.37 -21.46
C ILE E 76 63.60 30.65 -21.81
N LYS E 77 64.39 31.02 -20.80
CA LYS E 77 65.83 31.18 -20.97
C LYS E 77 66.52 29.86 -20.66
N LEU E 78 67.56 29.55 -21.42
CA LEU E 78 68.13 28.20 -21.37
C LEU E 78 68.97 27.97 -20.11
N SER E 79 70.07 28.72 -19.97
CA SER E 79 71.14 28.33 -19.05
C SER E 79 71.01 28.91 -17.65
N ASP E 80 69.79 29.18 -17.18
CA ASP E 80 69.59 29.40 -15.75
C ASP E 80 69.50 28.11 -14.98
N ILE E 81 69.09 27.03 -15.64
CA ILE E 81 69.06 25.69 -15.06
C ILE E 81 70.31 24.96 -15.56
N PRO E 82 71.31 24.71 -14.70
CA PRO E 82 72.57 24.12 -15.18
C PRO E 82 72.45 22.67 -15.67
N GLU E 83 73.58 22.12 -16.12
CA GLU E 83 73.57 20.91 -16.94
C GLU E 83 73.23 19.67 -16.13
N GLY E 84 72.15 18.99 -16.52
CA GLY E 84 71.69 17.79 -15.85
C GLY E 84 70.73 18.08 -14.71
N LYS E 85 69.71 18.89 -14.97
CA LYS E 85 68.82 19.35 -13.91
C LYS E 85 67.52 19.83 -14.54
N ASN E 86 66.40 19.56 -13.87
CA ASN E 86 65.08 19.85 -14.39
C ASN E 86 64.35 20.81 -13.46
N MET E 87 63.54 21.69 -14.05
CA MET E 87 62.71 22.61 -13.29
C MET E 87 61.49 22.97 -14.12
N ALA E 88 60.37 23.21 -13.43
CA ALA E 88 59.08 23.43 -14.07
C ALA E 88 58.79 24.92 -14.23
N PHE E 89 58.06 25.24 -15.30
CA PHE E 89 57.56 26.59 -15.54
C PHE E 89 56.09 26.48 -15.91
N LYS E 90 55.27 27.32 -15.28
CA LYS E 90 53.83 27.08 -15.23
C LYS E 90 53.16 27.51 -16.52
N TRP E 91 52.38 26.60 -17.10
CA TRP E 91 51.48 26.89 -18.22
C TRP E 91 50.36 25.86 -18.20
N ARG E 92 49.11 26.34 -18.32
CA ARG E 92 47.88 25.56 -18.18
C ARG E 92 47.79 24.81 -16.85
N GLY E 93 48.50 25.25 -15.81
CA GLY E 93 48.59 24.52 -14.58
C GLY E 93 49.53 23.33 -14.59
N LYS E 94 49.96 22.86 -15.78
CA LYS E 94 50.84 21.73 -15.97
C LYS E 94 52.31 22.17 -15.94
N PRO E 95 53.18 21.33 -15.40
CA PRO E 95 54.61 21.67 -15.35
C PRO E 95 55.25 21.65 -16.72
N LEU E 96 55.54 22.82 -17.26
CA LEU E 96 56.37 22.93 -18.45
C LEU E 96 57.78 22.56 -18.03
N PHE E 97 58.17 21.31 -18.26
CA PHE E 97 59.50 20.84 -17.92
C PHE E 97 60.54 21.56 -18.78
N VAL E 98 61.54 22.11 -18.11
CA VAL E 98 62.75 22.58 -18.76
C VAL E 98 63.90 21.89 -18.05
N ARG E 99 64.52 20.92 -18.71
CA ARG E 99 65.67 20.21 -18.17
C ARG E 99 66.86 20.45 -19.09
N HIS E 100 67.98 20.82 -18.49
CA HIS E 100 69.26 20.82 -19.19
C HIS E 100 69.87 19.44 -19.00
N ARG E 101 69.98 18.70 -20.09
CA ARG E 101 70.54 17.35 -20.06
C ARG E 101 72.06 17.40 -20.26
N THR E 102 72.72 16.36 -19.78
CA THR E 102 74.16 16.22 -19.92
C THR E 102 74.52 15.75 -21.32
N LYS E 103 75.83 15.57 -21.56
CA LYS E 103 76.26 14.90 -22.78
C LYS E 103 76.14 13.39 -22.65
N LYS E 104 76.33 12.88 -21.43
CA LYS E 104 76.19 11.45 -21.17
C LYS E 104 74.78 10.97 -21.41
N GLU E 105 73.78 11.82 -21.16
CA GLU E 105 72.41 11.43 -21.49
C GLU E 105 72.15 11.51 -22.98
N ILE E 106 72.89 12.36 -23.71
CA ILE E 106 72.80 12.34 -25.17
C ILE E 106 73.35 11.03 -25.70
N ASP E 107 74.42 10.52 -25.06
CA ASP E 107 74.94 9.19 -25.42
C ASP E 107 73.96 8.09 -25.06
N GLN E 108 73.36 8.17 -23.87
CA GLN E 108 72.41 7.14 -23.43
C GLN E 108 71.13 7.14 -24.25
N GLU E 109 70.76 8.27 -24.84
CA GLU E 109 69.62 8.29 -25.75
C GLU E 109 70.01 7.96 -27.18
N ALA E 110 71.28 8.17 -27.55
CA ALA E 110 71.77 7.70 -28.84
C ALA E 110 71.96 6.20 -28.87
N ALA E 111 72.10 5.57 -27.69
CA ALA E 111 72.22 4.13 -27.59
C ALA E 111 70.88 3.41 -27.68
N VAL E 112 69.79 4.14 -27.88
CA VAL E 112 68.44 3.56 -27.88
C VAL E 112 68.15 3.02 -29.29
N GLU E 113 67.91 1.72 -29.37
CA GLU E 113 67.47 1.12 -30.61
C GLU E 113 66.03 1.53 -30.90
N VAL E 114 65.68 1.59 -32.19
CA VAL E 114 64.40 2.15 -32.61
C VAL E 114 63.25 1.24 -32.18
N SER E 115 63.30 -0.04 -32.55
CA SER E 115 62.18 -0.93 -32.33
C SER E 115 62.04 -1.42 -30.89
N GLN E 116 62.95 -1.05 -29.99
CA GLN E 116 62.80 -1.39 -28.58
C GLN E 116 61.67 -0.63 -27.91
N LEU E 117 61.42 0.61 -28.34
CA LEU E 117 60.36 1.42 -27.76
C LEU E 117 59.00 0.96 -28.26
N ARG E 118 57.99 1.04 -27.39
CA ARG E 118 56.63 0.71 -27.84
C ARG E 118 56.03 1.82 -28.70
N ASP E 119 56.61 3.02 -28.66
CA ASP E 119 56.30 4.09 -29.61
C ASP E 119 57.65 4.64 -30.06
N PRO E 120 58.17 4.17 -31.21
CA PRO E 120 59.54 4.54 -31.61
C PRO E 120 59.70 5.96 -32.13
N GLN E 121 60.38 6.79 -31.35
CA GLN E 121 60.79 8.13 -31.79
C GLN E 121 62.20 8.36 -31.28
N HIS E 122 63.15 8.55 -32.19
CA HIS E 122 64.55 8.75 -31.83
C HIS E 122 64.72 10.12 -31.17
N ASP E 123 65.83 10.30 -30.45
CA ASP E 123 66.04 11.54 -29.71
C ASP E 123 66.30 12.72 -30.65
N LEU E 124 66.84 12.46 -31.84
CA LEU E 124 66.90 13.50 -32.86
C LEU E 124 65.51 13.84 -33.38
N GLU E 125 64.56 12.92 -33.28
CA GLU E 125 63.25 13.07 -33.89
C GLU E 125 62.25 13.79 -33.01
N ARG E 126 62.56 14.00 -31.73
CA ARG E 126 61.66 14.69 -30.82
C ARG E 126 62.07 16.14 -30.55
N VAL E 127 63.34 16.48 -30.73
CA VAL E 127 63.82 17.83 -30.50
C VAL E 127 64.47 18.36 -31.77
N LYS E 128 64.74 19.66 -31.77
CA LYS E 128 65.62 20.28 -32.77
C LYS E 128 66.96 20.72 -32.21
N LYS E 129 67.13 20.68 -30.89
CA LYS E 129 68.43 20.87 -30.25
C LYS E 129 68.64 19.75 -29.24
N PRO E 130 69.69 18.93 -29.40
CA PRO E 130 69.76 17.69 -28.59
C PRO E 130 70.17 17.89 -27.13
N GLU E 131 71.04 18.86 -26.84
CA GLU E 131 71.57 19.05 -25.49
C GLU E 131 70.65 19.84 -24.57
N TRP E 132 69.36 19.88 -24.88
CA TRP E 132 68.34 20.53 -24.07
C TRP E 132 67.08 19.69 -24.18
N VAL E 133 66.17 19.86 -23.21
CA VAL E 133 64.82 19.32 -23.39
C VAL E 133 63.83 20.24 -22.68
N ILE E 134 62.77 20.62 -23.40
CA ILE E 134 61.68 21.47 -22.89
C ILE E 134 60.38 20.87 -23.39
N LEU E 135 59.57 20.35 -22.48
CA LEU E 135 58.38 19.58 -22.87
C LEU E 135 57.22 19.91 -21.94
N ILE E 136 56.06 19.35 -22.28
CA ILE E 136 54.92 19.30 -21.37
C ILE E 136 55.07 18.01 -20.56
N GLY E 137 55.47 18.13 -19.30
CA GLY E 137 55.78 16.96 -18.50
C GLY E 137 54.56 16.24 -17.94
N VAL E 138 53.82 15.56 -18.81
CA VAL E 138 52.60 14.86 -18.42
C VAL E 138 52.72 13.42 -18.89
N CYS E 139 52.64 12.47 -17.94
CA CYS E 139 52.59 11.06 -18.30
C CYS E 139 51.25 10.77 -18.96
N THR E 140 51.29 10.40 -20.23
CA THR E 140 50.09 10.33 -21.06
C THR E 140 49.26 9.08 -20.82
N HIS E 141 49.65 8.20 -19.90
CA HIS E 141 48.71 7.18 -19.43
C HIS E 141 47.53 7.84 -18.74
N LEU E 142 47.78 8.44 -17.57
CA LEU E 142 46.68 8.99 -16.78
C LEU E 142 47.02 10.36 -16.21
N GLY E 143 47.77 11.16 -16.96
CA GLY E 143 47.90 12.58 -16.66
C GLY E 143 48.67 12.95 -15.42
N CYS E 144 49.66 12.14 -15.03
CA CYS E 144 50.48 12.46 -13.87
C CYS E 144 51.62 13.38 -14.27
N VAL E 145 52.60 13.54 -13.37
CA VAL E 145 53.80 14.32 -13.64
C VAL E 145 55.00 13.46 -13.31
N PRO E 146 55.92 13.23 -14.25
CA PRO E 146 57.07 12.38 -13.97
C PRO E 146 58.08 13.05 -13.06
N ILE E 147 58.77 12.22 -12.27
CA ILE E 147 59.78 12.71 -11.34
C ILE E 147 61.06 12.94 -12.13
N ALA E 148 61.70 14.09 -11.90
CA ALA E 148 63.01 14.34 -12.48
C ALA E 148 64.05 13.42 -11.85
N ASN E 149 64.62 12.53 -12.68
CA ASN E 149 65.69 11.59 -12.31
C ASN E 149 65.27 10.67 -11.15
N ALA E 150 64.32 9.80 -11.46
CA ALA E 150 63.94 8.76 -10.53
C ALA E 150 63.92 7.41 -11.24
N GLY E 151 63.88 6.34 -10.44
CA GLY E 151 63.76 5.01 -10.97
C GLY E 151 65.06 4.22 -11.00
N ASP E 152 65.23 3.44 -12.07
CA ASP E 152 66.42 2.63 -12.28
C ASP E 152 67.08 2.86 -13.63
N PHE E 153 66.38 3.48 -14.58
CA PHE E 153 66.92 3.79 -15.90
C PHE E 153 67.60 5.14 -15.96
N GLY E 154 67.69 5.85 -14.84
CA GLY E 154 68.32 7.14 -14.76
C GLY E 154 67.40 8.30 -15.07
N GLY E 155 66.56 8.17 -16.09
CA GLY E 155 65.74 9.28 -16.55
C GLY E 155 64.49 9.53 -15.74
N TYR E 156 63.43 9.99 -16.41
CA TYR E 156 62.19 10.34 -15.75
C TYR E 156 61.47 9.08 -15.28
N TYR E 157 60.48 9.27 -14.42
CA TYR E 157 59.79 8.14 -13.80
C TYR E 157 58.46 8.62 -13.26
N CYS E 158 57.38 7.97 -13.65
CA CYS E 158 56.06 8.31 -13.13
C CYS E 158 55.82 7.54 -11.85
N PRO E 159 55.53 8.20 -10.74
CA PRO E 159 55.26 7.48 -9.49
C PRO E 159 53.84 6.96 -9.36
N CYS E 160 52.97 7.23 -10.33
CA CYS E 160 51.59 6.81 -10.22
C CYS E 160 51.45 5.31 -10.41
N HIS E 161 52.01 4.78 -11.49
CA HIS E 161 51.89 3.35 -11.75
C HIS E 161 53.24 2.76 -12.17
N GLY E 162 54.34 3.36 -11.73
CA GLY E 162 55.67 2.81 -11.93
C GLY E 162 56.18 2.88 -13.35
N SER E 163 55.83 3.91 -14.10
CA SER E 163 56.28 4.04 -15.49
C SER E 163 57.72 4.52 -15.52
N HIS E 164 58.64 3.66 -15.95
CA HIS E 164 60.02 4.03 -16.13
C HIS E 164 60.19 4.73 -17.48
N TYR E 165 60.46 6.02 -17.44
CA TYR E 165 60.88 6.74 -18.63
C TYR E 165 62.41 6.77 -18.70
N ASP E 166 62.91 7.19 -19.86
CA ASP E 166 64.33 7.43 -20.03
C ASP E 166 64.60 8.93 -19.84
N ALA E 167 65.82 9.37 -20.16
CA ALA E 167 66.16 10.78 -19.98
C ALA E 167 65.47 11.69 -20.99
N SER E 168 65.08 11.16 -22.14
CA SER E 168 64.29 11.91 -23.11
C SER E 168 62.79 11.71 -22.91
N GLY E 169 62.39 10.94 -21.90
CA GLY E 169 60.99 10.76 -21.59
C GLY E 169 60.23 9.89 -22.57
N ARG E 170 60.60 8.61 -22.63
CA ARG E 170 59.93 7.64 -23.50
C ARG E 170 59.64 6.39 -22.68
N ILE E 171 58.44 5.84 -22.86
CA ILE E 171 57.95 4.78 -21.98
C ILE E 171 58.66 3.47 -22.26
N ARG E 172 59.15 2.83 -21.21
CA ARG E 172 59.86 1.57 -21.25
C ARG E 172 59.19 0.47 -20.46
N LYS E 173 58.70 0.77 -19.25
CA LYS E 173 58.17 -0.25 -18.36
C LYS E 173 56.98 0.35 -17.61
N GLY E 174 55.78 0.11 -18.10
CA GLY E 174 54.58 0.62 -17.48
C GLY E 174 53.36 0.52 -18.36
N PRO E 175 52.20 0.94 -17.85
CA PRO E 175 50.96 0.88 -18.63
C PRO E 175 50.71 2.12 -19.48
N ALA E 176 51.74 2.92 -19.73
CA ALA E 176 51.58 4.08 -20.60
C ALA E 176 51.80 3.67 -22.05
N PRO E 177 50.82 3.84 -22.93
CA PRO E 177 51.03 3.48 -24.34
C PRO E 177 51.83 4.51 -25.12
N LEU E 178 51.67 5.79 -24.81
CA LEU E 178 52.25 6.89 -25.57
C LEU E 178 53.48 7.45 -24.86
N ASN E 179 54.23 8.28 -25.59
CA ASN E 179 55.36 8.99 -25.03
C ASN E 179 54.91 10.38 -24.56
N LEU E 180 55.87 11.25 -24.25
CA LEU E 180 55.54 12.61 -23.87
C LEU E 180 55.15 13.43 -25.09
N GLU E 181 54.55 14.59 -24.83
CA GLU E 181 54.14 15.49 -25.91
C GLU E 181 55.23 16.52 -26.15
N VAL E 182 55.58 16.72 -27.41
CA VAL E 182 56.53 17.76 -27.81
C VAL E 182 55.73 19.03 -28.13
N PRO E 183 55.87 20.09 -27.34
CA PRO E 183 55.14 21.32 -27.62
C PRO E 183 55.79 22.12 -28.75
N SER E 184 55.14 23.22 -29.10
CA SER E 184 55.62 24.09 -30.16
C SER E 184 56.64 25.05 -29.56
N TYR E 185 57.87 25.01 -30.05
CA TYR E 185 58.97 25.78 -29.49
C TYR E 185 59.71 26.52 -30.59
N GLU E 186 60.00 27.80 -30.34
CA GLU E 186 60.67 28.66 -31.31
C GLU E 186 61.87 29.31 -30.64
N PHE E 187 63.08 28.92 -31.06
CA PHE E 187 64.29 29.45 -30.45
C PHE E 187 64.61 30.84 -31.02
N THR E 188 64.84 31.79 -30.11
CA THR E 188 65.29 33.12 -30.45
C THR E 188 66.64 33.37 -29.80
N SER E 189 67.50 34.11 -30.52
CA SER E 189 68.94 34.22 -30.24
C SER E 189 69.28 35.01 -29.00
N ASP E 190 68.35 35.35 -28.11
CA ASP E 190 68.66 35.96 -26.83
C ASP E 190 68.94 34.91 -25.75
N ASP E 191 69.37 33.71 -26.16
CA ASP E 191 69.30 32.49 -25.36
C ASP E 191 67.89 32.29 -24.82
N MET E 192 66.91 32.42 -25.73
CA MET E 192 65.51 32.34 -25.36
C MET E 192 64.77 31.37 -26.28
N VAL E 193 63.59 30.98 -25.84
CA VAL E 193 62.68 30.19 -26.67
C VAL E 193 61.25 30.53 -26.27
N ILE E 194 60.40 30.83 -27.26
CA ILE E 194 58.98 30.99 -27.03
C ILE E 194 58.32 29.62 -27.15
N VAL E 195 57.68 29.20 -26.06
CA VAL E 195 57.13 27.85 -25.94
C VAL E 195 55.62 27.98 -25.76
N GLY E 196 54.87 27.18 -26.51
CA GLY E 196 53.43 27.16 -26.46
C GLY E 196 52.86 26.27 -27.54
N LYS F 11 -44.63 38.12 3.09
CA LYS F 11 -43.54 38.96 3.55
C LYS F 11 -42.46 38.98 2.48
N TRP F 12 -41.73 40.10 2.38
CA TRP F 12 -40.75 40.30 1.33
C TRP F 12 -39.52 39.39 1.48
N LEU F 13 -39.29 38.83 2.68
CA LEU F 13 -38.18 37.89 2.85
C LEU F 13 -38.38 36.63 2.02
N GLU F 14 -39.62 36.25 1.76
CA GLU F 14 -39.88 35.19 0.79
C GLU F 14 -39.51 35.64 -0.61
N GLY F 15 -39.65 36.93 -0.91
CA GLY F 15 -39.18 37.44 -2.18
C GLY F 15 -37.67 37.39 -2.29
N ILE F 16 -36.99 37.65 -1.17
CA ILE F 16 -35.53 37.48 -1.12
C ILE F 16 -35.16 36.02 -1.35
N ARG F 17 -35.90 35.09 -0.72
CA ARG F 17 -35.61 33.67 -0.88
C ARG F 17 -35.87 33.20 -2.31
N LYS F 18 -36.90 33.73 -2.96
CA LYS F 18 -37.17 33.33 -4.33
C LYS F 18 -36.12 33.88 -5.29
N TRP F 19 -35.75 35.16 -5.13
CA TRP F 19 -34.65 35.71 -5.93
C TRP F 19 -33.33 35.00 -5.64
N TYR F 20 -33.13 34.57 -4.41
CA TYR F 20 -31.89 33.89 -4.07
C TYR F 20 -31.85 32.49 -4.65
N TYR F 21 -32.98 31.78 -4.64
CA TYR F 21 -33.03 30.47 -5.27
C TYR F 21 -32.92 30.58 -6.78
N ASN F 22 -33.32 31.72 -7.34
CA ASN F 22 -33.10 31.96 -8.76
C ASN F 22 -31.62 32.20 -9.03
N ALA F 23 -30.98 33.07 -8.26
CA ALA F 23 -29.63 33.53 -8.55
C ALA F 23 -28.57 32.71 -7.83
N ALA F 24 -28.93 31.62 -7.18
CA ALA F 24 -27.96 30.87 -6.41
C ALA F 24 -27.14 29.93 -7.28
N GLY F 25 -27.67 29.55 -8.43
CA GLY F 25 -26.91 28.78 -9.39
C GLY F 25 -27.11 27.27 -9.35
N PHE F 26 -27.93 26.76 -8.43
CA PHE F 26 -28.16 25.32 -8.40
C PHE F 26 -29.54 24.93 -8.88
N ASN F 27 -30.35 25.88 -9.32
CA ASN F 27 -31.49 25.53 -10.15
C ASN F 27 -31.13 25.56 -11.62
N LYS F 28 -29.97 26.11 -11.95
CA LYS F 28 -29.54 26.15 -13.34
C LYS F 28 -29.21 24.77 -13.86
N LEU F 29 -28.49 23.98 -13.06
CA LEU F 29 -27.98 22.70 -13.50
C LEU F 29 -28.97 21.56 -13.29
N GLY F 30 -30.24 21.87 -13.10
CA GLY F 30 -31.24 20.83 -12.93
C GLY F 30 -31.23 20.17 -11.57
N LEU F 31 -30.59 20.77 -10.58
CA LEU F 31 -30.53 20.21 -9.24
C LEU F 31 -31.68 20.73 -8.39
N MET F 32 -32.13 19.90 -7.47
CA MET F 32 -33.09 20.33 -6.47
C MET F 32 -32.33 20.78 -5.23
N ARG F 33 -33.06 20.96 -4.13
CA ARG F 33 -32.49 21.63 -2.96
C ARG F 33 -31.46 20.76 -2.29
N ASP F 34 -31.72 19.46 -2.20
CA ASP F 34 -30.88 18.53 -1.46
C ASP F 34 -30.01 17.68 -2.36
N ASP F 35 -29.54 18.23 -3.46
CA ASP F 35 -28.51 17.57 -4.24
C ASP F 35 -27.13 18.16 -3.99
N THR F 36 -27.05 19.27 -3.24
CA THR F 36 -25.82 20.01 -3.06
C THR F 36 -25.30 19.96 -1.63
N ILE F 37 -25.82 19.06 -0.82
CA ILE F 37 -25.51 19.05 0.60
C ILE F 37 -24.10 18.51 0.82
N HIS F 38 -23.33 19.22 1.65
CA HIS F 38 -22.00 18.75 2.04
C HIS F 38 -22.14 17.52 2.93
N GLU F 39 -21.24 16.56 2.75
CA GLU F 39 -21.38 15.24 3.36
C GLU F 39 -20.32 15.02 4.42
N ASN F 40 -20.71 15.19 5.68
CA ASN F 40 -19.99 14.63 6.81
C ASN F 40 -20.59 13.25 7.12
N ASP F 41 -20.32 12.71 8.30
CA ASP F 41 -20.82 11.39 8.66
C ASP F 41 -22.35 11.37 8.75
N ASP F 42 -22.94 12.45 9.27
CA ASP F 42 -24.39 12.52 9.44
C ASP F 42 -25.09 12.56 8.10
N VAL F 43 -24.58 13.36 7.17
CA VAL F 43 -25.20 13.45 5.86
C VAL F 43 -24.99 12.17 5.07
N LYS F 44 -23.86 11.48 5.27
CA LYS F 44 -23.67 10.17 4.64
C LYS F 44 -24.67 9.16 5.17
N GLU F 45 -24.98 9.22 6.47
CA GLU F 45 -26.02 8.34 7.00
C GLU F 45 -27.40 8.69 6.44
N ALA F 46 -27.72 9.98 6.35
CA ALA F 46 -29.03 10.37 5.82
C ALA F 46 -29.16 10.07 4.34
N ILE F 47 -28.05 10.02 3.60
CA ILE F 47 -28.11 9.60 2.21
C ILE F 47 -28.30 8.09 2.12
N ARG F 48 -27.67 7.34 3.02
CA ARG F 48 -27.85 5.89 3.02
C ARG F 48 -29.27 5.51 3.45
N ARG F 49 -29.95 6.34 4.22
CA ARG F 49 -31.35 6.11 4.58
C ARG F 49 -32.26 6.76 3.55
N LEU F 50 -32.41 6.10 2.40
CA LEU F 50 -33.31 6.59 1.37
C LEU F 50 -34.04 5.45 0.70
N PRO F 51 -35.25 5.71 0.18
CA PRO F 51 -35.88 4.76 -0.72
C PRO F 51 -35.12 4.67 -2.05
N GLU F 52 -35.43 3.62 -2.80
CA GLU F 52 -34.60 3.29 -3.96
C GLU F 52 -34.83 4.24 -5.12
N ASN F 53 -36.08 4.64 -5.35
CA ASN F 53 -36.38 5.47 -6.51
C ASN F 53 -35.84 6.89 -6.35
N LEU F 54 -35.98 7.47 -5.16
CA LEU F 54 -35.41 8.78 -4.89
C LEU F 54 -33.89 8.75 -4.95
N TYR F 55 -33.29 7.64 -4.53
CA TYR F 55 -31.84 7.53 -4.53
C TYR F 55 -31.30 7.42 -5.96
N ASN F 56 -31.99 6.67 -6.81
CA ASN F 56 -31.57 6.59 -8.21
C ASN F 56 -31.78 7.89 -8.94
N ASP F 57 -32.89 8.58 -8.66
CA ASP F 57 -33.11 9.91 -9.26
C ASP F 57 -32.06 10.90 -8.79
N ARG F 58 -31.62 10.74 -7.54
CA ARG F 58 -30.60 11.63 -7.00
C ARG F 58 -29.26 11.43 -7.68
N VAL F 59 -28.81 10.17 -7.82
CA VAL F 59 -27.52 9.97 -8.47
C VAL F 59 -27.59 10.29 -9.96
N PHE F 60 -28.78 10.19 -10.56
CA PHE F 60 -28.89 10.62 -11.95
C PHE F 60 -28.80 12.13 -12.11
N ARG F 61 -29.46 12.88 -11.24
CA ARG F 61 -29.35 14.34 -11.32
C ARG F 61 -27.93 14.80 -11.02
N ILE F 62 -27.25 14.11 -10.11
CA ILE F 62 -25.87 14.44 -9.80
C ILE F 62 -24.95 14.16 -10.98
N LYS F 63 -25.19 13.05 -11.68
CA LYS F 63 -24.34 12.75 -12.84
C LYS F 63 -24.62 13.70 -14.00
N ARG F 64 -25.88 14.15 -14.17
CA ARG F 64 -26.14 15.19 -15.15
C ARG F 64 -25.50 16.52 -14.79
N ALA F 65 -25.47 16.86 -13.49
CA ALA F 65 -24.84 18.10 -13.08
C ALA F 65 -23.34 18.08 -13.33
N LEU F 66 -22.69 16.96 -13.04
CA LEU F 66 -21.26 16.87 -13.32
C LEU F 66 -20.98 16.88 -14.82
N ASP F 67 -21.87 16.29 -15.62
CA ASP F 67 -21.71 16.36 -17.07
C ASP F 67 -21.84 17.79 -17.59
N LEU F 68 -22.88 18.49 -17.15
CA LEU F 68 -23.13 19.85 -17.63
C LEU F 68 -22.09 20.83 -17.12
N SER F 69 -21.47 20.58 -15.98
CA SER F 69 -20.36 21.42 -15.56
C SER F 69 -19.06 21.02 -16.21
N MET F 70 -18.94 19.79 -16.69
CA MET F 70 -17.79 19.41 -17.49
C MET F 70 -17.81 20.13 -18.83
N ARG F 71 -18.96 20.18 -19.49
CA ARG F 71 -19.03 20.93 -20.71
C ARG F 71 -19.22 22.43 -20.48
N GLN F 72 -19.51 22.83 -19.24
CA GLN F 72 -19.84 24.20 -18.84
C GLN F 72 -20.96 24.78 -19.69
N GLN F 73 -21.95 23.95 -19.95
CA GLN F 73 -23.18 24.33 -20.60
C GLN F 73 -24.32 24.19 -19.60
N ILE F 74 -25.22 25.16 -19.59
CA ILE F 74 -26.33 25.19 -18.64
C ILE F 74 -27.63 25.05 -19.41
N LEU F 75 -28.53 24.20 -18.89
CA LEU F 75 -29.80 23.72 -19.42
C LEU F 75 -30.69 24.78 -20.07
N PRO F 76 -31.53 24.39 -21.03
CA PRO F 76 -32.50 25.34 -21.60
C PRO F 76 -33.55 25.81 -20.61
N LYS F 77 -34.41 26.73 -21.06
CA LYS F 77 -35.33 27.41 -20.17
C LYS F 77 -36.42 26.47 -19.67
N GLU F 78 -36.79 25.47 -20.46
CA GLU F 78 -37.92 24.62 -20.15
C GLU F 78 -37.58 23.48 -19.19
N GLN F 79 -36.35 23.41 -18.67
CA GLN F 79 -35.98 22.31 -17.77
C GLN F 79 -35.24 22.79 -16.53
N TRP F 80 -35.30 24.07 -16.21
CA TRP F 80 -34.78 24.50 -14.93
C TRP F 80 -35.72 24.07 -13.83
N THR F 81 -35.15 23.67 -12.70
CA THR F 81 -35.97 23.36 -11.54
C THR F 81 -36.55 24.64 -10.96
N LYS F 82 -37.85 24.61 -10.68
CA LYS F 82 -38.59 25.79 -10.28
C LYS F 82 -38.85 25.79 -8.79
N TYR F 83 -38.95 26.99 -8.22
CA TYR F 83 -39.07 27.11 -6.77
C TYR F 83 -40.42 26.68 -6.25
N GLU F 84 -41.46 26.72 -7.09
CA GLU F 84 -42.80 26.40 -6.62
C GLU F 84 -42.96 24.93 -6.29
N GLU F 85 -42.25 24.06 -7.01
CA GLU F 85 -42.31 22.61 -6.83
C GLU F 85 -41.09 22.07 -6.11
N ASP F 86 -40.59 22.81 -5.13
CA ASP F 86 -39.36 22.43 -4.43
C ASP F 86 -39.63 21.22 -3.56
N LYS F 87 -39.38 20.04 -4.13
CA LYS F 87 -39.55 18.77 -3.42
C LYS F 87 -38.28 18.46 -2.63
N PHE F 88 -38.07 19.24 -1.58
CA PHE F 88 -37.01 18.92 -0.65
C PHE F 88 -37.42 17.72 0.19
N TYR F 89 -36.53 16.72 0.24
CA TYR F 89 -36.91 15.40 0.72
C TYR F 89 -35.94 14.87 1.76
N LEU F 90 -34.68 15.33 1.70
CA LEU F 90 -33.65 14.75 2.53
C LEU F 90 -33.68 15.29 3.95
N GLU F 91 -34.39 16.39 4.18
CA GLU F 91 -34.46 17.04 5.49
C GLU F 91 -35.06 16.22 6.64
N PRO F 92 -36.15 15.42 6.47
CA PRO F 92 -36.60 14.61 7.63
C PRO F 92 -35.62 13.56 8.10
N TYR F 93 -34.99 12.82 7.19
CA TYR F 93 -33.99 11.83 7.58
C TYR F 93 -32.79 12.49 8.25
N LEU F 94 -32.41 13.66 7.76
CA LEU F 94 -31.27 14.38 8.31
C LEU F 94 -31.60 14.92 9.70
N LYS F 95 -32.85 15.34 9.91
CA LYS F 95 -33.29 15.72 11.25
C LYS F 95 -33.29 14.54 12.21
N GLU F 96 -33.68 13.35 11.73
CA GLU F 96 -33.67 12.18 12.60
C GLU F 96 -32.25 11.77 12.97
N VAL F 97 -31.32 11.87 12.02
CA VAL F 97 -29.90 11.60 12.30
C VAL F 97 -29.36 12.57 13.34
N ILE F 98 -29.69 13.86 13.20
CA ILE F 98 -29.20 14.86 14.15
C ILE F 98 -29.80 14.64 15.54
N ARG F 99 -31.08 14.27 15.60
CA ARG F 99 -31.71 14.04 16.90
C ARG F 99 -31.13 12.82 17.61
N GLU F 100 -30.90 11.73 16.87
CA GLU F 100 -30.32 10.55 17.51
C GLU F 100 -28.85 10.77 17.90
N ARG F 101 -28.12 11.55 17.09
CA ARG F 101 -26.73 11.87 17.40
C ARG F 101 -26.65 12.75 18.65
N LYS F 102 -27.51 13.76 18.76
CA LYS F 102 -27.50 14.61 19.94
C LYS F 102 -27.97 13.87 21.19
N GLU F 103 -28.90 12.91 21.03
CA GLU F 103 -29.32 12.10 22.17
C GLU F 103 -28.19 11.23 22.66
N ARG F 104 -27.43 10.63 21.73
CA ARG F 104 -26.26 9.84 22.11
C ARG F 104 -25.17 10.69 22.76
N GLU F 105 -24.96 11.90 22.24
CA GLU F 105 -24.00 12.83 22.85
C GLU F 105 -24.41 13.20 24.26
N GLU F 106 -25.69 13.48 24.50
CA GLU F 106 -26.15 13.85 25.83
C GLU F 106 -26.04 12.67 26.79
N TRP F 107 -26.31 11.45 26.31
CA TRP F 107 -26.13 10.27 27.15
C TRP F 107 -24.67 10.07 27.52
N THR F 108 -23.74 10.43 26.63
CA THR F 108 -22.33 10.37 27.01
C THR F 108 -21.96 11.47 27.99
N LYS F 109 -22.54 12.67 27.83
CA LYS F 109 -22.19 13.79 28.70
C LYS F 109 -22.67 13.58 30.12
N LYS F 110 -23.88 13.04 30.30
CA LYS F 110 -24.33 12.74 31.64
C LYS F 110 -24.01 11.28 31.97
N GLY G 1 -11.77 7.26 -3.47
CA GLY G 1 -10.35 7.41 -3.20
C GLY G 1 -9.54 6.19 -3.58
N ARG G 2 -10.18 5.02 -3.49
CA ARG G 2 -9.53 3.77 -3.86
C ARG G 2 -9.57 3.60 -5.37
N GLN G 3 -9.26 2.40 -5.85
CA GLN G 3 -9.38 2.11 -7.27
C GLN G 3 -10.85 1.96 -7.66
N PHE G 4 -11.08 1.68 -8.93
CA PHE G 4 -12.43 1.52 -9.46
C PHE G 4 -13.13 0.29 -8.89
N GLY G 5 -14.46 0.31 -8.94
CA GLY G 5 -15.24 -0.87 -8.68
C GLY G 5 -16.15 -0.80 -7.48
N HIS G 6 -15.66 -0.27 -6.37
CA HIS G 6 -16.36 -0.33 -5.09
C HIS G 6 -16.65 1.06 -4.56
N LEU G 7 -17.05 1.97 -5.43
CA LEU G 7 -17.26 3.37 -5.04
C LEU G 7 -18.72 3.69 -4.79
N THR G 8 -19.58 3.47 -5.79
CA THR G 8 -20.96 3.94 -5.75
C THR G 8 -21.87 2.81 -6.19
N ARG G 9 -23.14 3.15 -6.41
CA ARG G 9 -24.16 2.18 -6.80
C ARG G 9 -25.15 2.88 -7.71
N VAL G 10 -25.21 2.45 -8.97
CA VAL G 10 -25.96 3.13 -10.02
C VAL G 10 -26.93 2.15 -10.65
N ARG G 11 -28.19 2.57 -10.82
CA ARG G 11 -29.19 1.78 -11.51
C ARG G 11 -29.82 2.62 -12.62
N HIS G 12 -30.60 1.93 -13.50
CA HIS G 12 -30.21 1.84 -14.90
C HIS G 12 -29.76 3.15 -15.51
N VAL G 13 -28.49 3.27 -15.86
CA VAL G 13 -28.00 4.52 -16.46
C VAL G 13 -27.20 4.18 -17.71
N ILE G 14 -27.59 4.77 -18.84
CA ILE G 14 -27.02 4.44 -20.14
C ILE G 14 -26.19 5.62 -20.62
N THR G 15 -24.93 5.35 -20.97
CA THR G 15 -23.98 6.35 -21.44
C THR G 15 -23.54 6.00 -22.84
N TYR G 16 -23.69 6.95 -23.76
CA TYR G 16 -23.24 6.81 -25.14
C TYR G 16 -21.99 7.64 -25.32
N SER G 17 -21.00 7.11 -26.04
CA SER G 17 -19.79 7.85 -26.33
C SER G 17 -19.35 7.54 -27.74
N LEU G 18 -19.06 8.58 -28.50
CA LEU G 18 -18.66 8.43 -29.89
C LEU G 18 -17.13 8.30 -29.93
N SER G 19 -16.62 7.73 -31.03
CA SER G 19 -15.19 7.60 -31.17
C SER G 19 -14.55 8.96 -31.43
N PRO G 20 -13.32 9.18 -30.95
CA PRO G 20 -12.67 10.46 -31.22
C PRO G 20 -12.15 10.59 -32.63
N PHE G 21 -11.78 9.49 -33.30
CA PHE G 21 -11.49 9.56 -34.72
C PHE G 21 -12.75 9.71 -35.57
N GLU G 22 -13.92 9.50 -34.98
CA GLU G 22 -15.15 9.63 -35.74
C GLU G 22 -15.58 11.08 -35.87
N GLN G 23 -15.41 11.86 -34.82
CA GLN G 23 -15.97 13.19 -34.71
C GLN G 23 -14.90 14.26 -34.92
N ARG G 24 -15.37 15.49 -35.14
CA ARG G 24 -14.46 16.59 -35.43
C ARG G 24 -13.67 17.00 -34.20
N ALA G 25 -12.63 17.78 -34.44
CA ALA G 25 -11.82 18.30 -33.35
C ALA G 25 -12.57 19.37 -32.59
N PHE G 26 -12.95 20.46 -33.27
CA PHE G 26 -13.59 21.61 -32.65
C PHE G 26 -15.03 21.70 -33.14
N PRO G 27 -16.00 21.18 -32.41
CA PRO G 27 -17.39 21.29 -32.87
C PRO G 27 -17.97 22.67 -32.67
N HIS G 28 -18.06 23.43 -33.77
CA HIS G 28 -18.63 24.78 -33.82
C HIS G 28 -17.96 25.71 -32.82
N TYR G 29 -16.64 25.88 -32.99
CA TYR G 29 -15.86 26.62 -32.02
C TYR G 29 -16.05 28.13 -32.14
N PHE G 30 -16.64 28.61 -33.24
CA PHE G 30 -16.97 30.03 -33.36
C PHE G 30 -18.42 30.25 -33.74
N SER G 31 -19.34 29.44 -33.23
CA SER G 31 -20.76 29.78 -33.23
C SER G 31 -21.42 29.51 -31.89
N LYS G 32 -20.80 28.70 -31.03
CA LYS G 32 -21.26 28.49 -29.67
C LYS G 32 -20.28 28.96 -28.61
N GLY G 33 -18.98 29.01 -28.96
CA GLY G 33 -17.98 29.44 -27.99
C GLY G 33 -18.12 30.90 -27.60
N ILE G 34 -18.47 31.75 -28.56
CA ILE G 34 -18.67 33.16 -28.29
C ILE G 34 -19.94 33.42 -27.47
N PRO G 35 -21.11 32.83 -27.75
CA PRO G 35 -22.22 33.00 -26.79
C PRO G 35 -21.96 32.37 -25.43
N ASN G 36 -21.20 31.27 -25.36
CA ASN G 36 -20.90 30.68 -24.06
C ASN G 36 -19.96 31.56 -23.25
N VAL G 37 -18.97 32.17 -23.89
CA VAL G 37 -18.06 33.02 -23.13
C VAL G 37 -18.73 34.33 -22.74
N LEU G 38 -19.65 34.84 -23.58
CA LEU G 38 -20.37 36.04 -23.18
C LEU G 38 -21.37 35.75 -22.07
N ARG G 39 -21.95 34.54 -22.06
CA ARG G 39 -22.87 34.16 -20.99
C ARG G 39 -22.14 33.96 -19.67
N ARG G 40 -21.02 33.23 -19.71
CA ARG G 40 -20.25 33.03 -18.49
C ARG G 40 -19.58 34.30 -18.00
N THR G 41 -19.34 35.26 -18.91
CA THR G 41 -18.82 36.56 -18.48
C THR G 41 -19.91 37.38 -17.83
N ARG G 42 -21.11 37.39 -18.40
CA ARG G 42 -22.21 38.17 -17.86
C ARG G 42 -22.70 37.59 -16.53
N ALA G 43 -22.47 36.31 -16.29
CA ALA G 43 -22.87 35.70 -15.03
C ALA G 43 -21.78 35.75 -13.97
N CYS G 44 -20.68 36.50 -14.18
CA CYS G 44 -19.62 36.57 -13.18
C CYS G 44 -19.07 37.97 -12.91
N ILE G 45 -19.17 38.91 -13.86
CA ILE G 45 -18.52 40.21 -13.68
C ILE G 45 -19.20 41.03 -12.61
N LEU G 46 -20.50 40.80 -12.38
CA LEU G 46 -21.22 41.50 -11.33
C LEU G 46 -20.88 40.98 -9.94
N ARG G 47 -20.10 39.90 -9.84
CA ARG G 47 -19.62 39.39 -8.57
C ARG G 47 -18.11 39.47 -8.44
N VAL G 48 -17.40 39.65 -9.54
CA VAL G 48 -15.95 39.77 -9.52
C VAL G 48 -15.51 41.22 -9.55
N ALA G 49 -15.98 41.98 -10.51
CA ALA G 49 -15.47 43.33 -10.76
C ALA G 49 -15.79 44.45 -9.76
N PRO G 50 -16.96 44.54 -9.11
CA PRO G 50 -17.20 45.68 -8.20
C PRO G 50 -16.29 45.75 -6.97
N PRO G 51 -15.51 44.72 -6.62
CA PRO G 51 -14.33 45.01 -5.80
C PRO G 51 -13.16 45.60 -6.58
N PHE G 52 -12.96 45.21 -7.83
CA PHE G 52 -11.77 45.69 -8.55
C PHE G 52 -11.93 47.12 -9.03
N VAL G 53 -13.14 47.60 -9.30
CA VAL G 53 -13.28 49.02 -9.60
C VAL G 53 -13.09 49.84 -8.33
N VAL G 54 -13.37 49.27 -7.16
CA VAL G 54 -13.02 49.92 -5.92
C VAL G 54 -11.51 49.96 -5.74
N PHE G 55 -10.80 48.90 -6.15
CA PHE G 55 -9.34 48.95 -6.12
C PHE G 55 -8.77 49.99 -7.08
N TYR G 56 -9.38 50.10 -8.26
CA TYR G 56 -8.96 51.11 -9.22
C TYR G 56 -9.19 52.52 -8.68
N LEU G 57 -10.32 52.73 -8.01
CA LEU G 57 -10.58 54.02 -7.38
C LEU G 57 -9.61 54.29 -6.22
N VAL G 58 -9.23 53.27 -5.47
CA VAL G 58 -8.27 53.45 -4.38
C VAL G 58 -6.89 53.78 -4.93
N TYR G 59 -6.47 53.12 -6.01
CA TYR G 59 -5.19 53.42 -6.64
C TYR G 59 -5.13 54.84 -7.17
N THR G 60 -6.16 55.25 -7.92
CA THR G 60 -6.17 56.60 -8.48
C THR G 60 -6.29 57.66 -7.39
N TRP G 61 -7.12 57.41 -6.37
CA TRP G 61 -7.31 58.40 -5.32
C TRP G 61 -6.07 58.52 -4.44
N GLY G 62 -5.37 57.42 -4.20
CA GLY G 62 -4.15 57.48 -3.43
C GLY G 62 -3.03 58.17 -4.18
N THR G 63 -2.95 57.93 -5.50
CA THR G 63 -2.00 58.66 -6.34
C THR G 63 -2.30 60.15 -6.33
N GLN G 64 -3.59 60.51 -6.47
CA GLN G 64 -3.98 61.92 -6.47
C GLN G 64 -3.74 62.58 -5.12
N GLU G 65 -3.91 61.86 -4.01
CA GLU G 65 -3.70 62.50 -2.72
C GLU G 65 -2.21 62.58 -2.38
N PHE G 66 -1.39 61.65 -2.88
CA PHE G 66 0.05 61.81 -2.68
C PHE G 66 0.59 62.97 -3.50
N GLU G 67 0.07 63.15 -4.72
CA GLU G 67 0.41 64.33 -5.50
C GLU G 67 -0.18 65.60 -4.89
N LYS G 68 -1.31 65.48 -4.19
CA LYS G 68 -1.86 66.61 -3.45
C LYS G 68 -0.93 67.02 -2.31
N SER G 69 -0.40 66.03 -1.60
CA SER G 69 0.48 66.32 -0.47
C SER G 69 1.83 66.85 -0.91
N LYS G 70 2.27 66.51 -2.12
CA LYS G 70 3.61 66.94 -2.54
C LYS G 70 3.64 68.05 -3.58
N ARG G 71 2.52 68.40 -4.21
CA ARG G 71 2.51 69.38 -5.29
C ARG G 71 2.02 70.76 -4.84
N LYS G 72 2.34 71.19 -3.62
CA LYS G 72 2.02 72.56 -3.21
C LYS G 72 3.31 73.35 -3.00
N ASN G 73 4.19 72.88 -2.10
CA ASN G 73 5.58 73.29 -1.85
C ASN G 73 6.08 74.68 -2.26
N LEU H 13 30.54 74.94 -32.33
CA LEU H 13 29.95 73.78 -33.00
C LEU H 13 28.44 73.88 -32.93
N VAL H 14 27.78 73.45 -34.00
CA VAL H 14 26.33 73.55 -34.12
C VAL H 14 25.69 72.44 -33.28
N ASP H 15 25.18 72.79 -32.12
CA ASP H 15 24.62 71.73 -31.29
C ASP H 15 23.17 71.45 -31.69
N PRO H 16 22.78 70.19 -31.82
CA PRO H 16 21.38 69.88 -32.13
C PRO H 16 20.48 69.92 -30.92
N LEU H 17 21.02 69.59 -29.74
CA LEU H 17 20.20 69.47 -28.55
C LEU H 17 19.69 70.83 -28.08
N THR H 18 20.55 71.84 -28.08
CA THR H 18 20.13 73.18 -27.72
C THR H 18 19.17 73.75 -28.75
N THR H 19 19.33 73.36 -30.02
CA THR H 19 18.38 73.74 -31.07
C THR H 19 17.00 73.18 -30.80
N VAL H 20 16.93 71.88 -30.47
CA VAL H 20 15.65 71.23 -30.17
C VAL H 20 15.02 71.81 -28.92
N ARG H 21 15.84 72.13 -27.92
CA ARG H 21 15.31 72.64 -26.66
C ARG H 21 14.81 74.08 -26.79
N GLU H 22 15.46 74.90 -27.61
CA GLU H 22 14.97 76.23 -27.86
C GLU H 22 13.76 76.22 -28.79
N GLN H 23 13.63 75.22 -29.65
CA GLN H 23 12.48 75.21 -30.54
C GLN H 23 11.29 74.42 -30.02
N CYS H 24 11.42 73.72 -28.89
CA CYS H 24 10.31 72.90 -28.41
C CYS H 24 9.47 73.57 -27.34
N GLU H 25 9.96 74.65 -26.73
CA GLU H 25 9.22 75.32 -25.67
C GLU H 25 8.19 76.32 -26.19
N GLN H 26 7.76 76.19 -27.45
CA GLN H 26 6.66 76.98 -27.98
C GLN H 26 5.30 76.49 -27.51
N LEU H 27 5.21 75.25 -27.03
CA LEU H 27 3.94 74.64 -26.67
C LEU H 27 3.38 75.29 -25.41
N GLU H 28 2.05 75.20 -25.26
CA GLU H 28 1.33 75.97 -24.25
C GLU H 28 1.68 75.54 -22.84
N LYS H 29 1.88 74.23 -22.61
CA LYS H 29 2.25 73.75 -21.28
C LYS H 29 3.62 74.29 -20.87
N CYS H 30 4.57 74.34 -21.80
CA CYS H 30 5.88 74.88 -21.51
C CYS H 30 5.83 76.39 -21.28
N VAL H 31 4.93 77.09 -21.97
CA VAL H 31 4.76 78.52 -21.77
C VAL H 31 4.21 78.79 -20.37
N LYS H 32 3.17 78.05 -19.98
CA LYS H 32 2.60 78.21 -18.66
C LYS H 32 3.59 77.83 -17.56
N ALA H 33 4.43 76.84 -17.81
CA ALA H 33 5.48 76.50 -16.85
C ALA H 33 6.55 77.59 -16.75
N ARG H 34 6.86 78.23 -17.88
CA ARG H 34 7.80 79.35 -17.89
C ARG H 34 7.27 80.49 -17.03
N GLU H 35 5.97 80.83 -17.18
CA GLU H 35 5.42 81.87 -16.32
C GLU H 35 5.28 81.41 -14.87
N ARG H 36 5.12 80.10 -14.61
CA ARG H 36 5.13 79.62 -13.23
C ARG H 36 6.48 79.85 -12.58
N LEU H 37 7.56 79.56 -13.31
CA LEU H 37 8.89 79.78 -12.76
C LEU H 37 9.16 81.26 -12.57
N GLU H 38 8.66 82.10 -13.47
CA GLU H 38 8.87 83.55 -13.33
C GLU H 38 8.06 84.12 -12.16
N LEU H 39 6.85 83.61 -11.91
CA LEU H 39 6.10 84.10 -10.77
C LEU H 39 6.69 83.59 -9.46
N CYS H 40 7.31 82.40 -9.46
CA CYS H 40 8.02 81.97 -8.25
C CYS H 40 9.26 82.83 -8.03
N ASP H 41 9.90 83.27 -9.11
CA ASP H 41 11.02 84.20 -9.01
C ASP H 41 10.56 85.52 -8.41
N GLU H 42 9.39 86.01 -8.87
CA GLU H 42 8.79 87.21 -8.28
C GLU H 42 8.45 87.00 -6.81
N ARG H 43 8.06 85.77 -6.46
CA ARG H 43 7.66 85.48 -5.08
C ARG H 43 8.86 85.53 -4.13
N VAL H 44 9.93 84.82 -4.48
CA VAL H 44 11.06 84.78 -3.57
C VAL H 44 11.88 86.07 -3.66
N SER H 45 11.79 86.80 -4.77
CA SER H 45 12.29 88.17 -4.76
C SER H 45 11.42 89.08 -3.91
N SER H 46 10.12 88.77 -3.80
CA SER H 46 9.22 89.60 -3.02
C SER H 46 9.33 89.28 -1.54
N ARG H 47 9.00 88.05 -1.16
CA ARG H 47 9.19 87.60 0.22
C ARG H 47 10.65 87.16 0.39
N SER H 48 11.53 88.15 0.36
CA SER H 48 12.97 87.87 0.34
C SER H 48 13.42 87.39 1.71
N GLN H 49 14.55 86.67 1.70
CA GLN H 49 15.15 86.01 2.86
C GLN H 49 14.15 85.04 3.49
N THR H 50 13.81 84.00 2.71
CA THR H 50 12.78 83.04 3.07
C THR H 50 13.33 81.63 2.94
N GLU H 51 12.50 80.65 3.31
CA GLU H 51 12.84 79.24 3.31
C GLU H 51 11.82 78.45 2.51
N GLU H 52 11.52 78.95 1.32
CA GLU H 52 10.56 78.33 0.40
C GLU H 52 10.99 78.77 -1.00
N ASP H 53 11.72 77.90 -1.70
CA ASP H 53 12.75 78.35 -2.64
C ASP H 53 12.61 77.70 -4.01
N CYS H 54 11.41 77.72 -4.59
CA CYS H 54 11.14 77.47 -6.02
C CYS H 54 11.56 76.07 -6.46
N THR H 55 10.87 75.07 -5.92
CA THR H 55 11.14 73.69 -6.32
C THR H 55 10.18 73.20 -7.41
N GLU H 56 8.88 73.26 -7.12
CA GLU H 56 7.87 72.62 -7.96
C GLU H 56 7.80 73.26 -9.34
N GLU H 57 7.99 74.58 -9.40
CA GLU H 57 7.90 75.28 -10.68
C GLU H 57 9.02 74.85 -11.63
N LEU H 58 10.24 74.74 -11.11
CA LEU H 58 11.35 74.33 -11.95
C LEU H 58 11.26 72.86 -12.32
N PHE H 59 10.84 72.01 -11.38
CA PHE H 59 10.68 70.60 -11.71
C PHE H 59 9.54 70.37 -12.70
N ASP H 60 8.46 71.13 -12.62
CA ASP H 60 7.36 70.99 -13.56
C ASP H 60 7.74 71.51 -14.95
N PHE H 61 8.52 72.59 -14.99
CA PHE H 61 9.01 73.07 -16.28
C PHE H 61 9.95 72.08 -16.94
N LEU H 62 10.87 71.50 -16.17
CA LEU H 62 11.75 70.49 -16.73
C LEU H 62 10.98 69.24 -17.15
N HIS H 63 9.93 68.89 -16.40
CA HIS H 63 9.05 67.78 -16.73
C HIS H 63 8.41 67.96 -18.10
N ALA H 64 7.72 69.09 -18.29
CA ALA H 64 7.03 69.34 -19.56
C ALA H 64 8.01 69.52 -20.72
N ARG H 65 9.09 70.28 -20.50
CA ARG H 65 10.04 70.57 -21.55
C ARG H 65 10.76 69.31 -22.01
N ASP H 66 11.25 68.50 -21.06
CA ASP H 66 11.96 67.31 -21.46
C ASP H 66 11.03 66.24 -21.99
N HIS H 67 9.74 66.27 -21.67
CA HIS H 67 8.84 65.33 -22.32
C HIS H 67 8.57 65.71 -23.78
N CYS H 68 8.44 67.02 -24.08
CA CYS H 68 8.29 67.38 -25.48
C CYS H 68 9.60 67.19 -26.24
N VAL H 69 10.74 67.27 -25.54
CA VAL H 69 12.02 66.90 -26.14
C VAL H 69 12.06 65.41 -26.44
N ALA H 70 11.53 64.59 -25.52
CA ALA H 70 11.48 63.15 -25.72
C ALA H 70 10.61 62.76 -26.90
N HIS H 71 9.58 63.55 -27.18
CA HIS H 71 8.66 63.20 -28.26
C HIS H 71 9.30 63.31 -29.63
N LYS H 72 10.16 64.31 -29.85
CA LYS H 72 10.51 64.71 -31.20
C LYS H 72 12.00 65.08 -31.31
N LEU H 73 12.90 64.24 -30.79
CA LEU H 73 14.33 64.54 -30.90
C LEU H 73 15.08 63.60 -31.83
N PHE H 74 15.08 62.29 -31.54
CA PHE H 74 16.02 61.34 -32.14
C PHE H 74 15.84 61.14 -33.64
N ASN H 75 14.80 61.73 -34.25
CA ASN H 75 14.76 61.86 -35.70
C ASN H 75 15.97 62.62 -36.21
N SER H 76 16.27 63.77 -35.59
CA SER H 76 17.38 64.60 -36.02
C SER H 76 18.73 63.99 -35.71
N LEU H 77 18.79 63.06 -34.78
CA LEU H 77 20.08 62.62 -34.26
C LEU H 77 20.28 61.14 -34.58
N UNK I 1 -32.59 -43.16 -22.21
CA UNK I 1 -31.68 -42.51 -23.14
C UNK I 1 -32.38 -41.42 -23.93
N UNK I 2 -33.01 -41.81 -25.05
CA UNK I 2 -33.74 -40.90 -25.91
C UNK I 2 -35.22 -40.81 -25.56
N UNK I 3 -35.58 -41.06 -24.30
CA UNK I 3 -36.97 -41.12 -23.87
C UNK I 3 -37.50 -39.77 -23.40
N UNK I 4 -36.76 -38.68 -23.66
CA UNK I 4 -37.20 -37.29 -23.46
C UNK I 4 -37.56 -37.01 -21.99
N UNK I 5 -36.53 -37.08 -21.15
CA UNK I 5 -36.74 -36.84 -19.73
C UNK I 5 -35.82 -37.60 -18.80
N UNK I 6 -35.22 -38.70 -19.26
CA UNK I 6 -34.15 -39.30 -18.49
C UNK I 6 -32.92 -38.40 -18.57
N UNK I 7 -32.53 -37.82 -17.44
CA UNK I 7 -31.51 -36.79 -17.44
C UNK I 7 -30.13 -37.35 -17.76
N UNK I 8 -29.33 -36.56 -18.46
CA UNK I 8 -28.04 -37.02 -18.97
C UNK I 8 -27.06 -35.86 -18.88
N UNK I 9 -26.15 -35.92 -17.91
CA UNK I 9 -25.15 -34.88 -17.79
C UNK I 9 -24.06 -35.11 -18.83
N UNK I 10 -23.41 -34.02 -19.24
CA UNK I 10 -22.45 -34.14 -20.34
C UNK I 10 -21.32 -33.14 -20.14
N UNK I 11 -20.23 -33.61 -19.51
CA UNK I 11 -19.03 -32.79 -19.47
C UNK I 11 -18.21 -33.02 -20.73
N UNK I 12 -17.18 -32.20 -20.91
CA UNK I 12 -16.30 -32.35 -22.06
C UNK I 12 -14.97 -31.68 -21.75
N UNK I 13 -14.09 -31.68 -22.74
CA UNK I 13 -12.88 -30.88 -22.74
C UNK I 13 -12.90 -29.81 -23.81
N UNK I 14 -13.95 -29.76 -24.62
CA UNK I 14 -14.21 -28.68 -25.55
C UNK I 14 -15.63 -28.13 -25.44
N UNK I 15 -16.62 -28.97 -25.18
CA UNK I 15 -18.02 -28.58 -25.16
C UNK I 15 -18.51 -28.31 -23.73
N UNK I 16 -19.69 -27.71 -23.63
CA UNK I 16 -20.21 -27.22 -22.37
C UNK I 16 -20.85 -28.36 -21.58
N UNK I 17 -21.62 -28.01 -20.54
CA UNK I 17 -22.32 -28.97 -19.72
C UNK I 17 -23.82 -28.73 -19.80
N UNK I 18 -24.59 -29.82 -19.93
CA UNK I 18 -26.04 -29.71 -20.12
C UNK I 18 -26.70 -31.00 -19.67
N UNK I 19 -28.04 -30.94 -19.58
CA UNK I 19 -28.88 -32.10 -19.27
C UNK I 19 -30.00 -32.12 -20.30
N UNK I 20 -29.73 -32.70 -21.47
CA UNK I 20 -30.66 -32.67 -22.59
C UNK I 20 -31.79 -33.66 -22.31
N UNK I 21 -32.82 -33.16 -21.63
CA UNK I 21 -34.00 -33.94 -21.32
C UNK I 21 -35.22 -33.15 -21.73
N UNK I 22 -36.03 -33.71 -22.63
CA UNK I 22 -37.26 -33.05 -23.06
C UNK I 22 -38.46 -33.59 -22.28
N UNK I 23 -38.38 -33.44 -20.95
CA UNK I 23 -39.44 -33.87 -20.05
C UNK I 23 -40.61 -32.90 -20.09
N UNK I 24 -42.35 -27.95 -19.69
CA UNK I 24 -41.36 -28.61 -20.53
C UNK I 24 -40.57 -27.58 -21.32
N UNK I 25 -40.53 -27.75 -22.64
CA UNK I 25 -39.96 -26.77 -23.55
C UNK I 25 -41.03 -25.93 -24.22
N UNK I 26 -42.12 -25.63 -23.51
CA UNK I 26 -43.18 -24.75 -24.00
C UNK I 26 -43.12 -23.39 -23.31
N UNK I 27 -41.92 -22.87 -23.07
CA UNK I 27 -41.75 -21.62 -22.36
C UNK I 27 -42.05 -20.39 -23.21
N UNK I 28 -42.37 -20.56 -24.49
CA UNK I 28 -42.84 -19.46 -25.32
C UNK I 28 -44.36 -19.36 -25.33
N UNK I 29 -45.05 -20.50 -25.30
CA UNK I 29 -46.50 -20.50 -25.14
C UNK I 29 -46.88 -20.02 -23.76
N UNK I 30 -46.09 -20.36 -22.76
CA UNK I 30 -46.22 -19.78 -21.43
C UNK I 30 -45.56 -18.40 -21.45
N UNK I 31 -46.37 -17.36 -21.61
CA UNK I 31 -45.84 -16.01 -21.61
C UNK I 31 -45.40 -15.61 -20.21
N UNK I 32 -44.53 -14.59 -20.17
CA UNK I 32 -43.93 -14.04 -18.95
C UNK I 32 -43.17 -15.12 -18.16
N UNK I 33 -42.13 -15.64 -18.79
CA UNK I 33 -41.26 -16.62 -18.15
C UNK I 33 -39.92 -15.98 -17.83
N LEU J 5 -2.04 11.94 -50.23
CA LEU J 5 -1.84 13.24 -49.59
C LEU J 5 -1.82 13.04 -48.09
N THR J 6 -2.85 12.39 -47.58
CA THR J 6 -2.92 11.94 -46.20
C THR J 6 -2.97 10.42 -46.09
N ALA J 7 -3.61 9.77 -47.06
CA ALA J 7 -3.75 8.31 -47.03
C ALA J 7 -2.42 7.61 -47.24
N ARG J 8 -1.59 8.12 -48.17
CA ARG J 8 -0.25 7.57 -48.33
C ARG J 8 0.61 7.82 -47.11
N LEU J 9 0.39 8.97 -46.46
CA LEU J 9 1.17 9.31 -45.27
C LEU J 9 0.85 8.38 -44.11
N TYR J 10 -0.43 8.07 -43.91
CA TYR J 10 -0.81 7.10 -42.89
C TYR J 10 -0.40 5.69 -43.26
N SER J 11 -0.46 5.35 -44.56
CA SER J 11 -0.09 4.00 -44.98
C SER J 11 1.41 3.76 -44.83
N LEU J 12 2.22 4.81 -44.95
CA LEU J 12 3.66 4.62 -44.81
C LEU J 12 4.12 4.81 -43.37
N LEU J 13 3.91 6.00 -42.80
CA LEU J 13 4.70 6.43 -41.65
C LEU J 13 3.94 6.34 -40.33
N PHE J 14 2.76 5.73 -40.30
CA PHE J 14 1.98 5.73 -39.07
C PHE J 14 1.34 4.39 -38.71
N ARG J 15 1.49 3.35 -39.53
CA ARG J 15 1.04 2.03 -39.10
C ARG J 15 2.01 1.42 -38.10
N ARG J 16 3.26 1.24 -38.49
CA ARG J 16 4.26 0.74 -37.56
C ARG J 16 4.72 1.87 -36.63
N THR J 17 5.42 1.48 -35.57
CA THR J 17 5.91 2.43 -34.60
C THR J 17 7.34 2.87 -34.88
N SER J 18 8.18 1.94 -35.34
CA SER J 18 9.58 2.26 -35.62
C SER J 18 9.70 3.25 -36.77
N THR J 19 8.83 3.13 -37.77
CA THR J 19 8.81 4.11 -38.84
C THR J 19 8.35 5.47 -38.35
N PHE J 20 7.45 5.49 -37.38
CA PHE J 20 7.02 6.75 -36.76
C PHE J 20 8.16 7.41 -36.00
N ALA J 21 8.97 6.60 -35.29
CA ALA J 21 10.13 7.14 -34.59
C ALA J 21 11.17 7.65 -35.58
N LEU J 22 11.35 6.93 -36.68
CA LEU J 22 12.30 7.35 -37.71
C LEU J 22 11.88 8.66 -38.36
N THR J 23 10.58 8.81 -38.64
CA THR J 23 10.15 10.05 -39.27
C THR J 23 10.08 11.20 -38.29
N ILE J 24 9.90 10.98 -36.98
CA ILE J 24 9.98 12.14 -36.10
C ILE J 24 11.42 12.58 -35.91
N VAL J 25 12.39 11.65 -35.97
CA VAL J 25 13.79 12.05 -35.93
C VAL J 25 14.18 12.83 -37.20
N VAL J 26 13.83 12.30 -38.37
CA VAL J 26 14.19 12.96 -39.62
C VAL J 26 13.46 14.30 -39.77
N GLY J 27 12.20 14.37 -39.34
CA GLY J 27 11.49 15.63 -39.33
C GLY J 27 12.06 16.63 -38.36
N ALA J 28 12.56 16.18 -37.21
CA ALA J 28 13.18 17.10 -36.26
C ALA J 28 14.48 17.66 -36.82
N LEU J 29 15.23 16.86 -37.57
CA LEU J 29 16.46 17.39 -38.18
C LEU J 29 16.17 18.37 -39.31
N PHE J 30 15.19 18.05 -40.16
CA PHE J 30 14.82 18.98 -41.23
C PHE J 30 14.23 20.27 -40.67
N PHE J 31 13.46 20.15 -39.58
CA PHE J 31 12.91 21.32 -38.93
C PHE J 31 13.99 22.16 -38.27
N GLU J 32 15.01 21.51 -37.70
CA GLU J 32 16.19 22.19 -37.18
C GLU J 32 16.84 23.06 -38.24
N ARG J 33 17.10 22.47 -39.41
CA ARG J 33 17.78 23.18 -40.49
C ARG J 33 16.96 24.36 -40.99
N ALA J 34 15.71 24.10 -41.40
CA ALA J 34 14.88 25.16 -41.97
C ALA J 34 14.48 26.20 -40.94
N PHE J 35 14.34 25.80 -39.68
CA PHE J 35 13.91 26.73 -38.66
C PHE J 35 15.04 27.67 -38.26
N ASP J 36 16.28 27.17 -38.19
CA ASP J 36 17.39 28.08 -37.91
C ASP J 36 17.64 29.02 -39.08
N GLN J 37 17.43 28.53 -40.31
CA GLN J 37 17.50 29.41 -41.48
C GLN J 37 16.47 30.54 -41.39
N GLY J 38 15.21 30.19 -41.11
CA GLY J 38 14.19 31.21 -40.98
C GLY J 38 14.39 32.14 -39.80
N ALA J 39 14.93 31.63 -38.70
CA ALA J 39 15.14 32.45 -37.51
C ALA J 39 16.22 33.48 -37.72
N ASP J 40 17.37 33.07 -38.25
CA ASP J 40 18.41 34.04 -38.53
C ASP J 40 18.03 34.97 -39.67
N ALA J 41 17.19 34.50 -40.61
CA ALA J 41 16.71 35.36 -41.69
C ALA J 41 15.83 36.48 -41.14
N ILE J 42 14.87 36.16 -40.28
CA ILE J 42 13.99 37.18 -39.73
C ILE J 42 14.76 38.09 -38.79
N TYR J 43 15.63 37.54 -37.95
CA TYR J 43 16.32 38.35 -36.95
C TYR J 43 17.36 39.27 -37.57
N GLU J 44 18.02 38.86 -38.63
CA GLU J 44 18.88 39.80 -39.33
C GLU J 44 18.17 40.46 -40.49
N HIS J 45 16.85 40.33 -40.57
CA HIS J 45 16.05 41.17 -41.46
C HIS J 45 15.39 42.33 -40.73
N ILE J 46 15.09 42.20 -39.44
CA ILE J 46 14.53 43.33 -38.70
C ILE J 46 15.59 44.17 -37.99
N ASN J 47 16.85 43.75 -38.03
CA ASN J 47 17.96 44.51 -37.49
C ASN J 47 19.01 44.72 -38.57
N GLU J 48 18.55 44.98 -39.79
CA GLU J 48 19.44 45.31 -40.89
C GLU J 48 20.13 46.64 -40.62
N GLY J 49 21.39 46.74 -41.02
CA GLY J 49 22.17 47.88 -40.57
C GLY J 49 23.00 47.56 -39.35
N LYS J 50 22.47 47.83 -38.16
CA LYS J 50 23.26 47.91 -36.94
C LYS J 50 23.69 46.55 -36.36
N LEU J 51 24.23 45.68 -37.21
CA LEU J 51 24.62 44.34 -36.78
C LEU J 51 26.05 44.11 -37.22
N TRP J 52 26.76 43.25 -36.46
CA TRP J 52 28.22 43.15 -36.57
C TRP J 52 28.71 42.56 -37.88
N LYS J 53 27.86 41.85 -38.63
CA LYS J 53 28.33 41.25 -39.87
C LYS J 53 28.62 42.29 -40.94
N HIS J 54 27.76 43.30 -41.07
CA HIS J 54 27.99 44.34 -42.06
C HIS J 54 29.17 45.23 -41.66
N ILE J 55 29.32 45.45 -40.35
CA ILE J 55 30.43 46.24 -39.84
C ILE J 55 31.75 45.49 -40.03
N LYS J 56 31.70 44.16 -39.98
CA LYS J 56 32.86 43.35 -40.34
C LYS J 56 33.15 43.48 -41.83
N HIS J 57 32.09 43.56 -42.66
CA HIS J 57 32.28 43.75 -44.09
C HIS J 57 32.87 45.12 -44.43
N LYS J 58 32.71 46.12 -43.55
CA LYS J 58 33.48 47.35 -43.70
C LYS J 58 35.00 47.13 -43.62
N TYR J 59 35.45 46.03 -43.01
CA TYR J 59 36.85 45.84 -42.70
C TYR J 59 37.48 44.68 -43.46
N ALA K 2 -41.57 -1.15 45.10
CA ALA K 2 -40.58 -0.39 45.87
C ALA K 2 -40.12 -1.18 47.08
N THR K 3 -39.48 -0.47 48.02
CA THR K 3 -38.97 -1.01 49.29
C THR K 3 -38.02 -2.19 49.06
N TYR K 4 -36.95 -1.91 48.30
CA TYR K 4 -36.00 -2.95 47.96
C TYR K 4 -35.17 -3.39 49.16
N ALA K 5 -34.83 -2.45 50.05
CA ALA K 5 -34.18 -2.83 51.30
C ALA K 5 -35.10 -3.70 52.13
N GLN K 6 -36.37 -3.32 52.20
CA GLN K 6 -37.36 -4.13 52.91
C GLN K 6 -37.62 -5.44 52.16
N ALA K 7 -37.42 -5.45 50.85
CA ALA K 7 -37.53 -6.71 50.11
C ALA K 7 -36.35 -7.62 50.38
N LEU K 8 -35.18 -7.07 50.69
CA LEU K 8 -34.04 -7.89 51.02
C LEU K 8 -34.05 -8.35 52.48
N GLN K 9 -34.77 -7.63 53.35
CA GLN K 9 -34.86 -8.11 54.72
C GLN K 9 -35.73 -9.35 54.85
N SER K 10 -36.65 -9.57 53.92
CA SER K 10 -37.52 -10.75 53.94
C SER K 10 -36.97 -11.89 53.10
N VAL K 11 -35.66 -11.97 52.93
CA VAL K 11 -35.01 -13.10 52.27
C VAL K 11 -34.77 -14.13 53.37
N PRO K 12 -35.10 -15.41 53.14
CA PRO K 12 -34.99 -16.41 54.21
C PRO K 12 -33.54 -16.71 54.60
N GLU K 13 -33.40 -17.25 55.80
CA GLU K 13 -32.13 -17.33 56.50
C GLU K 13 -31.61 -18.76 56.50
N THR K 14 -30.28 -18.90 56.48
CA THR K 14 -29.62 -20.20 56.36
C THR K 14 -29.41 -20.79 57.74
N GLN K 15 -30.08 -21.90 58.02
CA GLN K 15 -29.90 -22.57 59.30
C GLN K 15 -28.69 -23.48 59.23
N VAL K 16 -27.66 -23.15 60.01
CA VAL K 16 -26.39 -23.86 60.02
C VAL K 16 -26.27 -24.59 61.35
N SER K 17 -25.93 -25.87 61.31
CA SER K 17 -25.72 -26.63 62.53
C SER K 17 -24.66 -27.70 62.28
N GLN K 18 -24.23 -28.34 63.36
CA GLN K 18 -23.07 -29.21 63.32
C GLN K 18 -23.35 -30.50 64.05
N LEU K 19 -23.12 -31.62 63.37
CA LEU K 19 -23.16 -32.93 64.00
C LEU K 19 -21.79 -33.26 64.56
N ASP K 20 -21.79 -34.17 65.54
CA ASP K 20 -20.66 -34.47 66.41
C ASP K 20 -19.47 -35.11 65.68
N ASN K 21 -19.64 -35.50 64.42
CA ASN K 21 -18.51 -35.84 63.56
C ASN K 21 -17.93 -34.63 62.86
N GLY K 22 -18.24 -33.42 63.32
CA GLY K 22 -17.86 -32.24 62.58
C GLY K 22 -18.64 -32.04 61.31
N LEU K 23 -19.80 -32.69 61.18
CA LEU K 23 -20.59 -32.61 59.95
C LEU K 23 -21.29 -31.27 59.90
N ARG K 24 -21.32 -30.63 58.73
CA ARG K 24 -22.03 -29.35 58.64
C ARG K 24 -23.35 -29.56 57.91
N VAL K 25 -24.46 -29.41 58.64
CA VAL K 25 -25.79 -29.51 58.06
C VAL K 25 -26.34 -28.10 57.89
N ALA K 26 -27.03 -27.86 56.78
CA ALA K 26 -27.39 -26.51 56.36
C ALA K 26 -28.73 -26.57 55.66
N SER K 27 -29.77 -26.20 56.37
CA SER K 27 -31.13 -26.23 55.82
C SER K 27 -31.55 -24.82 55.46
N GLU K 28 -32.21 -24.69 54.31
CA GLU K 28 -32.84 -23.46 53.88
C GLU K 28 -34.33 -23.71 53.69
N GLN K 29 -35.12 -23.26 54.66
CA GLN K 29 -36.55 -23.52 54.69
C GLN K 29 -37.28 -22.35 54.07
N SER K 30 -37.90 -22.57 52.92
CA SER K 30 -38.80 -21.61 52.30
C SER K 30 -40.14 -22.29 52.06
N SER K 31 -40.99 -21.72 51.21
CA SER K 31 -42.36 -22.18 51.14
C SER K 31 -42.71 -22.83 49.80
N GLN K 32 -41.84 -23.69 49.29
CA GLN K 32 -42.11 -24.36 48.03
C GLN K 32 -42.36 -25.85 48.23
N PRO K 33 -43.07 -26.50 47.31
CA PRO K 33 -43.27 -27.95 47.40
C PRO K 33 -42.15 -28.80 46.79
N THR K 34 -40.98 -28.24 46.53
CA THR K 34 -39.89 -28.95 45.88
C THR K 34 -38.63 -28.79 46.71
N CYS K 35 -37.85 -29.88 46.87
CA CYS K 35 -36.67 -29.80 47.70
C CYS K 35 -35.44 -30.30 46.95
N THR K 36 -34.28 -29.90 47.45
CA THR K 36 -33.00 -30.27 46.86
C THR K 36 -32.02 -30.55 47.98
N VAL K 37 -31.45 -31.76 47.98
CA VAL K 37 -30.61 -32.26 49.06
C VAL K 37 -29.29 -32.73 48.48
N GLY K 38 -28.18 -32.23 49.00
CA GLY K 38 -26.90 -32.58 48.42
C GLY K 38 -25.78 -32.57 49.41
N VAL K 39 -24.68 -33.17 49.00
CA VAL K 39 -23.44 -33.25 49.75
C VAL K 39 -22.39 -32.44 49.01
N TRP K 40 -21.77 -31.49 49.70
CA TRP K 40 -20.64 -30.75 49.19
C TRP K 40 -19.39 -31.09 49.98
N ILE K 41 -18.32 -31.45 49.27
CA ILE K 41 -17.08 -31.92 49.87
C ILE K 41 -15.95 -31.08 49.32
N ASP K 42 -15.03 -30.66 50.19
CA ASP K 42 -13.74 -30.12 49.74
C ASP K 42 -12.85 -31.33 49.44
N ALA K 43 -12.96 -31.82 48.21
CA ALA K 43 -12.07 -32.87 47.72
C ALA K 43 -12.04 -32.76 46.19
N GLY K 44 -10.99 -32.18 45.66
CA GLY K 44 -10.96 -31.96 44.23
C GLY K 44 -9.71 -32.53 43.60
N SER K 45 -9.34 -32.03 42.43
CA SER K 45 -8.12 -32.43 41.77
C SER K 45 -6.93 -31.55 42.16
N ARG K 46 -6.98 -30.93 43.33
CA ARG K 46 -5.87 -30.15 43.85
C ARG K 46 -5.11 -30.87 44.95
N TYR K 47 -5.77 -31.70 45.75
CA TYR K 47 -5.09 -32.34 46.86
C TYR K 47 -4.27 -33.56 46.43
N GLU K 48 -4.40 -33.99 45.18
CA GLU K 48 -3.90 -35.27 44.71
C GLU K 48 -2.37 -35.29 44.70
N THR K 49 -1.84 -36.49 44.57
CA THR K 49 -0.41 -36.67 44.37
C THR K 49 -0.12 -36.62 42.87
N GLU K 50 1.09 -37.04 42.48
CA GLU K 50 1.42 -37.11 41.06
C GLU K 50 0.65 -38.23 40.37
N LYS K 51 0.45 -39.35 41.07
CA LYS K 51 -0.21 -40.51 40.51
C LYS K 51 -1.65 -40.68 40.99
N ASN K 52 -2.14 -39.80 41.85
CA ASN K 52 -3.57 -39.74 42.16
C ASN K 52 -4.35 -38.88 41.19
N ASN K 53 -3.77 -38.51 40.07
CA ASN K 53 -4.45 -37.61 39.15
C ASN K 53 -5.52 -38.38 38.41
N GLY K 54 -6.74 -37.82 38.40
CA GLY K 54 -7.87 -38.51 37.83
C GLY K 54 -8.53 -39.41 38.84
N ALA K 55 -8.71 -38.90 40.06
CA ALA K 55 -9.35 -39.66 41.11
C ALA K 55 -10.75 -39.15 41.45
N GLY K 56 -10.93 -37.83 41.55
CA GLY K 56 -12.25 -37.29 41.86
C GLY K 56 -13.25 -37.56 40.75
N TYR K 57 -12.81 -37.41 39.50
CA TYR K 57 -13.62 -37.73 38.34
C TYR K 57 -14.02 -39.20 38.33
N PHE K 58 -13.08 -40.08 38.67
CA PHE K 58 -13.32 -41.52 38.60
C PHE K 58 -14.26 -41.98 39.70
N VAL K 59 -14.07 -41.43 40.92
CA VAL K 59 -14.96 -41.80 42.02
C VAL K 59 -16.35 -41.22 41.82
N GLU K 60 -16.45 -40.04 41.19
CA GLU K 60 -17.76 -39.52 40.80
C GLU K 60 -18.44 -40.44 39.80
N HIS K 61 -17.69 -40.98 38.86
CA HIS K 61 -18.27 -41.92 37.91
C HIS K 61 -18.52 -43.31 38.51
N LEU K 62 -17.96 -43.63 39.66
CA LEU K 62 -18.25 -44.90 40.33
C LEU K 62 -19.20 -44.77 41.50
N ALA K 63 -19.66 -43.57 41.86
CA ALA K 63 -20.53 -43.43 43.01
C ALA K 63 -21.97 -43.77 42.72
N PHE K 64 -22.32 -44.07 41.48
CA PHE K 64 -23.70 -44.29 41.07
C PHE K 64 -23.88 -45.69 40.49
N LYS K 65 -23.03 -46.62 40.88
CA LYS K 65 -23.01 -47.96 40.31
C LYS K 65 -23.10 -49.00 41.41
N GLY K 66 -24.08 -48.82 42.28
CA GLY K 66 -24.31 -49.77 43.36
C GLY K 66 -23.40 -49.51 44.54
N THR K 67 -23.52 -50.38 45.52
CA THR K 67 -22.78 -50.29 46.77
C THR K 67 -22.81 -51.67 47.44
N LYS K 68 -22.30 -51.74 48.67
CA LYS K 68 -22.34 -52.99 49.41
C LYS K 68 -23.68 -53.22 50.10
N ASN K 69 -24.56 -52.22 50.10
CA ASN K 69 -25.88 -52.38 50.67
C ASN K 69 -26.92 -52.77 49.61
N ARG K 70 -26.93 -52.07 48.49
CA ARG K 70 -27.91 -52.31 47.43
C ARG K 70 -27.16 -52.50 46.12
N PRO K 71 -27.15 -53.72 45.57
CA PRO K 71 -26.20 -54.04 44.50
C PRO K 71 -26.62 -53.52 43.14
N GLY K 72 -25.62 -53.12 42.36
CA GLY K 72 -25.73 -53.01 40.92
C GLY K 72 -26.41 -51.76 40.40
N ASN K 73 -27.75 -51.76 40.44
CA ASN K 73 -28.50 -50.62 39.93
C ASN K 73 -29.76 -50.34 40.72
N ALA K 74 -29.91 -50.93 41.91
CA ALA K 74 -31.08 -50.68 42.74
C ALA K 74 -31.09 -49.26 43.26
N LEU K 75 -29.91 -48.63 43.39
CA LEU K 75 -29.85 -47.21 43.74
C LEU K 75 -30.51 -46.35 42.67
N GLU K 76 -30.16 -46.58 41.41
CA GLU K 76 -30.77 -45.86 40.30
C GLU K 76 -32.27 -46.16 40.22
N LYS K 77 -32.64 -47.42 40.46
CA LYS K 77 -34.03 -47.83 40.40
C LYS K 77 -34.87 -47.14 41.48
N GLU K 78 -34.33 -47.01 42.69
CA GLU K 78 -35.11 -46.37 43.75
C GLU K 78 -35.15 -44.85 43.61
N VAL K 79 -34.07 -44.24 43.13
CA VAL K 79 -34.09 -42.79 42.90
C VAL K 79 -35.09 -42.44 41.80
N GLU K 80 -35.14 -43.22 40.72
CA GLU K 80 -36.20 -42.99 39.75
C GLU K 80 -37.56 -43.48 40.23
N SER K 81 -37.60 -44.36 41.22
CA SER K 81 -38.88 -44.76 41.80
C SER K 81 -39.48 -43.64 42.63
N MET K 82 -38.64 -42.77 43.19
CA MET K 82 -39.15 -41.57 43.83
C MET K 82 -39.05 -40.35 42.94
N GLY K 83 -38.72 -40.53 41.66
CA GLY K 83 -38.81 -39.47 40.68
C GLY K 83 -37.83 -38.34 40.85
N ALA K 84 -36.67 -38.60 41.44
CA ALA K 84 -35.70 -37.56 41.70
C ALA K 84 -34.74 -37.44 40.53
N HIS K 85 -34.13 -36.26 40.41
CA HIS K 85 -33.01 -36.04 39.50
C HIS K 85 -31.74 -36.06 40.33
N LEU K 86 -30.88 -37.03 40.06
CA LEU K 86 -29.62 -37.17 40.76
C LEU K 86 -28.49 -36.68 39.88
N ASN K 87 -27.66 -35.79 40.41
CA ASN K 87 -26.59 -35.20 39.63
C ASN K 87 -25.35 -35.06 40.50
N ALA K 88 -24.20 -35.02 39.86
CA ALA K 88 -22.94 -34.83 40.54
C ALA K 88 -22.05 -33.94 39.70
N TYR K 89 -21.11 -33.26 40.34
CA TYR K 89 -20.05 -32.59 39.61
C TYR K 89 -18.82 -32.52 40.48
N SER K 90 -17.69 -32.25 39.84
CA SER K 90 -16.41 -32.14 40.53
C SER K 90 -15.49 -31.27 39.73
N THR K 91 -14.87 -30.30 40.39
CA THR K 91 -13.92 -29.37 39.79
C THR K 91 -12.57 -29.54 40.48
N ARG K 92 -11.68 -28.58 40.24
CA ARG K 92 -10.38 -28.57 40.88
C ARG K 92 -10.44 -28.30 42.38
N GLU K 93 -11.58 -27.88 42.91
CA GLU K 93 -11.59 -27.44 44.30
C GLU K 93 -12.66 -28.13 45.14
N HIS K 94 -13.82 -28.42 44.58
CA HIS K 94 -14.93 -28.99 45.34
C HIS K 94 -15.57 -30.13 44.56
N THR K 95 -16.47 -30.85 45.22
CA THR K 95 -17.13 -32.00 44.63
C THR K 95 -18.50 -32.17 45.28
N ALA K 96 -19.54 -32.29 44.48
CA ALA K 96 -20.89 -32.29 45.01
C ALA K 96 -21.75 -33.37 44.37
N TYR K 97 -22.73 -33.82 45.16
CA TYR K 97 -23.73 -34.81 44.77
C TYR K 97 -25.08 -34.28 45.23
N TYR K 98 -25.94 -33.87 44.30
CA TYR K 98 -27.23 -33.36 44.73
C TYR K 98 -28.38 -34.16 44.13
N ILE K 99 -29.53 -34.05 44.80
CA ILE K 99 -30.75 -34.79 44.50
C ILE K 99 -31.89 -33.79 44.48
N LYS K 100 -32.64 -33.77 43.39
CA LYS K 100 -33.78 -32.89 43.22
C LYS K 100 -35.04 -33.75 43.36
N ALA K 101 -35.77 -33.57 44.46
CA ALA K 101 -36.85 -34.49 44.77
C ALA K 101 -38.03 -33.76 45.39
N LEU K 102 -39.12 -34.51 45.57
CA LEU K 102 -40.34 -34.00 46.17
C LEU K 102 -40.16 -33.90 47.68
N SER K 103 -40.97 -33.05 48.31
CA SER K 103 -40.77 -32.71 49.72
C SER K 103 -41.10 -33.87 50.65
N LYS K 104 -42.15 -34.63 50.34
CA LYS K 104 -42.55 -35.74 51.19
C LYS K 104 -41.76 -37.01 50.92
N ASP K 105 -40.73 -36.94 50.09
CA ASP K 105 -39.88 -38.08 49.78
C ASP K 105 -38.47 -37.80 50.25
N LEU K 106 -38.35 -37.13 51.38
CA LEU K 106 -37.08 -36.69 51.95
C LEU K 106 -36.26 -37.77 52.67
N PRO K 107 -36.79 -38.54 53.66
CA PRO K 107 -35.87 -39.37 54.47
C PRO K 107 -35.27 -40.53 53.72
N LYS K 108 -36.00 -41.14 52.80
CA LYS K 108 -35.40 -42.19 51.98
C LYS K 108 -34.37 -41.61 51.03
N ALA K 109 -34.57 -40.37 50.59
CA ALA K 109 -33.56 -39.69 49.77
C ALA K 109 -32.28 -39.44 50.56
N VAL K 110 -32.41 -39.07 51.83
CA VAL K 110 -31.23 -38.83 52.66
C VAL K 110 -30.53 -40.15 52.98
N GLU K 111 -31.29 -41.23 53.15
CA GLU K 111 -30.70 -42.55 53.35
C GLU K 111 -29.90 -42.99 52.13
N LEU K 112 -30.47 -42.79 50.94
CA LEU K 112 -29.72 -43.07 49.72
C LEU K 112 -28.52 -42.16 49.55
N LEU K 113 -28.59 -40.94 50.08
CA LEU K 113 -27.46 -40.03 49.98
C LEU K 113 -26.31 -40.47 50.88
N ALA K 114 -26.63 -40.95 52.09
CA ALA K 114 -25.61 -41.53 52.96
C ALA K 114 -24.99 -42.76 52.33
N ASP K 115 -25.81 -43.56 51.64
CA ASP K 115 -25.29 -44.73 50.96
C ASP K 115 -24.48 -44.36 49.73
N ILE K 116 -24.70 -43.17 49.17
CA ILE K 116 -23.81 -42.64 48.14
C ILE K 116 -22.44 -42.31 48.72
N VAL K 117 -22.43 -41.57 49.83
CA VAL K 117 -21.17 -41.03 50.34
C VAL K 117 -20.31 -42.12 50.97
N GLN K 118 -20.81 -42.79 52.00
CA GLN K 118 -19.90 -43.54 52.87
C GLN K 118 -19.80 -45.03 52.56
N ASN K 119 -20.44 -45.52 51.50
CA ASN K 119 -20.41 -46.96 51.26
C ASN K 119 -20.15 -47.28 49.79
N CYS K 120 -19.44 -46.44 49.07
CA CYS K 120 -19.22 -46.63 47.64
C CYS K 120 -18.23 -47.77 47.42
N SER K 121 -18.74 -48.98 47.23
CA SER K 121 -17.89 -50.12 46.96
C SER K 121 -17.41 -50.09 45.51
N LEU K 122 -16.45 -50.96 45.20
CA LEU K 122 -15.72 -50.92 43.94
C LEU K 122 -15.75 -52.30 43.31
N GLU K 123 -16.34 -52.40 42.13
CA GLU K 123 -16.45 -53.67 41.42
C GLU K 123 -15.57 -53.66 40.17
N ASP K 124 -15.05 -54.84 39.83
CA ASP K 124 -13.99 -54.91 38.84
C ASP K 124 -14.54 -54.84 37.42
N SER K 125 -15.72 -55.42 37.19
CA SER K 125 -16.43 -55.15 35.94
C SER K 125 -16.80 -53.68 35.85
N GLN K 126 -17.17 -53.09 36.99
CA GLN K 126 -17.46 -51.66 37.02
C GLN K 126 -16.20 -50.83 36.79
N ILE K 127 -15.05 -51.28 37.29
CA ILE K 127 -13.86 -50.44 37.09
C ILE K 127 -13.38 -50.57 35.65
N GLU K 128 -13.60 -51.73 35.01
CA GLU K 128 -13.31 -51.84 33.58
C GLU K 128 -14.25 -50.97 32.75
N LYS K 129 -15.54 -50.99 33.11
CA LYS K 129 -16.55 -50.20 32.42
C LYS K 129 -16.27 -48.71 32.54
N GLU K 130 -15.90 -48.25 33.74
CA GLU K 130 -15.63 -46.83 33.91
C GLU K 130 -14.32 -46.42 33.26
N ARG K 131 -13.32 -47.31 33.22
CA ARG K 131 -12.10 -47.02 32.47
C ARG K 131 -12.40 -46.82 31.00
N ASP K 132 -13.25 -47.68 30.42
CA ASP K 132 -13.61 -47.54 29.02
C ASP K 132 -14.37 -46.25 28.75
N VAL K 133 -15.37 -45.96 29.58
CA VAL K 133 -16.24 -44.80 29.38
C VAL K 133 -15.44 -43.51 29.57
N ILE K 134 -14.53 -43.48 30.54
CA ILE K 134 -13.76 -42.27 30.77
C ILE K 134 -12.70 -42.06 29.69
N LEU K 135 -12.18 -43.14 29.07
CA LEU K 135 -11.32 -42.93 27.90
C LEU K 135 -12.12 -42.37 26.72
N GLN K 136 -13.36 -42.85 26.53
CA GLN K 136 -14.23 -42.29 25.49
C GLN K 136 -14.53 -40.82 25.74
N GLU K 137 -14.78 -40.46 27.00
CA GLU K 137 -15.08 -39.08 27.32
C GLU K 137 -13.85 -38.17 27.23
N LEU K 138 -12.66 -38.71 27.50
CA LEU K 138 -11.42 -37.96 27.27
C LEU K 138 -11.26 -37.64 25.80
N GLN K 139 -11.43 -38.65 24.93
CA GLN K 139 -11.25 -38.42 23.51
C GLN K 139 -12.33 -37.52 22.93
N GLU K 140 -13.53 -37.52 23.51
CA GLU K 140 -14.55 -36.62 22.99
C GLU K 140 -14.45 -35.20 23.57
N ASN K 141 -14.00 -35.04 24.81
CA ASN K 141 -13.70 -33.70 25.31
C ASN K 141 -12.45 -33.10 24.71
N ASP K 142 -11.61 -33.90 24.06
CA ASP K 142 -10.52 -33.34 23.25
C ASP K 142 -11.07 -32.44 22.14
N THR K 143 -12.15 -32.87 21.49
CA THR K 143 -12.68 -32.15 20.35
C THR K 143 -13.42 -30.87 20.72
N SER K 144 -13.81 -30.71 21.98
CA SER K 144 -14.33 -29.42 22.40
C SER K 144 -13.17 -28.44 22.54
N MET K 145 -13.49 -27.15 22.64
CA MET K 145 -12.43 -26.15 22.61
C MET K 145 -12.31 -25.36 23.91
N ARG K 146 -13.44 -25.04 24.56
CA ARG K 146 -13.41 -24.16 25.72
C ARG K 146 -12.79 -24.85 26.93
N ASP K 147 -13.07 -26.14 27.10
CA ASP K 147 -12.43 -26.89 28.18
C ASP K 147 -10.95 -27.06 27.95
N VAL K 148 -10.55 -27.22 26.68
CA VAL K 148 -9.13 -27.30 26.34
C VAL K 148 -8.43 -26.00 26.67
N VAL K 149 -9.10 -24.87 26.43
CA VAL K 149 -8.50 -23.58 26.73
C VAL K 149 -8.37 -23.37 28.24
N PHE K 150 -9.38 -23.76 29.01
CA PHE K 150 -9.25 -23.59 30.46
C PHE K 150 -8.23 -24.55 31.07
N ASN K 151 -8.11 -25.76 30.52
CA ASN K 151 -7.07 -26.67 31.01
C ASN K 151 -5.67 -26.16 30.66
N TYR K 152 -5.50 -25.63 29.44
CA TYR K 152 -4.22 -25.01 29.08
C TYR K 152 -3.92 -23.81 29.95
N LEU K 153 -4.94 -23.05 30.32
CA LEU K 153 -4.73 -21.85 31.10
C LEU K 153 -4.26 -22.18 32.50
N HIS K 154 -4.88 -23.19 33.14
CA HIS K 154 -4.39 -23.60 34.45
C HIS K 154 -3.01 -24.24 34.37
N ALA K 155 -2.75 -24.98 33.30
CA ALA K 155 -1.45 -25.63 33.17
C ALA K 155 -0.32 -24.62 32.97
N THR K 156 -0.56 -23.57 32.21
CA THR K 156 0.48 -22.56 32.02
C THR K 156 0.47 -21.50 33.10
N ALA K 157 -0.54 -21.46 33.96
CA ALA K 157 -0.57 -20.45 35.01
C ALA K 157 -0.08 -20.95 36.35
N PHE K 158 -0.19 -22.25 36.63
CA PHE K 158 0.16 -22.76 37.95
C PHE K 158 1.16 -23.89 37.83
N GLN K 159 2.27 -23.62 37.12
CA GLN K 159 3.30 -24.59 36.80
C GLN K 159 3.83 -25.29 38.04
N GLY K 160 3.88 -26.62 38.00
CA GLY K 160 4.39 -27.39 39.11
C GLY K 160 3.43 -27.58 40.26
N THR K 161 2.80 -26.49 40.71
CA THR K 161 1.86 -26.52 41.81
C THR K 161 0.64 -27.34 41.43
N PRO K 162 0.06 -28.10 42.38
CA PRO K 162 -0.98 -29.08 42.03
C PRO K 162 -2.31 -28.51 41.61
N LEU K 163 -2.47 -27.18 41.55
CA LEU K 163 -3.68 -26.60 41.01
C LEU K 163 -3.77 -26.80 39.51
N ALA K 164 -2.64 -26.96 38.83
CA ALA K 164 -2.63 -27.24 37.41
C ALA K 164 -2.87 -28.71 37.08
N GLN K 165 -3.24 -29.53 38.04
CA GLN K 165 -3.71 -30.87 37.72
C GLN K 165 -5.10 -30.76 37.11
N SER K 166 -5.32 -31.42 35.98
CA SER K 166 -6.65 -31.38 35.38
C SER K 166 -7.60 -32.28 36.17
N VAL K 167 -8.89 -31.94 36.11
CA VAL K 167 -9.91 -32.69 36.84
C VAL K 167 -10.05 -34.09 36.27
N GLU K 168 -9.95 -34.21 34.95
CA GLU K 168 -9.97 -35.53 34.33
C GLU K 168 -8.71 -36.30 34.64
N GLY K 169 -7.58 -35.61 34.81
CA GLY K 169 -6.30 -36.25 34.93
C GLY K 169 -5.77 -36.59 33.56
N PRO K 170 -4.49 -36.90 33.45
CA PRO K 170 -3.93 -37.30 32.16
C PRO K 170 -4.34 -38.73 31.83
N SER K 171 -3.97 -39.14 30.62
CA SER K 171 -4.39 -40.44 30.12
C SER K 171 -3.69 -41.57 30.88
N GLU K 172 -2.42 -41.39 31.22
CA GLU K 172 -1.65 -42.47 31.81
C GLU K 172 -1.76 -42.54 33.33
N ASN K 173 -2.29 -41.52 33.98
CA ASN K 173 -2.64 -41.66 35.38
C ASN K 173 -4.08 -42.09 35.58
N VAL K 174 -4.79 -42.41 34.50
CA VAL K 174 -6.15 -42.90 34.57
C VAL K 174 -6.25 -44.33 34.02
N ARG K 175 -5.53 -44.63 32.94
CA ARG K 175 -5.65 -45.97 32.36
C ARG K 175 -4.88 -47.05 33.13
N LYS K 176 -4.40 -46.78 34.34
CA LYS K 176 -3.76 -47.81 35.16
C LYS K 176 -4.20 -47.77 36.62
N LEU K 177 -5.28 -47.07 36.95
CA LEU K 177 -5.72 -47.00 38.34
C LEU K 177 -6.35 -48.31 38.78
N SER K 178 -6.36 -48.51 40.09
CA SER K 178 -6.81 -49.77 40.67
C SER K 178 -7.65 -49.46 41.90
N ARG K 179 -7.91 -50.49 42.69
CA ARG K 179 -8.74 -50.31 43.88
C ARG K 179 -7.96 -49.69 45.02
N ALA K 180 -6.63 -49.83 45.03
CA ALA K 180 -5.82 -49.33 46.13
C ALA K 180 -5.80 -47.80 46.16
N ASP K 181 -5.64 -47.18 44.99
CA ASP K 181 -5.61 -45.72 44.91
C ASP K 181 -6.94 -45.11 45.29
N LEU K 182 -8.05 -45.69 44.81
CA LEU K 182 -9.36 -45.19 45.17
C LEU K 182 -9.69 -45.46 46.63
N THR K 183 -9.16 -46.56 47.18
CA THR K 183 -9.40 -46.89 48.58
C THR K 183 -8.73 -45.88 49.50
N GLU K 184 -7.48 -45.54 49.20
CA GLU K 184 -6.82 -44.51 50.00
C GLU K 184 -7.41 -43.12 49.72
N TYR K 185 -7.91 -42.91 48.50
CA TYR K 185 -8.59 -41.66 48.16
C TYR K 185 -9.84 -41.46 49.01
N LEU K 186 -10.66 -42.50 49.13
CA LEU K 186 -11.88 -42.39 49.93
C LEU K 186 -11.58 -42.40 51.42
N SER K 187 -10.50 -43.08 51.84
CA SER K 187 -10.16 -43.07 53.25
C SER K 187 -9.61 -41.73 53.68
N ARG K 188 -9.01 -40.98 52.76
CA ARG K 188 -8.37 -39.72 53.12
C ARG K 188 -9.25 -38.50 52.86
N HIS K 189 -10.06 -38.49 51.81
CA HIS K 189 -10.67 -37.24 51.38
C HIS K 189 -12.11 -37.06 51.81
N TYR K 190 -12.97 -38.07 51.69
CA TYR K 190 -14.39 -37.88 52.03
C TYR K 190 -14.59 -38.10 53.53
N LYS K 191 -13.92 -37.26 54.33
CA LYS K 191 -13.97 -37.37 55.78
C LYS K 191 -15.16 -36.59 56.33
N ALA K 192 -15.49 -36.87 57.57
CA ALA K 192 -16.67 -36.27 58.17
C ALA K 192 -16.56 -34.81 58.63
N PRO K 193 -15.47 -34.29 59.19
CA PRO K 193 -15.46 -32.87 59.55
C PRO K 193 -15.27 -31.90 58.40
N ARG K 194 -15.30 -32.34 57.14
CA ARG K 194 -15.17 -31.43 56.03
C ARG K 194 -16.31 -31.51 55.02
N MET K 195 -17.33 -32.30 55.30
CA MET K 195 -18.45 -32.42 54.38
C MET K 195 -19.68 -31.68 54.90
N VAL K 196 -20.45 -31.17 53.94
CA VAL K 196 -21.61 -30.34 54.22
C VAL K 196 -22.82 -30.98 53.56
N LEU K 197 -23.78 -31.38 54.38
CA LEU K 197 -25.12 -31.69 53.90
C LEU K 197 -25.88 -30.38 53.78
N ALA K 198 -26.32 -30.04 52.57
CA ALA K 198 -27.06 -28.81 52.33
C ALA K 198 -28.38 -29.16 51.67
N ALA K 199 -29.47 -28.63 52.21
CA ALA K 199 -30.79 -28.96 51.69
C ALA K 199 -31.66 -27.73 51.71
N ALA K 200 -32.22 -27.38 50.55
CA ALA K 200 -33.01 -26.18 50.41
C ALA K 200 -34.35 -26.51 49.77
N GLY K 201 -35.38 -25.80 50.19
CA GLY K 201 -36.70 -26.02 49.62
C GLY K 201 -37.80 -26.13 50.64
N GLY K 202 -38.61 -27.18 50.53
CA GLY K 202 -39.71 -27.37 51.46
C GLY K 202 -39.44 -28.32 52.60
N LEU K 203 -38.47 -28.01 53.45
CA LEU K 203 -38.14 -28.90 54.56
C LEU K 203 -37.70 -28.08 55.76
N GLU K 204 -37.98 -28.60 56.95
CA GLU K 204 -37.67 -27.90 58.19
C GLU K 204 -36.20 -28.08 58.56
N HIS K 205 -35.84 -27.68 59.77
CA HIS K 205 -34.48 -27.82 60.25
C HIS K 205 -34.31 -28.90 61.29
N ARG K 206 -35.26 -29.04 62.22
CA ARG K 206 -35.20 -30.11 63.21
C ARG K 206 -35.35 -31.47 62.55
N GLN K 207 -36.16 -31.55 61.50
CA GLN K 207 -36.35 -32.79 60.75
C GLN K 207 -35.05 -33.22 60.08
N LEU K 208 -34.41 -32.30 59.35
CA LEU K 208 -33.16 -32.63 58.66
C LEU K 208 -32.04 -32.91 59.66
N LEU K 209 -31.98 -32.15 60.75
CA LEU K 209 -30.98 -32.35 61.78
C LEU K 209 -31.14 -33.72 62.44
N ASP K 210 -32.38 -34.14 62.67
CA ASP K 210 -32.61 -35.40 63.36
C ASP K 210 -32.35 -36.57 62.43
N LEU K 211 -32.67 -36.41 61.13
CA LEU K 211 -32.33 -37.44 60.16
C LEU K 211 -30.82 -37.57 60.00
N ALA K 212 -30.10 -36.45 60.06
CA ALA K 212 -28.64 -36.52 60.00
C ALA K 212 -28.07 -37.13 61.28
N GLN K 213 -28.70 -36.88 62.42
CA GLN K 213 -28.27 -37.51 63.66
C GLN K 213 -28.50 -39.02 63.62
N LYS K 214 -29.56 -39.47 62.96
CA LYS K 214 -29.80 -40.90 62.86
C LYS K 214 -28.83 -41.56 61.88
N HIS K 215 -28.59 -40.93 60.72
CA HIS K 215 -27.92 -41.62 59.63
C HIS K 215 -26.46 -41.22 59.45
N PHE K 216 -26.16 -39.92 59.46
CA PHE K 216 -24.78 -39.49 59.23
C PHE K 216 -23.89 -39.69 60.45
N SER K 217 -24.45 -39.75 61.65
CA SER K 217 -23.63 -39.90 62.84
C SER K 217 -23.11 -41.32 62.93
N GLY K 218 -21.79 -41.47 62.79
CA GLY K 218 -21.15 -42.76 62.75
C GLY K 218 -20.37 -42.93 61.47
N LEU K 219 -20.13 -41.82 60.78
CA LEU K 219 -19.52 -41.90 59.45
C LEU K 219 -18.00 -42.01 59.54
N SER K 220 -17.34 -40.95 60.01
CA SER K 220 -15.89 -40.88 60.09
C SER K 220 -15.55 -39.75 61.06
N GLY K 221 -14.32 -39.27 61.00
CA GLY K 221 -13.86 -38.24 61.90
C GLY K 221 -12.61 -38.75 62.57
N THR K 222 -12.47 -40.08 62.53
CA THR K 222 -11.24 -40.75 62.95
C THR K 222 -10.32 -40.75 61.74
N TYR K 223 -9.70 -39.61 61.49
CA TYR K 223 -8.71 -39.50 60.43
C TYR K 223 -7.47 -40.29 60.81
N ASP K 224 -6.81 -40.85 59.81
CA ASP K 224 -5.70 -41.77 60.07
C ASP K 224 -4.43 -40.99 60.47
N GLU K 225 -3.30 -41.68 60.49
CA GLU K 225 -2.14 -41.19 61.24
C GLU K 225 -1.39 -40.07 60.53
N ASP K 226 -1.37 -40.06 59.20
CA ASP K 226 -0.35 -39.30 58.49
C ASP K 226 -0.96 -38.74 57.22
N ALA K 227 -0.26 -37.74 56.66
CA ALA K 227 -0.63 -37.01 55.44
C ALA K 227 -2.03 -36.41 55.55
N VAL K 228 -2.18 -35.49 56.50
CA VAL K 228 -3.43 -34.72 56.62
C VAL K 228 -3.43 -33.63 55.53
N PRO K 229 -4.53 -33.48 54.79
CA PRO K 229 -4.53 -32.53 53.66
C PRO K 229 -4.58 -31.09 54.13
N THR K 230 -3.58 -30.31 53.72
CA THR K 230 -3.51 -28.89 54.00
C THR K 230 -2.90 -28.23 52.77
N LEU K 231 -3.45 -27.08 52.39
CA LEU K 231 -3.07 -26.44 51.15
C LEU K 231 -1.68 -25.83 51.24
N THR K 232 -1.13 -25.49 50.07
CA THR K 232 0.04 -24.68 49.89
C THR K 232 -0.30 -23.50 48.99
N PRO K 233 0.22 -22.30 49.28
CA PRO K 233 -0.09 -21.15 48.44
C PRO K 233 0.56 -21.29 47.07
N CYS K 234 -0.27 -21.60 46.07
CA CYS K 234 0.25 -21.99 44.78
C CYS K 234 0.74 -20.77 44.01
N ARG K 235 1.75 -21.00 43.17
CA ARG K 235 2.51 -19.94 42.54
C ARG K 235 1.94 -19.60 41.17
N PHE K 236 1.37 -18.40 41.05
CA PHE K 236 0.92 -17.92 39.75
C PHE K 236 2.14 -17.53 38.92
N THR K 237 2.51 -18.39 37.97
CA THR K 237 3.72 -18.16 37.20
C THR K 237 3.52 -17.01 36.22
N GLY K 238 2.62 -17.18 35.27
CA GLY K 238 2.41 -16.12 34.31
C GLY K 238 3.29 -16.36 33.10
N SER K 239 2.67 -16.73 32.00
CA SER K 239 3.38 -17.26 30.84
C SER K 239 2.39 -17.29 29.70
N GLU K 240 2.75 -17.96 28.62
CA GLU K 240 1.76 -18.25 27.59
C GLU K 240 2.03 -19.62 26.99
N ILE K 241 0.94 -20.26 26.62
CA ILE K 241 0.95 -21.50 25.86
C ILE K 241 0.10 -21.27 24.63
N ARG K 242 0.62 -21.69 23.48
CA ARG K 242 -0.18 -21.56 22.27
C ARG K 242 -0.17 -22.87 21.52
N HIS K 243 -1.36 -23.39 21.27
CA HIS K 243 -1.53 -24.60 20.49
C HIS K 243 -1.92 -24.16 19.09
N ARG K 244 -0.90 -23.95 18.27
CA ARG K 244 -1.11 -23.63 16.86
C ARG K 244 -1.60 -24.88 16.16
N GLU K 245 -2.82 -24.76 15.63
CA GLU K 245 -3.54 -25.83 14.93
C GLU K 245 -4.42 -25.13 13.90
N ASP K 246 -3.91 -25.03 12.67
CA ASP K 246 -4.52 -24.20 11.63
C ASP K 246 -5.61 -24.91 10.86
N GLY K 247 -6.17 -26.00 11.38
CA GLY K 247 -7.27 -26.66 10.72
C GLY K 247 -8.57 -26.43 11.46
N LEU K 248 -8.76 -25.22 11.96
CA LEU K 248 -9.90 -24.86 12.78
C LEU K 248 -10.51 -23.57 12.28
N PRO K 249 -11.84 -23.42 12.35
CA PRO K 249 -12.46 -22.18 11.90
C PRO K 249 -12.18 -20.98 12.80
N LEU K 250 -12.42 -21.10 14.10
CA LEU K 250 -12.29 -19.96 15.00
C LEU K 250 -11.10 -20.12 15.93
N ALA K 251 -10.76 -19.03 16.60
CA ALA K 251 -9.64 -18.98 17.52
C ALA K 251 -10.16 -18.71 18.92
N HIS K 252 -9.51 -19.32 19.91
CA HIS K 252 -9.89 -19.17 21.31
C HIS K 252 -8.71 -18.60 22.06
N VAL K 253 -8.88 -17.45 22.71
CA VAL K 253 -7.83 -16.86 23.52
C VAL K 253 -8.41 -16.58 24.89
N ALA K 254 -7.66 -16.93 25.93
CA ALA K 254 -7.99 -16.54 27.29
C ALA K 254 -6.78 -15.87 27.90
N ILE K 255 -7.01 -14.84 28.70
CA ILE K 255 -5.92 -14.14 29.37
C ILE K 255 -6.36 -13.81 30.80
N ALA K 256 -5.53 -14.15 31.77
CA ALA K 256 -5.91 -13.93 33.16
C ALA K 256 -4.73 -13.40 33.96
N VAL K 257 -5.07 -12.67 35.02
CA VAL K 257 -4.08 -12.08 35.92
C VAL K 257 -4.40 -12.49 37.35
N GLU K 258 -3.65 -11.91 38.30
CA GLU K 258 -3.50 -12.33 39.69
C GLU K 258 -4.79 -12.60 40.46
N GLY K 259 -4.70 -13.41 41.51
CA GLY K 259 -5.87 -13.90 42.21
C GLY K 259 -6.33 -13.04 43.37
N PRO K 260 -7.63 -12.73 43.40
CA PRO K 260 -8.17 -12.01 44.56
C PRO K 260 -8.38 -12.88 45.77
N GLY K 261 -8.91 -14.10 45.63
CA GLY K 261 -9.14 -14.96 46.77
C GLY K 261 -10.60 -15.15 47.12
N TRP K 262 -10.89 -15.40 48.39
CA TRP K 262 -12.27 -15.55 48.84
C TRP K 262 -12.68 -14.53 49.89
N ALA K 263 -11.90 -14.37 50.95
CA ALA K 263 -12.38 -13.62 52.12
C ALA K 263 -12.32 -12.13 51.94
N ASN K 264 -11.40 -11.64 51.14
CA ASN K 264 -11.16 -10.21 50.99
C ASN K 264 -12.20 -9.55 50.10
N PRO K 265 -12.59 -8.30 50.39
CA PRO K 265 -13.60 -7.59 49.58
C PRO K 265 -13.11 -7.11 48.22
N ASP K 266 -11.83 -7.35 47.91
CA ASP K 266 -11.33 -7.17 46.55
C ASP K 266 -12.07 -8.06 45.57
N ASN K 267 -12.59 -9.20 46.05
CA ASN K 267 -13.49 -10.04 45.26
C ASN K 267 -14.74 -9.26 44.85
N VAL K 268 -15.30 -8.47 45.76
CA VAL K 268 -16.49 -7.68 45.44
C VAL K 268 -16.14 -6.59 44.43
N ALA K 269 -15.00 -5.92 44.61
CA ALA K 269 -14.59 -4.89 43.66
C ALA K 269 -14.35 -5.45 42.27
N LEU K 270 -13.72 -6.62 42.18
CA LEU K 270 -13.48 -7.21 40.87
C LEU K 270 -14.75 -7.74 40.25
N GLN K 271 -15.72 -8.16 41.05
CA GLN K 271 -17.00 -8.54 40.45
C GLN K 271 -17.75 -7.32 39.94
N VAL K 272 -17.55 -6.14 40.55
CA VAL K 272 -18.10 -4.92 39.97
C VAL K 272 -17.43 -4.59 38.64
N ALA K 273 -16.10 -4.75 38.58
CA ALA K 273 -15.37 -4.46 37.33
C ALA K 273 -15.75 -5.42 36.21
N ASN K 274 -15.91 -6.70 36.53
CA ASN K 274 -16.36 -7.64 35.52
C ASN K 274 -17.86 -7.63 35.32
N ALA K 275 -18.61 -6.89 36.13
CA ALA K 275 -19.97 -6.55 35.74
C ALA K 275 -19.98 -5.39 34.77
N ILE K 276 -18.96 -4.53 34.85
CA ILE K 276 -18.84 -3.45 33.88
C ILE K 276 -18.46 -4.00 32.51
N ILE K 277 -17.41 -4.81 32.43
CA ILE K 277 -17.04 -5.28 31.09
C ILE K 277 -17.82 -6.54 30.72
N GLY K 278 -17.59 -7.69 31.41
CA GLY K 278 -18.55 -8.78 31.26
C GLY K 278 -18.58 -9.42 29.89
N HIS K 279 -19.77 -9.59 29.35
CA HIS K 279 -19.95 -10.60 28.32
C HIS K 279 -20.64 -10.05 27.08
N TYR K 280 -20.51 -10.83 26.00
CA TYR K 280 -21.14 -10.61 24.72
C TYR K 280 -21.08 -11.91 23.93
N ASP K 281 -22.16 -12.19 23.21
CA ASP K 281 -22.22 -13.29 22.27
C ASP K 281 -22.65 -12.73 20.92
N CYS K 282 -22.29 -13.41 19.83
CA CYS K 282 -22.63 -12.93 18.50
C CYS K 282 -24.10 -13.05 18.16
N THR K 283 -24.94 -13.61 19.04
CA THR K 283 -26.36 -13.76 18.80
C THR K 283 -27.21 -12.93 19.74
N TYR K 284 -26.80 -11.69 19.98
CA TYR K 284 -27.61 -10.75 20.74
C TYR K 284 -28.40 -9.85 19.81
N GLY K 285 -29.36 -9.14 20.39
CA GLY K 285 -30.11 -8.11 19.69
C GLY K 285 -29.61 -6.76 20.13
N GLY K 286 -29.75 -5.77 19.25
CA GLY K 286 -29.21 -4.45 19.52
C GLY K 286 -27.70 -4.47 19.56
N GLY K 287 -27.07 -4.69 18.41
CA GLY K 287 -25.64 -4.82 18.36
C GLY K 287 -24.89 -3.51 18.51
N MET K 288 -25.29 -2.49 17.76
CA MET K 288 -24.54 -1.25 17.67
C MET K 288 -24.70 -0.33 18.86
N HIS K 289 -25.41 -0.75 19.91
CA HIS K 289 -25.79 0.22 20.93
C HIS K 289 -25.59 -0.28 22.35
N LEU K 290 -24.78 -1.32 22.56
CA LEU K 290 -24.64 -1.87 23.89
C LEU K 290 -23.81 -0.95 24.79
N SER K 291 -23.94 -1.17 26.09
CA SER K 291 -23.30 -0.29 27.05
C SER K 291 -21.82 -0.59 27.21
N SER K 292 -21.43 -1.84 27.04
CA SER K 292 -20.02 -2.20 27.14
C SER K 292 -19.29 -1.65 25.93
N PRO K 293 -18.20 -0.88 26.12
CA PRO K 293 -17.51 -0.29 24.98
C PRO K 293 -16.80 -1.32 24.13
N LEU K 294 -16.36 -2.41 24.75
CA LEU K 294 -15.80 -3.52 23.98
C LEU K 294 -16.83 -4.15 23.07
N ALA K 295 -18.08 -4.25 23.55
CA ALA K 295 -19.16 -4.73 22.69
C ALA K 295 -19.46 -3.74 21.58
N SER K 296 -19.37 -2.44 21.88
CA SER K 296 -19.59 -1.41 20.87
C SER K 296 -18.58 -1.51 19.74
N VAL K 297 -17.30 -1.65 20.09
CA VAL K 297 -16.26 -1.75 19.07
C VAL K 297 -16.35 -3.09 18.33
N ALA K 298 -16.64 -4.18 19.04
CA ALA K 298 -16.69 -5.49 18.42
C ALA K 298 -17.89 -5.66 17.49
N VAL K 299 -18.95 -4.89 17.67
CA VAL K 299 -20.00 -4.93 16.67
C VAL K 299 -19.73 -3.90 15.57
N THR K 300 -19.13 -2.76 15.92
CA THR K 300 -18.87 -1.69 14.96
C THR K 300 -17.87 -2.13 13.89
N ASN K 301 -16.90 -2.97 14.25
CA ASN K 301 -15.88 -3.37 13.31
C ASN K 301 -15.80 -4.88 13.10
N LYS K 302 -16.76 -5.63 13.65
CA LYS K 302 -16.89 -7.09 13.49
C LYS K 302 -15.62 -7.83 13.93
N LEU K 303 -15.21 -7.56 15.16
CA LEU K 303 -13.95 -8.12 15.64
C LEU K 303 -14.12 -9.55 16.13
N CYS K 304 -14.92 -9.76 17.16
CA CYS K 304 -14.98 -11.05 17.83
C CYS K 304 -16.37 -11.64 17.79
N GLN K 305 -16.43 -12.97 17.89
CA GLN K 305 -17.71 -13.65 18.04
C GLN K 305 -18.25 -13.50 19.44
N SER K 306 -17.41 -13.72 20.45
CA SER K 306 -17.91 -13.67 21.82
C SER K 306 -16.80 -13.35 22.78
N PHE K 307 -17.17 -12.92 23.98
CA PHE K 307 -16.25 -12.86 25.10
C PHE K 307 -17.02 -12.87 26.40
N GLN K 308 -16.33 -13.25 27.46
CA GLN K 308 -16.77 -12.99 28.82
C GLN K 308 -15.55 -12.65 29.65
N THR K 309 -15.61 -11.48 30.28
CA THR K 309 -14.56 -11.00 31.18
C THR K 309 -15.16 -11.05 32.56
N PHE K 310 -14.49 -11.81 33.43
CA PHE K 310 -15.08 -12.68 34.44
C PHE K 310 -14.09 -12.86 35.60
N ASN K 311 -14.51 -13.68 36.57
CA ASN K 311 -13.69 -14.07 37.70
C ASN K 311 -13.77 -15.58 37.90
N ILE K 312 -12.67 -16.17 38.37
CA ILE K 312 -12.66 -17.50 38.98
C ILE K 312 -11.84 -17.37 40.26
N CYS K 313 -12.36 -17.90 41.36
CA CYS K 313 -11.65 -17.84 42.64
C CYS K 313 -11.46 -19.26 43.17
N TYR K 314 -10.22 -19.61 43.45
CA TYR K 314 -9.90 -20.84 44.17
C TYR K 314 -9.48 -20.48 45.58
N ALA K 315 -9.18 -21.51 46.37
CA ALA K 315 -8.84 -21.33 47.77
C ALA K 315 -7.59 -20.48 47.93
N ASP K 316 -7.79 -19.26 48.40
CA ASP K 316 -6.79 -18.21 48.60
C ASP K 316 -6.10 -17.79 47.30
N THR K 317 -6.69 -18.04 46.13
CA THR K 317 -6.06 -17.65 44.88
C THR K 317 -7.13 -17.53 43.80
N GLY K 318 -6.72 -17.46 42.55
CA GLY K 318 -7.67 -17.48 41.47
C GLY K 318 -7.14 -16.72 40.28
N LEU K 319 -8.06 -16.43 39.36
CA LEU K 319 -7.73 -15.78 38.11
C LEU K 319 -8.78 -14.70 37.83
N LEU K 320 -8.29 -13.50 37.58
CA LEU K 320 -9.10 -12.39 37.10
C LEU K 320 -9.01 -12.41 35.58
N GLY K 321 -10.09 -12.79 34.90
CA GLY K 321 -9.88 -13.23 33.54
C GLY K 321 -10.69 -12.57 32.45
N ALA K 322 -10.30 -12.83 31.22
CA ALA K 322 -11.07 -12.47 30.03
C ALA K 322 -10.87 -13.55 29.00
N HIS K 323 -11.96 -14.20 28.61
CA HIS K 323 -11.96 -15.20 27.55
C HIS K 323 -12.65 -14.59 26.34
N PHE K 324 -11.98 -14.57 25.19
CA PHE K 324 -12.65 -14.16 23.97
C PHE K 324 -12.45 -15.19 22.86
N VAL K 325 -13.51 -15.38 22.09
CA VAL K 325 -13.58 -16.29 20.97
C VAL K 325 -13.72 -15.45 19.72
N CYS K 326 -12.73 -15.51 18.85
CA CYS K 326 -12.71 -14.58 17.72
C CYS K 326 -12.07 -15.24 16.52
N ASP K 327 -12.38 -14.70 15.35
CA ASP K 327 -11.93 -15.26 14.09
C ASP K 327 -10.44 -14.95 13.88
N HIS K 328 -9.81 -15.71 13.00
CA HIS K 328 -8.36 -15.69 12.85
C HIS K 328 -7.82 -14.50 12.08
N MET K 329 -8.61 -13.46 11.86
CA MET K 329 -8.11 -12.25 11.22
C MET K 329 -8.35 -10.99 12.05
N SER K 330 -8.75 -11.13 13.30
CA SER K 330 -9.02 -9.95 14.11
C SER K 330 -8.53 -10.14 15.53
N ILE K 331 -7.44 -10.87 15.71
CA ILE K 331 -6.97 -11.22 17.05
C ILE K 331 -6.21 -10.05 17.68
N ASP K 332 -5.36 -9.39 16.89
CA ASP K 332 -4.55 -8.27 17.38
C ASP K 332 -5.43 -7.11 17.82
N ASP K 333 -6.43 -6.76 17.01
CA ASP K 333 -7.28 -5.63 17.32
C ASP K 333 -8.17 -5.93 18.52
N MET K 334 -8.67 -7.17 18.62
CA MET K 334 -9.48 -7.55 19.75
C MET K 334 -8.68 -7.53 21.05
N MET K 335 -7.42 -7.98 20.99
CA MET K 335 -6.57 -7.94 22.16
C MET K 335 -6.27 -6.51 22.58
N PHE K 336 -6.05 -5.64 21.59
CA PHE K 336 -5.79 -4.23 21.85
C PHE K 336 -6.98 -3.55 22.54
N VAL K 337 -8.20 -3.81 22.06
CA VAL K 337 -9.33 -3.12 22.67
C VAL K 337 -9.64 -3.72 24.05
N LEU K 338 -9.33 -5.00 24.27
CA LEU K 338 -9.52 -5.59 25.59
C LEU K 338 -8.60 -4.95 26.63
N GLN K 339 -7.32 -4.79 26.29
CA GLN K 339 -6.42 -4.12 27.22
C GLN K 339 -6.73 -2.63 27.34
N GLY K 340 -7.27 -2.03 26.28
CA GLY K 340 -7.73 -0.66 26.37
C GLY K 340 -8.86 -0.48 27.36
N GLN K 341 -9.75 -1.46 27.44
CA GLN K 341 -10.86 -1.33 28.39
C GLN K 341 -10.41 -1.58 29.82
N TRP K 342 -9.50 -2.53 30.01
CA TRP K 342 -8.92 -2.72 31.35
C TRP K 342 -8.21 -1.47 31.84
N MET K 343 -7.41 -0.85 30.98
CA MET K 343 -6.72 0.35 31.42
C MET K 343 -7.60 1.59 31.47
N ARG K 344 -8.71 1.60 30.75
CA ARG K 344 -9.67 2.68 30.93
C ARG K 344 -10.35 2.56 32.29
N LEU K 345 -10.58 1.33 32.77
CA LEU K 345 -11.01 1.17 34.15
C LEU K 345 -9.94 1.63 35.13
N CYS K 346 -8.68 1.28 34.88
CA CYS K 346 -7.67 1.53 35.89
C CYS K 346 -7.15 2.97 35.92
N THR K 347 -7.36 3.75 34.87
CA THR K 347 -6.81 5.10 34.82
C THR K 347 -7.84 6.20 35.01
N SER K 348 -8.93 6.17 34.25
CA SER K 348 -9.87 7.29 34.18
C SER K 348 -11.31 6.80 34.33
N ALA K 349 -11.57 6.02 35.37
CA ALA K 349 -12.89 5.45 35.60
C ALA K 349 -13.89 6.54 35.99
N THR K 350 -15.01 6.62 35.26
CA THR K 350 -16.05 7.58 35.57
C THR K 350 -17.05 6.98 36.53
N GLU K 351 -18.00 7.81 36.99
CA GLU K 351 -18.95 7.38 38.00
C GLU K 351 -20.10 6.57 37.39
N SER K 352 -20.54 6.97 36.19
CA SER K 352 -21.74 6.38 35.58
C SER K 352 -21.55 4.91 35.27
N GLU K 353 -20.38 4.54 34.77
CA GLU K 353 -20.08 3.14 34.49
C GLU K 353 -19.99 2.31 35.77
N VAL K 354 -19.53 2.91 36.87
CA VAL K 354 -19.49 2.20 38.13
C VAL K 354 -20.89 1.97 38.67
N VAL K 355 -21.79 2.95 38.48
CA VAL K 355 -23.18 2.78 38.90
C VAL K 355 -23.86 1.70 38.06
N ARG K 356 -23.59 1.69 36.75
CA ARG K 356 -24.11 0.65 35.87
C ARG K 356 -23.60 -0.72 36.27
N GLY K 357 -22.32 -0.81 36.65
CA GLY K 357 -21.77 -2.09 37.09
C GLY K 357 -22.37 -2.57 38.39
N LYS K 358 -22.65 -1.65 39.31
CA LYS K 358 -23.30 -2.04 40.55
C LYS K 358 -24.71 -2.56 40.31
N ASN K 359 -25.46 -1.91 39.41
CA ASN K 359 -26.82 -2.38 39.15
C ASN K 359 -26.83 -3.72 38.42
N LEU K 360 -25.93 -3.89 37.45
CA LEU K 360 -25.84 -5.16 36.74
C LEU K 360 -25.37 -6.28 37.66
N LEU K 361 -24.52 -5.97 38.63
CA LEU K 361 -24.07 -7.02 39.53
C LEU K 361 -25.15 -7.38 40.55
N ARG K 362 -25.97 -6.41 40.98
CA ARG K 362 -27.11 -6.74 41.83
C ARG K 362 -28.07 -7.67 41.11
N ASN K 363 -28.39 -7.37 39.85
CA ASN K 363 -29.32 -8.24 39.13
C ASN K 363 -28.69 -9.57 38.77
N ALA K 364 -27.37 -9.62 38.57
CA ALA K 364 -26.69 -10.90 38.33
C ALA K 364 -26.74 -11.78 39.57
N LEU K 365 -26.53 -11.19 40.74
CA LEU K 365 -26.55 -11.97 41.97
C LEU K 365 -27.95 -12.48 42.30
N VAL K 366 -28.97 -11.63 42.10
CA VAL K 366 -30.34 -12.05 42.39
C VAL K 366 -30.82 -13.08 41.37
N SER K 367 -30.39 -12.94 40.11
CA SER K 367 -30.77 -13.93 39.10
C SER K 367 -30.05 -15.26 39.31
N HIS K 368 -28.81 -15.24 39.81
CA HIS K 368 -28.14 -16.50 40.11
C HIS K 368 -28.70 -17.15 41.37
N LEU K 369 -29.23 -16.35 42.29
CA LEU K 369 -29.89 -16.95 43.46
C LEU K 369 -31.40 -17.01 43.24
N ASP K 370 -31.79 -17.79 42.23
CA ASP K 370 -33.18 -17.97 41.83
C ASP K 370 -33.43 -19.45 41.62
N GLY K 371 -34.43 -19.98 42.32
CA GLY K 371 -34.64 -21.42 42.27
C GLY K 371 -33.76 -22.15 43.27
N THR K 372 -34.33 -23.21 43.86
CA THR K 372 -33.77 -23.79 45.08
C THR K 372 -32.44 -24.51 44.83
N THR K 373 -32.24 -25.07 43.64
CA THR K 373 -31.01 -25.83 43.40
C THR K 373 -29.78 -24.95 43.27
N PRO K 374 -29.78 -23.82 42.52
CA PRO K 374 -28.60 -22.94 42.61
C PRO K 374 -28.42 -22.27 43.96
N VAL K 375 -29.49 -22.07 44.74
CA VAL K 375 -29.31 -21.44 46.04
C VAL K 375 -28.71 -22.42 47.05
N CYS K 376 -29.13 -23.69 46.99
CA CYS K 376 -28.48 -24.72 47.79
C CYS K 376 -27.04 -24.95 47.35
N GLU K 377 -26.77 -24.79 46.05
CA GLU K 377 -25.40 -24.81 45.54
C GLU K 377 -24.56 -23.69 46.14
N ASP K 378 -25.14 -22.50 46.22
CA ASP K 378 -24.45 -21.38 46.85
C ASP K 378 -24.23 -21.63 48.34
N ILE K 379 -25.17 -22.28 49.02
CA ILE K 379 -25.00 -22.55 50.44
C ILE K 379 -23.89 -23.57 50.67
N GLY K 380 -23.81 -24.61 49.83
CA GLY K 380 -22.73 -25.58 49.97
C GLY K 380 -21.36 -24.97 49.73
N ARG K 381 -21.20 -24.25 48.61
CA ARG K 381 -19.92 -23.60 48.35
C ARG K 381 -19.62 -22.47 49.32
N SER K 382 -20.64 -21.92 49.98
CA SER K 382 -20.38 -20.82 50.89
C SER K 382 -19.96 -21.33 52.26
N LEU K 383 -20.59 -22.41 52.73
CA LEU K 383 -20.13 -23.03 53.97
C LEU K 383 -18.82 -23.78 53.80
N LEU K 384 -18.38 -24.05 52.56
CA LEU K 384 -17.01 -24.51 52.42
C LEU K 384 -15.99 -23.36 52.32
N THR K 385 -16.22 -22.39 51.45
CA THR K 385 -15.21 -21.35 51.22
C THR K 385 -15.24 -20.29 52.31
N TYR K 386 -16.34 -19.56 52.43
CA TYR K 386 -16.40 -18.46 53.39
C TYR K 386 -16.53 -18.94 54.82
N GLY K 387 -17.01 -20.15 55.05
CA GLY K 387 -17.35 -20.61 56.37
C GLY K 387 -18.74 -20.22 56.83
N ARG K 388 -19.41 -19.32 56.10
CA ARG K 388 -20.80 -18.99 56.34
C ARG K 388 -21.39 -18.51 55.02
N ARG K 389 -22.67 -18.79 54.82
CA ARG K 389 -23.38 -18.20 53.70
C ARG K 389 -23.63 -16.74 54.06
N ILE K 390 -23.02 -15.82 53.31
CA ILE K 390 -23.13 -14.41 53.63
C ILE K 390 -24.44 -13.88 53.05
N PRO K 391 -25.31 -13.28 53.87
CA PRO K 391 -26.65 -12.94 53.39
C PRO K 391 -26.65 -11.75 52.45
N LEU K 392 -27.78 -11.56 51.78
CA LEU K 392 -27.88 -10.56 50.72
C LEU K 392 -27.92 -9.13 51.26
N ALA K 393 -28.31 -8.93 52.52
CA ALA K 393 -28.19 -7.62 53.12
C ALA K 393 -26.72 -7.20 53.21
N GLU K 394 -25.86 -8.16 53.54
CA GLU K 394 -24.43 -7.88 53.59
C GLU K 394 -23.86 -7.68 52.20
N TRP K 395 -24.36 -8.42 51.20
CA TRP K 395 -23.95 -8.18 49.83
C TRP K 395 -24.36 -6.79 49.36
N GLU K 396 -25.56 -6.36 49.73
CA GLU K 396 -26.01 -5.02 49.34
C GLU K 396 -25.20 -3.93 50.02
N SER K 397 -24.82 -4.15 51.28
CA SER K 397 -23.96 -3.20 51.98
C SER K 397 -22.59 -3.12 51.34
N ARG K 398 -21.98 -4.26 51.00
CA ARG K 398 -20.67 -4.23 50.37
C ARG K 398 -20.72 -3.66 48.96
N ILE K 399 -21.83 -3.84 48.24
CA ILE K 399 -21.95 -3.25 46.92
C ILE K 399 -22.10 -1.74 47.02
N ALA K 400 -23.04 -1.28 47.84
CA ALA K 400 -23.33 0.15 47.94
C ALA K 400 -22.20 0.93 48.58
N GLU K 401 -21.35 0.28 49.40
CA GLU K 401 -20.17 0.95 49.94
C GLU K 401 -18.97 0.83 49.01
N VAL K 402 -19.18 0.58 47.73
CA VAL K 402 -18.12 0.58 46.73
C VAL K 402 -18.44 1.66 45.70
N ASP K 403 -17.53 2.62 45.57
CA ASP K 403 -17.64 3.74 44.65
C ASP K 403 -16.45 3.71 43.69
N ALA K 404 -16.39 4.71 42.80
CA ALA K 404 -15.50 4.67 41.65
C ALA K 404 -14.03 4.71 42.03
N ARG K 405 -13.69 5.48 43.08
CA ARG K 405 -12.30 5.65 43.49
C ARG K 405 -11.71 4.35 44.01
N VAL K 406 -12.47 3.62 44.82
CA VAL K 406 -12.00 2.33 45.33
C VAL K 406 -11.92 1.31 44.20
N VAL K 407 -12.79 1.43 43.19
CA VAL K 407 -12.73 0.55 42.03
C VAL K 407 -11.44 0.75 41.26
N ARG K 408 -11.07 2.00 40.99
CA ARG K 408 -9.83 2.20 40.24
C ARG K 408 -8.61 1.91 41.10
N GLU K 409 -8.70 2.07 42.43
CA GLU K 409 -7.61 1.64 43.30
C GLU K 409 -7.38 0.13 43.23
N VAL K 410 -8.45 -0.65 43.39
CA VAL K 410 -8.32 -2.11 43.40
C VAL K 410 -7.93 -2.63 42.02
N CYS K 411 -8.50 -2.04 40.96
CA CYS K 411 -8.18 -2.52 39.62
C CYS K 411 -6.77 -2.12 39.21
N SER K 412 -6.28 -0.96 39.64
CA SER K 412 -4.87 -0.64 39.40
C SER K 412 -3.96 -1.46 40.31
N LYS K 413 -4.48 -1.98 41.41
CA LYS K 413 -3.70 -2.95 42.18
C LYS K 413 -3.56 -4.27 41.41
N TYR K 414 -4.62 -4.73 40.77
CA TYR K 414 -4.60 -6.07 40.21
C TYR K 414 -4.43 -6.14 38.69
N PHE K 415 -4.96 -5.20 37.93
CA PHE K 415 -4.70 -5.24 36.49
C PHE K 415 -3.35 -4.64 36.13
N TYR K 416 -3.06 -3.46 36.68
CA TYR K 416 -2.06 -2.55 36.11
C TYR K 416 -0.66 -3.09 36.32
N ASP K 417 -0.01 -3.45 35.21
CA ASP K 417 1.37 -3.93 35.15
C ASP K 417 1.55 -5.19 35.98
N GLN K 418 0.82 -6.22 35.62
CA GLN K 418 1.04 -7.57 36.14
C GLN K 418 1.37 -8.48 34.97
N CYS K 419 1.93 -9.65 35.30
CA CYS K 419 2.35 -10.60 34.27
C CYS K 419 1.18 -11.50 33.90
N PRO K 420 0.78 -11.55 32.63
CA PRO K 420 -0.41 -12.34 32.27
C PRO K 420 -0.12 -13.82 32.13
N ALA K 421 -1.21 -14.59 32.22
CA ALA K 421 -1.24 -15.96 31.73
C ALA K 421 -2.11 -15.94 30.47
N VAL K 422 -1.54 -16.35 29.35
CA VAL K 422 -2.20 -16.28 28.06
C VAL K 422 -2.27 -17.68 27.49
N ALA K 423 -3.48 -18.17 27.26
CA ALA K 423 -3.68 -19.45 26.63
C ALA K 423 -4.33 -19.23 25.27
N GLY K 424 -3.78 -19.85 24.25
CA GLY K 424 -4.31 -19.71 22.91
C GLY K 424 -4.48 -21.05 22.21
N PHE K 425 -5.53 -21.16 21.42
CA PHE K 425 -5.83 -22.42 20.76
C PHE K 425 -6.44 -22.13 19.40
N GLY K 426 -5.83 -22.68 18.35
CA GLY K 426 -6.39 -22.55 17.03
C GLY K 426 -5.46 -21.90 16.03
N PRO K 427 -6.01 -21.05 15.16
CA PRO K 427 -5.21 -20.30 14.17
C PRO K 427 -4.75 -18.95 14.70
N ILE K 428 -3.77 -18.97 15.59
CA ILE K 428 -3.44 -17.80 16.39
C ILE K 428 -2.04 -17.28 16.09
N GLU K 429 -1.63 -17.39 14.83
CA GLU K 429 -0.33 -16.84 14.46
C GLU K 429 -0.35 -15.31 14.46
N GLN K 430 -1.51 -14.71 14.23
CA GLN K 430 -1.64 -13.26 14.24
C GLN K 430 -1.78 -12.70 15.67
N LEU K 431 -1.83 -13.57 16.68
CA LEU K 431 -1.75 -13.14 18.06
C LEU K 431 -0.40 -12.45 18.30
N PRO K 432 -0.38 -11.33 19.01
CA PRO K 432 0.88 -10.63 19.23
C PRO K 432 1.78 -11.43 20.14
N ASP K 433 3.09 -11.25 19.94
CA ASP K 433 4.06 -11.86 20.83
C ASP K 433 3.93 -11.26 22.22
N TYR K 434 4.38 -12.03 23.21
CA TYR K 434 4.07 -11.78 24.62
C TYR K 434 4.67 -10.48 25.14
N ASN K 435 5.81 -10.06 24.58
CA ASN K 435 6.38 -8.78 25.01
C ASN K 435 5.54 -7.60 24.53
N ARG K 436 4.90 -7.72 23.37
CA ARG K 436 3.99 -6.65 22.97
C ARG K 436 2.72 -6.66 23.81
N ILE K 437 2.32 -7.84 24.32
CA ILE K 437 1.20 -7.90 25.25
C ILE K 437 1.55 -7.21 26.57
N ARG K 438 2.74 -7.50 27.11
CA ARG K 438 3.14 -6.86 28.34
C ARG K 438 3.39 -5.37 28.15
N SER K 439 3.87 -4.96 26.98
CA SER K 439 4.00 -3.55 26.67
C SER K 439 2.64 -2.89 26.49
N GLY K 440 1.63 -3.66 26.08
CA GLY K 440 0.30 -3.12 26.00
C GLY K 440 -0.46 -3.12 27.30
N MET K 441 0.05 -3.80 28.33
CA MET K 441 -0.60 -3.77 29.64
C MET K 441 -0.62 -2.37 30.25
N PHE K 442 0.43 -1.59 30.02
CA PHE K 442 0.45 -0.22 30.53
C PHE K 442 0.71 0.74 29.37
N TRP K 443 -0.04 1.82 29.32
CA TRP K 443 0.12 2.83 28.28
C TRP K 443 0.61 4.11 28.93
N LEU K 444 1.63 4.72 28.30
CA LEU K 444 2.46 5.74 28.92
C LEU K 444 1.76 7.10 29.01
N ARG K 445 0.56 7.23 28.50
CA ARG K 445 0.01 8.53 28.22
C ARG K 445 -1.05 8.90 29.25
N HIS L 20 -48.52 -13.56 55.46
CA HIS L 20 -49.70 -13.77 54.63
C HIS L 20 -49.34 -14.25 53.21
N PRO L 21 -50.11 -15.25 52.70
CA PRO L 21 -49.64 -16.03 51.56
C PRO L 21 -49.67 -15.32 50.22
N GLN L 22 -50.71 -14.51 49.98
CA GLN L 22 -50.90 -13.70 48.77
C GLN L 22 -50.93 -14.58 47.52
N ASP L 23 -52.02 -15.34 47.41
CA ASP L 23 -52.26 -16.20 46.25
C ASP L 23 -52.44 -15.40 44.96
N LEU L 24 -52.61 -16.12 43.86
CA LEU L 24 -52.56 -15.54 42.53
C LEU L 24 -53.79 -14.68 42.30
N GLU L 25 -53.57 -13.38 42.15
CA GLU L 25 -54.66 -12.45 41.86
C GLU L 25 -54.84 -12.36 40.36
N PHE L 26 -56.09 -12.29 39.91
CA PHE L 26 -56.42 -12.68 38.55
C PHE L 26 -57.62 -11.89 38.08
N THR L 27 -57.49 -11.22 36.93
CA THR L 27 -58.55 -10.32 36.48
C THR L 27 -58.65 -10.36 34.96
N ARG L 28 -59.86 -10.61 34.46
CA ARG L 28 -60.09 -10.59 33.01
C ARG L 28 -60.60 -9.22 32.63
N LEU L 29 -59.75 -8.42 32.01
CA LEU L 29 -60.23 -7.13 31.52
C LEU L 29 -60.99 -7.34 30.22
N PRO L 30 -62.26 -6.89 30.13
CA PRO L 30 -63.09 -7.20 28.96
C PRO L 30 -62.84 -6.33 27.75
N ASN L 31 -61.57 -6.09 27.45
CA ASN L 31 -61.13 -5.84 26.09
C ASN L 31 -60.75 -7.15 25.42
N GLY L 32 -60.85 -8.25 26.17
CA GLY L 32 -60.44 -9.56 25.76
C GLY L 32 -59.24 -10.10 26.50
N LEU L 33 -58.55 -9.28 27.28
CA LEU L 33 -57.22 -9.67 27.76
C LEU L 33 -57.29 -10.06 29.22
N VAL L 34 -56.22 -10.70 29.68
CA VAL L 34 -56.21 -11.16 31.07
C VAL L 34 -54.95 -10.67 31.75
N ILE L 35 -55.05 -10.43 33.05
CA ILE L 35 -53.97 -9.86 33.86
C ILE L 35 -53.87 -10.67 35.15
N ALA L 36 -52.76 -11.35 35.34
CA ALA L 36 -52.52 -12.11 36.55
C ALA L 36 -51.26 -11.63 37.23
N SER L 37 -51.28 -11.59 38.55
CA SER L 37 -50.12 -11.19 39.33
C SER L 37 -49.97 -12.11 40.53
N LEU L 38 -48.72 -12.29 40.96
CA LEU L 38 -48.41 -13.17 42.08
C LEU L 38 -47.46 -12.40 43.00
N GLU L 39 -48.03 -11.76 44.03
CA GLU L 39 -47.22 -10.98 44.95
C GLU L 39 -46.48 -11.93 45.88
N ASN L 40 -45.28 -12.29 45.47
CA ASN L 40 -44.31 -12.92 46.35
C ASN L 40 -43.20 -11.91 46.66
N TYR L 41 -42.60 -12.06 47.83
CA TYR L 41 -41.58 -11.10 48.25
C TYR L 41 -40.20 -11.63 47.86
N ALA L 42 -40.00 -11.67 46.56
CA ALA L 42 -38.72 -11.91 45.94
C ALA L 42 -38.13 -10.59 45.48
N PRO L 43 -36.81 -10.45 45.47
CA PRO L 43 -36.23 -9.25 44.89
C PRO L 43 -36.41 -9.18 43.39
N ALA L 44 -36.47 -10.33 42.72
CA ALA L 44 -36.69 -10.36 41.30
C ALA L 44 -38.14 -10.05 40.98
N SER L 45 -38.35 -9.47 39.81
CA SER L 45 -39.68 -9.13 39.33
C SER L 45 -39.69 -9.36 37.84
N ARG L 46 -40.71 -10.03 37.36
CA ARG L 46 -40.81 -10.46 35.98
C ARG L 46 -42.15 -10.06 35.41
N ILE L 47 -42.12 -9.24 34.36
CA ILE L 47 -43.31 -8.88 33.63
C ILE L 47 -43.30 -9.64 32.32
N GLY L 48 -44.39 -10.34 32.05
CA GLY L 48 -44.45 -11.15 30.85
C GLY L 48 -45.70 -10.91 30.05
N LEU L 49 -45.54 -10.39 28.84
CA LEU L 49 -46.64 -10.24 27.91
C LEU L 49 -46.68 -11.46 27.00
N PHE L 50 -47.77 -12.23 27.04
CA PHE L 50 -47.88 -13.45 26.25
C PHE L 50 -48.93 -13.23 25.17
N ILE L 51 -48.58 -13.53 23.93
CA ILE L 51 -49.45 -13.31 22.78
C ILE L 51 -49.55 -14.62 21.99
N LYS L 52 -50.75 -14.98 21.54
CA LYS L 52 -50.95 -16.13 20.67
C LYS L 52 -50.62 -15.82 19.20
N ALA L 53 -49.40 -15.41 18.94
CA ALA L 53 -49.02 -15.03 17.58
C ALA L 53 -47.66 -15.61 17.23
N GLY L 54 -47.48 -16.91 17.43
CA GLY L 54 -46.20 -17.53 17.16
C GLY L 54 -45.98 -17.84 15.69
N SER L 55 -45.54 -19.07 15.40
CA SER L 55 -45.22 -19.45 14.03
C SER L 55 -46.44 -19.82 13.20
N ARG L 56 -47.40 -20.53 13.80
CA ARG L 56 -48.42 -21.24 13.03
C ARG L 56 -49.43 -20.33 12.34
N TYR L 57 -49.45 -19.04 12.63
CA TYR L 57 -50.45 -18.15 12.06
C TYR L 57 -50.00 -17.49 10.77
N GLU L 58 -49.10 -18.12 10.02
CA GLU L 58 -48.62 -17.60 8.76
C GLU L 58 -49.18 -18.39 7.59
N ASN L 59 -49.41 -17.71 6.48
CA ASN L 59 -49.69 -18.40 5.23
C ASN L 59 -48.37 -18.64 4.49
N PHE L 60 -48.45 -18.99 3.21
CA PHE L 60 -47.26 -19.33 2.43
C PHE L 60 -46.72 -18.14 1.64
N ASN L 61 -46.94 -16.92 2.11
CA ASN L 61 -46.40 -15.73 1.48
C ASN L 61 -45.63 -14.85 2.44
N ASN L 62 -45.59 -15.19 3.72
CA ASN L 62 -44.83 -14.43 4.70
C ASN L 62 -44.05 -15.37 5.61
N LEU L 63 -43.33 -16.31 5.01
CA LEU L 63 -42.54 -17.23 5.81
C LEU L 63 -41.30 -16.54 6.35
N GLY L 64 -40.91 -16.93 7.56
CA GLY L 64 -39.81 -16.28 8.23
C GLY L 64 -40.17 -14.97 8.90
N THR L 65 -41.45 -14.64 8.96
CA THR L 65 -41.86 -13.39 9.58
C THR L 65 -41.73 -13.46 11.09
N SER L 66 -42.06 -14.61 11.68
CA SER L 66 -42.09 -14.72 13.14
C SER L 66 -40.70 -14.65 13.75
N HIS L 67 -39.69 -15.19 13.06
CA HIS L 67 -38.32 -15.04 13.54
C HIS L 67 -37.87 -13.59 13.44
N LEU L 68 -38.22 -12.90 12.36
CA LEU L 68 -37.84 -11.52 12.20
C LEU L 68 -38.52 -10.63 13.23
N LEU L 69 -39.75 -10.97 13.62
CA LEU L 69 -40.41 -10.24 14.69
C LEU L 69 -39.83 -10.61 16.04
N ARG L 70 -39.29 -11.83 16.17
CA ARG L 70 -38.65 -12.21 17.42
C ARG L 70 -37.36 -11.44 17.63
N LEU L 71 -36.62 -11.19 16.56
CA LEU L 71 -35.40 -10.39 16.70
C LEU L 71 -35.66 -8.90 16.75
N ALA L 72 -36.86 -8.43 16.44
CA ALA L 72 -37.13 -7.00 16.33
C ALA L 72 -37.64 -6.42 17.64
N SER L 73 -37.15 -6.92 18.76
CA SER L 73 -37.53 -6.36 20.05
C SER L 73 -36.94 -4.96 20.23
N SER L 74 -35.66 -4.80 19.95
CA SER L 74 -34.92 -3.59 20.32
C SER L 74 -34.82 -2.61 19.16
N LEU L 75 -35.85 -2.50 18.33
CA LEU L 75 -35.87 -1.49 17.28
C LEU L 75 -36.65 -0.27 17.75
N THR L 76 -36.54 0.82 16.96
CA THR L 76 -37.13 2.09 17.35
C THR L 76 -38.65 2.02 17.35
N THR L 77 -39.25 2.74 18.28
CA THR L 77 -40.67 2.67 18.55
C THR L 77 -41.33 4.02 18.31
N LYS L 78 -42.64 4.06 18.51
CA LYS L 78 -43.36 5.31 18.65
C LYS L 78 -43.45 5.60 20.14
N GLY L 79 -42.48 6.33 20.66
CA GLY L 79 -42.41 6.60 22.08
C GLY L 79 -40.99 6.58 22.62
N ALA L 80 -40.11 5.77 22.01
CA ALA L 80 -38.73 5.70 22.45
C ALA L 80 -37.87 5.16 21.32
N SER L 81 -36.67 5.72 21.18
CA SER L 81 -35.72 5.22 20.20
C SER L 81 -35.05 3.95 20.72
N SER L 82 -34.35 3.26 19.82
CA SER L 82 -33.71 1.99 20.17
C SER L 82 -32.55 2.20 21.12
N PHE L 83 -31.82 3.31 20.95
CA PHE L 83 -30.71 3.63 21.83
C PHE L 83 -31.19 3.86 23.25
N LYS L 84 -32.32 4.56 23.40
CA LYS L 84 -32.94 4.76 24.70
C LYS L 84 -33.34 3.42 25.31
N ILE L 85 -33.86 2.50 24.49
CA ILE L 85 -34.28 1.19 24.98
C ILE L 85 -33.10 0.41 25.53
N THR L 86 -32.04 0.29 24.74
CA THR L 86 -30.90 -0.55 25.15
C THR L 86 -30.17 0.04 26.34
N ARG L 87 -29.91 1.35 26.31
CA ARG L 87 -29.15 1.94 27.41
C ARG L 87 -29.99 2.06 28.67
N GLY L 88 -31.30 2.29 28.57
CA GLY L 88 -32.12 2.35 29.77
C GLY L 88 -32.33 0.99 30.40
N ILE L 89 -32.52 -0.05 29.58
CA ILE L 89 -32.69 -1.39 30.12
C ILE L 89 -31.40 -1.89 30.76
N GLU L 90 -30.25 -1.66 30.13
CA GLU L 90 -29.03 -2.11 30.77
C GLU L 90 -28.58 -1.20 31.90
N ALA L 91 -29.02 0.06 31.93
CA ALA L 91 -28.63 0.95 33.02
C ALA L 91 -29.50 0.77 34.25
N VAL L 92 -30.75 0.30 34.08
CA VAL L 92 -31.49 -0.14 35.26
C VAL L 92 -31.16 -1.59 35.58
N GLY L 93 -30.35 -2.26 34.75
CA GLY L 93 -29.93 -3.60 35.01
C GLY L 93 -30.93 -4.68 34.64
N GLY L 94 -32.05 -4.31 34.05
CA GLY L 94 -33.01 -5.31 33.65
C GLY L 94 -32.54 -6.12 32.47
N LYS L 95 -33.13 -7.29 32.29
CA LYS L 95 -32.86 -8.14 31.15
C LYS L 95 -34.15 -8.44 30.43
N LEU L 96 -34.15 -8.18 29.12
CA LEU L 96 -35.31 -8.34 28.26
C LEU L 96 -35.08 -9.57 27.39
N SER L 97 -35.89 -10.61 27.60
CA SER L 97 -35.75 -11.86 26.87
C SER L 97 -37.05 -12.19 26.16
N VAL L 98 -36.99 -12.28 24.84
CA VAL L 98 -38.11 -12.74 24.04
C VAL L 98 -37.99 -14.25 23.89
N THR L 99 -39.09 -14.97 24.11
CA THR L 99 -39.12 -16.38 23.78
C THR L 99 -40.34 -16.68 22.92
N SER L 100 -40.28 -17.81 22.21
CA SER L 100 -41.30 -18.13 21.23
C SER L 100 -41.41 -19.63 21.05
N THR L 101 -42.62 -20.14 21.19
CA THR L 101 -42.99 -21.47 20.73
C THR L 101 -43.96 -21.33 19.56
N ARG L 102 -44.32 -22.47 18.96
CA ARG L 102 -45.12 -22.51 17.74
C ARG L 102 -46.53 -21.95 17.90
N GLU L 103 -46.98 -21.66 19.11
CA GLU L 103 -48.22 -20.96 19.31
C GLU L 103 -48.07 -19.63 20.04
N ASN L 104 -46.95 -19.38 20.71
CA ASN L 104 -46.91 -18.27 21.65
C ASN L 104 -45.64 -17.46 21.47
N MET L 105 -45.76 -16.15 21.48
CA MET L 105 -44.62 -15.26 21.69
C MET L 105 -44.76 -14.66 23.07
N ALA L 106 -43.76 -14.87 23.91
CA ALA L 106 -43.80 -14.44 25.30
C ALA L 106 -42.63 -13.51 25.54
N TYR L 107 -42.93 -12.26 25.87
CA TYR L 107 -41.91 -11.29 26.21
C TYR L 107 -41.75 -11.30 27.72
N THR L 108 -40.55 -11.58 28.20
CA THR L 108 -40.28 -11.52 29.62
C THR L 108 -39.26 -10.42 29.86
N VAL L 109 -39.48 -9.63 30.91
CA VAL L 109 -38.52 -8.63 31.32
C VAL L 109 -38.33 -8.75 32.83
N GLU L 110 -37.08 -8.93 33.25
CA GLU L 110 -36.78 -9.22 34.64
C GLU L 110 -35.84 -8.19 35.23
N CYS L 111 -36.12 -7.78 36.45
CA CYS L 111 -35.37 -6.72 37.12
C CYS L 111 -35.62 -6.80 38.62
N LEU L 112 -35.21 -5.76 39.34
CA LEU L 112 -35.56 -5.62 40.75
C LEU L 112 -36.98 -5.09 40.86
N ARG L 113 -37.55 -5.13 42.06
CA ARG L 113 -38.91 -4.60 42.21
C ARG L 113 -38.94 -3.08 42.32
N ASP L 114 -37.82 -2.38 42.08
CA ASP L 114 -37.81 -0.93 42.07
C ASP L 114 -38.25 -0.38 40.72
N ASP L 115 -37.53 -0.76 39.67
CA ASP L 115 -37.59 -0.08 38.38
C ASP L 115 -38.68 -0.62 37.48
N VAL L 116 -39.76 -1.16 38.06
CA VAL L 116 -40.72 -1.91 37.26
C VAL L 116 -41.57 -0.97 36.39
N ASP L 117 -41.70 0.30 36.78
CA ASP L 117 -42.53 1.22 36.01
C ASP L 117 -41.83 1.62 34.71
N ILE L 118 -40.52 1.86 34.76
CA ILE L 118 -39.82 2.29 33.56
C ILE L 118 -39.65 1.14 32.58
N LEU L 119 -39.45 -0.09 33.08
CA LEU L 119 -39.37 -1.22 32.18
C LEU L 119 -40.73 -1.61 31.65
N MET L 120 -41.79 -1.39 32.43
CA MET L 120 -43.15 -1.54 31.93
C MET L 120 -43.41 -0.59 30.78
N GLU L 121 -42.96 0.66 30.93
CA GLU L 121 -43.10 1.67 29.88
C GLU L 121 -42.38 1.25 28.60
N PHE L 122 -41.10 0.88 28.71
CA PHE L 122 -40.35 0.43 27.53
C PHE L 122 -40.93 -0.82 26.91
N LEU L 123 -41.39 -1.76 27.76
CA LEU L 123 -41.92 -3.02 27.26
C LEU L 123 -43.19 -2.81 26.46
N LEU L 124 -44.17 -2.08 27.02
CA LEU L 124 -45.41 -1.88 26.29
C LEU L 124 -45.24 -0.95 25.09
N ASN L 125 -44.22 -0.08 25.10
CA ASN L 125 -43.92 0.65 23.88
C ASN L 125 -43.45 -0.28 22.78
N VAL L 126 -42.56 -1.23 23.13
CA VAL L 126 -42.06 -2.23 22.17
C VAL L 126 -43.21 -3.09 21.63
N THR L 127 -44.14 -3.48 22.50
CA THR L 127 -45.22 -4.37 22.06
C THR L 127 -46.25 -3.63 21.22
N THR L 128 -46.74 -2.49 21.71
CA THR L 128 -47.84 -1.82 21.05
C THR L 128 -47.39 -1.12 19.77
N ALA L 129 -46.34 -0.30 19.83
CA ALA L 129 -46.03 0.61 18.73
C ALA L 129 -44.62 0.42 18.18
N PRO L 130 -44.43 -0.53 17.26
CA PRO L 130 -43.18 -0.54 16.49
C PRO L 130 -43.32 0.21 15.18
N GLU L 131 -42.20 0.70 14.68
CA GLU L 131 -42.18 1.43 13.42
C GLU L 131 -41.61 0.63 12.26
N PHE L 132 -40.64 -0.24 12.53
CA PHE L 132 -39.99 -1.13 11.55
C PHE L 132 -39.33 -0.34 10.42
N ARG L 133 -38.30 0.41 10.80
CA ARG L 133 -37.53 1.16 9.82
C ARG L 133 -36.66 0.21 8.99
N ARG L 134 -36.48 0.56 7.71
CA ARG L 134 -36.15 -0.42 6.68
C ARG L 134 -34.69 -0.85 6.69
N TRP L 135 -33.76 0.09 6.89
CA TRP L 135 -32.33 -0.25 6.99
C TRP L 135 -32.05 -1.12 8.21
N GLU L 136 -32.79 -0.86 9.29
CA GLU L 136 -32.74 -1.69 10.48
C GLU L 136 -33.19 -3.11 10.15
N VAL L 137 -34.21 -3.23 9.30
CA VAL L 137 -34.69 -4.53 8.89
C VAL L 137 -33.65 -5.26 8.05
N ALA L 138 -32.88 -4.54 7.22
CA ALA L 138 -31.84 -5.21 6.43
C ALA L 138 -30.69 -5.74 7.29
N ALA L 139 -30.24 -4.92 8.26
CA ALA L 139 -29.26 -5.40 9.23
C ALA L 139 -29.80 -6.60 10.02
N LEU L 140 -31.10 -6.60 10.30
CA LEU L 140 -31.68 -7.74 10.97
C LEU L 140 -31.83 -8.95 10.06
N GLN L 141 -31.83 -8.76 8.73
CA GLN L 141 -31.77 -9.92 7.82
C GLN L 141 -30.44 -10.64 7.97
N SER L 142 -29.35 -9.87 8.00
CA SER L 142 -28.04 -10.48 8.26
C SER L 142 -28.00 -11.19 9.61
N GLN L 143 -28.61 -10.57 10.63
CA GLN L 143 -28.71 -11.20 11.94
C GLN L 143 -29.55 -12.48 11.90
N LEU L 144 -30.57 -12.53 11.02
CA LEU L 144 -31.38 -13.74 10.87
C LEU L 144 -30.56 -14.90 10.35
N ARG L 145 -29.71 -14.65 9.35
CA ARG L 145 -28.85 -15.74 8.85
C ARG L 145 -27.90 -16.25 9.92
N ILE L 146 -27.30 -15.32 10.69
CA ILE L 146 -26.37 -15.73 11.75
C ILE L 146 -27.08 -16.54 12.82
N ASP L 147 -28.28 -16.11 13.22
CA ASP L 147 -28.99 -16.80 14.28
C ASP L 147 -29.53 -18.15 13.83
N LYS L 148 -29.90 -18.29 12.56
CA LYS L 148 -30.33 -19.60 12.08
C LYS L 148 -29.17 -20.59 12.07
N ALA L 149 -27.98 -20.13 11.66
CA ALA L 149 -26.83 -21.02 11.66
C ALA L 149 -26.47 -21.47 13.07
N VAL L 150 -26.48 -20.54 14.02
CA VAL L 150 -26.17 -20.87 15.42
C VAL L 150 -27.23 -21.79 16.03
N ALA L 151 -28.50 -21.62 15.64
CA ALA L 151 -29.54 -22.47 16.21
C ALA L 151 -29.51 -23.88 15.61
N PHE L 152 -29.30 -23.99 14.29
CA PHE L 152 -29.26 -25.30 13.64
C PHE L 152 -27.87 -25.90 13.56
N GLN L 153 -26.92 -25.46 14.39
CA GLN L 153 -25.71 -26.25 14.51
C GLN L 153 -25.95 -27.56 15.28
N ASN L 154 -27.08 -27.69 16.00
CA ASN L 154 -27.46 -28.97 16.60
C ASN L 154 -28.16 -29.85 15.58
N PRO L 155 -28.17 -31.18 15.79
CA PRO L 155 -28.98 -32.05 14.93
C PRO L 155 -30.44 -32.10 15.33
N GLN L 156 -30.69 -31.92 16.63
CA GLN L 156 -32.04 -32.11 17.19
C GLN L 156 -33.01 -31.09 16.63
N ALA L 157 -32.53 -29.87 16.37
CA ALA L 157 -33.41 -28.85 15.80
C ALA L 157 -33.83 -29.23 14.39
N HIS L 158 -32.88 -29.74 13.58
CA HIS L 158 -33.20 -30.23 12.25
C HIS L 158 -34.23 -31.36 12.30
N VAL L 159 -34.07 -32.29 13.23
CA VAL L 159 -34.93 -33.46 13.22
C VAL L 159 -36.33 -33.12 13.71
N ILE L 160 -36.43 -32.23 14.72
CA ILE L 160 -37.75 -31.83 15.19
C ILE L 160 -38.45 -30.94 14.16
N GLU L 161 -37.71 -30.08 13.46
CA GLU L 161 -38.37 -29.26 12.46
C GLU L 161 -38.76 -30.04 11.22
N ASN L 162 -37.98 -31.04 10.82
CA ASN L 162 -38.44 -31.91 9.75
C ASN L 162 -39.59 -32.80 10.18
N LEU L 163 -39.65 -33.14 11.48
CA LEU L 163 -40.79 -33.87 12.02
C LEU L 163 -42.06 -33.05 11.90
N HIS L 164 -42.03 -31.80 12.36
CA HIS L 164 -43.19 -30.94 12.25
C HIS L 164 -43.50 -30.56 10.80
N ALA L 165 -42.49 -30.52 9.94
CA ALA L 165 -42.74 -30.22 8.54
C ALA L 165 -43.30 -31.42 7.78
N ALA L 166 -43.10 -32.63 8.29
CA ALA L 166 -43.58 -33.82 7.62
C ALA L 166 -44.93 -34.31 8.12
N ALA L 167 -45.24 -34.11 9.40
CA ALA L 167 -46.46 -34.70 9.93
C ALA L 167 -47.69 -33.92 9.51
N TYR L 168 -47.59 -32.62 9.38
CA TYR L 168 -48.75 -31.79 9.08
C TYR L 168 -48.67 -31.26 7.67
N ARG L 169 -49.80 -31.31 6.97
CA ARG L 169 -49.96 -30.70 5.65
C ARG L 169 -50.40 -29.25 5.72
N ASN L 170 -50.26 -28.63 6.89
CA ASN L 170 -51.10 -27.50 7.27
C ASN L 170 -50.24 -26.54 8.10
N ALA L 171 -50.90 -25.72 8.93
CA ALA L 171 -50.27 -24.55 9.54
C ALA L 171 -49.15 -24.91 10.52
N LEU L 172 -49.19 -26.11 11.12
CA LEU L 172 -48.11 -26.45 12.04
C LEU L 172 -46.85 -26.92 11.34
N ALA L 173 -46.82 -26.95 10.02
CA ALA L 173 -45.60 -27.34 9.32
C ALA L 173 -44.55 -26.24 9.31
N ASN L 174 -44.91 -25.02 9.67
CA ASN L 174 -43.96 -23.93 9.61
C ASN L 174 -43.00 -23.99 10.79
N SER L 175 -41.84 -23.36 10.59
CA SER L 175 -40.74 -23.44 11.53
C SER L 175 -40.64 -22.16 12.36
N LEU L 176 -40.02 -22.29 13.54
CA LEU L 176 -39.72 -21.12 14.35
C LEU L 176 -38.74 -20.20 13.65
N TYR L 177 -37.89 -20.76 12.80
CA TYR L 177 -36.83 -20.02 12.14
C TYR L 177 -37.20 -19.74 10.70
N CYS L 178 -36.56 -18.73 10.15
CA CYS L 178 -36.75 -18.37 8.77
C CYS L 178 -36.16 -19.46 7.87
N PRO L 179 -36.76 -19.71 6.71
CA PRO L 179 -36.17 -20.66 5.76
C PRO L 179 -34.89 -20.13 5.10
N ASP L 180 -34.32 -20.93 4.21
CA ASP L 180 -33.01 -20.58 3.65
C ASP L 180 -33.08 -19.46 2.64
N TYR L 181 -34.19 -19.33 1.92
CA TYR L 181 -34.24 -18.41 0.79
C TYR L 181 -34.95 -17.10 1.12
N ARG L 182 -35.67 -17.04 2.24
CA ARG L 182 -36.41 -15.83 2.60
C ARG L 182 -35.54 -14.79 3.28
N ILE L 183 -34.24 -15.04 3.44
CA ILE L 183 -33.35 -14.07 4.08
C ILE L 183 -33.09 -12.94 3.11
N GLY L 184 -33.37 -11.72 3.55
CA GLY L 184 -33.19 -10.55 2.72
C GLY L 184 -34.35 -10.20 1.83
N LYS L 185 -35.38 -11.04 1.78
CA LYS L 185 -36.49 -10.88 0.84
C LYS L 185 -37.81 -10.85 1.59
N VAL L 186 -37.87 -10.02 2.64
CA VAL L 186 -39.11 -9.78 3.37
C VAL L 186 -39.23 -8.29 3.67
N THR L 187 -40.32 -7.69 3.23
CA THR L 187 -40.60 -6.28 3.44
C THR L 187 -41.00 -6.03 4.88
N PRO L 188 -40.90 -4.79 5.36
CA PRO L 188 -41.46 -4.49 6.69
C PRO L 188 -42.96 -4.32 6.72
N ASP L 189 -43.60 -4.11 5.56
CA ASP L 189 -45.06 -4.00 5.53
C ASP L 189 -45.74 -5.30 5.93
N GLU L 190 -45.11 -6.44 5.64
CA GLU L 190 -45.64 -7.72 6.09
C GLU L 190 -45.58 -7.82 7.61
N LEU L 191 -44.51 -7.28 8.21
CA LEU L 191 -44.42 -7.21 9.67
C LEU L 191 -45.50 -6.31 10.24
N HIS L 192 -45.75 -5.16 9.61
CA HIS L 192 -46.80 -4.26 10.08
C HIS L 192 -48.17 -4.90 10.00
N ASP L 193 -48.49 -5.57 8.89
CA ASP L 193 -49.78 -6.22 8.77
C ASP L 193 -49.92 -7.39 9.71
N TYR L 194 -48.81 -8.09 9.99
CA TYR L 194 -48.83 -9.20 10.94
C TYR L 194 -49.08 -8.70 12.36
N VAL L 195 -48.41 -7.62 12.75
CA VAL L 195 -48.65 -7.00 14.05
C VAL L 195 -50.07 -6.48 14.15
N GLN L 196 -50.62 -5.97 13.05
CA GLN L 196 -52.00 -5.47 13.08
C GLN L 196 -53.01 -6.58 13.30
N ASN L 197 -52.97 -7.64 12.49
CA ASN L 197 -54.00 -8.65 12.63
C ASN L 197 -53.59 -9.81 13.54
N HIS L 198 -52.59 -9.63 14.40
CA HIS L 198 -52.37 -10.60 15.46
C HIS L 198 -52.11 -10.02 16.85
N PHE L 199 -51.64 -8.78 16.97
CA PHE L 199 -51.35 -8.21 18.28
C PHE L 199 -52.51 -7.36 18.79
N THR L 200 -53.68 -7.98 18.91
CA THR L 200 -54.83 -7.30 19.47
C THR L 200 -55.12 -7.82 20.87
N SER L 201 -55.98 -7.09 21.59
CA SER L 201 -56.19 -7.34 23.01
C SER L 201 -56.99 -8.60 23.30
N ALA L 202 -57.51 -9.29 22.28
CA ALA L 202 -58.20 -10.54 22.52
C ALA L 202 -57.26 -11.70 22.78
N ARG L 203 -55.95 -11.49 22.64
CA ARG L 203 -54.99 -12.59 22.59
C ARG L 203 -53.87 -12.42 23.62
N MET L 204 -54.07 -11.57 24.62
CA MET L 204 -52.95 -11.07 25.41
C MET L 204 -53.12 -11.41 26.88
N ALA L 205 -52.16 -12.17 27.40
CA ALA L 205 -52.08 -12.48 28.83
C ALA L 205 -50.92 -11.68 29.40
N LEU L 206 -51.14 -11.04 30.53
CA LEU L 206 -50.12 -10.19 31.13
C LEU L 206 -49.85 -10.66 32.54
N ILE L 207 -48.64 -11.16 32.79
CA ILE L 207 -48.31 -11.80 34.06
C ILE L 207 -47.29 -10.95 34.79
N GLY L 208 -47.49 -10.75 36.10
CA GLY L 208 -46.53 -10.02 36.89
C GLY L 208 -46.11 -10.71 38.16
N LEU L 209 -44.84 -11.07 38.26
CA LEU L 209 -44.27 -11.65 39.47
C LEU L 209 -43.45 -10.61 40.21
N GLY L 210 -43.70 -10.49 41.50
CA GLY L 210 -43.06 -9.51 42.33
C GLY L 210 -43.75 -8.17 42.36
N VAL L 211 -44.57 -7.86 41.36
CA VAL L 211 -45.24 -6.57 41.27
C VAL L 211 -46.64 -6.70 41.84
N SER L 212 -47.25 -5.55 42.12
CA SER L 212 -48.60 -5.54 42.64
C SER L 212 -49.61 -5.72 41.51
N HIS L 213 -50.86 -5.95 41.92
CA HIS L 213 -51.94 -6.04 40.94
C HIS L 213 -52.45 -4.70 40.42
N PRO L 214 -52.87 -3.71 41.25
CA PRO L 214 -53.64 -2.60 40.66
C PRO L 214 -52.81 -1.62 39.85
N VAL L 215 -51.51 -1.53 40.12
CA VAL L 215 -50.60 -0.76 39.26
C VAL L 215 -50.59 -1.36 37.87
N LEU L 216 -50.47 -2.69 37.80
CA LEU L 216 -50.46 -3.39 36.53
C LEU L 216 -51.82 -3.27 35.83
N LYS L 217 -52.89 -3.24 36.60
CA LYS L 217 -54.23 -3.06 36.03
C LYS L 217 -54.37 -1.67 35.40
N GLN L 218 -53.90 -0.63 36.10
CA GLN L 218 -54.02 0.72 35.58
C GLN L 218 -53.14 0.93 34.36
N VAL L 219 -51.97 0.30 34.32
CA VAL L 219 -51.11 0.39 33.14
C VAL L 219 -51.76 -0.33 31.96
N ALA L 220 -52.34 -1.52 32.20
CA ALA L 220 -53.02 -2.25 31.13
C ALA L 220 -54.24 -1.50 30.61
N GLU L 221 -54.92 -0.75 31.48
CA GLU L 221 -56.01 0.11 31.02
C GLU L 221 -55.48 1.26 30.19
N GLN L 222 -54.37 1.88 30.61
CA GLN L 222 -53.87 3.08 29.95
C GLN L 222 -53.04 2.81 28.70
N PHE L 223 -52.69 1.56 28.41
CA PHE L 223 -51.87 1.32 27.23
C PHE L 223 -52.43 0.28 26.27
N LEU L 224 -53.13 -0.73 26.78
CA LEU L 224 -53.52 -1.88 25.97
C LEU L 224 -54.95 -1.79 25.46
N ASN L 225 -55.40 -0.59 25.10
CA ASN L 225 -56.72 -0.42 24.51
C ASN L 225 -56.62 -0.46 22.99
N ILE L 226 -56.13 -1.59 22.49
CA ILE L 226 -55.87 -1.78 21.06
C ILE L 226 -56.59 -3.05 20.61
N ARG L 227 -57.51 -2.90 19.67
CA ARG L 227 -58.24 -4.04 19.13
C ARG L 227 -58.62 -3.82 17.68
N ALA L 235 -54.50 -23.28 12.46
CA ALA L 235 -55.86 -23.17 11.94
C ALA L 235 -56.40 -24.55 11.54
N LYS L 236 -56.68 -25.35 12.56
CA LYS L 236 -57.19 -26.73 12.43
C LYS L 236 -56.23 -27.58 11.59
N ALA L 237 -55.07 -27.84 12.21
CA ALA L 237 -53.96 -28.57 11.61
C ALA L 237 -54.35 -29.97 11.15
N LYS L 238 -54.21 -30.24 9.85
CA LYS L 238 -54.53 -31.55 9.31
C LYS L 238 -53.30 -32.44 9.33
N TYR L 239 -53.53 -33.74 9.49
CA TYR L 239 -52.44 -34.69 9.56
C TYR L 239 -52.14 -35.24 8.18
N ARG L 240 -50.86 -35.36 7.86
CA ARG L 240 -50.43 -35.71 6.51
C ARG L 240 -49.88 -37.11 6.40
N GLY L 241 -49.00 -37.50 7.31
CA GLY L 241 -48.28 -38.73 7.17
C GLY L 241 -47.10 -38.57 6.24
N GLY L 242 -46.26 -39.59 6.21
CA GLY L 242 -45.09 -39.55 5.37
C GLY L 242 -43.81 -39.34 6.15
N GLU L 243 -42.84 -38.70 5.51
CA GLU L 243 -41.50 -38.66 6.08
C GLU L 243 -40.76 -37.48 5.51
N ILE L 244 -39.66 -37.14 6.17
CA ILE L 244 -38.58 -36.36 5.58
C ILE L 244 -37.28 -37.08 5.91
N ARG L 245 -36.59 -37.52 4.88
CA ARG L 245 -35.31 -38.21 5.01
C ARG L 245 -34.23 -37.29 4.48
N GLU L 246 -33.14 -37.14 5.23
CA GLU L 246 -32.08 -36.21 4.87
C GLU L 246 -30.71 -36.85 5.10
N GLN L 247 -30.08 -37.26 4.01
CA GLN L 247 -28.72 -37.77 4.02
C GLN L 247 -27.76 -36.65 4.41
N ASN L 248 -27.24 -36.69 5.63
CA ASN L 248 -26.40 -35.63 6.15
C ASN L 248 -24.95 -36.07 6.29
N GLY L 249 -24.70 -37.18 6.96
CA GLY L 249 -23.37 -37.75 6.99
C GLY L 249 -22.53 -37.39 8.20
N ASP L 250 -23.09 -37.53 9.40
CA ASP L 250 -22.34 -37.37 10.63
C ASP L 250 -22.14 -38.70 11.35
N SER L 251 -22.56 -39.81 10.73
CA SER L 251 -22.45 -41.17 11.26
C SER L 251 -23.17 -41.35 12.59
N LEU L 252 -24.20 -40.55 12.83
CA LEU L 252 -25.08 -40.69 13.99
C LEU L 252 -26.49 -40.50 13.47
N VAL L 253 -27.19 -41.60 13.22
CA VAL L 253 -28.54 -41.55 12.69
C VAL L 253 -29.48 -41.00 13.74
N HIS L 254 -30.17 -39.91 13.42
CA HIS L 254 -31.25 -39.40 14.25
C HIS L 254 -32.56 -39.74 13.58
N ALA L 255 -33.43 -40.46 14.29
CA ALA L 255 -34.71 -40.88 13.72
C ALA L 255 -35.83 -40.58 14.69
N ALA L 256 -36.80 -39.79 14.25
CA ALA L 256 -37.98 -39.50 15.04
C ALA L 256 -39.17 -40.18 14.39
N LEU L 257 -39.83 -41.06 15.14
CA LEU L 257 -40.97 -41.84 14.68
C LEU L 257 -42.18 -41.39 15.50
N VAL L 258 -43.16 -40.79 14.83
CA VAL L 258 -44.23 -40.05 15.50
C VAL L 258 -45.55 -40.34 14.82
N ALA L 259 -46.56 -40.73 15.60
CA ALA L 259 -47.95 -40.71 15.20
C ALA L 259 -48.68 -39.55 15.87
N GLU L 260 -49.88 -39.26 15.37
CA GLU L 260 -50.72 -38.23 15.95
C GLU L 260 -51.35 -38.76 17.23
N SER L 261 -51.48 -37.91 18.24
CA SER L 261 -51.98 -38.37 19.53
C SER L 261 -53.32 -37.76 19.91
N ALA L 262 -53.37 -36.47 20.21
CA ALA L 262 -54.51 -35.81 20.84
C ALA L 262 -54.18 -34.34 21.05
N ALA L 263 -55.21 -33.54 21.28
CA ALA L 263 -55.01 -32.13 21.60
C ALA L 263 -54.65 -31.99 23.08
N ILE L 264 -54.39 -30.75 23.50
CA ILE L 264 -54.09 -30.47 24.90
C ILE L 264 -55.39 -30.41 25.69
N GLY L 265 -55.28 -30.57 27.00
CA GLY L 265 -56.42 -30.45 27.88
C GLY L 265 -57.41 -31.59 27.76
N SER L 266 -56.96 -32.79 28.09
CA SER L 266 -57.83 -33.97 28.10
C SER L 266 -57.22 -35.04 28.99
N ALA L 267 -58.08 -35.95 29.43
CA ALA L 267 -57.62 -37.18 30.07
C ALA L 267 -56.79 -38.01 29.12
N GLU L 268 -57.08 -37.94 27.82
CA GLU L 268 -56.26 -38.61 26.82
C GLU L 268 -54.86 -37.99 26.74
N ALA L 269 -54.79 -36.66 26.86
CA ALA L 269 -53.48 -36.00 26.84
C ALA L 269 -52.67 -36.33 28.09
N ASN L 270 -53.33 -36.38 29.25
CA ASN L 270 -52.63 -36.81 30.46
C ASN L 270 -52.23 -38.28 30.38
N ALA L 271 -53.00 -39.09 29.65
CA ALA L 271 -52.61 -40.48 29.42
C ALA L 271 -51.36 -40.55 28.55
N PHE L 272 -51.25 -39.68 27.54
CA PHE L 272 -50.02 -39.67 26.74
C PHE L 272 -48.82 -39.15 27.54
N SER L 273 -49.04 -38.22 28.47
CA SER L 273 -47.93 -37.80 29.34
C SER L 273 -47.48 -38.93 30.26
N VAL L 274 -48.43 -39.69 30.79
CA VAL L 274 -48.08 -40.89 31.56
C VAL L 274 -47.36 -41.90 30.69
N LEU L 275 -47.72 -41.98 29.41
CA LEU L 275 -47.05 -42.95 28.55
C LEU L 275 -45.63 -42.53 28.21
N GLN L 276 -45.36 -41.22 28.10
CA GLN L 276 -43.96 -40.86 27.88
C GLN L 276 -43.14 -41.02 29.15
N HIS L 277 -43.77 -40.92 30.33
CA HIS L 277 -43.00 -41.24 31.52
C HIS L 277 -42.81 -42.73 31.73
N VAL L 278 -43.70 -43.56 31.19
CA VAL L 278 -43.45 -45.00 31.14
C VAL L 278 -42.25 -45.29 30.24
N LEU L 279 -42.25 -44.71 29.05
CA LEU L 279 -41.23 -45.10 28.07
C LEU L 279 -39.90 -44.38 28.26
N GLY L 280 -39.86 -43.32 29.07
CA GLY L 280 -38.52 -42.81 29.35
C GLY L 280 -38.27 -41.42 28.81
N ALA L 281 -37.68 -40.59 29.65
CA ALA L 281 -37.38 -39.19 29.35
C ALA L 281 -35.87 -38.98 29.40
N GLY L 282 -35.46 -37.71 29.42
CA GLY L 282 -34.09 -37.35 29.72
C GLY L 282 -33.67 -37.93 31.06
N PRO L 283 -32.59 -38.72 31.06
CA PRO L 283 -32.31 -39.62 32.19
C PRO L 283 -32.00 -38.90 33.49
N HIS L 284 -32.45 -39.52 34.58
CA HIS L 284 -32.38 -38.88 35.89
C HIS L 284 -30.99 -39.04 36.50
N VAL L 285 -30.59 -40.26 36.78
CA VAL L 285 -29.29 -40.53 37.36
C VAL L 285 -28.24 -40.29 36.29
N LYS L 286 -27.47 -39.21 36.43
CA LYS L 286 -26.58 -38.79 35.36
C LYS L 286 -25.39 -39.74 35.26
N ARG L 287 -25.01 -40.06 34.02
CA ARG L 287 -24.04 -41.11 33.67
C ARG L 287 -24.48 -42.44 34.28
N GLY L 288 -25.78 -42.73 34.16
CA GLY L 288 -26.35 -43.96 34.67
C GLY L 288 -26.72 -44.94 33.57
N SER L 289 -27.42 -45.99 33.98
CA SER L 289 -27.73 -47.09 33.06
C SER L 289 -29.21 -47.22 32.71
N ASN L 290 -30.09 -46.44 33.34
CA ASN L 290 -31.53 -46.37 33.05
C ASN L 290 -32.20 -47.74 33.20
N ALA L 291 -32.24 -48.21 34.45
CA ALA L 291 -32.81 -49.51 34.74
C ALA L 291 -34.34 -49.51 34.79
N THR L 292 -35.00 -48.39 34.50
CA THR L 292 -36.46 -48.31 34.57
C THR L 292 -37.12 -48.00 33.23
N SER L 293 -36.47 -47.22 32.37
CA SER L 293 -37.03 -46.88 31.07
C SER L 293 -37.11 -48.11 30.19
N SER L 294 -38.32 -48.42 29.71
CA SER L 294 -38.58 -49.72 29.09
C SER L 294 -37.91 -49.86 27.73
N LEU L 295 -37.92 -48.80 26.91
CA LEU L 295 -37.37 -48.88 25.57
C LEU L 295 -35.86 -49.06 25.59
N TYR L 296 -35.18 -48.38 26.52
CA TYR L 296 -33.74 -48.56 26.64
C TYR L 296 -33.39 -49.96 27.10
N GLN L 297 -34.20 -50.53 28.00
CA GLN L 297 -33.98 -51.90 28.43
C GLN L 297 -34.18 -52.87 27.27
N ALA L 298 -35.16 -52.62 26.42
CA ALA L 298 -35.41 -53.50 25.29
C ALA L 298 -34.29 -53.42 24.25
N VAL L 299 -33.82 -52.22 23.94
CA VAL L 299 -32.81 -52.13 22.89
C VAL L 299 -31.43 -52.49 23.43
N ALA L 300 -31.15 -52.26 24.72
CA ALA L 300 -29.92 -52.75 25.30
C ALA L 300 -29.94 -54.26 25.48
N LYS L 301 -31.13 -54.84 25.59
CA LYS L 301 -31.26 -56.28 25.40
C LYS L 301 -30.94 -56.67 23.97
N GLY L 302 -31.30 -55.83 23.01
CA GLY L 302 -31.04 -56.14 21.62
C GLY L 302 -29.63 -55.86 21.11
N VAL L 303 -29.21 -54.59 21.15
CA VAL L 303 -28.02 -54.13 20.46
C VAL L 303 -27.03 -53.60 21.50
N HIS L 304 -25.77 -54.01 21.39
CA HIS L 304 -24.71 -53.73 22.35
C HIS L 304 -23.87 -52.52 21.96
N GLN L 305 -24.47 -51.38 21.69
CA GLN L 305 -23.78 -50.22 21.17
C GLN L 305 -24.06 -48.98 22.00
N PRO L 306 -23.33 -47.88 21.77
CA PRO L 306 -23.80 -46.58 22.29
C PRO L 306 -24.95 -46.03 21.45
N PHE L 307 -26.04 -45.71 22.12
CA PHE L 307 -27.24 -45.18 21.48
C PHE L 307 -28.04 -44.42 22.53
N ASP L 308 -29.23 -43.96 22.15
CA ASP L 308 -30.16 -43.35 23.08
C ASP L 308 -31.56 -43.43 22.49
N VAL L 309 -32.53 -43.72 23.35
CA VAL L 309 -33.93 -43.75 22.97
C VAL L 309 -34.68 -42.85 23.95
N SER L 310 -35.53 -41.97 23.43
CA SER L 310 -36.29 -41.07 24.28
C SER L 310 -37.70 -40.91 23.74
N ALA L 311 -38.67 -40.81 24.65
CA ALA L 311 -40.03 -40.56 24.23
C ALA L 311 -40.19 -39.10 23.83
N PHE L 312 -41.30 -38.80 23.17
CA PHE L 312 -41.46 -37.50 22.52
C PHE L 312 -42.95 -37.18 22.51
N ASN L 313 -43.36 -36.20 23.31
CA ASN L 313 -44.76 -35.84 23.44
C ASN L 313 -44.87 -34.34 23.24
N ALA L 314 -45.11 -33.91 22.00
CA ALA L 314 -45.44 -32.53 21.72
C ALA L 314 -46.95 -32.38 21.80
N SER L 315 -47.41 -31.33 22.49
CA SER L 315 -48.84 -31.15 22.72
C SER L 315 -49.20 -29.71 22.44
N TYR L 316 -50.13 -29.50 21.52
CA TYR L 316 -50.59 -28.18 21.16
C TYR L 316 -52.09 -28.06 21.43
N SER L 317 -52.62 -26.86 21.20
CA SER L 317 -54.00 -26.55 21.51
C SER L 317 -55.00 -27.12 20.52
N ASP L 318 -54.53 -27.73 19.43
CA ASP L 318 -55.41 -28.35 18.46
C ASP L 318 -55.10 -29.82 18.21
N SER L 319 -53.83 -30.19 18.23
CA SER L 319 -53.41 -31.55 17.93
C SER L 319 -52.18 -31.86 18.77
N GLY L 320 -51.53 -32.97 18.45
CA GLY L 320 -50.40 -33.41 19.23
C GLY L 320 -49.67 -34.54 18.54
N LEU L 321 -48.43 -34.72 18.94
CA LEU L 321 -47.50 -35.63 18.28
C LEU L 321 -46.88 -36.51 19.35
N PHE L 322 -47.17 -37.81 19.31
CA PHE L 322 -46.53 -38.75 20.20
C PHE L 322 -45.63 -39.69 19.42
N GLY L 323 -44.46 -39.96 19.96
CA GLY L 323 -43.59 -40.93 19.33
C GLY L 323 -42.32 -41.10 20.14
N PHE L 324 -41.29 -41.57 19.49
CA PHE L 324 -39.99 -41.63 20.14
C PHE L 324 -38.90 -41.21 19.17
N TYR L 325 -37.68 -41.22 19.68
CA TYR L 325 -36.60 -40.43 19.14
C TYR L 325 -35.31 -41.18 19.43
N THR L 326 -34.61 -41.59 18.39
CA THR L 326 -33.50 -42.52 18.53
C THR L 326 -32.24 -41.90 17.97
N ILE L 327 -31.16 -42.00 18.75
CA ILE L 327 -29.83 -41.55 18.36
C ILE L 327 -28.97 -42.81 18.29
N SER L 328 -28.55 -43.18 17.10
CA SER L 328 -27.86 -44.45 16.93
C SER L 328 -26.65 -44.28 16.02
N GLN L 329 -25.96 -45.39 15.78
CA GLN L 329 -24.79 -45.42 14.93
C GLN L 329 -25.19 -45.46 13.45
N ALA L 330 -24.24 -45.78 12.58
CA ALA L 330 -24.51 -45.79 11.15
C ALA L 330 -25.28 -47.03 10.74
N ALA L 331 -24.67 -48.21 10.92
CA ALA L 331 -25.25 -49.47 10.47
C ALA L 331 -25.99 -50.19 11.57
N SER L 332 -26.47 -49.47 12.58
CA SER L 332 -27.18 -50.08 13.68
C SER L 332 -28.56 -49.47 13.89
N ALA L 333 -28.99 -48.59 12.99
CA ALA L 333 -30.20 -47.81 13.22
C ALA L 333 -31.47 -48.65 13.12
N GLY L 334 -31.52 -49.55 12.13
CA GLY L 334 -32.73 -50.31 11.90
C GLY L 334 -33.05 -51.27 13.01
N ASP L 335 -32.02 -51.86 13.62
CA ASP L 335 -32.23 -52.77 14.74
C ASP L 335 -32.77 -52.03 15.96
N VAL L 336 -32.27 -50.81 16.20
CA VAL L 336 -32.74 -50.01 17.32
C VAL L 336 -34.19 -49.60 17.12
N ILE L 337 -34.52 -49.14 15.90
CA ILE L 337 -35.89 -48.67 15.63
C ILE L 337 -36.87 -49.83 15.68
N LYS L 338 -36.51 -50.98 15.11
CA LYS L 338 -37.41 -52.13 15.13
C LYS L 338 -37.57 -52.71 16.53
N ALA L 339 -36.49 -52.71 17.33
CA ALA L 339 -36.60 -53.22 18.69
C ALA L 339 -37.47 -52.33 19.55
N ALA L 340 -37.30 -51.01 19.40
CA ALA L 340 -38.16 -50.08 20.13
C ALA L 340 -39.61 -50.19 19.69
N TYR L 341 -39.84 -50.43 18.40
CA TYR L 341 -41.20 -50.56 17.89
C TYR L 341 -41.86 -51.83 18.40
N ASN L 342 -41.10 -52.93 18.48
CA ASN L 342 -41.62 -54.17 19.08
C ASN L 342 -41.93 -53.99 20.56
N GLN L 343 -41.11 -53.22 21.27
CA GLN L 343 -41.36 -52.99 22.69
C GLN L 343 -42.61 -52.15 22.90
N VAL L 344 -42.82 -51.13 22.04
CA VAL L 344 -44.03 -50.34 22.16
C VAL L 344 -45.26 -51.17 21.79
N LYS L 345 -45.12 -52.09 20.84
CA LYS L 345 -46.22 -52.98 20.50
C LYS L 345 -46.56 -53.93 21.64
N THR L 346 -45.54 -54.49 22.31
CA THR L 346 -45.87 -55.41 23.39
C THR L 346 -46.28 -54.69 24.67
N ILE L 347 -46.04 -53.38 24.78
CA ILE L 347 -46.67 -52.61 25.86
C ILE L 347 -48.10 -52.23 25.47
N ALA L 348 -48.34 -51.97 24.18
CA ALA L 348 -49.69 -51.74 23.68
C ALA L 348 -50.54 -52.99 23.73
N GLN L 349 -49.93 -54.16 23.84
CA GLN L 349 -50.67 -55.41 23.98
C GLN L 349 -51.46 -55.45 25.28
N GLY L 350 -50.92 -54.85 26.35
CA GLY L 350 -51.59 -54.78 27.63
C GLY L 350 -50.71 -55.27 28.76
N ASN L 351 -49.44 -55.50 28.46
CA ASN L 351 -48.51 -56.16 29.39
C ASN L 351 -47.77 -55.12 30.24
N LEU L 352 -48.55 -54.29 30.91
CA LEU L 352 -48.02 -53.19 31.71
C LEU L 352 -48.61 -53.30 33.11
N SER L 353 -47.77 -53.55 34.10
CA SER L 353 -48.23 -53.87 35.44
C SER L 353 -48.63 -52.59 36.19
N ASN L 354 -48.90 -52.74 37.47
CA ASN L 354 -49.34 -51.65 38.35
C ASN L 354 -48.22 -50.78 38.91
N PRO L 355 -47.11 -51.30 39.49
CA PRO L 355 -46.11 -50.37 40.06
C PRO L 355 -45.35 -49.59 39.01
N ASP L 356 -45.31 -50.05 37.76
CA ASP L 356 -44.74 -49.24 36.70
C ASP L 356 -45.60 -48.02 36.41
N VAL L 357 -46.93 -48.19 36.41
CA VAL L 357 -47.81 -47.04 36.21
C VAL L 357 -47.80 -46.14 37.43
N GLN L 358 -47.59 -46.69 38.63
CA GLN L 358 -47.48 -45.83 39.81
C GLN L 358 -46.18 -45.04 39.80
N ALA L 359 -45.08 -45.67 39.35
CA ALA L 359 -43.83 -44.95 39.17
C ALA L 359 -43.95 -43.91 38.08
N ALA L 360 -44.76 -44.16 37.05
CA ALA L 360 -44.96 -43.17 36.01
C ALA L 360 -45.79 -41.99 36.51
N LYS L 361 -46.77 -42.26 37.37
CA LYS L 361 -47.51 -41.16 37.99
C LYS L 361 -46.61 -40.32 38.87
N ASN L 362 -45.73 -40.97 39.64
CA ASN L 362 -44.81 -40.20 40.47
C ASN L 362 -43.80 -39.43 39.63
N LYS L 363 -43.38 -39.98 38.49
CA LYS L 363 -42.48 -39.24 37.63
C LYS L 363 -43.17 -38.06 36.95
N LEU L 364 -44.45 -38.20 36.60
CA LEU L 364 -45.14 -37.07 36.00
C LEU L 364 -45.43 -35.98 37.03
N LYS L 365 -45.77 -36.39 38.26
CA LYS L 365 -45.91 -35.43 39.36
C LYS L 365 -44.61 -34.70 39.62
N ALA L 366 -43.49 -35.43 39.60
CA ALA L 366 -42.18 -34.83 39.81
C ALA L 366 -41.82 -33.87 38.68
N GLY L 367 -42.08 -34.27 37.43
CA GLY L 367 -41.77 -33.40 36.31
C GLY L 367 -42.56 -32.12 36.31
N TYR L 368 -43.86 -32.20 36.62
CA TYR L 368 -44.66 -31.00 36.66
C TYR L 368 -44.29 -30.09 37.83
N LEU L 369 -44.05 -30.66 39.01
CA LEU L 369 -43.72 -29.82 40.14
C LEU L 369 -42.27 -29.36 40.13
N MET L 370 -41.43 -29.92 39.27
CA MET L 370 -40.07 -29.42 39.12
C MET L 370 -39.93 -28.52 37.91
N SER L 371 -40.94 -28.42 37.07
CA SER L 371 -40.95 -27.39 36.05
C SER L 371 -41.39 -26.03 36.58
N VAL L 372 -41.69 -25.91 37.88
CA VAL L 372 -42.09 -24.64 38.48
C VAL L 372 -41.25 -24.32 39.71
N GLU L 373 -40.00 -24.79 39.73
CA GLU L 373 -39.06 -24.27 40.72
C GLU L 373 -38.79 -22.79 40.48
N SER L 374 -38.18 -22.48 39.34
CA SER L 374 -37.75 -21.13 39.06
C SER L 374 -38.93 -20.28 38.58
N SER L 375 -38.77 -18.97 38.71
CA SER L 375 -39.84 -18.06 38.31
C SER L 375 -39.94 -17.93 36.79
N GLU L 376 -38.92 -18.32 36.05
CA GLU L 376 -39.01 -18.40 34.60
C GLU L 376 -40.07 -19.41 34.17
N GLY L 377 -39.92 -20.65 34.64
CA GLY L 377 -40.86 -21.70 34.27
C GLY L 377 -42.23 -21.51 34.88
N PHE L 378 -42.29 -20.96 36.10
CA PHE L 378 -43.57 -20.65 36.72
C PHE L 378 -44.29 -19.53 35.99
N LEU L 379 -43.53 -18.53 35.53
CA LEU L 379 -44.08 -17.45 34.71
C LEU L 379 -44.67 -18.00 33.42
N ASP L 380 -43.92 -18.88 32.75
CA ASP L 380 -44.41 -19.48 31.51
C ASP L 380 -45.64 -20.35 31.75
N GLU L 381 -45.66 -21.08 32.87
CA GLU L 381 -46.78 -21.97 33.17
C GLU L 381 -48.05 -21.18 33.43
N VAL L 382 -47.97 -20.15 34.29
CA VAL L 382 -49.13 -19.33 34.63
C VAL L 382 -49.64 -18.60 33.39
N GLY L 383 -48.74 -18.06 32.58
CA GLY L 383 -49.18 -17.35 31.39
C GLY L 383 -49.81 -18.25 30.34
N CYS L 384 -49.20 -19.41 30.08
CA CYS L 384 -49.74 -20.32 29.06
C CYS L 384 -51.07 -20.89 29.49
N GLN L 385 -51.23 -21.20 30.77
CA GLN L 385 -52.49 -21.77 31.20
C GLN L 385 -53.60 -20.72 31.28
N ALA L 386 -53.25 -19.48 31.67
CA ALA L 386 -54.25 -18.41 31.65
C ALA L 386 -54.64 -18.05 30.22
N LEU L 387 -53.72 -18.23 29.28
CA LEU L 387 -54.02 -17.92 27.89
C LEU L 387 -54.77 -19.05 27.21
N ALA L 388 -54.66 -20.27 27.75
CA ALA L 388 -55.36 -21.41 27.16
C ALA L 388 -56.88 -21.26 27.30
N ALA L 389 -57.36 -21.15 28.54
CA ALA L 389 -58.79 -21.04 28.80
C ALA L 389 -59.18 -19.72 29.45
N GLY L 390 -58.45 -19.31 30.50
CA GLY L 390 -58.82 -18.10 31.19
C GLY L 390 -58.97 -18.27 32.68
N SER L 391 -58.35 -19.30 33.25
CA SER L 391 -58.37 -19.52 34.69
C SER L 391 -57.14 -20.32 35.07
N TYR L 392 -56.33 -19.78 35.97
CA TYR L 392 -55.18 -20.53 36.48
C TYR L 392 -55.66 -21.60 37.45
N THR L 393 -55.56 -22.84 37.05
CA THR L 393 -55.85 -23.95 37.94
C THR L 393 -54.60 -24.30 38.73
N PRO L 394 -54.68 -24.40 40.06
CA PRO L 394 -53.46 -24.56 40.88
C PRO L 394 -52.80 -25.91 40.67
N PRO L 395 -51.50 -26.05 40.97
CA PRO L 395 -50.80 -27.31 40.66
C PRO L 395 -51.25 -28.51 41.48
N SER L 396 -51.85 -28.31 42.65
CA SER L 396 -52.26 -29.44 43.48
C SER L 396 -53.41 -30.21 42.84
N THR L 397 -54.41 -29.51 42.35
CA THR L 397 -55.46 -30.19 41.60
C THR L 397 -55.00 -30.60 40.21
N VAL L 398 -53.91 -30.04 39.70
CA VAL L 398 -53.29 -30.60 38.50
C VAL L 398 -52.73 -31.98 38.82
N LEU L 399 -52.07 -32.13 39.97
CA LEU L 399 -51.63 -33.44 40.43
C LEU L 399 -52.80 -34.39 40.67
N GLN L 400 -53.93 -33.84 41.13
CA GLN L 400 -55.14 -34.63 41.29
C GLN L 400 -55.64 -35.19 39.96
N GLN L 401 -55.66 -34.34 38.92
CA GLN L 401 -56.03 -34.82 37.59
C GLN L 401 -54.98 -35.76 37.02
N ILE L 402 -53.73 -35.65 37.46
CA ILE L 402 -52.70 -36.57 37.01
C ILE L 402 -52.91 -37.95 37.60
N ASP L 403 -53.04 -38.05 38.93
CA ASP L 403 -53.18 -39.38 39.50
C ASP L 403 -54.62 -39.90 39.48
N ALA L 404 -55.56 -39.15 38.90
CA ALA L 404 -56.90 -39.67 38.74
C ALA L 404 -56.98 -40.77 37.69
N VAL L 405 -56.15 -40.70 36.65
CA VAL L 405 -56.27 -41.63 35.52
C VAL L 405 -55.70 -42.99 35.90
N ALA L 406 -55.98 -43.99 35.07
CA ALA L 406 -55.54 -45.36 35.29
C ALA L 406 -54.97 -45.92 34.00
N ASP L 407 -54.44 -47.15 34.08
CA ASP L 407 -53.70 -47.72 32.97
C ASP L 407 -54.56 -48.20 31.81
N ALA L 408 -55.89 -48.22 31.97
CA ALA L 408 -56.76 -48.48 30.83
C ALA L 408 -56.59 -47.41 29.77
N ASP L 409 -56.54 -46.15 30.19
CA ASP L 409 -56.27 -45.04 29.28
C ASP L 409 -54.87 -45.14 28.69
N VAL L 410 -53.92 -45.67 29.45
CA VAL L 410 -52.55 -45.82 28.97
C VAL L 410 -52.48 -46.86 27.85
N ILE L 411 -53.14 -48.00 28.03
CA ILE L 411 -53.15 -49.04 27.01
C ILE L 411 -53.95 -48.59 25.78
N ASN L 412 -55.03 -47.83 25.99
CA ASN L 412 -55.77 -47.26 24.87
C ASN L 412 -54.92 -46.26 24.08
N ALA L 413 -54.11 -45.47 24.79
CA ALA L 413 -53.24 -44.51 24.12
C ALA L 413 -52.14 -45.20 23.32
N ALA L 414 -51.61 -46.30 23.86
CA ALA L 414 -50.57 -47.02 23.14
C ALA L 414 -51.14 -47.74 21.91
N LYS L 415 -52.37 -48.26 22.03
CA LYS L 415 -53.04 -48.83 20.86
C LYS L 415 -53.31 -47.78 19.81
N LYS L 416 -53.67 -46.57 20.23
CA LYS L 416 -53.92 -45.49 19.28
C LYS L 416 -52.63 -45.01 18.63
N PHE L 417 -51.50 -45.12 19.35
CA PHE L 417 -50.22 -44.87 18.71
C PHE L 417 -49.91 -45.90 17.64
N VAL L 418 -50.00 -47.19 17.98
CA VAL L 418 -49.52 -48.24 17.08
C VAL L 418 -50.41 -48.36 15.86
N SER L 419 -51.73 -48.29 16.04
CA SER L 419 -52.64 -48.52 14.93
C SER L 419 -52.74 -47.34 13.98
N GLY L 420 -52.27 -46.15 14.38
CA GLY L 420 -52.36 -44.99 13.52
C GLY L 420 -51.34 -45.00 12.40
N ARG L 421 -51.49 -44.07 11.47
CA ARG L 421 -50.55 -43.95 10.38
C ARG L 421 -49.30 -43.23 10.87
N LYS L 422 -48.15 -43.86 10.68
CA LYS L 422 -46.92 -43.34 11.23
C LYS L 422 -46.38 -42.19 10.38
N SER L 423 -45.41 -41.48 10.94
CA SER L 423 -44.72 -40.41 10.24
C SER L 423 -43.30 -40.36 10.78
N MET L 424 -42.34 -39.96 9.95
CA MET L 424 -40.99 -39.94 10.49
C MET L 424 -40.13 -38.85 9.87
N ALA L 425 -39.06 -38.54 10.58
CA ALA L 425 -38.03 -37.64 10.09
C ALA L 425 -36.70 -38.24 10.49
N ALA L 426 -35.82 -38.41 9.52
CA ALA L 426 -34.54 -39.08 9.75
C ALA L 426 -33.43 -38.28 9.11
N SER L 427 -32.26 -38.25 9.76
CA SER L 427 -31.16 -37.51 9.19
C SER L 427 -29.84 -38.15 9.60
N GLY L 428 -28.89 -38.11 8.67
CA GLY L 428 -27.54 -38.60 8.91
C GLY L 428 -26.99 -39.46 7.80
N ASN L 429 -26.38 -40.59 8.16
CA ASN L 429 -25.87 -41.56 7.19
C ASN L 429 -26.88 -42.69 7.13
N LEU L 430 -27.73 -42.67 6.11
CA LEU L 430 -29.00 -43.38 6.14
C LEU L 430 -29.03 -44.55 5.16
N GLY L 431 -27.96 -45.34 5.15
CA GLY L 431 -27.93 -46.53 4.33
C GLY L 431 -28.63 -47.73 4.90
N HIS L 432 -29.20 -47.65 6.10
CA HIS L 432 -29.83 -48.81 6.71
C HIS L 432 -31.17 -48.47 7.37
N THR L 433 -31.62 -47.24 7.31
CA THR L 433 -32.83 -46.85 8.03
C THR L 433 -34.06 -47.35 7.30
N PRO L 434 -34.86 -48.21 7.92
CA PRO L 434 -36.01 -48.80 7.21
C PRO L 434 -37.10 -47.76 7.00
N PHE L 435 -37.80 -47.89 5.87
CA PHE L 435 -38.57 -46.73 5.41
C PHE L 435 -39.88 -46.56 6.14
N ILE L 436 -40.91 -47.35 5.81
CA ILE L 436 -42.12 -47.47 6.62
C ILE L 436 -42.48 -48.95 6.68
N ASP L 437 -42.55 -49.57 5.50
CA ASP L 437 -43.07 -50.91 5.34
C ASP L 437 -42.21 -51.95 6.03
N GLU L 438 -40.89 -51.71 6.12
CA GLU L 438 -40.06 -52.63 6.90
C GLU L 438 -40.30 -52.50 8.40
N LEU L 439 -40.90 -51.40 8.84
CA LEU L 439 -41.33 -51.28 10.23
C LEU L 439 -42.75 -51.82 10.38
N ILE M 2 -10.40 1.91 16.33
CA ILE M 2 -9.62 0.96 17.10
C ILE M 2 -8.22 1.50 17.34
N ASN M 3 -7.41 1.48 16.30
CA ASN M 3 -5.98 1.73 16.43
C ASN M 3 -5.59 2.80 15.43
N ILE M 4 -4.90 3.83 15.92
CA ILE M 4 -4.38 4.86 15.04
C ILE M 4 -3.25 4.29 14.19
N ARG M 5 -2.53 3.31 14.73
CA ARG M 5 -1.37 2.73 14.08
C ARG M 5 -1.74 1.90 12.84
N LYS M 6 -3.02 1.57 12.65
CA LYS M 6 -3.43 0.79 11.50
C LYS M 6 -4.44 1.50 10.60
N THR M 7 -4.75 2.76 10.87
CA THR M 7 -5.69 3.51 10.04
C THR M 7 -5.11 4.79 9.47
N HIS M 8 -4.22 5.46 10.19
CA HIS M 8 -3.63 6.70 9.71
C HIS M 8 -2.71 6.40 8.54
N PRO M 9 -2.77 7.20 7.46
CA PRO M 9 -2.10 6.80 6.20
C PRO M 9 -0.59 6.81 6.26
N LEU M 10 0.02 7.70 7.04
CA LEU M 10 1.46 7.59 7.27
C LEU M 10 1.77 6.45 8.24
N MET M 11 0.94 6.29 9.26
CA MET M 11 1.23 5.30 10.27
C MET M 11 0.95 3.88 9.78
N LYS M 12 0.20 3.71 8.70
CA LYS M 12 0.18 2.41 8.03
C LYS M 12 1.55 2.04 7.50
N ILE M 13 2.25 3.01 6.91
CA ILE M 13 3.57 2.76 6.37
C ILE M 13 4.58 2.53 7.49
N VAL M 14 4.49 3.33 8.55
CA VAL M 14 5.39 3.18 9.69
C VAL M 14 5.12 1.85 10.40
N ASN M 15 3.87 1.42 10.46
CA ASN M 15 3.54 0.16 11.11
C ASN M 15 3.97 -1.03 10.27
N ASN M 16 3.81 -0.95 8.95
CA ASN M 16 4.18 -2.05 8.08
C ASN M 16 5.67 -2.10 7.79
N ALA M 17 6.43 -1.08 8.15
CA ALA M 17 7.86 -1.14 7.95
C ALA M 17 8.66 -1.25 9.23
N PHE M 18 8.12 -0.82 10.37
CA PHE M 18 8.91 -0.69 11.60
C PHE M 18 8.37 -1.46 12.79
N ILE M 19 7.10 -1.86 12.82
CA ILE M 19 6.61 -2.56 14.01
C ILE M 19 6.01 -3.90 13.66
N ASP M 20 4.96 -3.93 12.83
CA ASP M 20 4.26 -5.16 12.52
C ASP M 20 4.86 -5.88 11.33
N LEU M 21 6.14 -5.75 11.13
CA LEU M 21 6.82 -6.43 10.05
C LEU M 21 7.12 -7.87 10.45
N PRO M 22 6.77 -8.85 9.65
CA PRO M 22 7.13 -10.23 9.94
C PRO M 22 8.59 -10.48 9.61
N ALA M 23 9.41 -10.59 10.63
CA ALA M 23 10.84 -10.81 10.49
C ALA M 23 11.21 -12.21 10.96
N PRO M 24 12.26 -12.81 10.42
CA PRO M 24 12.70 -14.12 10.90
C PRO M 24 13.30 -14.02 12.30
N SER M 25 13.45 -15.18 12.92
CA SER M 25 13.68 -15.24 14.36
C SER M 25 15.08 -15.65 14.75
N ASN M 26 15.98 -15.85 13.80
CA ASN M 26 17.31 -16.39 14.08
C ASN M 26 18.42 -15.47 13.58
N ILE M 27 18.17 -14.16 13.59
CA ILE M 27 19.16 -13.19 13.14
C ILE M 27 20.40 -13.23 14.03
N SER M 28 21.56 -13.30 13.39
CA SER M 28 22.86 -13.09 14.02
C SER M 28 23.29 -11.65 13.79
N SER M 29 24.46 -11.30 14.33
CA SER M 29 24.88 -9.90 14.38
C SER M 29 25.19 -9.31 13.01
N TRP M 30 25.29 -10.12 11.97
CA TRP M 30 25.51 -9.59 10.63
C TRP M 30 24.29 -8.90 10.05
N TRP M 31 23.11 -9.08 10.65
CA TRP M 31 21.91 -8.37 10.23
C TRP M 31 21.73 -7.06 10.97
N ASN M 32 22.79 -6.50 11.54
CA ASN M 32 22.73 -5.16 12.08
C ASN M 32 23.11 -4.10 11.05
N PHE M 33 23.84 -4.47 10.00
CA PHE M 33 24.52 -3.50 9.17
C PHE M 33 23.59 -2.70 8.27
N GLY M 34 22.32 -3.11 8.14
CA GLY M 34 21.35 -2.22 7.52
C GLY M 34 21.11 -0.99 8.37
N SER M 35 20.83 -1.20 9.65
CA SER M 35 20.64 -0.07 10.57
C SER M 35 21.92 0.71 10.77
N LEU M 36 23.07 0.04 10.72
CA LEU M 36 24.33 0.73 10.89
C LEU M 36 24.64 1.63 9.69
N LEU M 37 24.35 1.14 8.48
CA LEU M 37 24.50 2.00 7.31
C LEU M 37 23.50 3.14 7.31
N GLY M 38 22.27 2.91 7.79
CA GLY M 38 21.29 3.98 7.84
C GLY M 38 21.65 5.05 8.86
N ILE M 39 22.13 4.66 10.03
CA ILE M 39 22.48 5.62 11.06
C ILE M 39 23.79 6.32 10.72
N CYS M 40 24.73 5.61 10.08
CA CYS M 40 25.87 6.29 9.47
C CYS M 40 25.44 7.28 8.42
N LEU M 41 24.40 6.97 7.67
CA LEU M 41 23.96 7.88 6.62
C LEU M 41 23.37 9.16 7.21
N ILE M 42 22.53 9.02 8.25
CA ILE M 42 21.96 10.24 8.83
C ILE M 42 23.00 11.02 9.61
N LEU M 43 24.00 10.33 10.16
CA LEU M 43 25.08 11.03 10.85
C LEU M 43 25.98 11.77 9.86
N GLN M 44 26.30 11.14 8.73
CA GLN M 44 27.12 11.80 7.72
C GLN M 44 26.38 12.97 7.11
N ILE M 45 25.06 12.84 6.89
CA ILE M 45 24.28 13.96 6.37
C ILE M 45 24.25 15.12 7.36
N LEU M 46 24.13 14.82 8.65
CA LEU M 46 23.99 15.90 9.62
C LEU M 46 25.33 16.62 9.84
N THR M 47 26.41 15.86 10.08
CA THR M 47 27.72 16.46 10.22
C THR M 47 28.16 17.14 8.94
N GLY M 48 27.83 16.56 7.79
CA GLY M 48 28.14 17.19 6.53
C GLY M 48 27.38 18.47 6.32
N LEU M 49 26.15 18.56 6.82
CA LEU M 49 25.40 19.79 6.67
C LEU M 49 26.01 20.90 7.52
N PHE M 50 26.54 20.54 8.68
CA PHE M 50 27.22 21.56 9.49
C PHE M 50 28.54 22.00 8.86
N LEU M 51 29.30 21.04 8.33
CA LEU M 51 30.49 21.34 7.54
C LEU M 51 30.15 22.24 6.35
N ALA M 52 29.05 21.95 5.66
CA ALA M 52 28.63 22.77 4.55
C ALA M 52 28.11 24.12 4.98
N MET M 53 27.74 24.28 6.25
CA MET M 53 27.48 25.63 6.73
C MET M 53 28.76 26.40 7.03
N HIS M 54 29.87 25.74 7.34
CA HIS M 54 31.10 26.49 7.62
C HIS M 54 32.15 26.41 6.52
N TYR M 55 31.78 26.12 5.28
CA TYR M 55 32.75 25.88 4.21
C TYR M 55 32.61 26.93 3.11
N THR M 56 33.74 27.36 2.54
CA THR M 56 33.75 28.29 1.41
C THR M 56 34.53 27.68 0.26
N PRO M 57 33.88 27.17 -0.77
CA PRO M 57 34.61 26.56 -1.90
C PRO M 57 35.23 27.57 -2.87
N ASP M 58 36.44 28.01 -2.52
CA ASP M 58 37.26 28.82 -3.41
C ASP M 58 38.70 28.37 -3.27
N THR M 59 39.36 28.09 -4.39
CA THR M 59 40.66 27.43 -4.40
C THR M 59 41.77 28.26 -3.77
N THR M 60 41.57 29.55 -3.60
CA THR M 60 42.52 30.32 -2.81
C THR M 60 42.33 30.05 -1.32
N THR M 61 41.07 30.00 -0.86
CA THR M 61 40.78 29.95 0.57
C THR M 61 39.99 28.71 0.98
N ALA M 62 40.00 27.64 0.19
CA ALA M 62 39.30 26.43 0.60
C ALA M 62 40.04 25.74 1.74
N PHE M 63 41.35 25.54 1.58
CA PHE M 63 42.14 24.91 2.63
C PHE M 63 42.23 25.78 3.86
N SER M 64 42.27 27.10 3.67
CA SER M 64 42.25 28.00 4.82
C SER M 64 40.89 27.98 5.51
N SER M 65 39.81 27.75 4.75
CA SER M 65 38.49 27.64 5.36
C SER M 65 38.37 26.37 6.18
N VAL M 66 38.96 25.27 5.71
CA VAL M 66 38.93 24.03 6.47
C VAL M 66 39.79 24.15 7.72
N THR M 67 40.93 24.83 7.62
CA THR M 67 41.75 25.10 8.80
C THR M 67 41.00 26.00 9.79
N HIS M 68 40.24 26.96 9.28
CA HIS M 68 39.41 27.81 10.13
C HIS M 68 38.35 27.00 10.87
N ILE M 69 37.74 26.02 10.18
CA ILE M 69 36.81 25.09 10.82
C ILE M 69 37.51 24.34 11.96
N CYS M 70 38.69 23.79 11.67
CA CYS M 70 39.33 22.92 12.64
C CYS M 70 39.88 23.67 13.84
N ARG M 71 40.26 24.94 13.67
CA ARG M 71 40.90 25.64 14.77
C ARG M 71 39.96 26.61 15.49
N ASP M 72 39.20 27.40 14.76
CA ASP M 72 38.56 28.56 15.37
C ASP M 72 37.12 28.33 15.78
N VAL M 73 36.38 27.50 15.07
CA VAL M 73 34.97 27.29 15.37
C VAL M 73 34.85 26.30 16.52
N ASN M 74 33.92 26.56 17.44
CA ASN M 74 33.69 25.68 18.58
C ASN M 74 33.24 24.31 18.12
N TYR M 75 34.05 23.30 18.45
CA TYR M 75 33.80 21.88 18.21
C TYR M 75 33.74 21.52 16.73
N GLY M 76 34.14 22.44 15.85
CA GLY M 76 34.16 22.14 14.43
C GLY M 76 35.17 21.07 14.09
N TRP M 77 36.22 20.95 14.91
CA TRP M 77 37.14 19.85 14.74
C TRP M 77 36.48 18.52 15.06
N ILE M 78 35.56 18.48 16.04
CA ILE M 78 34.89 17.21 16.32
C ILE M 78 33.94 16.90 15.19
N ILE M 79 33.38 17.91 14.54
CA ILE M 79 32.43 17.60 13.47
C ILE M 79 33.17 17.17 12.21
N ARG M 80 34.33 17.78 11.94
CA ARG M 80 35.12 17.44 10.76
C ARG M 80 35.66 16.01 10.87
N TYR M 81 36.28 15.69 12.01
CA TYR M 81 36.79 14.33 12.19
C TYR M 81 35.66 13.33 12.28
N MET M 82 34.49 13.74 12.79
CA MET M 82 33.36 12.84 12.81
C MET M 82 32.87 12.54 11.41
N HIS M 83 32.90 13.53 10.51
CA HIS M 83 32.48 13.30 9.13
C HIS M 83 33.45 12.37 8.41
N ALA M 84 34.75 12.61 8.54
CA ALA M 84 35.73 11.78 7.83
C ALA M 84 35.77 10.34 8.35
N ASN M 85 35.89 10.17 9.67
CA ASN M 85 35.91 8.83 10.21
C ASN M 85 34.56 8.14 10.09
N GLY M 86 33.46 8.90 10.02
CA GLY M 86 32.18 8.29 9.74
C GLY M 86 32.08 7.80 8.32
N ALA M 87 32.76 8.46 7.39
CA ALA M 87 32.83 7.93 6.02
C ALA M 87 33.61 6.62 5.98
N SER M 88 34.71 6.54 6.71
CA SER M 88 35.46 5.28 6.73
C SER M 88 34.68 4.16 7.40
N MET M 89 34.00 4.46 8.52
CA MET M 89 33.15 3.45 9.15
C MET M 89 31.94 3.11 8.30
N PHE M 90 31.48 4.06 7.49
CA PHE M 90 30.40 3.83 6.55
C PHE M 90 30.80 2.79 5.52
N PHE M 91 32.00 2.92 4.97
CA PHE M 91 32.41 1.90 4.00
C PHE M 91 32.79 0.58 4.66
N ILE M 92 33.23 0.60 5.92
CA ILE M 92 33.38 -0.65 6.67
C ILE M 92 32.06 -1.39 6.79
N CYS M 93 31.01 -0.67 7.22
CA CYS M 93 29.71 -1.30 7.37
C CYS M 93 29.13 -1.71 6.04
N LEU M 94 29.44 -0.98 4.97
CA LEU M 94 28.98 -1.34 3.64
C LEU M 94 29.62 -2.63 3.16
N PHE M 95 30.92 -2.82 3.39
CA PHE M 95 31.51 -4.07 2.92
C PHE M 95 31.14 -5.24 3.80
N MET M 96 30.85 -5.01 5.10
CA MET M 96 30.26 -6.07 5.91
C MET M 96 28.88 -6.45 5.39
N HIS M 97 28.11 -5.46 4.94
CA HIS M 97 26.77 -5.68 4.42
C HIS M 97 26.79 -6.47 3.12
N VAL M 98 27.69 -6.11 2.21
CA VAL M 98 27.81 -6.84 0.95
C VAL M 98 28.36 -8.25 1.20
N GLY M 99 29.23 -8.40 2.20
CA GLY M 99 29.74 -9.73 2.53
C GLY M 99 28.67 -10.65 3.08
N ARG M 100 27.80 -10.11 3.94
CA ARG M 100 26.63 -10.87 4.40
C ARG M 100 25.76 -11.26 3.22
N GLY M 101 25.43 -10.29 2.37
CA GLY M 101 24.53 -10.52 1.25
C GLY M 101 25.06 -11.49 0.21
N LEU M 102 26.38 -11.61 0.10
CA LEU M 102 26.93 -12.60 -0.81
C LEU M 102 27.07 -13.96 -0.13
N TYR M 103 27.47 -13.98 1.14
CA TYR M 103 27.77 -15.24 1.79
C TYR M 103 26.52 -16.02 2.16
N TYR M 104 25.51 -15.36 2.74
CA TYR M 104 24.32 -16.10 3.11
C TYR M 104 23.33 -16.27 1.97
N GLY M 105 23.75 -16.03 0.73
CA GLY M 105 22.90 -16.31 -0.41
C GLY M 105 21.69 -15.41 -0.55
N SER M 106 21.80 -14.16 -0.12
CA SER M 106 20.71 -13.23 -0.30
C SER M 106 20.62 -12.70 -1.73
N TYR M 107 21.56 -13.08 -2.59
CA TYR M 107 21.57 -12.67 -3.98
C TYR M 107 20.67 -13.52 -4.86
N THR M 108 19.78 -14.33 -4.27
CA THR M 108 18.67 -14.88 -5.02
C THR M 108 17.50 -13.90 -5.11
N PHE M 109 17.62 -12.72 -4.51
CA PHE M 109 16.65 -11.64 -4.66
C PHE M 109 17.26 -10.71 -5.69
N LEU M 110 16.58 -10.51 -6.82
CA LEU M 110 17.23 -9.84 -7.93
C LEU M 110 17.18 -8.33 -7.80
N GLU M 111 15.96 -7.78 -7.66
CA GLU M 111 15.75 -6.35 -7.76
C GLU M 111 16.37 -5.59 -6.60
N THR M 112 16.34 -6.16 -5.40
CA THR M 112 17.03 -5.56 -4.26
C THR M 112 18.54 -5.53 -4.51
N TRP M 113 19.06 -6.59 -5.15
CA TRP M 113 20.48 -6.67 -5.42
C TRP M 113 20.92 -5.63 -6.44
N ASN M 114 20.10 -5.40 -7.48
CA ASN M 114 20.43 -4.39 -8.47
C ASN M 114 20.38 -2.98 -7.89
N ILE M 115 19.34 -2.69 -7.10
CA ILE M 115 19.26 -1.40 -6.42
C ILE M 115 20.43 -1.21 -5.47
N GLY M 116 20.89 -2.31 -4.86
CA GLY M 116 22.07 -2.25 -4.02
C GLY M 116 23.32 -1.86 -4.80
N VAL M 117 23.53 -2.47 -5.97
CA VAL M 117 24.73 -2.15 -6.76
C VAL M 117 24.71 -0.70 -7.23
N ILE M 118 23.52 -0.17 -7.53
CA ILE M 118 23.42 1.25 -7.86
C ILE M 118 23.78 2.13 -6.66
N LEU M 119 23.35 1.73 -5.46
CA LEU M 119 23.77 2.42 -4.25
C LEU M 119 25.27 2.32 -4.01
N LEU M 120 25.89 1.22 -4.41
CA LEU M 120 27.33 1.08 -4.26
C LEU M 120 28.07 2.07 -5.15
N PHE M 121 27.64 2.20 -6.41
CA PHE M 121 28.24 3.21 -7.28
C PHE M 121 28.03 4.63 -6.76
N ALA M 122 26.84 4.90 -6.19
CA ALA M 122 26.55 6.25 -5.70
C ALA M 122 27.41 6.60 -4.50
N THR M 123 27.57 5.67 -3.56
CA THR M 123 28.43 5.93 -2.41
C THR M 123 29.90 6.05 -2.81
N MET M 124 30.35 5.29 -3.81
CA MET M 124 31.73 5.43 -4.25
C MET M 124 32.00 6.79 -4.88
N ALA M 125 31.09 7.26 -5.73
CA ALA M 125 31.27 8.57 -6.35
C ALA M 125 31.18 9.69 -5.30
N THR M 126 30.31 9.53 -4.31
CA THR M 126 30.18 10.53 -3.26
C THR M 126 31.45 10.60 -2.41
N ALA M 127 32.01 9.43 -2.07
CA ALA M 127 33.26 9.39 -1.32
C ALA M 127 34.39 10.03 -2.08
N PHE M 128 34.46 9.80 -3.39
CA PHE M 128 35.55 10.38 -4.17
C PHE M 128 35.44 11.90 -4.26
N MET M 129 34.24 12.42 -4.49
CA MET M 129 34.09 13.87 -4.56
C MET M 129 34.35 14.53 -3.22
N GLY M 130 33.88 13.91 -2.13
CA GLY M 130 34.15 14.44 -0.82
C GLY M 130 35.63 14.44 -0.47
N TYR M 131 36.36 13.40 -0.90
CA TYR M 131 37.79 13.38 -0.64
C TYR M 131 38.53 14.39 -1.49
N VAL M 132 37.97 14.78 -2.63
CA VAL M 132 38.55 15.88 -3.39
C VAL M 132 38.41 17.19 -2.63
N LEU M 133 37.21 17.46 -2.09
CA LEU M 133 36.84 18.75 -1.48
C LEU M 133 37.77 19.50 -0.51
N PRO M 134 38.60 18.87 0.34
CA PRO M 134 39.48 19.68 1.20
C PRO M 134 40.61 20.37 0.47
N TRP M 135 40.84 20.04 -0.81
CA TRP M 135 41.76 20.74 -1.71
C TRP M 135 43.19 20.67 -1.17
N GLY M 136 43.66 19.43 -1.01
CA GLY M 136 45.00 19.17 -0.59
C GLY M 136 45.83 18.58 -1.71
N GLN M 137 47.03 18.14 -1.34
CA GLN M 137 47.98 17.56 -2.28
C GLN M 137 47.45 16.26 -2.86
N MET M 138 47.18 15.31 -1.97
CA MET M 138 46.68 14.00 -2.37
C MET M 138 45.30 14.11 -3.00
N SER M 139 44.49 15.05 -2.52
CA SER M 139 43.17 15.30 -3.09
C SER M 139 43.27 15.76 -4.53
N PHE M 140 44.14 16.73 -4.78
CA PHE M 140 44.33 17.29 -6.11
C PHE M 140 44.82 16.22 -7.09
N TRP M 141 45.86 15.50 -6.69
CA TRP M 141 46.45 14.55 -7.64
C TRP M 141 45.60 13.30 -7.81
N GLY M 142 44.88 12.85 -6.77
CA GLY M 142 43.95 11.75 -6.95
C GLY M 142 42.76 12.13 -7.82
N ALA M 143 42.32 13.39 -7.73
CA ALA M 143 41.30 13.88 -8.64
C ALA M 143 41.78 13.84 -10.08
N THR M 144 43.01 14.27 -10.32
CA THR M 144 43.59 14.24 -11.67
C THR M 144 43.69 12.80 -12.19
N VAL M 145 44.15 11.87 -11.34
CA VAL M 145 44.38 10.49 -11.78
C VAL M 145 43.06 9.80 -12.10
N ILE M 146 42.06 9.92 -11.23
CA ILE M 146 40.82 9.19 -11.49
C ILE M 146 39.97 9.88 -12.56
N THR M 147 40.12 11.20 -12.74
CA THR M 147 39.47 11.81 -13.90
C THR M 147 40.12 11.38 -15.20
N ASN M 148 41.44 11.14 -15.20
CA ASN M 148 42.05 10.59 -16.41
C ASN M 148 41.69 9.11 -16.62
N LEU M 149 41.44 8.38 -15.53
CA LEU M 149 40.81 7.06 -15.65
C LEU M 149 39.50 7.14 -16.39
N LEU M 150 38.69 8.15 -16.10
CA LEU M 150 37.50 8.33 -16.91
C LEU M 150 37.84 8.87 -18.31
N SER M 151 39.04 9.40 -18.52
CA SER M 151 39.46 9.77 -19.87
C SER M 151 39.96 8.58 -20.67
N ALA M 152 40.12 7.41 -20.05
CA ALA M 152 40.56 6.24 -20.79
C ALA M 152 39.53 5.70 -21.79
N ILE M 153 38.29 6.18 -21.77
CA ILE M 153 37.28 5.73 -22.73
C ILE M 153 37.65 6.25 -24.13
N PRO M 154 37.73 5.39 -25.14
CA PRO M 154 38.18 5.84 -26.46
C PRO M 154 37.13 6.70 -27.16
N TYR M 155 37.60 7.84 -27.70
CA TYR M 155 36.90 8.73 -28.65
C TYR M 155 35.77 9.54 -28.00
N ILE M 156 35.38 9.21 -26.78
CA ILE M 156 34.30 9.93 -26.12
C ILE M 156 34.85 10.55 -24.85
N GLY M 157 35.87 9.89 -24.27
CA GLY M 157 36.33 10.28 -22.96
C GLY M 157 37.17 11.55 -22.92
N THR M 158 37.79 11.91 -24.05
CA THR M 158 38.67 13.06 -24.09
C THR M 158 37.89 14.37 -23.88
N ASN M 159 36.84 14.57 -24.67
CA ASN M 159 35.99 15.72 -24.48
C ASN M 159 35.18 15.61 -23.19
N LEU M 160 34.89 14.38 -22.75
CA LEU M 160 34.19 14.17 -21.49
C LEU M 160 35.02 14.64 -20.30
N VAL M 161 36.33 14.47 -20.38
CA VAL M 161 37.17 14.78 -19.24
C VAL M 161 37.71 16.21 -19.29
N GLU M 162 37.90 16.77 -20.48
CA GLU M 162 38.05 18.22 -20.50
C GLU M 162 36.71 18.94 -20.33
N TRP M 163 35.60 18.20 -20.27
CA TRP M 163 34.32 18.75 -19.81
C TRP M 163 34.23 18.75 -18.29
N ILE M 164 34.41 17.60 -17.65
CA ILE M 164 34.33 17.56 -16.18
C ILE M 164 35.57 18.09 -15.47
N TRP M 165 36.60 18.50 -16.21
CA TRP M 165 37.57 19.40 -15.61
C TRP M 165 37.09 20.84 -15.59
N GLY M 166 36.06 21.15 -16.38
CA GLY M 166 35.66 22.54 -16.56
C GLY M 166 36.67 23.36 -17.32
N GLY M 167 37.44 22.72 -18.19
CA GLY M 167 38.49 23.41 -18.91
C GLY M 167 39.60 22.49 -19.35
N PHE M 168 40.84 22.84 -19.00
CA PHE M 168 42.00 22.07 -19.40
C PHE M 168 42.85 21.64 -18.21
N SER M 169 42.44 22.00 -17.00
CA SER M 169 43.11 21.59 -15.77
C SER M 169 42.11 21.68 -14.63
N VAL M 170 42.51 21.19 -13.46
CA VAL M 170 41.64 21.23 -12.29
C VAL M 170 41.64 22.64 -11.75
N ASP M 171 40.46 23.25 -11.71
CA ASP M 171 40.33 24.69 -11.57
C ASP M 171 39.35 25.00 -10.44
N LYS M 172 38.95 26.27 -10.29
CA LYS M 172 37.88 26.63 -9.37
C LYS M 172 36.58 25.93 -9.74
N ALA M 173 36.30 25.81 -11.04
CA ALA M 173 35.06 25.19 -11.49
C ALA M 173 35.00 23.72 -11.12
N THR M 174 36.14 23.03 -11.12
CA THR M 174 36.15 21.61 -10.75
C THR M 174 35.84 21.42 -9.27
N LEU M 175 36.40 22.27 -8.42
CA LEU M 175 36.09 22.21 -6.99
C LEU M 175 34.64 22.54 -6.72
N THR M 176 34.08 23.53 -7.42
CA THR M 176 32.68 23.86 -7.16
C THR M 176 31.71 22.83 -7.73
N ARG M 177 32.04 22.21 -8.87
CA ARG M 177 31.24 21.08 -9.37
C ARG M 177 31.25 19.94 -8.37
N PHE M 178 32.44 19.60 -7.86
CA PHE M 178 32.52 18.51 -6.90
C PHE M 178 31.83 18.86 -5.60
N PHE M 179 31.78 20.14 -5.23
CA PHE M 179 31.01 20.49 -4.04
C PHE M 179 29.53 20.31 -4.26
N ALA M 180 29.01 20.77 -5.40
CA ALA M 180 27.57 20.66 -5.65
C ALA M 180 27.13 19.20 -5.75
N PHE M 181 27.95 18.35 -6.36
CA PHE M 181 27.50 16.96 -6.43
C PHE M 181 27.79 16.17 -5.16
N HIS M 182 28.84 16.51 -4.39
CA HIS M 182 29.00 15.90 -3.07
C HIS M 182 27.87 16.30 -2.15
N PHE M 183 27.26 17.45 -2.40
CA PHE M 183 26.05 17.77 -1.67
C PHE M 183 24.88 16.91 -2.12
N ILE M 184 24.61 16.87 -3.43
CA ILE M 184 23.31 16.34 -3.83
C ILE M 184 23.27 14.80 -3.90
N PHE M 185 24.41 14.12 -4.06
CA PHE M 185 24.35 12.65 -4.13
C PHE M 185 23.90 11.87 -2.89
N PRO M 186 24.21 12.27 -1.64
CA PRO M 186 23.67 11.49 -0.50
C PRO M 186 22.17 11.49 -0.35
N PHE M 187 21.46 12.49 -0.87
CA PHE M 187 20.01 12.40 -0.82
C PHE M 187 19.49 11.41 -1.86
N ILE M 188 20.17 11.27 -2.99
CA ILE M 188 19.87 10.21 -3.93
C ILE M 188 20.17 8.85 -3.30
N ILE M 189 21.23 8.79 -2.49
CA ILE M 189 21.54 7.58 -1.73
C ILE M 189 20.42 7.25 -0.76
N ALA M 190 19.83 8.27 -0.12
CA ALA M 190 18.72 8.04 0.80
C ALA M 190 17.47 7.54 0.08
N ALA M 191 17.15 8.14 -1.07
CA ALA M 191 15.96 7.71 -1.81
C ALA M 191 16.13 6.30 -2.37
N LEU M 192 17.29 5.99 -2.92
CA LEU M 192 17.52 4.63 -3.39
C LEU M 192 17.64 3.64 -2.24
N ALA M 193 18.01 4.10 -1.04
CA ALA M 193 17.96 3.24 0.12
C ALA M 193 16.53 2.89 0.50
N MET M 194 15.62 3.85 0.33
CA MET M 194 14.21 3.53 0.60
C MET M 194 13.62 2.62 -0.46
N VAL M 195 14.08 2.73 -1.71
CA VAL M 195 13.59 1.80 -2.75
C VAL M 195 14.15 0.39 -2.51
N HIS M 196 15.42 0.31 -2.14
CA HIS M 196 16.07 -0.91 -1.66
C HIS M 196 15.27 -1.58 -0.54
N LEU M 197 14.90 -0.79 0.47
CA LEU M 197 14.06 -1.27 1.56
C LEU M 197 12.68 -1.71 1.08
N LEU M 198 12.13 -1.02 0.07
CA LEU M 198 10.83 -1.37 -0.47
C LEU M 198 10.84 -2.76 -1.11
N PHE M 199 11.81 -3.02 -1.98
CA PHE M 199 11.83 -4.33 -2.61
C PHE M 199 12.17 -5.43 -1.62
N LEU M 200 12.97 -5.13 -0.59
CA LEU M 200 13.25 -6.15 0.40
C LEU M 200 12.01 -6.51 1.22
N HIS M 201 11.22 -5.49 1.60
CA HIS M 201 9.95 -5.78 2.26
C HIS M 201 8.94 -6.45 1.33
N GLU M 202 9.09 -6.29 0.02
CA GLU M 202 8.27 -7.05 -0.91
C GLU M 202 8.63 -8.53 -0.88
N THR M 203 9.93 -8.85 -0.95
CA THR M 203 10.30 -10.26 -1.07
C THR M 203 10.28 -10.98 0.27
N GLY M 204 10.75 -10.33 1.32
CA GLY M 204 10.95 -10.99 2.59
C GLY M 204 12.42 -11.22 2.87
N SER M 205 12.79 -11.21 4.14
CA SER M 205 14.18 -11.29 4.55
C SER M 205 14.70 -12.72 4.43
N ASN M 206 15.98 -12.91 4.71
CA ASN M 206 16.61 -14.22 4.63
C ASN M 206 17.35 -14.50 5.93
N ASN M 207 17.00 -15.61 6.56
CA ASN M 207 17.60 -16.10 7.79
C ASN M 207 18.99 -16.68 7.51
N PRO M 208 19.81 -16.90 8.55
CA PRO M 208 21.15 -17.47 8.30
C PRO M 208 21.15 -18.88 7.75
N THR M 209 20.10 -19.66 7.94
CA THR M 209 20.12 -21.01 7.42
C THR M 209 19.85 -21.06 5.94
N GLY M 210 19.04 -20.14 5.43
CA GLY M 210 18.51 -20.26 4.10
C GLY M 210 17.25 -21.09 4.00
N ILE M 211 16.91 -21.82 5.05
CA ILE M 211 15.60 -22.47 5.11
C ILE M 211 14.54 -21.39 5.16
N PRO M 212 13.45 -21.48 4.38
CA PRO M 212 12.42 -20.43 4.42
C PRO M 212 11.71 -20.39 5.76
N SER M 213 11.81 -19.25 6.43
CA SER M 213 11.36 -19.06 7.81
C SER M 213 9.96 -18.50 7.86
N ASP M 214 9.10 -18.92 6.95
CA ASP M 214 7.72 -18.47 6.96
C ASP M 214 6.89 -19.10 8.07
N THR M 215 7.44 -20.05 8.82
CA THR M 215 6.71 -20.66 9.92
C THR M 215 7.00 -20.02 11.26
N ASP M 216 8.07 -19.24 11.39
CA ASP M 216 8.54 -18.76 12.68
C ASP M 216 8.88 -17.27 12.62
N LYS M 217 7.92 -16.47 12.16
CA LYS M 217 8.11 -15.03 12.14
C LYS M 217 7.76 -14.43 13.49
N ILE M 218 8.56 -13.44 13.91
CA ILE M 218 8.31 -12.66 15.11
C ILE M 218 8.24 -11.20 14.65
N PRO M 219 7.59 -10.29 15.37
CA PRO M 219 7.52 -8.91 14.90
C PRO M 219 8.85 -8.18 15.07
N PHE M 220 8.88 -6.94 14.60
CA PHE M 220 10.13 -6.20 14.62
C PHE M 220 10.40 -5.60 15.99
N HIS M 221 9.35 -5.12 16.65
CA HIS M 221 9.41 -4.38 17.89
C HIS M 221 8.74 -5.17 19.00
N PRO M 222 9.30 -5.19 20.22
CA PRO M 222 10.50 -4.54 20.73
C PRO M 222 11.71 -5.46 20.79
N TYR M 223 11.98 -6.18 19.71
CA TYR M 223 13.10 -7.10 19.66
C TYR M 223 14.25 -6.55 18.82
N TYR M 224 13.98 -6.31 17.54
CA TYR M 224 15.05 -5.84 16.67
C TYR M 224 15.28 -4.35 16.79
N THR M 225 14.31 -3.59 17.32
CA THR M 225 14.56 -2.19 17.65
C THR M 225 15.64 -2.08 18.71
N ILE M 226 15.53 -2.87 19.77
CA ILE M 226 16.51 -2.73 20.83
C ILE M 226 17.82 -3.44 20.47
N LYS M 227 17.75 -4.46 19.58
CA LYS M 227 18.99 -5.04 19.08
C LYS M 227 19.74 -4.07 18.18
N ASP M 228 19.02 -3.29 17.36
CA ASP M 228 19.70 -2.32 16.51
C ASP M 228 20.11 -1.07 17.28
N ILE M 229 19.43 -0.75 18.39
CA ILE M 229 19.95 0.28 19.28
C ILE M 229 21.26 -0.16 19.91
N LEU M 230 21.36 -1.45 20.28
CA LEU M 230 22.63 -1.99 20.78
C LEU M 230 23.73 -1.94 19.72
N GLY M 231 23.36 -2.27 18.47
CA GLY M 231 24.34 -2.22 17.40
C GLY M 231 24.80 -0.80 17.08
N ALA M 232 23.87 0.16 17.09
CA ALA M 232 24.25 1.55 16.87
C ALA M 232 25.04 2.11 18.04
N ILE M 233 24.82 1.60 19.26
CA ILE M 233 25.63 2.04 20.39
C ILE M 233 27.06 1.53 20.26
N LEU M 234 27.23 0.29 19.76
CA LEU M 234 28.58 -0.19 19.45
C LEU M 234 29.23 0.63 18.34
N LEU M 235 28.45 1.01 17.33
CA LEU M 235 28.97 1.81 16.23
C LEU M 235 29.40 3.20 16.69
N ILE M 236 28.57 3.85 17.51
CA ILE M 236 28.90 5.16 18.07
C ILE M 236 30.11 5.05 18.99
N LEU M 237 30.26 3.94 19.71
CA LEU M 237 31.48 3.69 20.48
C LEU M 237 32.72 3.68 19.59
N ILE M 238 32.65 2.96 18.46
CA ILE M 238 33.83 2.87 17.61
C ILE M 238 34.13 4.21 16.93
N LEU M 239 33.08 4.95 16.57
CA LEU M 239 33.28 6.24 15.90
C LEU M 239 33.84 7.28 16.86
N MET M 240 33.32 7.34 18.09
CA MET M 240 33.87 8.26 19.08
C MET M 240 35.27 7.84 19.50
N LEU M 241 35.55 6.54 19.47
CA LEU M 241 36.90 6.08 19.81
C LEU M 241 37.90 6.52 18.75
N LEU M 242 37.52 6.43 17.48
CA LEU M 242 38.45 6.85 16.43
C LEU M 242 38.57 8.37 16.34
N VAL M 243 37.50 9.12 16.62
CA VAL M 243 37.65 10.58 16.56
C VAL M 243 38.16 11.18 17.86
N LEU M 244 38.31 10.39 18.92
CA LEU M 244 38.87 10.90 20.15
C LEU M 244 40.20 10.29 20.54
N PHE M 245 40.68 9.29 19.83
CA PHE M 245 42.01 8.86 20.22
C PHE M 245 42.98 8.74 19.05
N THR M 246 42.52 8.27 17.90
CA THR M 246 43.39 8.08 16.72
C THR M 246 42.75 8.68 15.49
N PRO M 247 42.91 9.99 15.25
CA PRO M 247 42.67 10.51 13.90
C PRO M 247 43.80 10.18 12.96
N ASP M 248 44.98 9.86 13.49
CA ASP M 248 46.15 9.51 12.71
C ASP M 248 46.05 8.12 12.08
N LEU M 249 45.08 7.32 12.49
CA LEU M 249 45.02 5.93 12.05
C LEU M 249 44.56 5.80 10.60
N LEU M 250 43.83 6.78 10.08
CA LEU M 250 43.26 6.63 8.74
C LEU M 250 43.64 7.74 7.77
N GLY M 251 43.77 8.99 8.23
CA GLY M 251 43.98 10.09 7.32
C GLY M 251 45.37 10.08 6.70
N ASP M 252 45.42 10.34 5.41
CA ASP M 252 46.68 10.31 4.68
C ASP M 252 47.47 11.58 4.98
N PRO M 253 48.68 11.47 5.52
CA PRO M 253 49.41 12.69 5.92
C PRO M 253 49.95 13.49 4.77
N ASP M 254 49.95 12.94 3.56
CA ASP M 254 50.37 13.70 2.40
C ASP M 254 49.34 14.76 2.03
N ASN M 255 48.10 14.60 2.49
CA ASN M 255 47.01 15.47 2.09
C ASN M 255 47.16 16.88 2.66
N TYR M 256 47.77 17.00 3.84
CA TYR M 256 47.71 18.22 4.63
C TYR M 256 48.59 19.34 4.11
N THR M 257 49.47 19.08 3.16
CA THR M 257 50.11 20.18 2.46
C THR M 257 49.14 20.77 1.46
N PRO M 258 49.18 22.09 1.21
CA PRO M 258 48.27 22.69 0.25
C PRO M 258 48.56 22.23 -1.16
N ALA M 259 47.56 22.43 -2.03
CA ALA M 259 47.58 21.85 -3.37
C ALA M 259 48.54 22.64 -4.26
N ASN M 260 49.81 22.36 -4.09
CA ASN M 260 50.81 22.83 -5.02
C ASN M 260 50.63 22.06 -6.32
N PRO M 261 50.41 22.74 -7.45
CA PRO M 261 50.16 22.00 -8.70
C PRO M 261 51.44 21.53 -9.39
N LEU M 262 52.56 21.50 -8.67
CA LEU M 262 53.84 21.16 -9.27
C LEU M 262 54.63 20.11 -8.50
N ASN M 263 54.12 19.60 -7.38
CA ASN M 263 54.95 18.72 -6.55
C ASN M 263 54.91 17.27 -7.03
N THR M 264 53.72 16.64 -6.96
CA THR M 264 53.46 15.21 -7.18
C THR M 264 54.39 14.34 -6.32
N PRO M 265 54.08 14.15 -5.04
CA PRO M 265 54.92 13.29 -4.19
C PRO M 265 54.91 11.85 -4.68
N PRO M 266 55.91 11.06 -4.34
CA PRO M 266 55.92 9.66 -4.79
C PRO M 266 54.85 8.82 -4.14
N HIS M 267 54.64 9.00 -2.85
CA HIS M 267 53.48 8.44 -2.15
C HIS M 267 52.22 9.04 -2.76
N ILE M 268 51.47 8.23 -3.52
CA ILE M 268 50.42 8.78 -4.36
C ILE M 268 49.13 7.96 -4.16
N LYS M 269 49.08 7.18 -3.08
CA LYS M 269 47.95 6.27 -2.93
C LYS M 269 46.70 7.02 -2.49
N PRO M 270 45.52 6.63 -2.98
CA PRO M 270 44.27 7.23 -2.50
C PRO M 270 43.88 6.68 -1.13
N GLU M 271 42.69 7.03 -0.67
CA GLU M 271 42.23 6.54 0.63
C GLU M 271 41.83 5.08 0.49
N TRP M 272 42.02 4.33 1.60
CA TRP M 272 42.23 2.88 1.56
C TRP M 272 41.06 2.11 0.97
N TYR M 273 39.84 2.62 1.10
CA TYR M 273 38.70 1.87 0.62
C TYR M 273 38.45 2.01 -0.88
N PHE M 274 39.43 2.53 -1.62
CA PHE M 274 39.53 2.31 -3.05
C PHE M 274 40.70 1.42 -3.42
N LEU M 275 41.52 1.01 -2.45
CA LEU M 275 42.73 0.28 -2.78
C LEU M 275 42.48 -1.19 -3.08
N PHE M 276 41.30 -1.72 -2.75
CA PHE M 276 40.93 -3.03 -3.27
C PHE M 276 40.62 -2.93 -4.75
N ALA M 277 40.29 -1.73 -5.23
CA ALA M 277 39.90 -1.46 -6.59
C ALA M 277 40.99 -0.78 -7.39
N TYR M 278 41.79 0.06 -6.75
CA TYR M 278 42.86 0.76 -7.45
C TYR M 278 43.98 -0.18 -7.86
N ALA M 279 44.21 -1.22 -7.06
CA ALA M 279 45.27 -2.17 -7.39
C ALA M 279 44.88 -3.06 -8.55
N ILE M 280 43.58 -3.18 -8.84
CA ILE M 280 43.14 -3.90 -10.03
C ILE M 280 43.55 -3.16 -11.29
N LEU M 281 43.61 -1.83 -11.20
CA LEU M 281 43.98 -1.01 -12.35
C LEU M 281 45.42 -1.24 -12.77
N ARG M 282 46.37 -0.99 -11.87
CA ARG M 282 47.78 -1.11 -12.22
C ARG M 282 48.29 -2.53 -12.21
N SER M 283 47.42 -3.51 -11.96
CA SER M 283 47.77 -4.90 -12.22
C SER M 283 47.94 -5.14 -13.71
N ILE M 284 47.11 -4.49 -14.52
CA ILE M 284 47.18 -4.65 -15.97
C ILE M 284 48.13 -3.60 -16.55
N PRO M 285 49.11 -4.00 -17.36
CA PRO M 285 49.94 -3.02 -18.10
C PRO M 285 49.27 -2.54 -19.37
N ASN M 286 48.04 -2.03 -19.22
CA ASN M 286 47.23 -1.56 -20.33
C ASN M 286 46.15 -0.66 -19.75
N LYS M 287 45.75 0.33 -20.53
CA LYS M 287 44.88 1.38 -20.03
C LYS M 287 43.41 0.97 -20.05
N LEU M 288 42.91 0.67 -21.25
CA LEU M 288 41.50 0.31 -21.42
C LEU M 288 41.20 -1.01 -20.75
N GLY M 289 42.15 -1.94 -20.76
CA GLY M 289 41.98 -3.18 -20.03
C GLY M 289 41.84 -2.95 -18.53
N GLY M 290 42.59 -1.99 -17.99
CA GLY M 290 42.50 -1.72 -16.56
C GLY M 290 41.19 -1.10 -16.15
N VAL M 291 40.77 -0.04 -16.86
CA VAL M 291 39.51 0.61 -16.49
C VAL M 291 38.32 -0.32 -16.77
N LEU M 292 38.41 -1.13 -17.83
CA LEU M 292 37.36 -2.09 -18.11
C LEU M 292 37.35 -3.20 -17.08
N ALA M 293 38.51 -3.58 -16.54
CA ALA M 293 38.54 -4.62 -15.52
C ALA M 293 37.97 -4.13 -14.21
N LEU M 294 38.14 -2.84 -13.90
CA LEU M 294 37.49 -2.29 -12.71
C LEU M 294 35.97 -2.30 -12.84
N VAL M 295 35.47 -1.77 -13.97
CA VAL M 295 34.04 -1.76 -14.24
C VAL M 295 33.49 -3.18 -14.29
N LEU M 296 34.26 -4.11 -14.85
CA LEU M 296 33.83 -5.51 -14.90
C LEU M 296 33.93 -6.21 -13.56
N SER M 297 34.75 -5.74 -12.61
CA SER M 297 34.70 -6.30 -11.27
C SER M 297 33.36 -5.99 -10.61
N ILE M 298 32.95 -4.72 -10.67
CA ILE M 298 31.66 -4.43 -10.03
C ILE M 298 30.49 -4.96 -10.90
N LEU M 299 30.70 -5.14 -12.20
CA LEU M 299 29.69 -5.87 -12.98
C LEU M 299 29.71 -7.37 -12.70
N VAL M 300 30.81 -7.93 -12.18
CA VAL M 300 30.76 -9.29 -11.69
C VAL M 300 29.89 -9.36 -10.43
N LEU M 301 29.99 -8.34 -9.58
CA LEU M 301 29.01 -8.21 -8.50
C LEU M 301 27.58 -8.05 -9.02
N VAL M 302 27.40 -7.50 -10.22
CA VAL M 302 26.07 -7.49 -10.84
C VAL M 302 25.64 -8.90 -11.24
N ILE M 303 26.54 -9.66 -11.88
CA ILE M 303 26.16 -10.92 -12.51
C ILE M 303 26.49 -12.06 -11.56
N MET M 304 26.50 -11.76 -10.26
CA MET M 304 26.46 -12.85 -9.27
C MET M 304 25.25 -13.80 -9.38
N PRO M 305 23.99 -13.35 -9.53
CA PRO M 305 22.89 -14.34 -9.48
C PRO M 305 22.79 -15.23 -10.70
N LEU M 306 23.24 -14.77 -11.86
CA LEU M 306 23.09 -15.55 -13.08
C LEU M 306 24.14 -16.64 -13.24
N LEU M 307 24.94 -16.89 -12.20
CA LEU M 307 25.83 -18.05 -12.16
C LEU M 307 25.53 -18.94 -10.95
N HIS M 308 24.47 -18.65 -10.21
CA HIS M 308 24.14 -19.42 -9.01
C HIS M 308 23.55 -20.75 -9.44
N THR M 309 24.43 -21.71 -9.67
CA THR M 309 24.06 -23.06 -10.08
C THR M 309 24.12 -24.05 -8.92
N SER M 310 23.82 -23.59 -7.71
CA SER M 310 23.72 -24.46 -6.55
C SER M 310 22.30 -25.01 -6.44
N LYS M 311 22.02 -25.73 -5.35
CA LYS M 311 20.67 -26.14 -5.02
C LYS M 311 20.29 -25.90 -3.56
N GLN M 312 21.21 -25.38 -2.75
CA GLN M 312 20.87 -24.82 -1.46
C GLN M 312 21.45 -23.42 -1.41
N ARG M 313 20.64 -22.47 -0.94
CA ARG M 313 20.97 -21.07 -1.15
C ARG M 313 22.05 -20.56 -0.23
N SER M 314 22.27 -21.19 0.92
CA SER M 314 23.27 -20.68 1.82
C SER M 314 24.66 -21.19 1.45
N MET M 315 25.64 -20.70 2.20
CA MET M 315 26.96 -21.30 2.20
C MET M 315 27.29 -21.90 3.55
N MET M 316 26.33 -21.90 4.48
CA MET M 316 26.52 -22.58 5.75
C MET M 316 26.57 -24.09 5.58
N PHE M 317 26.02 -24.61 4.48
CA PHE M 317 26.03 -26.04 4.24
C PHE M 317 26.74 -26.41 2.96
N ARG M 318 27.59 -25.52 2.44
CA ARG M 318 28.52 -25.83 1.36
C ARG M 318 29.90 -25.45 1.85
N PRO M 319 30.58 -26.34 2.59
CA PRO M 319 31.84 -25.95 3.24
C PRO M 319 32.98 -25.69 2.28
N ILE M 320 32.96 -26.25 1.08
CA ILE M 320 34.01 -25.94 0.12
C ILE M 320 33.82 -24.53 -0.44
N SER M 321 32.56 -24.16 -0.71
CA SER M 321 32.29 -22.78 -1.09
C SER M 321 32.54 -21.82 0.05
N GLN M 322 32.39 -22.28 1.29
CA GLN M 322 32.75 -21.49 2.45
C GLN M 322 34.26 -21.23 2.51
N CYS M 323 35.06 -22.27 2.24
CA CYS M 323 36.50 -22.11 2.17
C CYS M 323 36.91 -21.18 1.04
N MET M 324 36.28 -21.32 -0.13
CA MET M 324 36.64 -20.44 -1.23
C MET M 324 36.17 -19.01 -1.00
N PHE M 325 35.11 -18.83 -0.21
CA PHE M 325 34.72 -17.49 0.21
C PHE M 325 35.79 -16.85 1.09
N TRP M 326 36.33 -17.61 2.05
CA TRP M 326 37.36 -17.00 2.88
C TRP M 326 38.67 -16.81 2.12
N ILE M 327 38.92 -17.64 1.11
CA ILE M 327 40.05 -17.38 0.21
C ILE M 327 39.80 -16.09 -0.58
N LEU M 328 38.54 -15.81 -0.93
CA LEU M 328 38.22 -14.58 -1.63
C LEU M 328 38.40 -13.36 -0.73
N VAL M 329 38.08 -13.49 0.55
CA VAL M 329 38.30 -12.40 1.49
C VAL M 329 39.79 -12.14 1.69
N ALA M 330 40.58 -13.21 1.78
CA ALA M 330 42.03 -13.07 1.84
C ALA M 330 42.58 -12.40 0.59
N ASP M 331 42.02 -12.73 -0.57
CA ASP M 331 42.45 -12.14 -1.83
C ASP M 331 42.12 -10.65 -1.90
N LEU M 332 40.95 -10.25 -1.41
CA LEU M 332 40.62 -8.83 -1.37
C LEU M 332 41.51 -8.05 -0.42
N LEU M 333 41.85 -8.63 0.73
CA LEU M 333 42.70 -7.90 1.64
C LEU M 333 44.13 -7.82 1.10
N THR M 334 44.54 -8.83 0.31
CA THR M 334 45.79 -8.75 -0.44
C THR M 334 45.76 -7.62 -1.47
N LEU M 335 44.63 -7.46 -2.15
CA LEU M 335 44.52 -6.36 -3.12
C LEU M 335 44.58 -5.01 -2.45
N THR M 336 43.99 -4.88 -1.26
CA THR M 336 44.11 -3.64 -0.49
C THR M 336 45.56 -3.35 -0.11
N TRP M 337 46.28 -4.37 0.34
CA TRP M 337 47.68 -4.17 0.69
C TRP M 337 48.55 -3.87 -0.53
N ILE M 338 48.21 -4.43 -1.69
CA ILE M 338 48.95 -4.09 -2.91
C ILE M 338 48.63 -2.66 -3.34
N GLY M 339 47.39 -2.22 -3.12
CA GLY M 339 47.07 -0.83 -3.36
C GLY M 339 47.82 0.13 -2.46
N GLY M 340 48.18 -0.31 -1.26
CA GLY M 340 48.95 0.53 -0.37
C GLY M 340 50.45 0.53 -0.54
N GLN M 341 50.97 -0.04 -1.63
CA GLN M 341 52.40 -0.19 -1.85
C GLN M 341 52.79 0.42 -3.18
N PRO M 342 54.08 0.79 -3.34
CA PRO M 342 54.54 1.32 -4.64
C PRO M 342 54.58 0.29 -5.75
N VAL M 343 55.03 0.70 -6.93
CA VAL M 343 54.95 -0.16 -8.10
C VAL M 343 56.35 -0.59 -8.52
N GLU M 344 56.80 -1.73 -7.99
CA GLU M 344 58.01 -2.38 -8.48
C GLU M 344 57.80 -3.89 -8.48
N HIS M 345 58.90 -4.60 -8.74
CA HIS M 345 58.85 -5.92 -9.36
C HIS M 345 58.12 -7.01 -8.57
N PRO M 346 58.40 -7.27 -7.28
CA PRO M 346 57.64 -8.33 -6.60
C PRO M 346 56.19 -7.94 -6.37
N TYR M 347 55.94 -6.66 -6.07
CA TYR M 347 54.58 -6.16 -5.92
C TYR M 347 53.82 -6.22 -7.22
N ILE M 348 54.49 -5.96 -8.35
CA ILE M 348 53.84 -6.08 -9.66
C ILE M 348 53.44 -7.53 -9.93
N ILE M 349 54.35 -8.48 -9.64
CA ILE M 349 54.06 -9.90 -9.87
C ILE M 349 52.87 -10.35 -9.02
N ILE M 350 52.91 -10.04 -7.72
CA ILE M 350 51.83 -10.55 -6.89
C ILE M 350 50.54 -9.74 -7.05
N GLY M 351 50.61 -8.52 -7.58
CA GLY M 351 49.39 -7.81 -7.91
C GLY M 351 48.70 -8.39 -9.13
N GLN M 352 49.48 -8.74 -10.16
CA GLN M 352 48.93 -9.45 -11.31
C GLN M 352 48.31 -10.78 -10.90
N LEU M 353 49.02 -11.53 -10.07
CA LEU M 353 48.50 -12.84 -9.64
C LEU M 353 47.31 -12.68 -8.71
N ALA M 354 47.25 -11.62 -7.91
CA ALA M 354 46.11 -11.44 -7.02
C ALA M 354 44.86 -11.05 -7.79
N SER M 355 44.99 -10.20 -8.82
CA SER M 355 43.81 -9.84 -9.60
C SER M 355 43.31 -11.01 -10.43
N ILE M 356 44.24 -11.82 -10.98
CA ILE M 356 43.81 -12.97 -11.76
C ILE M 356 43.16 -14.03 -10.86
N MET M 357 43.68 -14.21 -9.65
CA MET M 357 43.02 -15.13 -8.72
C MET M 357 41.70 -14.57 -8.20
N TYR M 358 41.56 -13.24 -8.14
CA TYR M 358 40.28 -12.62 -7.81
C TYR M 358 39.18 -13.03 -8.79
N PHE M 359 39.43 -12.78 -10.08
CA PHE M 359 38.41 -13.13 -11.07
C PHE M 359 38.26 -14.63 -11.22
N LEU M 360 39.32 -15.40 -10.98
CA LEU M 360 39.21 -16.85 -11.08
C LEU M 360 38.41 -17.43 -9.92
N ILE M 361 38.46 -16.81 -8.75
CA ILE M 361 37.71 -17.31 -7.62
C ILE M 361 36.24 -16.94 -7.74
N ILE M 362 35.94 -15.70 -8.11
CA ILE M 362 34.52 -15.35 -8.14
C ILE M 362 33.82 -15.93 -9.37
N LEU M 363 34.47 -15.89 -10.54
CA LEU M 363 33.78 -16.30 -11.75
C LEU M 363 33.65 -17.81 -11.89
N VAL M 364 34.69 -18.55 -11.51
CA VAL M 364 34.85 -19.94 -11.93
C VAL M 364 34.66 -20.90 -10.75
N MET M 365 35.47 -20.75 -9.70
CA MET M 365 35.63 -21.84 -8.75
C MET M 365 34.42 -21.99 -7.83
N MET M 366 33.68 -20.93 -7.58
CA MET M 366 32.50 -21.05 -6.75
C MET M 366 31.34 -21.77 -7.48
N PRO M 367 31.04 -21.51 -8.77
CA PRO M 367 30.10 -22.43 -9.44
C PRO M 367 30.64 -23.83 -9.63
N VAL M 368 31.96 -24.02 -9.77
CA VAL M 368 32.51 -25.37 -9.86
C VAL M 368 32.30 -26.13 -8.56
N ALA M 369 32.49 -25.45 -7.42
CA ALA M 369 32.23 -26.09 -6.13
C ALA M 369 30.74 -26.37 -5.94
N SER M 370 29.88 -25.46 -6.39
CA SER M 370 28.45 -25.73 -6.31
C SER M 370 28.05 -26.90 -7.18
N ILE M 371 28.71 -27.09 -8.32
CA ILE M 371 28.44 -28.24 -9.16
C ILE M 371 28.94 -29.53 -8.51
N ILE M 372 30.08 -29.48 -7.82
CA ILE M 372 30.57 -30.72 -7.23
C ILE M 372 29.73 -31.12 -6.02
N GLU M 373 29.12 -30.16 -5.29
CA GLU M 373 28.20 -30.63 -4.26
C GLU M 373 26.79 -30.85 -4.79
N ASN M 374 26.47 -30.31 -5.97
CA ASN M 374 25.28 -30.76 -6.68
C ASN M 374 25.40 -32.23 -7.03
N ASN M 375 26.56 -32.63 -7.54
CA ASN M 375 26.72 -33.98 -8.04
C ASN M 375 27.05 -34.96 -6.92
N LEU M 376 27.52 -34.47 -5.78
CA LEU M 376 27.90 -35.39 -4.73
C LEU M 376 26.72 -35.86 -3.88
N LEU M 377 25.63 -35.10 -3.82
CA LEU M 377 24.54 -35.38 -2.88
C LEU M 377 23.26 -35.86 -3.55
N LYS M 378 23.38 -36.69 -4.60
CA LYS M 378 22.25 -37.28 -5.34
C LYS M 378 21.29 -36.23 -5.88
N TRP M 379 21.83 -35.11 -6.33
CA TRP M 379 21.00 -34.06 -6.87
C TRP M 379 21.24 -33.89 -8.37
N ASP N 2 69.49 5.12 -2.29
CA ASP N 2 68.34 5.92 -1.91
C ASP N 2 67.34 5.07 -1.13
N LEU N 3 67.21 5.38 0.16
CA LEU N 3 66.43 4.56 1.07
C LEU N 3 65.39 5.40 1.80
N GLU N 4 64.73 4.81 2.79
CA GLU N 4 63.96 5.54 3.78
C GLU N 4 64.40 5.06 5.17
N LEU N 5 65.14 5.90 5.86
CA LEU N 5 65.41 5.65 7.27
C LEU N 5 64.18 5.97 8.09
N HIS N 6 63.71 5.02 8.82
CA HIS N 6 62.56 5.28 9.66
C HIS N 6 63.02 5.90 10.98
N PRO N 7 62.29 6.90 11.47
CA PRO N 7 62.63 7.50 12.75
C PRO N 7 62.34 6.54 13.89
N PRO N 8 62.99 6.71 15.04
CA PRO N 8 62.74 5.81 16.17
C PRO N 8 61.45 6.12 16.91
N SER N 9 61.22 5.44 18.02
CA SER N 9 60.08 5.69 18.88
C SER N 9 60.56 6.35 20.17
N TYR N 10 59.93 7.46 20.52
CA TYR N 10 60.37 8.17 21.71
C TYR N 10 59.31 8.17 22.79
N PRO N 11 59.70 8.00 24.04
CA PRO N 11 58.75 8.09 25.17
C PRO N 11 58.38 9.53 25.48
N TRP N 12 57.38 10.04 24.77
CA TRP N 12 56.99 11.43 24.98
C TRP N 12 56.20 11.59 26.27
N SER N 13 56.12 12.84 26.73
CA SER N 13 55.35 13.14 27.93
C SER N 13 53.86 13.25 27.64
N HIS N 14 53.48 13.30 26.37
CA HIS N 14 52.09 13.18 25.95
C HIS N 14 51.85 11.92 25.15
N ARG N 15 52.70 10.90 25.33
CA ARG N 15 52.61 9.71 24.49
C ARG N 15 51.47 8.82 24.94
N GLY N 16 51.23 8.74 26.25
CA GLY N 16 50.16 7.90 26.75
C GLY N 16 48.80 8.45 26.34
N LEU N 17 47.84 7.52 26.21
CA LEU N 17 46.57 7.82 25.56
C LEU N 17 45.67 8.74 26.38
N LEU N 18 45.99 8.99 27.64
CA LEU N 18 45.28 9.99 28.42
C LEU N 18 46.21 11.10 28.91
N SER N 19 47.32 11.31 28.23
CA SER N 19 48.28 12.32 28.64
C SER N 19 48.16 13.55 27.75
N SER N 20 48.51 14.70 28.30
CA SER N 20 48.46 15.96 27.57
C SER N 20 49.86 16.54 27.40
N LEU N 21 49.92 17.65 26.70
CA LEU N 21 51.16 18.38 26.50
C LEU N 21 51.59 19.05 27.80
N ASP N 22 52.88 19.33 27.88
CA ASP N 22 53.42 20.22 28.90
C ASP N 22 53.20 21.64 28.41
N HIS N 23 52.33 22.39 29.08
CA HIS N 23 52.05 23.76 28.68
C HIS N 23 53.25 24.67 28.89
N THR N 24 54.07 24.37 29.91
CA THR N 24 55.32 25.09 30.10
C THR N 24 56.28 24.85 28.93
N SER N 25 56.31 23.61 28.45
CA SER N 25 57.11 23.32 27.26
C SER N 25 56.52 23.98 26.02
N ILE N 26 55.21 24.17 25.97
CA ILE N 26 54.61 24.93 24.87
C ILE N 26 55.08 26.38 24.93
N ARG N 27 55.15 26.95 26.13
CA ARG N 27 55.66 28.32 26.29
C ARG N 27 57.09 28.46 25.81
N ARG N 28 57.99 27.60 26.31
CA ARG N 28 59.37 27.77 25.91
C ARG N 28 59.63 27.30 24.47
N GLY N 29 58.80 26.41 23.92
CA GLY N 29 58.90 26.12 22.50
C GLY N 29 58.45 27.28 21.63
N PHE N 30 57.45 28.02 22.09
CA PHE N 30 57.09 29.25 21.38
C PHE N 30 58.21 30.26 21.47
N GLN N 31 58.91 30.30 22.59
CA GLN N 31 60.09 31.15 22.71
C GLN N 31 61.16 30.76 21.69
N VAL N 32 61.31 29.45 21.45
CA VAL N 32 62.23 28.97 20.41
C VAL N 32 61.81 29.46 19.03
N TYR N 33 60.52 29.34 18.71
CA TYR N 33 60.03 29.78 17.41
C TYR N 33 60.20 31.27 17.22
N LYS N 34 60.04 32.04 18.29
CA LYS N 34 60.15 33.49 18.16
C LYS N 34 61.59 33.95 18.06
N GLN N 35 62.53 33.26 18.71
CA GLN N 35 63.91 33.74 18.68
C GLN N 35 64.59 33.46 17.35
N VAL N 36 64.57 32.22 16.89
CA VAL N 36 65.51 31.77 15.86
C VAL N 36 64.81 31.27 14.60
N CYS N 37 63.59 30.73 14.73
CA CYS N 37 62.98 30.03 13.62
C CYS N 37 62.09 30.91 12.76
N SER N 38 61.77 32.12 13.23
CA SER N 38 60.82 33.00 12.54
C SER N 38 61.52 33.93 11.57
N SER N 39 62.34 33.38 10.69
CA SER N 39 62.93 34.16 9.62
C SER N 39 62.91 33.44 8.29
N CYS N 40 62.84 32.12 8.27
CA CYS N 40 62.64 31.36 7.06
C CYS N 40 61.26 30.71 7.01
N HIS N 41 60.80 30.15 8.12
CA HIS N 41 59.54 29.44 8.19
C HIS N 41 58.39 30.37 8.55
N SER N 42 57.20 30.04 8.10
CA SER N 42 55.98 30.76 8.40
C SER N 42 55.06 29.86 9.22
N MET N 43 54.13 30.46 9.96
CA MET N 43 53.12 29.66 10.63
C MET N 43 51.76 30.36 10.52
N ASP N 44 51.39 30.72 9.31
CA ASP N 44 50.29 31.62 8.99
C ASP N 44 48.93 31.13 9.39
N TYR N 45 48.66 30.04 10.10
CA TYR N 45 47.30 29.68 10.48
C TYR N 45 47.08 29.74 11.98
N VAL N 46 48.00 30.34 12.73
CA VAL N 46 47.89 30.44 14.18
C VAL N 46 47.99 31.92 14.55
N ALA N 47 47.06 32.39 15.37
CA ALA N 47 47.07 33.75 15.85
C ALA N 47 47.59 33.80 17.29
N TYR N 48 47.93 35.02 17.71
CA TYR N 48 48.35 35.25 19.08
C TYR N 48 47.23 34.99 20.07
N ARG N 49 45.98 35.14 19.64
CA ARG N 49 44.84 34.91 20.51
C ARG N 49 44.62 33.43 20.84
N HIS N 50 45.25 32.53 20.09
CA HIS N 50 45.24 31.13 20.50
C HIS N 50 46.04 30.92 21.77
N LEU N 51 47.07 31.73 21.98
CA LEU N 51 47.96 31.61 23.13
C LEU N 51 47.43 32.33 24.36
N VAL N 52 46.17 32.76 24.35
CA VAL N 52 45.66 33.57 25.45
C VAL N 52 45.33 32.72 26.67
N GLY N 53 45.20 31.41 26.51
CA GLY N 53 44.89 30.57 27.64
C GLY N 53 45.77 29.33 27.69
N VAL N 54 46.55 29.10 26.64
CA VAL N 54 47.30 27.86 26.54
C VAL N 54 48.63 27.97 27.28
N CYS N 55 49.49 28.90 26.89
CA CYS N 55 50.80 29.01 27.50
C CYS N 55 51.19 30.45 27.82
N TYR N 56 50.24 31.38 27.80
CA TYR N 56 50.47 32.73 28.30
C TYR N 56 49.17 33.24 28.91
N THR N 57 49.28 34.35 29.64
CA THR N 57 48.10 35.04 30.10
C THR N 57 47.61 35.96 28.98
N GLU N 58 46.70 36.87 29.30
CA GLU N 58 46.18 37.73 28.26
C GLU N 58 47.10 38.91 27.99
N ASP N 59 47.72 39.46 29.04
CA ASP N 59 48.53 40.66 28.87
C ASP N 59 49.83 40.36 28.16
N GLU N 60 50.41 39.19 28.44
CA GLU N 60 51.70 38.80 27.88
C GLU N 60 51.60 38.58 26.38
N ALA N 61 50.52 37.94 25.93
CA ALA N 61 50.31 37.76 24.50
C ALA N 61 50.00 39.09 23.81
N LYS N 62 49.38 40.03 24.53
CA LYS N 62 49.19 41.35 23.93
C LYS N 62 50.51 42.07 23.78
N ALA N 63 51.45 41.88 24.71
CA ALA N 63 52.79 42.44 24.53
C ALA N 63 53.50 41.79 23.35
N LEU N 64 53.43 40.45 23.26
CA LEU N 64 54.09 39.72 22.19
C LEU N 64 53.50 40.00 20.82
N ALA N 65 52.25 40.46 20.76
CA ALA N 65 51.69 40.87 19.49
C ALA N 65 51.80 42.36 19.25
N GLU N 66 52.08 43.16 20.27
CA GLU N 66 52.41 44.57 20.08
C GLU N 66 53.88 44.80 19.80
N GLU N 67 54.69 43.75 19.80
CA GLU N 67 56.09 43.93 19.40
C GLU N 67 56.29 43.97 17.88
N VAL N 68 55.30 43.56 17.08
CA VAL N 68 55.50 43.32 15.65
C VAL N 68 54.57 44.21 14.84
N GLU N 69 55.12 44.84 13.80
CA GLU N 69 54.33 45.62 12.87
C GLU N 69 53.50 44.72 11.96
N VAL N 70 52.38 45.25 11.47
CA VAL N 70 51.38 44.42 10.80
C VAL N 70 51.15 44.90 9.37
N GLN N 71 51.31 46.21 9.14
CA GLN N 71 50.92 46.91 7.91
C GLN N 71 49.43 46.67 7.62
N ASP N 72 48.63 47.30 8.48
CA ASP N 72 47.19 47.39 8.28
C ASP N 72 46.89 48.24 7.03
N GLY N 73 45.63 48.21 6.60
CA GLY N 73 45.23 48.85 5.37
C GLY N 73 45.07 50.35 5.46
N PRO N 74 44.02 50.87 4.84
CA PRO N 74 43.93 52.31 4.58
C PRO N 74 43.46 53.11 5.79
N ASN N 75 43.60 54.42 5.67
CA ASN N 75 43.03 55.39 6.60
C ASN N 75 42.19 56.35 5.76
N GLU N 76 41.87 57.52 6.32
CA GLU N 76 41.06 58.52 5.63
C GLU N 76 41.67 58.93 4.28
N ASP N 77 42.98 59.15 4.23
CA ASP N 77 43.61 59.38 2.94
C ASP N 77 43.94 58.06 2.25
N GLY N 78 44.44 57.08 3.01
CA GLY N 78 44.41 55.70 2.56
C GLY N 78 45.51 55.20 1.66
N GLU N 79 46.77 55.29 2.08
CA GLU N 79 47.81 54.52 1.40
C GLU N 79 47.88 53.12 2.01
N MET N 80 48.39 53.04 3.25
CA MET N 80 48.52 51.94 4.19
C MET N 80 49.25 52.52 5.39
N PHE N 81 49.21 51.79 6.50
CA PHE N 81 49.99 52.17 7.68
C PHE N 81 50.21 50.94 8.55
N MET N 82 51.36 50.91 9.21
CA MET N 82 51.66 49.82 10.13
C MET N 82 50.87 49.98 11.42
N ARG N 83 50.86 48.91 12.21
CA ARG N 83 49.98 48.82 13.35
C ARG N 83 50.62 47.87 14.36
N PRO N 84 50.47 48.13 15.66
CA PRO N 84 50.87 47.11 16.65
C PRO N 84 50.05 45.84 16.58
N GLY N 85 48.74 45.94 16.81
CA GLY N 85 47.85 44.79 16.67
C GLY N 85 47.74 43.94 17.91
N LYS N 86 46.55 43.84 18.50
CA LYS N 86 46.42 43.18 19.80
C LYS N 86 46.30 41.67 19.67
N LEU N 87 45.23 41.19 19.04
CA LEU N 87 45.01 39.75 18.98
C LEU N 87 44.56 39.23 17.63
N SER N 88 43.99 40.05 16.75
CA SER N 88 43.39 39.57 15.52
C SER N 88 44.41 39.28 14.43
N ASP N 89 45.68 39.24 14.75
CA ASP N 89 46.74 39.08 13.77
C ASP N 89 47.30 37.67 13.83
N TYR N 90 47.65 37.15 12.67
CA TYR N 90 48.29 35.84 12.58
C TYR N 90 49.78 36.02 12.82
N PHE N 91 50.58 35.00 12.55
CA PHE N 91 52.01 35.13 12.70
C PHE N 91 52.61 35.60 11.38
N PRO N 92 53.15 36.79 11.30
CA PRO N 92 53.31 37.49 10.02
C PRO N 92 54.55 37.17 9.19
N LYS N 93 54.41 36.13 8.33
CA LYS N 93 54.95 36.04 6.98
C LYS N 93 56.32 36.65 6.76
N PRO N 94 57.41 36.03 7.22
CA PRO N 94 58.74 36.65 7.07
C PRO N 94 59.13 36.92 5.63
N TYR N 95 58.74 36.06 4.70
CA TYR N 95 58.92 36.30 3.27
C TYR N 95 57.54 36.34 2.61
N PRO N 96 57.19 37.41 1.88
CA PRO N 96 55.79 37.56 1.41
C PRO N 96 55.35 36.55 0.38
N ASN N 97 56.05 36.44 -0.71
CA ASN N 97 55.65 35.53 -1.77
C ASN N 97 56.31 34.17 -1.58
N PRO N 98 55.78 33.11 -2.18
CA PRO N 98 56.50 31.83 -2.13
C PRO N 98 57.79 31.84 -2.92
N GLU N 99 57.77 32.36 -4.14
CA GLU N 99 59.00 32.38 -4.94
C GLU N 99 59.97 33.44 -4.46
N ALA N 100 59.47 34.47 -3.77
CA ALA N 100 60.38 35.39 -3.12
C ALA N 100 61.07 34.74 -1.95
N ALA N 101 60.40 33.79 -1.29
CA ALA N 101 61.06 32.99 -0.26
C ALA N 101 62.05 32.02 -0.88
N ARG N 102 61.72 31.50 -2.07
CA ARG N 102 62.61 30.54 -2.72
C ARG N 102 63.87 31.21 -3.23
N ALA N 103 63.74 32.39 -3.82
CA ALA N 103 64.91 33.10 -4.29
C ALA N 103 65.72 33.71 -3.16
N ALA N 104 65.11 33.95 -2.00
CA ALA N 104 65.87 34.45 -0.86
C ALA N 104 66.79 33.38 -0.31
N ASN N 105 66.28 32.16 -0.15
CA ASN N 105 67.12 31.03 0.16
C ASN N 105 67.84 30.56 -1.10
N ASN N 106 68.54 29.44 -1.01
CA ASN N 106 69.28 28.89 -2.14
C ASN N 106 68.37 27.91 -2.89
N GLY N 107 67.21 28.41 -3.28
CA GLY N 107 66.12 27.56 -3.73
C GLY N 107 65.48 26.86 -2.54
N ALA N 108 64.50 26.00 -2.87
CA ALA N 108 63.87 25.05 -1.93
C ALA N 108 63.22 25.77 -0.74
N LEU N 109 62.13 26.48 -1.05
CA LEU N 109 61.44 27.31 -0.06
C LEU N 109 60.94 26.46 1.11
N PRO N 110 61.05 26.94 2.34
CA PRO N 110 60.74 26.10 3.49
C PRO N 110 59.26 26.01 3.73
N PRO N 111 58.76 24.81 4.07
CA PRO N 111 57.32 24.66 4.31
C PRO N 111 56.92 25.32 5.62
N ASP N 112 55.65 25.73 5.66
CA ASP N 112 55.15 26.37 6.87
C ASP N 112 54.95 25.34 7.98
N LEU N 113 54.98 25.83 9.22
CA LEU N 113 55.08 24.98 10.41
C LEU N 113 53.74 24.80 11.11
N SER N 114 52.66 24.63 10.36
CA SER N 114 51.41 24.33 11.04
C SER N 114 51.16 22.85 11.11
N TYR N 115 51.29 22.14 9.99
CA TYR N 115 50.87 20.74 9.90
C TYR N 115 52.06 19.81 9.64
N ILE N 116 53.26 20.23 10.01
CA ILE N 116 54.46 19.42 9.75
C ILE N 116 54.45 18.17 10.61
N VAL N 117 54.03 18.28 11.86
CA VAL N 117 53.99 17.12 12.74
C VAL N 117 52.94 16.13 12.26
N ARG N 118 51.81 16.63 11.80
CA ARG N 118 50.72 15.77 11.37
C ARG N 118 50.79 15.45 9.88
N ALA N 119 51.90 15.79 9.20
CA ALA N 119 51.89 15.61 7.75
C ALA N 119 53.20 15.07 7.16
N ARG N 120 53.94 14.23 7.89
CA ARG N 120 55.22 13.79 7.34
C ARG N 120 55.44 12.28 7.52
N HIS N 121 54.38 11.48 7.36
CA HIS N 121 54.41 10.01 7.48
C HIS N 121 54.99 9.56 8.82
N GLY N 122 54.71 10.33 9.86
CA GLY N 122 55.34 10.15 11.15
C GLY N 122 55.15 11.39 11.99
N GLY N 123 55.20 11.19 13.30
CA GLY N 123 54.88 12.25 14.24
C GLY N 123 56.00 13.26 14.40
N GLU N 124 56.08 13.83 15.60
CA GLU N 124 57.13 14.78 15.92
C GLU N 124 58.49 14.11 16.12
N ASP N 125 58.53 12.77 16.14
CA ASP N 125 59.80 12.07 16.12
C ASP N 125 60.58 12.37 14.85
N TYR N 126 59.86 12.55 13.73
CA TYR N 126 60.51 12.93 12.48
C TYR N 126 61.16 14.29 12.59
N VAL N 127 60.47 15.26 13.18
CA VAL N 127 61.01 16.60 13.33
C VAL N 127 62.18 16.59 14.30
N PHE N 128 62.11 15.78 15.35
CA PHE N 128 63.20 15.73 16.32
C PHE N 128 64.44 15.12 15.71
N SER N 129 64.29 13.98 15.02
CA SER N 129 65.45 13.33 14.44
C SER N 129 66.02 14.13 13.29
N LEU N 130 65.17 14.87 12.58
CA LEU N 130 65.63 15.81 11.57
C LEU N 130 66.51 16.88 12.18
N LEU N 131 65.99 17.53 13.22
CA LEU N 131 66.65 18.67 13.81
C LEU N 131 67.88 18.28 14.63
N THR N 132 68.01 17.00 15.01
CA THR N 132 69.17 16.60 15.78
C THR N 132 70.16 15.72 15.03
N GLY N 133 69.82 15.25 13.82
CA GLY N 133 70.63 14.22 13.21
C GLY N 133 71.62 14.61 12.13
N TYR N 134 72.19 15.81 12.20
CA TYR N 134 73.22 16.20 11.25
C TYR N 134 74.51 15.45 11.53
N CYS N 135 75.21 15.06 10.46
CA CYS N 135 76.38 14.21 10.60
C CYS N 135 77.27 14.38 9.38
N GLU N 136 78.21 13.45 9.20
CA GLU N 136 79.27 13.27 8.21
C GLU N 136 78.71 12.64 6.94
N PRO N 137 79.03 13.18 5.78
CA PRO N 137 78.66 12.52 4.50
C PRO N 137 79.73 11.56 4.03
N PRO N 138 79.41 10.26 3.93
CA PRO N 138 80.35 9.29 3.30
C PRO N 138 80.23 9.16 1.78
N ARG N 139 80.94 10.04 1.07
CA ARG N 139 81.19 9.96 -0.38
C ARG N 139 79.89 10.07 -1.19
N VAL N 140 79.27 11.24 -1.08
CA VAL N 140 78.04 11.56 -1.82
C VAL N 140 78.26 12.85 -2.60
N SER N 141 77.20 13.35 -3.25
CA SER N 141 77.35 14.45 -4.21
C SER N 141 77.50 15.81 -3.51
N LEU N 142 76.44 16.24 -2.80
CA LEU N 142 76.37 17.50 -2.05
C LEU N 142 76.60 18.73 -2.96
N ARG N 143 75.61 18.98 -3.82
CA ARG N 143 75.73 20.01 -4.85
C ARG N 143 75.74 21.42 -4.27
N GLU N 144 76.86 21.81 -3.67
CA GLU N 144 77.35 23.17 -3.46
C GLU N 144 76.61 23.95 -2.36
N GLY N 145 75.45 23.49 -1.92
CA GLY N 145 74.80 24.16 -0.82
C GLY N 145 74.00 23.28 0.10
N LEU N 146 73.95 21.99 -0.21
CA LEU N 146 72.98 21.10 0.38
C LEU N 146 73.67 20.22 1.41
N TYR N 147 73.11 20.17 2.61
CA TYR N 147 73.75 19.49 3.72
C TYR N 147 73.24 18.06 3.82
N PHE N 148 73.91 17.26 4.65
CA PHE N 148 73.61 15.85 4.77
C PHE N 148 72.91 15.58 6.09
N ASN N 149 71.77 14.91 6.02
CA ASN N 149 70.99 14.53 7.19
C ASN N 149 70.17 13.31 6.80
N PRO N 150 70.35 12.18 7.48
CA PRO N 150 69.74 10.93 7.00
C PRO N 150 68.23 10.87 7.11
N TYR N 151 67.61 11.66 7.98
CA TYR N 151 66.16 11.56 8.20
C TYR N 151 65.37 12.40 7.20
N PHE N 152 65.63 12.23 5.90
CA PHE N 152 65.00 13.05 4.89
C PHE N 152 65.05 12.30 3.58
N PRO N 153 63.98 12.28 2.81
CA PRO N 153 64.02 11.61 1.51
C PRO N 153 64.89 12.34 0.49
N GLY N 154 66.03 11.75 0.15
CA GLY N 154 66.98 12.33 -0.78
C GLY N 154 68.31 12.70 -0.16
N GLN N 155 68.35 12.89 1.16
CA GLN N 155 69.56 13.16 1.94
C GLN N 155 70.26 14.43 1.50
N ALA N 156 69.49 15.49 1.27
CA ALA N 156 70.05 16.76 0.82
C ALA N 156 69.09 17.87 1.23
N ILE N 157 69.44 18.63 2.26
CA ILE N 157 68.55 19.61 2.86
C ILE N 157 69.18 20.98 2.74
N GLY N 158 68.41 21.95 2.24
CA GLY N 158 68.88 23.32 2.13
C GLY N 158 68.62 24.15 3.37
N MET N 159 68.59 23.51 4.53
CA MET N 159 68.42 24.16 5.80
C MET N 159 69.71 24.02 6.58
N ALA N 160 70.35 25.15 6.88
CA ALA N 160 71.51 25.14 7.76
C ALA N 160 71.07 24.71 9.16
N PRO N 161 71.87 23.89 9.84
CA PRO N 161 71.43 23.28 11.12
C PRO N 161 71.31 24.31 12.23
N PRO N 162 70.09 24.61 12.66
CA PRO N 162 69.83 25.81 13.46
C PRO N 162 69.69 25.60 14.96
N ILE N 163 69.85 24.38 15.46
CA ILE N 163 69.29 24.11 16.78
C ILE N 163 70.23 24.53 17.90
N TYR N 164 71.53 24.27 17.77
CA TYR N 164 72.47 24.66 18.81
C TYR N 164 73.27 25.90 18.45
N ASN N 165 73.46 26.16 17.17
CA ASN N 165 74.14 27.36 16.71
C ASN N 165 73.37 28.59 17.17
N GLU N 166 74.03 29.39 18.03
CA GLU N 166 73.48 30.58 18.68
C GLU N 166 72.24 30.22 19.50
N VAL N 167 72.51 29.50 20.61
CA VAL N 167 71.54 29.17 21.65
C VAL N 167 70.76 30.40 22.09
N LEU N 168 69.48 30.21 22.37
CA LEU N 168 68.55 31.32 22.40
C LEU N 168 68.31 31.91 23.78
N GLU N 169 68.79 31.27 24.85
CA GLU N 169 68.78 31.80 26.21
C GLU N 169 67.34 32.08 26.70
N PHE N 170 66.67 30.97 27.01
CA PHE N 170 65.30 30.96 27.53
C PHE N 170 65.10 31.93 28.70
N ASP N 171 63.87 32.41 28.83
CA ASP N 171 63.56 33.43 29.82
C ASP N 171 63.57 32.88 31.24
N ASP N 172 63.12 31.64 31.44
CA ASP N 172 62.97 31.09 32.78
C ASP N 172 64.30 30.73 33.41
N GLY N 173 65.33 30.47 32.61
CA GLY N 173 66.55 29.92 33.12
C GLY N 173 66.66 28.42 32.97
N THR N 174 65.83 27.81 32.15
CA THR N 174 65.99 26.40 31.84
C THR N 174 67.24 26.22 30.97
N PRO N 175 68.16 25.33 31.36
CA PRO N 175 69.46 25.24 30.67
C PRO N 175 69.33 24.79 29.22
N ALA N 176 69.87 25.61 28.33
CA ALA N 176 69.75 25.40 26.90
C ALA N 176 70.85 24.46 26.42
N THR N 177 70.53 23.18 26.40
CA THR N 177 71.35 22.17 25.73
C THR N 177 70.89 22.08 24.27
N MET N 178 71.23 21.00 23.58
CA MET N 178 70.66 20.78 22.25
C MET N 178 69.32 20.04 22.33
N SER N 179 69.30 18.95 23.11
CA SER N 179 68.10 18.10 23.17
C SER N 179 66.94 18.81 23.82
N GLN N 180 67.20 19.70 24.78
CA GLN N 180 66.09 20.31 25.50
C GLN N 180 65.40 21.36 24.64
N VAL N 181 66.17 22.18 23.91
CA VAL N 181 65.57 23.16 23.02
C VAL N 181 64.90 22.46 21.82
N ALA N 182 65.44 21.33 21.37
CA ALA N 182 64.78 20.59 20.30
C ALA N 182 63.48 19.96 20.78
N LYS N 183 63.46 19.45 22.01
CA LYS N 183 62.24 18.87 22.57
C LYS N 183 61.18 19.94 22.77
N ASP N 184 61.59 21.15 23.15
CA ASP N 184 60.65 22.26 23.33
C ASP N 184 60.00 22.64 22.01
N VAL N 185 60.79 22.78 20.94
CA VAL N 185 60.18 23.20 19.69
C VAL N 185 59.36 22.06 19.08
N CYS N 186 59.70 20.80 19.39
CA CYS N 186 58.87 19.70 18.91
C CYS N 186 57.53 19.64 19.64
N THR N 187 57.53 19.93 20.95
CA THR N 187 56.28 20.02 21.69
C THR N 187 55.41 21.15 21.16
N PHE N 188 56.03 22.30 20.88
CA PHE N 188 55.26 23.43 20.34
C PHE N 188 54.71 23.13 18.95
N LEU N 189 55.45 22.38 18.13
CA LEU N 189 54.91 22.04 16.82
C LEU N 189 53.80 21.01 16.92
N ARG N 190 53.88 20.11 17.91
CA ARG N 190 52.75 19.22 18.19
C ARG N 190 51.51 20.00 18.57
N TRP N 191 51.69 21.05 19.38
CA TRP N 191 50.57 21.89 19.77
C TRP N 191 50.02 22.65 18.57
N ALA N 192 50.90 23.17 17.71
CA ALA N 192 50.45 23.91 16.54
C ALA N 192 49.81 23.01 15.50
N ALA N 193 50.08 21.71 15.55
CA ALA N 193 49.34 20.78 14.70
C ALA N 193 47.96 20.52 15.28
N GLU N 194 47.87 20.25 16.58
CA GLU N 194 46.59 19.87 17.19
C GLU N 194 46.24 20.82 18.33
N PRO N 195 45.50 21.90 18.05
CA PRO N 195 45.08 22.81 19.12
C PRO N 195 44.01 22.26 20.03
N GLU N 196 43.49 21.07 19.76
CA GLU N 196 42.37 20.52 20.49
C GLU N 196 42.73 19.26 21.27
N HIS N 197 44.03 18.92 21.32
CA HIS N 197 44.49 17.64 21.88
C HIS N 197 44.11 17.47 23.34
N ASP N 198 44.23 18.54 24.11
CA ASP N 198 43.89 18.51 25.53
C ASP N 198 42.41 18.23 25.74
N HIS N 199 41.57 19.01 25.09
CA HIS N 199 40.15 18.83 25.31
C HIS N 199 39.61 17.60 24.61
N ARG N 200 40.29 17.13 23.55
CA ARG N 200 39.81 15.91 22.91
C ARG N 200 40.15 14.70 23.76
N LYS N 201 41.26 14.72 24.50
CA LYS N 201 41.46 13.61 25.41
C LYS N 201 40.65 13.74 26.68
N ARG N 202 40.25 14.94 27.07
CA ARG N 202 39.26 15.07 28.15
C ARG N 202 37.93 14.44 27.74
N MET N 203 37.44 14.74 26.54
CA MET N 203 36.21 14.12 26.10
C MET N 203 36.39 12.63 25.80
N GLY N 204 37.61 12.20 25.46
CA GLY N 204 37.86 10.78 25.33
C GLY N 204 37.77 10.04 26.65
N LEU N 205 38.25 10.66 27.73
CA LEU N 205 38.10 10.08 29.06
C LEU N 205 36.63 10.01 29.47
N LYS N 206 35.88 11.09 29.21
CA LYS N 206 34.46 11.08 29.57
C LYS N 206 33.67 10.09 28.72
N MET N 207 34.06 9.91 27.46
CA MET N 207 33.39 8.93 26.61
C MET N 207 33.72 7.50 27.05
N LEU N 208 34.97 7.26 27.51
CA LEU N 208 35.32 5.95 28.05
C LEU N 208 34.50 5.63 29.28
N LEU N 209 34.32 6.60 30.18
CA LEU N 209 33.51 6.35 31.36
C LEU N 209 32.03 6.17 31.00
N MET N 210 31.54 6.90 29.99
CA MET N 210 30.14 6.74 29.59
C MET N 210 29.89 5.38 28.92
N MET N 211 30.79 4.94 28.07
CA MET N 211 30.58 3.67 27.40
C MET N 211 31.06 2.49 28.21
N GLY N 212 31.65 2.73 29.38
CA GLY N 212 31.86 1.67 30.33
C GLY N 212 30.70 1.59 31.31
N LEU N 213 30.03 2.71 31.55
CA LEU N 213 28.94 2.73 32.51
C LEU N 213 27.58 2.46 31.86
N LEU N 214 27.46 2.63 30.55
CA LEU N 214 26.18 2.58 29.87
C LEU N 214 25.98 1.31 29.06
N LEU N 215 26.93 0.96 28.21
CA LEU N 215 26.86 -0.18 27.31
C LEU N 215 26.63 -1.54 27.98
N PRO N 216 27.11 -1.82 29.22
CA PRO N 216 26.63 -3.05 29.86
C PRO N 216 25.16 -3.03 30.20
N LEU N 217 24.60 -1.85 30.50
CA LEU N 217 23.18 -1.79 30.81
C LEU N 217 22.32 -2.01 29.57
N VAL N 218 22.77 -1.50 28.42
CA VAL N 218 22.03 -1.70 27.18
C VAL N 218 22.09 -3.16 26.76
N TYR N 219 23.23 -3.80 27.02
CA TYR N 219 23.35 -5.24 26.74
C TYR N 219 22.47 -6.04 27.68
N ALA N 220 22.36 -5.61 28.93
CA ALA N 220 21.45 -6.25 29.87
C ALA N 220 20.00 -6.11 29.43
N MET N 221 19.64 -4.93 28.92
CA MET N 221 18.26 -4.72 28.51
C MET N 221 17.94 -5.47 27.22
N LYS N 222 18.93 -5.59 26.33
CA LYS N 222 18.78 -6.42 25.14
C LYS N 222 18.52 -7.88 25.52
N ARG N 223 19.32 -8.39 26.45
CA ARG N 223 19.13 -9.78 26.87
C ARG N 223 17.84 -9.96 27.64
N HIS N 224 17.38 -8.90 28.32
CA HIS N 224 16.13 -8.97 29.06
C HIS N 224 14.91 -8.96 28.15
N LYS N 225 14.98 -8.27 27.01
CA LYS N 225 13.86 -8.32 26.07
C LYS N 225 13.93 -9.50 25.11
N TRP N 226 15.12 -9.99 24.79
CA TRP N 226 15.23 -11.26 24.08
C TRP N 226 15.15 -12.47 24.99
N SER N 227 14.93 -12.26 26.28
CA SER N 227 14.96 -13.35 27.25
C SER N 227 13.84 -14.36 27.05
N VAL N 228 12.73 -13.95 26.45
CA VAL N 228 11.60 -14.87 26.28
C VAL N 228 11.93 -15.91 25.21
N LEU N 229 12.36 -15.46 24.03
CA LEU N 229 12.60 -16.35 22.90
C LEU N 229 13.85 -17.19 23.10
N LYS N 230 14.74 -16.83 24.01
CA LYS N 230 15.82 -17.73 24.36
C LYS N 230 15.32 -18.94 25.12
N SER N 231 14.20 -18.79 25.84
CA SER N 231 13.72 -19.83 26.73
C SER N 231 12.44 -20.49 26.25
N ARG N 232 11.96 -20.16 25.05
CA ARG N 232 10.73 -20.76 24.55
C ARG N 232 10.99 -22.19 24.11
N LYS N 233 10.00 -23.05 24.29
CA LYS N 233 10.22 -24.48 24.15
C LYS N 233 9.03 -25.13 23.46
N LEU N 234 9.31 -25.98 22.50
CA LEU N 234 8.29 -26.48 21.60
C LEU N 234 7.91 -27.92 21.93
N ALA N 235 6.77 -28.33 21.39
CA ALA N 235 6.30 -29.70 21.53
C ALA N 235 5.39 -29.99 20.36
N TYR N 236 5.29 -31.27 20.01
CA TYR N 236 4.66 -31.69 18.77
C TYR N 236 3.40 -32.49 19.09
N ARG N 237 2.24 -31.87 18.88
CA ARG N 237 0.95 -32.53 18.99
C ARG N 237 0.28 -32.69 17.62
N PRO N 238 0.35 -33.90 17.08
CA PRO N 238 -0.65 -34.38 16.12
C PRO N 238 -1.70 -35.20 16.83
N PRO N 239 -2.74 -35.66 16.13
CA PRO N 239 -3.57 -36.71 16.73
C PRO N 239 -2.85 -38.05 16.82
N HIS O 2 -5.32 -34.18 25.20
CA HIS O 2 -4.75 -32.88 25.52
C HIS O 2 -4.54 -32.76 27.01
N THR O 3 -4.97 -33.80 27.73
CA THR O 3 -4.87 -33.78 29.19
C THR O 3 -3.44 -33.97 29.67
N ASP O 4 -2.60 -34.57 28.85
CA ASP O 4 -1.20 -34.81 29.18
C ASP O 4 -0.29 -33.66 28.78
N ILE O 5 -0.82 -32.45 28.69
CA ILE O 5 -0.05 -31.28 28.30
C ILE O 5 0.26 -30.51 29.57
N LYS O 6 1.40 -30.82 30.17
CA LYS O 6 1.98 -30.03 31.23
C LYS O 6 3.27 -29.41 30.72
N VAL O 7 3.72 -28.37 31.40
CA VAL O 7 4.92 -27.67 30.97
C VAL O 7 6.14 -28.50 31.35
N PRO O 8 7.22 -28.45 30.57
CA PRO O 8 8.53 -28.77 31.13
C PRO O 8 9.06 -27.53 31.82
N ASP O 9 9.20 -27.61 33.15
CA ASP O 9 9.36 -26.40 33.94
C ASP O 9 10.75 -25.79 33.77
N PHE O 10 10.82 -24.48 33.96
CA PHE O 10 12.02 -23.70 33.69
C PHE O 10 12.73 -23.35 34.98
N SER O 11 12.79 -24.32 35.90
CA SER O 11 13.42 -24.16 37.20
C SER O 11 14.91 -23.87 37.10
N ASP O 12 15.55 -24.17 35.96
CA ASP O 12 16.89 -23.67 35.72
C ASP O 12 16.90 -22.17 35.44
N TYR O 13 15.81 -21.62 34.89
CA TYR O 13 15.83 -20.26 34.38
C TYR O 13 15.25 -19.24 35.35
N ARG O 14 14.67 -19.66 36.46
CA ARG O 14 13.92 -18.74 37.30
C ARG O 14 14.83 -17.95 38.24
N ARG O 15 14.35 -16.77 38.62
CA ARG O 15 15.05 -15.94 39.59
C ARG O 15 14.91 -16.55 40.98
N PRO O 16 15.90 -16.35 41.87
CA PRO O 16 15.87 -17.03 43.17
C PRO O 16 14.77 -16.58 44.11
N GLU O 17 14.07 -15.49 43.83
CA GLU O 17 12.93 -15.12 44.66
C GLU O 17 11.71 -15.97 44.38
N VAL O 18 11.69 -16.66 43.24
CA VAL O 18 10.51 -17.38 42.76
C VAL O 18 10.60 -18.88 43.03
N LEU O 19 11.82 -19.42 43.14
CA LEU O 19 12.14 -20.80 42.77
C LEU O 19 11.37 -21.85 43.58
N ASP O 20 10.91 -21.52 44.79
CA ASP O 20 10.12 -22.47 45.56
C ASP O 20 8.74 -22.63 44.95
N SER O 21 8.29 -23.88 44.81
CA SER O 21 6.96 -24.18 44.28
C SER O 21 5.90 -24.25 45.36
N THR O 22 6.21 -23.76 46.55
CA THR O 22 5.28 -23.73 47.68
C THR O 22 4.99 -22.33 48.16
N LYS O 23 5.94 -21.41 48.03
CA LYS O 23 5.71 -20.02 48.41
C LYS O 23 4.81 -19.33 47.38
N SER O 24 4.34 -18.14 47.75
CA SER O 24 3.51 -17.35 46.86
C SER O 24 4.39 -16.65 45.82
N SER O 25 3.73 -16.03 44.84
CA SER O 25 4.43 -15.27 43.82
C SER O 25 4.05 -13.80 43.81
N LYS O 26 3.39 -13.32 44.87
CA LYS O 26 2.99 -11.93 44.94
C LYS O 26 4.07 -11.03 45.53
N GLU O 27 4.60 -11.40 46.69
CA GLU O 27 5.52 -10.50 47.38
C GLU O 27 6.91 -10.48 46.76
N SER O 28 7.23 -11.41 45.87
CA SER O 28 8.48 -11.38 45.13
C SER O 28 8.35 -10.74 43.76
N SER O 29 7.27 -10.01 43.53
CA SER O 29 7.04 -9.32 42.26
C SER O 29 7.52 -7.88 42.26
N GLU O 30 7.33 -7.20 43.39
CA GLU O 30 7.61 -5.77 43.48
C GLU O 30 9.09 -5.48 43.28
N ALA O 31 9.95 -6.20 44.01
CA ALA O 31 11.39 -6.00 43.90
C ALA O 31 11.91 -6.39 42.53
N ARG O 32 11.28 -7.37 41.89
CA ARG O 32 11.71 -7.85 40.60
C ARG O 32 11.42 -6.84 39.49
N LYS O 33 10.18 -6.32 39.46
CA LYS O 33 9.85 -5.23 38.55
C LYS O 33 10.66 -3.99 38.83
N GLY O 34 10.97 -3.73 40.12
CA GLY O 34 11.81 -2.60 40.46
C GLY O 34 13.23 -2.75 39.95
N PHE O 35 13.74 -3.97 39.94
CA PHE O 35 15.09 -4.21 39.44
C PHE O 35 15.17 -4.00 37.93
N SER O 36 14.22 -4.58 37.18
CA SER O 36 14.24 -4.42 35.72
C SER O 36 14.01 -2.96 35.31
N TYR O 37 13.03 -2.31 35.96
CA TYR O 37 12.79 -0.91 35.66
C TYR O 37 13.90 -0.01 36.17
N LEU O 38 14.67 -0.43 37.17
CA LEU O 38 15.85 0.29 37.59
C LEU O 38 16.91 0.30 36.49
N ILE O 39 17.11 -0.85 35.86
CA ILE O 39 18.07 -0.92 34.74
C ILE O 39 17.63 -0.04 33.58
N THR O 40 16.32 -0.07 33.25
CA THR O 40 15.82 0.78 32.17
C THR O 40 15.96 2.26 32.49
N ALA O 41 15.73 2.63 33.76
CA ALA O 41 15.84 4.02 34.16
C ALA O 41 17.26 4.54 34.07
N THR O 42 18.24 3.72 34.47
CA THR O 42 19.62 4.19 34.42
C THR O 42 20.12 4.28 32.97
N THR O 43 19.69 3.34 32.11
CA THR O 43 20.00 3.45 30.69
C THR O 43 19.40 4.71 30.07
N THR O 44 18.17 5.05 30.45
CA THR O 44 17.51 6.24 29.91
C THR O 44 18.21 7.52 30.39
N VAL O 45 18.69 7.52 31.64
CA VAL O 45 19.45 8.66 32.16
C VAL O 45 20.73 8.87 31.36
N GLY O 46 21.45 7.78 31.10
CA GLY O 46 22.69 7.91 30.33
C GLY O 46 22.48 8.37 28.90
N VAL O 47 21.44 7.85 28.24
CA VAL O 47 21.16 8.22 26.85
C VAL O 47 20.71 9.68 26.77
N ALA O 48 19.88 10.12 27.72
CA ALA O 48 19.44 11.51 27.74
C ALA O 48 20.61 12.46 28.01
N TYR O 49 21.55 12.04 28.85
CA TYR O 49 22.76 12.82 29.08
C TYR O 49 23.58 12.99 27.80
N ALA O 50 23.86 11.88 27.12
CA ALA O 50 24.68 11.95 25.90
C ALA O 50 24.00 12.74 24.80
N ALA O 51 22.67 12.61 24.69
CA ALA O 51 21.93 13.31 23.67
C ALA O 51 21.90 14.82 23.93
N LYS O 52 21.68 15.24 25.19
CA LYS O 52 21.66 16.67 25.45
C LYS O 52 23.06 17.28 25.35
N ASN O 53 24.11 16.49 25.60
CA ASN O 53 25.44 17.05 25.41
C ASN O 53 25.81 17.17 23.93
N VAL O 54 25.37 16.22 23.10
CA VAL O 54 25.60 16.36 21.64
C VAL O 54 24.83 17.55 21.09
N VAL O 55 23.59 17.75 21.54
CA VAL O 55 22.80 18.90 21.10
C VAL O 55 23.44 20.21 21.58
N SER O 56 23.98 20.23 22.81
CA SER O 56 24.63 21.44 23.32
C SER O 56 25.90 21.75 22.54
N GLN O 57 26.64 20.72 22.13
CA GLN O 57 27.85 20.96 21.34
C GLN O 57 27.52 21.43 19.93
N PHE O 58 26.44 20.93 19.33
CA PHE O 58 26.11 21.42 17.99
C PHE O 58 25.55 22.85 18.02
N VAL O 59 24.73 23.16 19.02
CA VAL O 59 24.24 24.53 19.16
C VAL O 59 25.39 25.49 19.45
N SER O 60 26.36 25.06 20.27
CA SER O 60 27.55 25.87 20.48
C SER O 60 28.44 25.92 19.24
N SER O 61 28.34 24.94 18.34
CA SER O 61 29.04 25.05 17.07
C SER O 61 28.38 26.09 16.17
N MET O 62 27.07 26.26 16.29
CA MET O 62 26.38 27.28 15.52
C MET O 62 26.32 28.63 16.22
N SER O 63 26.98 28.79 17.37
CA SER O 63 26.83 30.04 18.12
C SER O 63 27.65 31.17 17.50
N ALA O 64 28.96 31.02 17.47
CA ALA O 64 29.86 32.07 16.99
C ALA O 64 31.18 31.41 16.63
N SER O 65 32.20 32.23 16.47
CA SER O 65 33.57 31.77 16.26
C SER O 65 34.43 32.32 17.41
N ALA O 66 35.74 32.16 17.26
CA ALA O 66 36.69 32.82 18.16
C ALA O 66 37.22 34.12 17.60
N ASP O 67 37.48 34.17 16.29
CA ASP O 67 37.97 35.40 15.68
C ASP O 67 36.87 36.45 15.52
N VAL O 68 35.61 36.04 15.58
CA VAL O 68 34.52 37.02 15.59
C VAL O 68 34.44 37.67 16.97
N LEU O 69 34.86 36.96 18.02
CA LEU O 69 34.96 37.52 19.36
C LEU O 69 36.26 38.29 19.58
N ALA O 70 36.94 38.70 18.52
CA ALA O 70 38.18 39.47 18.61
C ALA O 70 37.95 40.94 18.26
N MET O 71 36.83 41.51 18.69
CA MET O 71 36.48 42.88 18.36
C MET O 71 36.35 43.73 19.61
N SER O 72 37.08 44.83 19.66
CA SER O 72 37.23 45.63 20.87
C SER O 72 37.38 47.11 20.48
N LYS O 73 37.93 47.90 21.40
CA LYS O 73 37.85 49.36 21.38
C LYS O 73 38.60 49.98 20.19
N ILE O 74 38.39 51.28 20.03
CA ILE O 74 39.04 52.10 19.00
C ILE O 74 39.12 53.51 19.55
N GLU O 75 39.83 54.40 18.86
CA GLU O 75 39.72 55.82 19.10
C GLU O 75 39.36 56.54 17.79
N ILE O 76 38.44 57.50 17.90
CA ILE O 76 37.82 58.16 16.76
C ILE O 76 38.06 59.66 16.88
N LYS O 77 38.41 60.30 15.77
CA LYS O 77 38.71 61.73 15.75
C LYS O 77 37.49 62.52 15.27
N LEU O 78 37.25 63.67 15.92
CA LEU O 78 36.12 64.53 15.58
C LEU O 78 36.52 65.86 14.97
N SER O 79 37.81 66.05 14.63
CA SER O 79 38.29 67.37 14.22
C SER O 79 37.86 67.75 12.80
N ASP O 80 37.59 66.77 11.94
CA ASP O 80 37.40 67.04 10.53
C ASP O 80 36.02 67.59 10.18
N ILE O 81 35.02 67.35 11.03
CA ILE O 81 33.62 67.54 10.64
C ILE O 81 33.27 69.03 10.74
N PRO O 82 32.69 69.62 9.69
CA PRO O 82 32.15 70.98 9.80
C PRO O 82 30.83 71.03 10.56
N GLU O 83 30.18 72.20 10.53
CA GLU O 83 28.97 72.44 11.29
C GLU O 83 27.78 71.64 10.76
N GLY O 84 27.07 70.96 11.66
CA GLY O 84 25.78 70.39 11.36
C GLY O 84 25.78 69.15 10.50
N LYS O 85 26.84 68.34 10.55
CA LYS O 85 26.99 67.24 9.63
C LYS O 85 27.46 66.00 10.39
N ASN O 86 27.18 64.83 9.83
CA ASN O 86 27.42 63.54 10.45
C ASN O 86 28.54 62.81 9.71
N MET O 87 29.39 62.11 10.47
CA MET O 87 30.44 61.25 9.93
C MET O 87 30.30 59.86 10.52
N ALA O 88 30.49 58.84 9.70
CA ALA O 88 30.28 57.45 10.09
C ALA O 88 31.60 56.69 10.15
N PHE O 89 31.66 55.74 11.08
CA PHE O 89 32.83 54.90 11.26
C PHE O 89 32.42 53.46 11.55
N LYS O 90 33.07 52.51 10.90
CA LYS O 90 32.72 51.10 11.09
C LYS O 90 33.26 50.59 12.42
N TRP O 91 32.40 49.90 13.18
CA TRP O 91 32.76 49.39 14.50
C TRP O 91 31.78 48.29 14.88
N ARG O 92 32.31 47.07 15.09
CA ARG O 92 31.51 45.85 15.34
C ARG O 92 30.46 45.61 14.26
N GLY O 93 30.84 45.83 13.01
CA GLY O 93 29.93 45.59 11.91
C GLY O 93 28.75 46.54 11.81
N LYS O 94 28.78 47.65 12.52
CA LYS O 94 27.73 48.65 12.48
C LYS O 94 28.36 50.02 12.32
N PRO O 95 27.64 50.97 11.72
CA PRO O 95 28.15 52.34 11.65
C PRO O 95 28.19 53.01 13.01
N LEU O 96 28.88 54.14 13.04
CA LEU O 96 29.24 54.85 14.26
C LEU O 96 29.17 56.33 13.94
N PHE O 97 28.13 57.00 14.43
CA PHE O 97 27.89 58.39 14.11
C PHE O 97 28.65 59.32 15.05
N VAL O 98 29.27 60.35 14.47
CA VAL O 98 29.70 61.54 15.20
C VAL O 98 29.22 62.75 14.42
N ARG O 99 28.35 63.55 15.02
CA ARG O 99 27.70 64.64 14.31
C ARG O 99 27.92 65.95 15.05
N HIS O 100 28.33 66.98 14.31
CA HIS O 100 28.36 68.33 14.84
C HIS O 100 27.03 69.00 14.54
N ARG O 101 26.49 69.68 15.55
CA ARG O 101 25.15 70.25 15.50
C ARG O 101 25.18 71.74 15.82
N THR O 102 24.05 72.37 15.55
CA THR O 102 23.84 73.79 15.78
C THR O 102 23.35 74.01 17.21
N LYS O 103 23.77 75.12 17.81
CA LYS O 103 23.25 75.51 19.12
C LYS O 103 21.75 75.78 19.07
N LYS O 104 21.25 76.23 17.91
CA LYS O 104 19.82 76.45 17.73
C LYS O 104 19.05 75.13 17.73
N GLU O 105 19.66 74.06 17.21
CA GLU O 105 19.06 72.73 17.30
C GLU O 105 18.98 72.27 18.74
N ILE O 106 19.99 72.60 19.55
CA ILE O 106 19.97 72.32 20.99
C ILE O 106 18.85 73.09 21.67
N ASP O 107 18.66 74.36 21.28
CA ASP O 107 17.64 75.18 21.91
C ASP O 107 16.23 74.70 21.56
N GLN O 108 16.01 74.33 20.29
CA GLN O 108 14.74 73.75 19.88
C GLN O 108 14.50 72.41 20.57
N GLU O 109 15.54 71.61 20.73
CA GLU O 109 15.39 70.31 21.36
C GLU O 109 15.17 70.43 22.86
N ALA O 110 15.65 71.52 23.46
CA ALA O 110 15.30 71.84 24.84
C ALA O 110 13.90 72.41 24.95
N ALA O 111 13.37 72.99 23.86
CA ALA O 111 12.01 73.51 23.87
C ALA O 111 10.96 72.41 23.72
N VAL O 112 11.27 71.31 23.05
CA VAL O 112 10.29 70.25 22.83
C VAL O 112 10.16 69.42 24.11
N GLU O 113 8.94 68.97 24.38
CA GLU O 113 8.65 68.29 25.64
C GLU O 113 9.20 66.87 25.63
N VAL O 114 9.29 66.30 26.84
CA VAL O 114 9.94 65.02 27.04
C VAL O 114 8.95 63.92 27.41
N SER O 115 7.84 64.25 28.09
CA SER O 115 6.90 63.24 28.56
C SER O 115 6.07 62.62 27.44
N GLN O 116 6.02 63.26 26.26
CA GLN O 116 5.36 62.65 25.11
C GLN O 116 6.20 61.54 24.49
N LEU O 117 7.52 61.59 24.69
CA LEU O 117 8.42 60.60 24.13
C LEU O 117 8.26 59.27 24.87
N ARG O 118 8.22 58.17 24.11
CA ARG O 118 8.00 56.86 24.72
C ARG O 118 9.23 56.35 25.47
N ASP O 119 10.40 56.95 25.24
CA ASP O 119 11.54 56.82 26.14
C ASP O 119 11.85 58.23 26.62
N PRO O 120 11.45 58.59 27.85
CA PRO O 120 11.72 59.95 28.36
C PRO O 120 13.21 60.12 28.63
N GLN O 121 13.81 61.10 27.96
CA GLN O 121 15.24 61.34 28.05
C GLN O 121 15.51 62.76 27.58
N HIS O 122 16.18 63.55 28.42
CA HIS O 122 16.55 64.90 28.00
C HIS O 122 17.75 64.83 27.06
N ASP O 123 17.94 65.89 26.26
CA ASP O 123 19.07 65.94 25.33
C ASP O 123 20.39 65.96 26.08
N LEU O 124 20.44 66.63 27.23
CA LEU O 124 21.67 66.67 28.03
C LEU O 124 21.95 65.32 28.68
N GLU O 125 20.94 64.47 28.83
CA GLU O 125 21.16 63.08 29.21
C GLU O 125 21.74 62.27 28.06
N ARG O 126 21.54 62.72 26.82
CA ARG O 126 21.99 61.98 25.66
C ARG O 126 23.43 62.30 25.27
N VAL O 127 23.99 63.40 25.75
CA VAL O 127 25.26 63.89 25.24
C VAL O 127 25.96 64.70 26.32
N LYS O 128 27.30 64.64 26.30
CA LYS O 128 28.12 65.38 27.26
C LYS O 128 28.34 66.82 26.82
N LYS O 129 28.95 67.01 25.66
CA LYS O 129 29.07 68.34 25.07
C LYS O 129 27.88 68.57 24.14
N PRO O 130 27.09 69.63 24.33
CA PRO O 130 25.69 69.63 23.86
C PRO O 130 25.46 69.58 22.36
N GLU O 131 26.46 69.86 21.52
CA GLU O 131 26.26 69.75 20.07
C GLU O 131 27.01 68.60 19.42
N TRP O 132 28.20 68.25 19.90
CA TRP O 132 28.95 67.13 19.32
C TRP O 132 28.35 65.84 19.86
N VAL O 133 27.44 65.23 19.08
CA VAL O 133 26.71 64.05 19.54
C VAL O 133 27.38 62.80 18.96
N ILE O 134 27.52 61.77 19.81
CA ILE O 134 28.24 60.54 19.47
C ILE O 134 27.27 59.38 19.66
N LEU O 135 26.94 58.70 18.57
CA LEU O 135 25.88 57.72 18.54
C LEU O 135 26.37 56.43 17.91
N ILE O 136 25.66 55.34 18.21
CA ILE O 136 25.75 54.11 17.44
C ILE O 136 24.68 54.19 16.36
N GLY O 137 25.11 54.48 15.13
CA GLY O 137 24.18 54.85 14.08
C GLY O 137 23.36 53.73 13.49
N VAL O 138 22.43 53.18 14.29
CA VAL O 138 21.51 52.16 13.81
C VAL O 138 20.18 52.37 14.51
N CYS O 139 19.09 52.26 13.75
CA CYS O 139 17.76 52.33 14.34
C CYS O 139 17.52 51.12 15.23
N THR O 140 17.04 51.37 16.44
CA THR O 140 16.90 50.29 17.41
C THR O 140 15.64 49.46 17.21
N HIS O 141 14.84 49.75 16.19
CA HIS O 141 13.71 48.87 15.90
C HIS O 141 14.20 47.57 15.28
N LEU O 142 14.73 47.65 14.05
CA LEU O 142 15.04 46.44 13.30
C LEU O 142 16.34 46.53 12.53
N GLY O 143 17.21 47.47 12.86
CA GLY O 143 18.53 47.47 12.25
C GLY O 143 18.65 48.18 10.91
N CYS O 144 18.36 49.48 10.89
CA CYS O 144 18.60 50.29 9.71
C CYS O 144 19.35 51.56 10.11
N VAL O 145 20.04 52.15 9.14
CA VAL O 145 20.78 53.40 9.35
C VAL O 145 19.87 54.56 8.97
N PRO O 146 19.54 55.47 9.88
CA PRO O 146 18.59 56.54 9.58
C PRO O 146 19.19 57.60 8.66
N ILE O 147 18.32 58.23 7.89
CA ILE O 147 18.73 59.25 6.93
C ILE O 147 18.95 60.56 7.68
N ALA O 148 20.14 61.13 7.54
CA ALA O 148 20.42 62.40 8.19
C ALA O 148 19.66 63.54 7.53
N ASN O 149 19.32 64.54 8.36
CA ASN O 149 18.66 65.79 7.95
C ASN O 149 17.33 65.54 7.24
N ALA O 150 16.59 64.54 7.72
CA ALA O 150 15.35 64.14 7.08
C ALA O 150 14.28 63.95 8.14
N GLY O 151 13.16 63.36 7.73
CA GLY O 151 12.02 63.20 8.61
C GLY O 151 11.12 64.41 8.59
N ASP O 152 10.60 64.79 9.74
CA ASP O 152 9.80 66.00 9.87
C ASP O 152 10.28 66.91 10.99
N PHE O 153 11.49 66.66 11.50
CA PHE O 153 12.05 67.46 12.58
C PHE O 153 13.49 67.88 12.30
N GLY O 154 13.94 67.78 11.06
CA GLY O 154 15.30 68.15 10.71
C GLY O 154 16.35 67.24 11.27
N GLY O 155 16.14 65.92 11.19
CA GLY O 155 17.08 65.00 11.78
C GLY O 155 17.16 63.63 11.14
N TYR O 156 17.15 62.61 11.97
CA TYR O 156 17.38 61.24 11.54
C TYR O 156 16.05 60.58 11.18
N TYR O 157 15.91 60.18 9.92
CA TYR O 157 14.74 59.44 9.47
C TYR O 157 15.15 58.04 9.08
N CYS O 158 14.65 57.05 9.80
CA CYS O 158 14.86 55.67 9.40
C CYS O 158 13.91 55.34 8.25
N PRO O 159 14.42 54.94 7.09
CA PRO O 159 13.55 54.76 5.91
C PRO O 159 12.85 53.42 5.85
N CYS O 160 13.22 52.47 6.70
CA CYS O 160 12.71 51.11 6.58
C CYS O 160 11.24 51.03 6.96
N HIS O 161 10.86 51.59 8.11
CA HIS O 161 9.49 51.57 8.57
C HIS O 161 9.00 52.93 9.03
N GLY O 162 9.85 53.96 8.97
CA GLY O 162 9.44 55.29 9.31
C GLY O 162 9.61 55.66 10.77
N SER O 163 10.82 55.48 11.29
CA SER O 163 11.13 55.96 12.64
C SER O 163 11.57 57.42 12.53
N HIS O 164 10.70 58.34 12.94
CA HIS O 164 11.06 59.74 12.98
C HIS O 164 11.90 60.00 14.23
N TYR O 165 13.20 59.81 14.10
CA TYR O 165 14.13 60.31 15.11
C TYR O 165 14.44 61.77 14.77
N ASP O 166 15.46 62.33 15.41
CA ASP O 166 15.94 63.66 15.07
C ASP O 166 17.46 63.67 15.21
N ALA O 167 18.06 64.86 15.11
CA ALA O 167 19.50 64.97 15.27
C ALA O 167 19.93 64.78 16.72
N SER O 168 18.99 64.84 17.66
CA SER O 168 19.23 64.39 19.02
C SER O 168 18.98 62.91 19.19
N GLY O 169 18.01 62.35 18.47
CA GLY O 169 17.81 60.92 18.44
C GLY O 169 16.64 60.40 19.26
N ARG O 170 15.49 61.06 19.18
CA ARG O 170 14.33 60.66 19.95
C ARG O 170 13.14 60.46 19.03
N ILE O 171 12.43 59.35 19.23
CA ILE O 171 11.36 58.93 18.34
C ILE O 171 10.14 59.83 18.51
N ARG O 172 9.49 60.14 17.40
CA ARG O 172 8.26 60.94 17.41
C ARG O 172 7.06 60.21 16.85
N LYS O 173 7.25 59.38 15.82
CA LYS O 173 6.20 58.52 15.30
C LYS O 173 6.85 57.33 14.61
N GLY O 174 6.39 56.13 14.95
CA GLY O 174 6.89 54.94 14.31
C GLY O 174 6.92 53.73 15.22
N PRO O 175 7.36 52.59 14.69
CA PRO O 175 7.43 51.37 15.50
C PRO O 175 8.73 51.22 16.28
N ALA O 176 9.48 52.29 16.44
CA ALA O 176 10.72 52.23 17.22
C ALA O 176 10.39 52.09 18.70
N PRO O 177 10.88 51.05 19.38
CA PRO O 177 10.53 50.88 20.80
C PRO O 177 11.30 51.80 21.72
N LEU O 178 12.54 52.13 21.38
CA LEU O 178 13.41 52.94 22.23
C LEU O 178 14.08 54.02 21.38
N ASN O 179 14.96 54.79 22.00
CA ASN O 179 15.73 55.80 21.30
C ASN O 179 17.05 55.18 20.85
N LEU O 180 17.99 56.02 20.41
CA LEU O 180 19.22 55.53 19.80
C LEU O 180 20.15 54.89 20.83
N GLU O 181 21.16 54.20 20.30
CA GLU O 181 22.07 53.41 21.11
C GLU O 181 23.27 54.25 21.50
N VAL O 182 23.49 54.40 22.80
CA VAL O 182 24.59 55.22 23.31
C VAL O 182 25.84 54.36 23.43
N PRO O 183 27.00 54.88 23.03
CA PRO O 183 28.23 54.09 23.15
C PRO O 183 28.96 54.30 24.46
N SER O 184 30.11 53.65 24.61
CA SER O 184 31.05 53.96 25.68
C SER O 184 32.10 54.88 25.06
N TYR O 185 31.88 56.19 25.17
CA TYR O 185 32.72 57.19 24.55
C TYR O 185 33.38 58.05 25.63
N GLU O 186 34.69 58.23 25.53
CA GLU O 186 35.43 59.02 26.51
C GLU O 186 36.38 59.98 25.81
N PHE O 187 36.27 61.27 26.13
CA PHE O 187 37.07 62.30 25.45
C PHE O 187 38.52 62.25 25.87
N THR O 188 39.42 62.16 24.89
CA THR O 188 40.85 62.33 25.10
C THR O 188 41.34 63.55 24.31
N SER O 189 42.34 64.20 24.91
CA SER O 189 42.47 65.65 25.04
C SER O 189 42.13 66.53 23.84
N ASP O 190 42.91 66.42 22.76
CA ASP O 190 42.77 67.38 21.68
C ASP O 190 41.54 67.10 20.82
N ASP O 191 41.54 65.96 20.13
CA ASP O 191 40.59 65.68 19.08
C ASP O 191 40.05 64.27 19.13
N MET O 192 40.27 63.52 20.21
CA MET O 192 40.00 62.09 20.10
C MET O 192 38.95 61.67 21.11
N VAL O 193 38.32 60.53 20.84
CA VAL O 193 37.38 59.93 21.78
C VAL O 193 37.47 58.42 21.67
N ILE O 194 37.73 57.77 22.80
CA ILE O 194 37.80 56.31 22.86
C ILE O 194 36.38 55.76 22.78
N VAL O 195 36.18 54.80 21.88
CA VAL O 195 34.89 54.18 21.60
C VAL O 195 34.99 52.71 21.95
N GLY O 196 34.08 52.26 22.82
CA GLY O 196 33.99 50.86 23.21
C GLY O 196 32.59 50.47 23.63
N SER P 9 37.63 -48.15 -4.09
CA SER P 9 36.86 -47.65 -5.22
C SER P 9 35.42 -47.35 -4.82
N SER P 10 34.70 -48.39 -4.40
CA SER P 10 33.29 -48.23 -4.05
C SER P 10 33.14 -47.51 -2.72
N LYS P 11 33.72 -48.06 -1.65
CA LYS P 11 33.55 -47.47 -0.33
C LYS P 11 34.37 -46.21 -0.13
N TRP P 12 35.36 -45.97 -0.99
CA TRP P 12 36.07 -44.70 -0.98
C TRP P 12 35.13 -43.56 -1.34
N LEU P 13 34.31 -43.75 -2.37
CA LEU P 13 33.26 -42.79 -2.69
C LEU P 13 32.27 -42.67 -1.54
N GLU P 14 31.92 -43.80 -0.92
CA GLU P 14 31.04 -43.80 0.24
C GLU P 14 31.68 -43.08 1.42
N GLY P 15 33.01 -43.22 1.56
CA GLY P 15 33.70 -42.49 2.61
C GLY P 15 33.66 -41.00 2.37
N ILE P 16 33.80 -40.57 1.11
CA ILE P 16 33.70 -39.16 0.75
C ILE P 16 32.31 -38.62 1.05
N ARG P 17 31.27 -39.36 0.67
CA ARG P 17 29.90 -38.91 0.84
C ARG P 17 29.50 -38.86 2.32
N LYS P 18 29.92 -39.86 3.10
CA LYS P 18 29.61 -39.87 4.52
C LYS P 18 30.41 -38.80 5.27
N TRP P 19 31.67 -38.57 4.88
CA TRP P 19 32.44 -37.51 5.52
C TRP P 19 31.86 -36.14 5.21
N TYR P 20 31.47 -35.90 3.96
CA TYR P 20 30.86 -34.63 3.59
C TYR P 20 29.53 -34.43 4.29
N TYR P 21 28.78 -35.51 4.52
CA TYR P 21 27.52 -35.37 5.25
C TYR P 21 27.76 -35.11 6.73
N ASN P 22 28.83 -35.64 7.29
CA ASN P 22 29.14 -35.30 8.68
C ASN P 22 29.61 -33.85 8.80
N ALA P 23 30.38 -33.39 7.82
CA ALA P 23 30.95 -32.06 7.89
C ALA P 23 30.06 -30.98 7.29
N ALA P 24 28.88 -31.35 6.79
CA ALA P 24 27.94 -30.34 6.32
C ALA P 24 27.42 -29.50 7.47
N GLY P 25 26.80 -30.13 8.46
CA GLY P 25 26.41 -29.48 9.69
C GLY P 25 24.92 -29.45 9.96
N PHE P 26 24.08 -29.65 8.95
CA PHE P 26 22.65 -29.63 9.18
C PHE P 26 22.16 -30.89 9.88
N ASN P 27 22.93 -31.98 9.83
CA ASN P 27 22.57 -33.16 10.60
C ASN P 27 22.69 -32.93 12.10
N LYS P 28 23.49 -31.95 12.51
CA LYS P 28 23.65 -31.65 13.92
C LYS P 28 22.48 -30.85 14.49
N LEU P 29 21.59 -30.32 13.65
CA LEU P 29 20.46 -29.53 14.12
C LEU P 29 19.13 -30.26 13.95
N GLY P 30 19.16 -31.57 13.73
CA GLY P 30 17.93 -32.32 13.61
C GLY P 30 17.26 -32.21 12.27
N LEU P 31 18.01 -32.01 11.20
CA LEU P 31 17.48 -31.87 9.87
C LEU P 31 17.77 -33.13 9.05
N MET P 32 17.01 -33.31 7.99
CA MET P 32 17.27 -34.35 7.01
C MET P 32 17.68 -33.67 5.71
N ARG P 33 17.83 -34.47 4.65
CA ARG P 33 18.41 -33.97 3.40
C ARG P 33 17.45 -33.01 2.71
N ASP P 34 16.16 -33.18 2.90
CA ASP P 34 15.16 -32.39 2.20
C ASP P 34 14.40 -31.48 3.15
N ASP P 35 15.11 -30.87 4.09
CA ASP P 35 14.61 -29.74 4.84
C ASP P 35 15.43 -28.50 4.61
N THR P 36 16.41 -28.53 3.71
CA THR P 36 17.24 -27.39 3.36
C THR P 36 17.27 -27.22 1.85
N ILE P 37 16.11 -27.22 1.23
CA ILE P 37 16.04 -27.16 -0.22
C ILE P 37 15.75 -25.73 -0.65
N HIS P 38 16.43 -25.27 -1.69
CA HIS P 38 16.17 -23.96 -2.25
C HIS P 38 14.82 -23.95 -2.95
N GLU P 39 14.13 -22.83 -2.87
CA GLU P 39 12.78 -22.71 -3.40
C GLU P 39 12.77 -21.84 -4.64
N ASN P 40 12.34 -22.41 -5.75
CA ASN P 40 11.80 -21.72 -6.90
C ASN P 40 10.34 -22.15 -7.02
N ASP P 41 9.72 -21.84 -8.16
CA ASP P 41 8.33 -22.24 -8.37
C ASP P 41 8.20 -23.76 -8.45
N ASP P 42 9.25 -24.44 -8.90
CA ASP P 42 9.25 -25.90 -8.98
C ASP P 42 9.17 -26.53 -7.59
N VAL P 43 10.03 -26.08 -6.67
CA VAL P 43 10.07 -26.72 -5.37
C VAL P 43 8.90 -26.26 -4.52
N LYS P 44 8.35 -25.07 -4.80
CA LYS P 44 7.09 -24.69 -4.18
C LYS P 44 5.95 -25.58 -4.64
N GLU P 45 5.97 -25.98 -5.92
CA GLU P 45 5.00 -26.95 -6.41
C GLU P 45 5.17 -28.31 -5.72
N ALA P 46 6.43 -28.74 -5.54
CA ALA P 46 6.68 -30.04 -4.92
C ALA P 46 6.31 -30.05 -3.45
N ILE P 47 6.51 -28.93 -2.74
CA ILE P 47 6.06 -28.82 -1.36
C ILE P 47 4.54 -28.81 -1.30
N ARG P 48 3.90 -28.16 -2.28
CA ARG P 48 2.44 -28.16 -2.32
C ARG P 48 1.87 -29.55 -2.58
N ARG P 49 2.62 -30.41 -3.26
CA ARG P 49 2.11 -31.75 -3.57
C ARG P 49 2.44 -32.80 -2.52
N LEU P 50 2.88 -32.40 -1.33
CA LEU P 50 3.26 -33.38 -0.32
C LEU P 50 2.04 -33.99 0.37
N PRO P 51 2.22 -35.13 1.07
CA PRO P 51 1.18 -35.60 2.00
C PRO P 51 1.11 -34.76 3.27
N GLU P 52 0.32 -35.20 4.23
CA GLU P 52 0.03 -34.34 5.38
C GLU P 52 1.00 -34.57 6.54
N ASN P 53 1.25 -35.84 6.89
CA ASN P 53 2.06 -36.13 8.07
C ASN P 53 3.53 -35.78 7.83
N LEU P 54 4.03 -36.02 6.62
CA LEU P 54 5.39 -35.61 6.30
C LEU P 54 5.51 -34.10 6.26
N TYR P 55 4.46 -33.39 5.84
CA TYR P 55 4.50 -31.94 5.84
C TYR P 55 4.50 -31.40 7.27
N ASN P 56 3.77 -32.05 8.17
CA ASN P 56 3.78 -31.62 9.57
C ASN P 56 5.12 -31.90 10.22
N ASP P 57 5.75 -33.04 9.89
CA ASP P 57 7.09 -33.29 10.40
C ASP P 57 8.11 -32.34 9.79
N ARG P 58 7.87 -31.90 8.56
CA ARG P 58 8.76 -30.96 7.90
C ARG P 58 8.72 -29.60 8.59
N VAL P 59 7.51 -29.10 8.88
CA VAL P 59 7.45 -27.80 9.54
C VAL P 59 7.89 -27.90 11.00
N PHE P 60 7.77 -29.07 11.63
CA PHE P 60 8.28 -29.17 12.99
C PHE P 60 9.81 -29.21 13.01
N ARG P 61 10.44 -29.92 12.08
CA ARG P 61 11.90 -29.96 12.03
C ARG P 61 12.47 -28.60 11.66
N ILE P 62 11.81 -27.88 10.76
CA ILE P 62 12.23 -26.52 10.43
C ILE P 62 12.08 -25.59 11.62
N LYS P 63 11.01 -25.75 12.39
CA LYS P 63 10.79 -24.85 13.53
C LYS P 63 11.79 -25.14 14.65
N ARG P 64 12.16 -26.41 14.85
CA ARG P 64 13.22 -26.70 15.80
C ARG P 64 14.57 -26.17 15.33
N ALA P 65 14.84 -26.25 14.02
CA ALA P 65 16.10 -25.75 13.51
C ALA P 65 16.20 -24.23 13.66
N LEU P 66 15.08 -23.53 13.46
CA LEU P 66 15.11 -22.08 13.64
C LEU P 66 15.22 -21.70 15.11
N ASP P 67 14.63 -22.48 16.01
CA ASP P 67 14.85 -22.25 17.44
C ASP P 67 16.31 -22.47 17.83
N LEU P 68 16.90 -23.56 17.39
CA LEU P 68 18.26 -23.89 17.80
C LEU P 68 19.31 -23.11 17.03
N SER P 69 18.93 -22.35 16.01
CA SER P 69 19.81 -21.31 15.53
C SER P 69 19.46 -19.95 16.10
N MET P 70 18.29 -19.83 16.74
CA MET P 70 17.96 -18.60 17.45
C MET P 70 18.75 -18.46 18.73
N ARG P 71 18.88 -19.52 19.52
CA ARG P 71 19.84 -19.45 20.61
C ARG P 71 21.19 -20.09 20.25
N GLN P 72 21.37 -20.46 18.99
CA GLN P 72 22.67 -20.85 18.41
C GLN P 72 23.28 -22.06 19.11
N GLN P 73 22.44 -22.94 19.61
CA GLN P 73 22.86 -24.11 20.34
C GLN P 73 22.62 -25.34 19.49
N ILE P 74 23.62 -26.20 19.40
CA ILE P 74 23.49 -27.46 18.66
C ILE P 74 22.94 -28.51 19.60
N LEU P 75 22.04 -29.35 19.09
CA LEU P 75 21.52 -30.57 19.71
C LEU P 75 22.60 -31.43 20.35
N PRO P 76 22.28 -32.13 21.44
CA PRO P 76 23.20 -33.13 21.97
C PRO P 76 23.43 -34.25 20.96
N LYS P 77 24.56 -34.95 21.15
CA LYS P 77 25.13 -35.86 20.16
C LYS P 77 24.17 -36.99 19.76
N GLU P 78 23.34 -37.43 20.70
CA GLU P 78 22.51 -38.61 20.50
C GLU P 78 21.30 -38.39 19.59
N GLN P 79 20.96 -37.14 19.26
CA GLN P 79 19.77 -36.88 18.45
C GLN P 79 20.11 -36.38 17.06
N TRP P 80 21.34 -36.59 16.60
CA TRP P 80 21.73 -36.12 15.28
C TRP P 80 21.28 -37.14 14.25
N THR P 81 20.55 -36.69 13.23
CA THR P 81 20.05 -37.60 12.20
C THR P 81 21.21 -38.02 11.31
N LYS P 82 21.66 -39.26 11.50
CA LYS P 82 22.85 -39.73 10.79
C LYS P 82 22.54 -40.03 9.34
N TYR P 83 23.60 -40.32 8.59
CA TYR P 83 23.46 -40.76 7.22
C TYR P 83 22.79 -42.13 7.18
N GLU P 84 22.11 -42.41 6.06
CA GLU P 84 21.44 -43.68 5.72
C GLU P 84 20.42 -44.13 6.77
N GLU P 85 19.86 -43.18 7.53
CA GLU P 85 18.55 -43.37 8.15
C GLU P 85 17.60 -42.23 7.83
N ASP P 86 18.02 -41.25 7.05
CA ASP P 86 17.13 -40.16 6.69
C ASP P 86 16.20 -40.58 5.55
N LYS P 87 15.11 -39.85 5.41
CA LYS P 87 14.20 -40.03 4.29
C LYS P 87 14.60 -39.10 3.16
N PHE P 88 14.85 -39.67 1.98
CA PHE P 88 15.05 -38.88 0.78
C PHE P 88 13.70 -38.69 0.09
N TYR P 89 12.77 -38.09 0.83
CA TYR P 89 11.35 -38.25 0.52
C TYR P 89 10.90 -37.37 -0.63
N LEU P 90 11.46 -36.16 -0.76
CA LEU P 90 10.97 -35.20 -1.71
C LEU P 90 11.37 -35.53 -3.15
N GLU P 91 12.24 -36.53 -3.33
CA GLU P 91 12.84 -36.80 -4.64
C GLU P 91 11.85 -37.19 -5.75
N PRO P 92 10.85 -38.08 -5.56
CA PRO P 92 9.96 -38.36 -6.70
C PRO P 92 9.02 -37.21 -7.05
N TYR P 93 8.56 -36.45 -6.05
CA TYR P 93 7.70 -35.30 -6.33
C TYR P 93 8.43 -34.24 -7.14
N LEU P 94 9.63 -33.86 -6.68
CA LEU P 94 10.45 -32.88 -7.37
C LEU P 94 10.90 -33.40 -8.73
N LYS P 95 11.11 -34.72 -8.85
CA LYS P 95 11.47 -35.31 -10.13
C LYS P 95 10.32 -35.17 -11.13
N GLU P 96 9.09 -35.42 -10.70
CA GLU P 96 7.95 -35.27 -11.59
C GLU P 96 7.69 -33.81 -11.94
N VAL P 97 7.97 -32.89 -11.01
CA VAL P 97 7.82 -31.46 -11.31
C VAL P 97 8.81 -31.02 -12.39
N ILE P 98 10.08 -31.42 -12.27
CA ILE P 98 11.06 -31.05 -13.28
C ILE P 98 10.78 -31.72 -14.61
N ARG P 99 10.27 -32.95 -14.58
CA ARG P 99 9.90 -33.63 -15.82
C ARG P 99 8.74 -32.92 -16.51
N GLU P 100 7.75 -32.43 -15.75
CA GLU P 100 6.65 -31.70 -16.37
C GLU P 100 7.09 -30.34 -16.89
N ARG P 101 8.05 -29.68 -16.22
CA ARG P 101 8.54 -28.40 -16.71
C ARG P 101 9.30 -28.56 -18.01
N LYS P 102 10.17 -29.57 -18.09
CA LYS P 102 10.85 -29.87 -19.35
C LYS P 102 9.87 -30.36 -20.42
N GLU P 103 8.77 -30.98 -20.00
CA GLU P 103 7.75 -31.40 -20.96
C GLU P 103 7.06 -30.20 -21.60
N ARG P 104 6.72 -29.19 -20.78
CA ARG P 104 6.15 -27.95 -21.34
C ARG P 104 7.13 -27.25 -22.28
N GLU P 105 8.40 -27.16 -21.88
CA GLU P 105 9.41 -26.52 -22.73
C GLU P 105 9.57 -27.23 -24.07
N GLU P 106 9.87 -28.53 -24.03
CA GLU P 106 10.11 -29.27 -25.25
C GLU P 106 8.84 -29.61 -26.02
N TRP P 107 7.65 -29.33 -25.46
CA TRP P 107 6.47 -29.41 -26.31
C TRP P 107 6.22 -28.10 -27.03
N THR P 108 6.39 -26.96 -26.35
CA THR P 108 6.16 -25.69 -27.02
C THR P 108 7.30 -25.27 -27.93
N LYS P 109 8.45 -25.93 -27.85
CA LYS P 109 9.53 -25.64 -28.79
C LYS P 109 9.19 -26.14 -30.20
N ARG Q 2 3.65 -8.83 2.02
CA ARG Q 2 3.59 -9.90 2.99
C ARG Q 2 3.10 -9.40 4.35
N GLN Q 3 1.83 -9.63 4.63
CA GLN Q 3 1.22 -9.21 5.88
C GLN Q 3 1.52 -10.23 6.97
N PHE Q 4 0.83 -10.13 8.10
CA PHE Q 4 1.13 -10.94 9.27
C PHE Q 4 -0.12 -11.75 9.62
N GLY Q 5 -0.16 -13.00 9.14
CA GLY Q 5 -1.32 -13.85 9.37
C GLY Q 5 -1.66 -14.80 8.25
N HIS Q 6 -1.08 -14.58 7.06
CA HIS Q 6 -1.24 -15.48 5.92
C HIS Q 6 0.09 -16.03 5.46
N LEU Q 7 0.95 -16.40 6.40
CA LEU Q 7 2.28 -16.85 6.07
C LEU Q 7 2.27 -18.31 5.63
N THR Q 8 1.85 -19.19 6.52
CA THR Q 8 1.81 -20.62 6.22
C THR Q 8 0.72 -21.26 7.06
N ARG Q 9 0.62 -22.58 6.98
CA ARG Q 9 -0.43 -23.36 7.64
C ARG Q 9 0.23 -24.42 8.50
N VAL Q 10 0.18 -24.25 9.81
CA VAL Q 10 0.89 -25.10 10.76
C VAL Q 10 -0.09 -25.64 11.78
N ARG Q 11 -0.15 -26.96 11.90
CA ARG Q 11 -0.94 -27.66 12.90
C ARG Q 11 0.01 -28.28 13.91
N HIS Q 12 -0.55 -28.97 14.94
CA HIS Q 12 0.17 -29.96 15.68
C HIS Q 12 1.36 -29.37 16.45
N VAL Q 13 1.34 -28.08 16.81
CA VAL Q 13 2.51 -27.48 17.47
C VAL Q 13 2.09 -26.71 18.71
N ILE Q 14 2.61 -27.12 19.87
CA ILE Q 14 2.40 -26.41 21.13
C ILE Q 14 3.68 -25.67 21.49
N THR Q 15 3.55 -24.39 21.88
CA THR Q 15 4.68 -23.56 22.26
C THR Q 15 4.49 -23.08 23.70
N TYR Q 16 5.50 -23.32 24.54
CA TYR Q 16 5.55 -22.79 25.90
C TYR Q 16 6.53 -21.64 25.93
N SER Q 17 6.17 -20.55 26.62
CA SER Q 17 7.15 -19.49 26.84
C SER Q 17 6.78 -18.65 28.05
N LEU Q 18 7.78 -18.40 28.90
CA LEU Q 18 7.57 -17.82 30.22
C LEU Q 18 7.90 -16.33 30.20
N SER Q 19 7.36 -15.62 31.21
CA SER Q 19 7.43 -14.18 31.31
C SER Q 19 8.88 -13.69 31.44
N PRO Q 20 9.20 -12.51 30.91
CA PRO Q 20 10.59 -12.05 30.97
C PRO Q 20 11.02 -11.60 32.35
N PHE Q 21 10.09 -11.15 33.19
CA PHE Q 21 10.49 -10.67 34.50
C PHE Q 21 10.91 -11.80 35.41
N GLU Q 22 10.12 -12.88 35.45
CA GLU Q 22 10.36 -13.89 36.47
C GLU Q 22 11.52 -14.81 36.17
N GLN Q 23 12.01 -14.83 34.94
CA GLN Q 23 13.22 -15.54 34.62
C GLN Q 23 14.41 -14.59 34.70
N ARG Q 24 15.61 -15.15 34.85
CA ARG Q 24 16.77 -14.30 35.03
C ARG Q 24 17.28 -13.80 33.69
N ALA Q 25 18.12 -12.77 33.76
CA ALA Q 25 18.63 -12.13 32.55
C ALA Q 25 19.65 -13.02 31.86
N PHE Q 26 20.72 -13.39 32.56
CA PHE Q 26 21.80 -14.17 31.97
C PHE Q 26 21.82 -15.56 32.59
N PRO Q 27 21.22 -16.57 31.97
CA PRO Q 27 21.11 -17.87 32.63
C PRO Q 27 22.39 -18.68 32.63
N HIS Q 28 23.06 -18.69 33.78
CA HIS Q 28 24.36 -19.34 34.01
C HIS Q 28 25.36 -18.95 32.92
N TYR Q 29 25.67 -17.65 32.91
CA TYR Q 29 26.37 -17.05 31.78
C TYR Q 29 27.81 -17.53 31.66
N PHE Q 30 28.38 -18.09 32.72
CA PHE Q 30 29.68 -18.74 32.64
C PHE Q 30 29.56 -20.20 33.02
N SER Q 31 28.58 -20.89 32.44
CA SER Q 31 28.53 -22.33 32.48
C SER Q 31 28.07 -22.95 31.17
N LYS Q 32 27.50 -22.17 30.27
CA LYS Q 32 27.07 -22.65 28.96
C LYS Q 32 27.68 -21.78 27.88
N GLY Q 33 27.92 -20.51 28.23
CA GLY Q 33 28.36 -19.55 27.23
C GLY Q 33 29.79 -19.78 26.77
N ILE Q 34 30.70 -20.01 27.70
CA ILE Q 34 32.09 -20.20 27.31
C ILE Q 34 32.35 -21.59 26.69
N PRO Q 35 31.72 -22.72 27.09
CA PRO Q 35 31.85 -23.90 26.23
C PRO Q 35 31.09 -23.76 24.93
N ASN Q 36 30.04 -22.92 24.90
CA ASN Q 36 29.33 -22.65 23.66
C ASN Q 36 30.23 -21.95 22.64
N VAL Q 37 30.94 -20.91 23.08
CA VAL Q 37 31.80 -20.21 22.14
C VAL Q 37 33.06 -20.99 21.84
N LEU Q 38 33.51 -21.88 22.73
CA LEU Q 38 34.58 -22.78 22.33
C LEU Q 38 34.10 -23.80 21.30
N ARG Q 39 32.84 -24.21 21.37
CA ARG Q 39 32.27 -25.10 20.35
C ARG Q 39 32.22 -24.39 19.00
N ARG Q 40 31.72 -23.15 18.99
CA ARG Q 40 31.64 -22.37 17.76
C ARG Q 40 33.03 -22.07 17.20
N THR Q 41 34.02 -21.92 18.07
CA THR Q 41 35.38 -21.65 17.61
C THR Q 41 36.00 -22.91 17.01
N ARG Q 42 35.70 -24.08 17.58
CA ARG Q 42 36.19 -25.32 16.97
C ARG Q 42 35.52 -25.57 15.62
N ALA Q 43 34.25 -25.20 15.47
CA ALA Q 43 33.56 -25.52 14.23
C ALA Q 43 33.89 -24.59 13.07
N CYS Q 44 34.82 -23.64 13.22
CA CYS Q 44 35.00 -22.64 12.18
C CYS Q 44 36.44 -22.45 11.70
N ILE Q 45 37.42 -22.55 12.59
CA ILE Q 45 38.77 -22.06 12.28
C ILE Q 45 39.48 -22.92 11.26
N LEU Q 46 39.03 -24.17 11.06
CA LEU Q 46 39.52 -24.99 9.97
C LEU Q 46 39.21 -24.38 8.61
N ARG Q 47 38.16 -23.59 8.53
CA ARG Q 47 37.76 -22.93 7.30
C ARG Q 47 37.96 -21.42 7.37
N VAL Q 48 38.32 -20.88 8.52
CA VAL Q 48 38.62 -19.47 8.68
C VAL Q 48 40.11 -19.18 8.54
N ALA Q 49 40.94 -19.85 9.36
CA ALA Q 49 42.36 -19.52 9.43
C ALA Q 49 43.18 -19.79 8.16
N PRO Q 50 43.13 -20.97 7.50
CA PRO Q 50 44.18 -21.29 6.48
C PRO Q 50 44.21 -20.39 5.25
N PRO Q 51 43.22 -19.54 4.97
CA PRO Q 51 43.54 -18.39 4.09
C PRO Q 51 44.39 -17.32 4.75
N PHE Q 52 44.09 -16.96 6.02
CA PHE Q 52 44.73 -15.79 6.62
C PHE Q 52 46.22 -15.99 6.86
N VAL Q 53 46.63 -17.20 7.25
CA VAL Q 53 48.05 -17.39 7.54
C VAL Q 53 48.85 -17.44 6.25
N VAL Q 54 48.24 -17.86 5.15
CA VAL Q 54 48.91 -17.80 3.86
C VAL Q 54 49.04 -16.35 3.41
N PHE Q 55 48.02 -15.53 3.67
CA PHE Q 55 48.16 -14.09 3.46
C PHE Q 55 49.27 -13.48 4.31
N TYR Q 56 49.39 -13.92 5.57
CA TYR Q 56 50.39 -13.34 6.45
C TYR Q 56 51.79 -13.70 6.01
N LEU Q 57 51.99 -14.93 5.55
CA LEU Q 57 53.30 -15.31 5.03
C LEU Q 57 53.62 -14.57 3.75
N VAL Q 58 52.62 -14.34 2.88
CA VAL Q 58 52.83 -13.55 1.67
C VAL Q 58 53.19 -12.11 2.01
N TYR Q 59 52.55 -11.56 3.03
CA TYR Q 59 52.84 -10.19 3.50
C TYR Q 59 54.28 -10.06 3.97
N THR Q 60 54.72 -10.96 4.85
CA THR Q 60 56.07 -10.88 5.37
C THR Q 60 57.11 -11.16 4.30
N TRP Q 61 56.81 -12.09 3.38
CA TRP Q 61 57.74 -12.38 2.29
C TRP Q 61 57.87 -11.19 1.35
N GLY Q 62 56.76 -10.52 1.06
CA GLY Q 62 56.81 -9.36 0.18
C GLY Q 62 57.60 -8.21 0.78
N THR Q 63 57.40 -7.95 2.08
CA THR Q 63 58.17 -6.91 2.76
C THR Q 63 59.65 -7.24 2.80
N GLN Q 64 59.98 -8.50 3.13
CA GLN Q 64 61.37 -8.92 3.27
C GLN Q 64 62.10 -8.85 1.94
N GLU Q 65 61.49 -9.39 0.89
CA GLU Q 65 62.18 -9.36 -0.41
C GLU Q 65 62.15 -7.97 -1.04
N PHE Q 66 61.18 -7.13 -0.68
CA PHE Q 66 61.19 -5.76 -1.17
C PHE Q 66 62.36 -4.97 -0.59
N GLU Q 67 62.66 -5.18 0.69
CA GLU Q 67 63.84 -4.51 1.26
C GLU Q 67 65.14 -5.12 0.70
N LYS Q 68 65.20 -6.45 0.60
CA LYS Q 68 66.43 -7.07 0.13
C LYS Q 68 66.70 -6.83 -1.34
N SER Q 69 65.69 -6.46 -2.13
CA SER Q 69 65.94 -5.97 -3.47
C SER Q 69 65.92 -4.46 -3.57
N LYS Q 70 65.65 -3.76 -2.46
CA LYS Q 70 65.94 -2.35 -2.38
C LYS Q 70 67.43 -2.11 -2.13
N ARG Q 71 68.09 -3.03 -1.43
CA ARG Q 71 69.49 -2.89 -1.07
C ARG Q 71 70.37 -3.85 -1.86
N LYS Q 72 71.42 -3.32 -2.48
CA LYS Q 72 72.21 -4.06 -3.48
C LYS Q 72 73.54 -4.58 -2.96
N ASN Q 73 74.33 -3.72 -2.32
CA ASN Q 73 75.67 -3.99 -1.79
C ASN Q 73 76.65 -4.55 -2.82
N PRO Q 74 77.22 -3.72 -3.71
CA PRO Q 74 78.36 -4.15 -4.51
C PRO Q 74 79.64 -4.16 -3.70
N ALA Q 75 80.76 -4.41 -4.39
CA ALA Q 75 82.06 -4.49 -3.73
C ALA Q 75 83.17 -4.11 -4.69
N ALA Q 76 83.88 -3.04 -4.39
CA ALA Q 76 84.97 -2.55 -5.23
C ALA Q 76 85.98 -1.77 -4.40
N LEU R 13 77.74 23.52 29.28
CA LEU R 13 77.04 23.68 28.01
C LEU R 13 76.97 22.37 27.24
N VAL R 14 77.36 21.27 27.88
CA VAL R 14 77.39 19.97 27.22
C VAL R 14 76.00 19.37 27.26
N ASP R 15 75.46 19.06 26.08
CA ASP R 15 74.16 18.41 25.99
C ASP R 15 74.22 16.96 26.47
N PRO R 16 73.14 16.45 27.06
CA PRO R 16 73.12 15.03 27.42
C PRO R 16 72.99 14.11 26.22
N LEU R 17 72.63 14.67 25.05
CA LEU R 17 72.61 13.90 23.81
C LEU R 17 73.96 13.26 23.53
N THR R 18 75.04 14.05 23.62
CA THR R 18 76.38 13.55 23.37
C THR R 18 76.76 12.47 24.35
N THR R 19 76.37 12.66 25.63
CA THR R 19 76.71 11.72 26.68
C THR R 19 76.01 10.38 26.46
N VAL R 20 74.70 10.38 26.26
CA VAL R 20 74.01 9.11 26.10
C VAL R 20 74.24 8.49 24.73
N ARG R 21 74.57 9.29 23.71
CA ARG R 21 74.86 8.71 22.41
C ARG R 21 76.21 8.01 22.42
N GLU R 22 77.23 8.66 22.98
CA GLU R 22 78.54 8.02 23.06
C GLU R 22 78.53 6.89 24.07
N GLN R 23 77.63 6.94 25.06
CA GLN R 23 77.51 5.86 26.02
C GLN R 23 76.88 4.63 25.38
N CYS R 24 75.79 4.80 24.64
CA CYS R 24 75.00 3.64 24.23
C CYS R 24 75.63 2.86 23.08
N GLU R 25 76.57 3.45 22.36
CA GLU R 25 77.23 2.77 21.25
C GLU R 25 78.52 2.08 21.68
N GLN R 26 78.62 1.65 22.93
CA GLN R 26 79.93 1.34 23.52
C GLN R 26 80.50 0.05 22.94
N LEU R 27 79.84 -1.09 23.15
CA LEU R 27 80.23 -2.35 22.53
C LEU R 27 78.97 -3.12 22.19
N GLU R 28 78.70 -3.30 20.90
CA GLU R 28 77.40 -3.74 20.43
C GLU R 28 77.54 -4.08 18.94
N LYS R 29 76.49 -4.72 18.39
CA LYS R 29 76.29 -4.79 16.95
C LYS R 29 76.31 -3.42 16.28
N CYS R 30 76.00 -2.35 17.01
CA CYS R 30 76.42 -0.99 16.69
C CYS R 30 77.89 -0.93 16.27
N VAL R 31 78.79 -1.41 17.15
CA VAL R 31 80.22 -1.34 16.85
C VAL R 31 80.59 -2.30 15.72
N LYS R 32 79.89 -3.45 15.64
CA LYS R 32 80.13 -4.37 14.52
C LYS R 32 79.75 -3.74 13.18
N ALA R 33 78.62 -3.04 13.14
CA ALA R 33 78.22 -2.37 11.91
C ALA R 33 79.07 -1.14 11.63
N ARG R 34 79.62 -0.49 12.67
CA ARG R 34 80.58 0.58 12.43
C ARG R 34 81.86 0.05 11.80
N GLU R 35 82.32 -1.11 12.23
CA GLU R 35 83.51 -1.68 11.63
C GLU R 35 83.22 -2.22 10.23
N ARG R 36 81.99 -2.69 10.00
CA ARG R 36 81.54 -3.01 8.64
C ARG R 36 81.54 -1.77 7.76
N LEU R 37 81.14 -0.62 8.32
CA LEU R 37 81.19 0.63 7.59
C LEU R 37 82.61 1.03 7.28
N GLU R 38 83.52 0.83 8.23
CA GLU R 38 84.92 1.15 7.96
C GLU R 38 85.51 0.19 6.93
N LEU R 39 85.02 -1.05 6.89
CA LEU R 39 85.38 -1.97 5.82
C LEU R 39 84.96 -1.44 4.45
N CYS R 40 83.71 -0.98 4.31
CA CYS R 40 83.30 -0.48 3.00
C CYS R 40 83.95 0.86 2.66
N ASP R 41 84.24 1.67 3.67
CA ASP R 41 84.86 2.96 3.41
C ASP R 41 86.32 2.81 3.01
N GLU R 42 87.04 1.88 3.66
CA GLU R 42 88.37 1.52 3.20
C GLU R 42 88.34 0.84 1.83
N ARG R 43 87.26 0.10 1.56
CA ARG R 43 87.11 -0.57 0.28
C ARG R 43 86.97 0.43 -0.85
N VAL R 44 86.26 1.53 -0.61
CA VAL R 44 86.13 2.55 -1.66
C VAL R 44 87.33 3.50 -1.66
N SER R 45 87.93 3.75 -0.50
CA SER R 45 89.15 4.55 -0.44
C SER R 45 90.33 3.85 -1.11
N SER R 46 90.28 2.53 -1.24
CA SER R 46 91.20 1.77 -2.06
C SER R 46 90.60 1.44 -3.42
N ARG R 47 89.81 2.36 -3.99
CA ARG R 47 89.17 2.10 -5.27
C ARG R 47 88.95 3.41 -6.00
N SER R 48 89.15 3.40 -7.31
CA SER R 48 89.10 4.61 -8.13
C SER R 48 87.66 4.86 -8.58
N GLN R 49 86.92 5.59 -7.73
CA GLN R 49 85.64 6.22 -8.06
C GLN R 49 84.58 5.20 -8.46
N THR R 50 84.34 4.24 -7.57
CA THR R 50 83.30 3.26 -7.82
C THR R 50 81.94 3.81 -7.40
N GLU R 51 80.91 3.00 -7.56
CA GLU R 51 79.56 3.39 -7.21
C GLU R 51 79.26 3.22 -5.73
N GLU R 52 79.99 2.34 -5.03
CA GLU R 52 79.61 1.86 -3.71
C GLU R 52 79.64 3.02 -2.70
N ASP R 53 78.45 3.47 -2.33
CA ASP R 53 78.32 4.69 -1.55
C ASP R 53 78.73 4.52 -0.10
N CYS R 54 78.69 3.28 0.42
CA CYS R 54 78.98 2.94 1.82
C CYS R 54 78.10 3.77 2.75
N THR R 55 76.79 3.59 2.56
CA THR R 55 75.77 4.48 3.13
C THR R 55 74.68 3.67 3.83
N GLU R 56 74.39 2.49 3.26
CA GLU R 56 73.47 1.54 3.89
C GLU R 56 73.95 1.13 5.27
N GLU R 57 75.26 1.00 5.43
CA GLU R 57 75.85 0.72 6.74
C GLU R 57 75.64 1.89 7.69
N LEU R 58 75.73 3.11 7.16
CA LEU R 58 75.47 4.30 7.98
C LEU R 58 74.03 4.30 8.47
N PHE R 59 73.08 4.02 7.58
CA PHE R 59 71.68 3.98 7.95
C PHE R 59 71.40 2.93 9.02
N ASP R 60 71.93 1.71 8.86
CA ASP R 60 71.49 0.72 9.83
C ASP R 60 72.25 0.81 11.16
N PHE R 61 73.51 1.28 11.18
CA PHE R 61 74.09 1.42 12.52
C PHE R 61 73.55 2.65 13.23
N LEU R 62 73.24 3.74 12.51
CA LEU R 62 72.67 4.85 13.24
C LEU R 62 71.22 4.58 13.60
N HIS R 63 70.56 3.70 12.85
CA HIS R 63 69.28 3.15 13.27
C HIS R 63 69.40 2.40 14.59
N ALA R 64 70.45 1.58 14.73
CA ALA R 64 70.66 0.83 15.96
C ALA R 64 70.96 1.75 17.15
N ARG R 65 71.87 2.72 16.95
CA ARG R 65 72.19 3.62 18.05
C ARG R 65 71.01 4.53 18.39
N ASP R 66 70.17 4.87 17.40
CA ASP R 66 69.07 5.74 17.73
C ASP R 66 67.94 5.00 18.39
N HIS R 67 67.79 3.70 18.12
CA HIS R 67 66.83 2.92 18.91
C HIS R 67 67.31 2.78 20.35
N CYS R 68 68.61 2.52 20.55
CA CYS R 68 69.05 2.28 21.92
C CYS R 68 69.14 3.57 22.71
N VAL R 69 69.33 4.70 22.04
CA VAL R 69 69.24 6.00 22.71
C VAL R 69 67.79 6.41 22.88
N ALA R 70 66.91 6.00 21.95
CA ALA R 70 65.47 6.23 22.06
C ALA R 70 64.89 5.57 23.30
N HIS R 71 65.45 4.42 23.70
CA HIS R 71 65.00 3.85 24.96
C HIS R 71 65.45 4.70 26.16
N LYS R 72 66.56 5.42 26.04
CA LYS R 72 67.22 6.03 27.19
C LYS R 72 67.64 7.48 26.94
N LEU R 73 66.72 8.31 26.44
CA LEU R 73 67.04 9.72 26.27
C LEU R 73 66.23 10.61 27.19
N PHE R 74 64.90 10.56 27.12
CA PHE R 74 64.06 11.60 27.71
C PHE R 74 63.99 11.55 29.24
N ASN R 75 64.70 10.63 29.89
CA ASN R 75 64.66 10.55 31.34
C ASN R 75 65.43 11.70 32.00
N SER R 76 66.55 12.12 31.39
CA SER R 76 67.45 13.09 32.00
C SER R 76 67.14 14.52 31.58
N LEU R 77 65.89 14.83 31.30
CA LEU R 77 65.54 16.16 30.81
C LEU R 77 64.52 16.86 31.69
N UNK S 1 -50.19 -29.77 32.96
CA UNK S 1 -49.95 -30.28 31.62
C UNK S 1 -50.43 -29.28 30.58
N UNK S 2 -50.97 -28.16 31.05
CA UNK S 2 -51.52 -27.14 30.17
C UNK S 2 -50.47 -26.05 29.91
N UNK S 3 -49.48 -26.42 29.11
CA UNK S 3 -48.38 -25.53 28.78
C UNK S 3 -47.76 -26.01 27.47
N UNK S 4 -46.58 -25.49 27.16
CA UNK S 4 -45.79 -25.95 26.02
C UNK S 4 -44.45 -26.52 26.44
N UNK S 5 -44.12 -26.50 27.74
CA UNK S 5 -42.88 -27.04 28.25
C UNK S 5 -43.06 -28.03 29.40
N UNK S 6 -44.29 -28.23 29.88
CA UNK S 6 -44.51 -29.19 30.96
C UNK S 6 -44.34 -30.62 30.47
N UNK S 7 -44.71 -30.89 29.22
CA UNK S 7 -44.42 -32.18 28.63
C UNK S 7 -42.98 -32.27 28.14
N UNK S 8 -42.40 -31.12 27.78
CA UNK S 8 -40.96 -30.94 27.52
C UNK S 8 -40.46 -31.82 26.37
N UNK S 9 -40.97 -31.56 25.17
CA UNK S 9 -40.46 -32.24 23.99
C UNK S 9 -40.20 -31.29 22.82
N UNK S 10 -40.97 -30.21 22.73
CA UNK S 10 -40.99 -29.37 21.53
C UNK S 10 -39.79 -28.43 21.49
N UNK S 11 -39.84 -27.46 20.58
CA UNK S 11 -38.81 -26.44 20.49
C UNK S 11 -39.33 -25.13 21.07
N UNK S 12 -38.41 -24.32 21.61
CA UNK S 12 -38.80 -23.05 22.22
C UNK S 12 -37.63 -22.10 22.06
N UNK S 13 -37.67 -21.27 21.02
CA UNK S 13 -36.56 -20.36 20.76
C UNK S 13 -36.57 -19.20 21.75
N UNK S 14 -35.41 -18.59 21.93
CA UNK S 14 -35.27 -17.48 22.87
C UNK S 14 -34.13 -16.58 22.43
N UNK S 15 -34.45 -15.31 22.16
CA UNK S 15 -33.46 -14.28 21.89
C UNK S 15 -33.59 -13.22 22.97
N UNK S 16 -32.67 -12.25 22.97
CA UNK S 16 -32.66 -11.28 24.04
C UNK S 16 -31.98 -9.99 23.58
N UNK S 17 -32.02 -8.99 24.47
CA UNK S 17 -31.21 -7.79 24.37
C UNK S 17 -30.07 -7.76 25.37
N UNK S 18 -30.01 -8.72 26.29
CA UNK S 18 -28.87 -8.83 27.19
C UNK S 18 -28.46 -10.24 27.55
N UNK S 19 -29.09 -11.28 26.98
CA UNK S 19 -28.86 -12.65 27.41
C UNK S 19 -28.59 -13.56 26.23
N UNK S 20 -27.91 -14.67 26.52
CA UNK S 20 -27.44 -15.59 25.50
C UNK S 20 -28.60 -16.34 24.85
N UNK S 21 -28.44 -16.64 23.56
CA UNK S 21 -29.50 -17.29 22.79
C UNK S 21 -29.58 -18.77 23.12
N UNK S 22 -30.80 -19.31 23.09
CA UNK S 22 -31.05 -20.70 23.44
C UNK S 22 -32.35 -21.16 22.81
N UNK S 23 -32.42 -22.46 22.53
CA UNK S 23 -33.64 -23.10 22.07
C UNK S 23 -33.55 -24.58 22.43
N UNK S 24 -34.20 -24.98 23.52
CA UNK S 24 -34.01 -26.34 24.00
C UNK S 24 -35.21 -26.81 24.82
N UNK S 25 -35.64 -28.04 24.55
CA UNK S 25 -36.46 -28.83 25.45
C UNK S 25 -36.23 -30.29 25.09
N UNK S 26 -36.56 -31.18 26.02
CA UNK S 26 -36.26 -32.61 25.86
C UNK S 26 -37.14 -33.27 24.80
N UNK S 27 -17.77 -20.92 12.04
CA UNK S 27 -18.90 -20.21 12.62
C UNK S 27 -19.42 -20.92 13.86
N UNK S 28 -19.45 -20.21 14.97
CA UNK S 28 -19.92 -20.75 16.25
C UNK S 28 -20.35 -19.58 17.14
N UNK S 29 -20.56 -19.87 18.42
CA UNK S 29 -21.04 -18.90 19.40
C UNK S 29 -20.71 -19.43 20.78
N UNK S 30 -21.38 -18.88 21.79
CA UNK S 30 -21.27 -19.37 23.16
C UNK S 30 -22.61 -19.25 23.88
N PRO T 3 16.51 -6.57 49.36
CA PRO T 3 15.42 -6.73 48.38
C PRO T 3 14.22 -5.84 48.70
N THR T 4 14.10 -5.43 49.97
CA THR T 4 13.01 -4.54 50.35
C THR T 4 13.28 -3.13 49.85
N LEU T 5 14.56 -2.77 49.65
CA LEU T 5 14.93 -1.42 49.25
C LEU T 5 14.50 -1.07 47.83
N THR T 6 14.24 -2.06 46.99
CA THR T 6 13.73 -1.81 45.65
C THR T 6 12.22 -1.85 45.58
N ALA T 7 11.55 -2.37 46.61
CA ALA T 7 10.10 -2.45 46.62
C ALA T 7 9.47 -1.07 46.70
N ARG T 8 9.94 -0.26 47.65
CA ARG T 8 9.42 1.11 47.75
C ARG T 8 9.91 1.98 46.59
N LEU T 9 11.05 1.63 45.99
CA LEU T 9 11.51 2.34 44.80
C LEU T 9 10.58 2.11 43.62
N TYR T 10 10.18 0.85 43.40
CA TYR T 10 9.16 0.57 42.40
C TYR T 10 7.82 1.18 42.76
N SER T 11 7.48 1.20 44.05
CA SER T 11 6.18 1.71 44.47
C SER T 11 6.07 3.23 44.39
N LEU T 12 7.19 3.95 44.40
CA LEU T 12 7.14 5.40 44.38
C LEU T 12 7.64 6.04 43.10
N LEU T 13 8.52 5.40 42.34
CA LEU T 13 9.11 6.06 41.18
C LEU T 13 8.94 5.28 39.88
N PHE T 14 8.21 4.17 39.87
CA PHE T 14 8.06 3.37 38.67
C PHE T 14 6.65 2.90 38.44
N ARG T 15 5.72 3.18 39.36
CA ARG T 15 4.33 2.79 39.16
C ARG T 15 3.69 3.62 38.06
N ARG T 16 3.87 4.94 38.11
CA ARG T 16 3.31 5.83 37.11
C ARG T 16 4.18 5.84 35.86
N THR T 17 3.94 6.83 35.00
CA THR T 17 4.83 7.11 33.88
C THR T 17 5.43 8.51 33.99
N SER T 18 4.60 9.50 34.32
CA SER T 18 5.08 10.86 34.51
C SER T 18 6.05 10.95 35.69
N THR T 19 5.82 10.15 36.73
CA THR T 19 6.75 10.08 37.85
C THR T 19 8.08 9.49 37.41
N PHE T 20 8.04 8.48 36.54
CA PHE T 20 9.25 7.90 35.97
C PHE T 20 10.01 8.92 35.12
N ALA T 21 9.29 9.74 34.35
CA ALA T 21 9.93 10.75 33.52
C ALA T 21 10.57 11.85 34.35
N LEU T 22 9.86 12.33 35.38
CA LEU T 22 10.42 13.32 36.30
C LEU T 22 11.62 12.74 37.04
N THR T 23 11.57 11.44 37.35
CA THR T 23 12.68 10.77 38.02
C THR T 23 13.93 10.75 37.16
N ILE T 24 13.79 10.40 35.87
CA ILE T 24 14.98 10.35 35.04
C ILE T 24 15.48 11.74 34.67
N VAL T 25 14.60 12.75 34.67
CA VAL T 25 15.08 14.12 34.42
C VAL T 25 15.89 14.66 35.60
N VAL T 26 15.36 14.48 36.82
CA VAL T 26 16.10 14.92 38.02
C VAL T 26 17.39 14.14 38.17
N GLY T 27 17.34 12.83 37.87
CA GLY T 27 18.54 12.03 37.86
C GLY T 27 19.55 12.46 36.81
N ALA T 28 19.07 12.93 35.65
CA ALA T 28 19.97 13.38 34.60
C ALA T 28 20.71 14.64 35.01
N LEU T 29 20.02 15.59 35.66
CA LEU T 29 20.70 16.82 36.08
C LEU T 29 21.70 16.55 37.22
N PHE T 30 21.27 15.76 38.22
CA PHE T 30 22.16 15.45 39.35
C PHE T 30 23.36 14.62 38.90
N PHE T 31 23.13 13.68 38.00
CA PHE T 31 24.19 12.83 37.48
C PHE T 31 25.13 13.61 36.57
N GLU T 32 24.61 14.59 35.83
CA GLU T 32 25.44 15.46 35.02
C GLU T 32 26.43 16.25 35.87
N ARG T 33 25.92 16.86 36.95
CA ARG T 33 26.80 17.61 37.85
C ARG T 33 27.85 16.72 38.50
N ALA T 34 27.41 15.60 39.08
CA ALA T 34 28.33 14.72 39.80
C ALA T 34 29.34 14.07 38.87
N PHE T 35 28.93 13.74 37.63
CA PHE T 35 29.84 13.09 36.71
C PHE T 35 30.84 14.07 36.13
N ASP T 36 30.44 15.32 35.88
CA ASP T 36 31.41 16.30 35.42
C ASP T 36 32.45 16.60 36.49
N GLN T 37 32.03 16.70 37.77
CA GLN T 37 33.00 16.90 38.84
C GLN T 37 33.92 15.71 38.99
N GLY T 38 33.38 14.49 38.86
CA GLY T 38 34.22 13.30 38.99
C GLY T 38 35.22 13.14 37.87
N ALA T 39 34.81 13.40 36.62
CA ALA T 39 35.74 13.27 35.51
C ALA T 39 36.77 14.39 35.51
N ASP T 40 36.41 15.59 35.98
CA ASP T 40 37.40 16.64 36.17
C ASP T 40 38.44 16.25 37.21
N ALA T 41 37.99 15.62 38.31
CA ALA T 41 38.92 15.17 39.33
C ALA T 41 39.85 14.08 38.80
N ILE T 42 39.30 13.16 37.99
CA ILE T 42 40.12 12.09 37.40
C ILE T 42 41.16 12.67 36.44
N TYR T 43 40.76 13.63 35.60
CA TYR T 43 41.72 14.16 34.63
C TYR T 43 42.75 15.06 35.28
N GLU T 44 42.42 15.72 36.39
CA GLU T 44 43.45 16.44 37.13
C GLU T 44 44.40 15.46 37.81
N HIS T 45 43.87 14.38 38.39
CA HIS T 45 44.68 13.42 39.11
C HIS T 45 45.60 12.65 38.17
N ILE T 46 45.20 12.46 36.93
CA ILE T 46 45.97 11.61 36.03
C ILE T 46 47.23 12.32 35.50
N ASN T 47 47.30 13.65 35.64
CA ASN T 47 48.52 14.36 35.27
C ASN T 47 49.20 15.04 36.45
N GLU T 48 48.50 15.92 37.16
CA GLU T 48 48.94 16.59 38.40
C GLU T 48 50.16 17.50 38.27
N GLY T 49 50.78 17.56 37.10
CA GLY T 49 51.99 18.36 36.95
C GLY T 49 52.11 19.03 35.61
N LYS T 50 51.08 18.87 34.77
CA LYS T 50 51.20 19.26 33.38
C LYS T 50 50.21 20.32 32.94
N LEU T 51 49.09 20.48 33.63
CA LEU T 51 48.03 21.35 33.19
C LEU T 51 48.39 22.82 33.35
N TRP T 52 47.70 23.66 32.56
CA TRP T 52 47.90 25.10 32.61
C TRP T 52 47.41 25.70 33.92
N LYS T 53 46.46 25.05 34.58
CA LYS T 53 45.75 25.65 35.70
C LYS T 53 46.65 25.87 36.92
N HIS T 54 47.31 24.80 37.39
CA HIS T 54 48.10 24.93 38.61
C HIS T 54 49.37 25.73 38.39
N ILE T 55 49.99 25.61 37.20
CA ILE T 55 51.18 26.42 36.97
C ILE T 55 50.81 27.87 36.67
N LYS T 56 49.59 28.16 36.20
CA LYS T 56 49.26 29.56 35.97
C LYS T 56 48.90 30.25 37.27
N HIS T 57 48.32 29.52 38.24
CA HIS T 57 48.21 30.21 39.52
C HIS T 57 49.52 30.15 40.31
N LYS T 58 50.49 29.35 39.86
CA LYS T 58 51.84 29.64 40.33
C LYS T 58 52.50 30.76 39.54
N TYR T 59 51.93 31.20 38.42
CA TYR T 59 52.46 32.36 37.72
C TYR T 59 51.50 33.54 37.82
CHA HEM U . 19.21 32.12 -5.70
CHB HEM U . 20.34 27.43 -5.81
CHC HEM U . 15.74 26.34 -4.82
CHD HEM U . 14.57 31.02 -5.12
C1A HEM U . 19.88 30.92 -5.80
C2A HEM U . 21.27 30.81 -6.05
C3A HEM U . 21.58 29.52 -6.08
C4A HEM U . 20.42 28.79 -5.85
CMA HEM U . 22.96 28.95 -6.32
CAA HEM U . 22.23 31.94 -6.25
CBA HEM U . 22.17 32.37 -7.71
CGA HEM U . 21.37 33.64 -7.79
O1A HEM U . 21.26 34.31 -6.80
O2A HEM U . 20.80 34.02 -8.93
C1B HEM U . 19.14 26.79 -5.55
C2B HEM U . 19.08 25.39 -5.47
C3B HEM U . 17.82 25.04 -5.19
C4B HEM U . 17.08 26.31 -5.10
CMB HEM U . 20.23 24.47 -5.67
CAB HEM U . 17.27 23.70 -5.01
CBB HEM U . 17.58 22.98 -3.93
C1C HEM U . 15.03 27.51 -4.85
C2C HEM U . 13.66 27.58 -4.67
C3C HEM U . 13.33 28.92 -4.76
C4C HEM U . 14.52 29.65 -4.99
CMC HEM U . 12.77 26.39 -4.43
CAC HEM U . 11.97 29.47 -4.63
CBC HEM U . 11.05 29.23 -5.56
C1D HEM U . 15.76 31.71 -5.31
C2D HEM U . 15.83 33.17 -5.42
C3D HEM U . 17.13 33.49 -5.58
C4D HEM U . 17.84 32.21 -5.55
CMD HEM U . 14.68 34.13 -5.38
CAD HEM U . 17.70 34.86 -5.77
CBD HEM U . 17.85 35.08 -7.27
CGD HEM U . 18.47 36.40 -7.61
O1D HEM U . 18.23 37.39 -6.95
O2D HEM U . 19.28 36.52 -8.67
NA HEM U . 19.39 29.65 -5.68
NB HEM U . 17.93 27.31 -5.32
NC HEM U . 15.56 28.75 -5.02
ND HEM U . 16.99 31.21 -5.40
FE HEM U . 17.47 29.26 -5.32
CHA HEM V . -3.49 19.39 -3.81
CHB HEM V . 1.18 20.21 -4.60
CHC HEM V . 1.06 23.81 -1.37
CHD HEM V . -3.55 22.76 -0.37
C1A HEM V . -2.22 19.38 -4.31
C2A HEM V . -1.81 18.56 -5.38
C3A HEM V . -0.50 18.79 -5.61
C4A HEM V . -0.09 19.74 -4.69
CMA HEM V . 0.41 18.14 -6.62
CAA HEM V . -2.66 17.61 -6.14
CBA HEM V . -3.15 18.31 -7.41
CGA HEM V . -4.21 19.34 -7.12
O1A HEM V . -5.19 19.03 -6.49
O2A HEM V . -4.06 20.60 -7.57
C1B HEM V . 1.46 21.27 -3.77
C2B HEM V . 2.74 21.85 -3.83
C3B HEM V . 2.74 22.86 -2.94
C4B HEM V . 1.41 22.87 -2.33
CMB HEM V . 3.88 21.43 -4.71
CAB HEM V . 3.86 23.76 -2.66
CBB HEM V . 4.76 23.36 -1.77
C1C HEM V . -0.20 23.83 -0.84
C2C HEM V . -0.65 24.77 0.07
C3C HEM V . -1.94 24.47 0.35
C4C HEM V . -2.30 23.34 -0.42
CMC HEM V . 0.15 25.90 0.63
CAC HEM V . -2.79 25.21 1.28
CBC HEM V . -2.70 24.95 2.57
C1D HEM V . -3.93 21.75 -1.25
C2D HEM V . -5.29 21.23 -1.33
C3D HEM V . -5.28 20.29 -2.30
C4D HEM V . -3.90 20.24 -2.79
CMD HEM V . -6.47 21.67 -0.53
CAD HEM V . -6.43 19.47 -2.78
CBD HEM V . -7.07 20.24 -3.93
CGD HEM V . -8.14 19.43 -4.61
O1D HEM V . -8.94 19.98 -5.33
O2D HEM V . -8.23 18.10 -4.42
NA HEM V . -1.14 20.10 -3.90
NB HEM V . 0.68 21.89 -2.86
NC HEM V . -1.21 22.97 -1.15
ND HEM V . -3.16 21.11 -2.12
FE HEM V . -1.22 21.43 -2.42
P 3PE W . -17.00 28.44 -11.24
N 3PE W . -18.78 31.34 -13.14
O11 3PE W . -16.67 29.49 -10.09
O12 3PE W . -18.05 27.54 -10.73
O13 3PE W . -17.65 29.29 -12.41
O14 3PE W . -15.73 27.85 -11.72
C11 3PE W . -18.85 28.87 -13.12
C12 3PE W . -19.63 30.14 -13.32
C1 3PE W . -17.05 30.88 -10.24
C2 3PE W . -15.91 31.65 -10.86
C3 3PE W . -16.19 33.12 -10.87
O31 3PE W . -14.94 33.86 -10.97
O32 3PE W . -15.01 33.76 -13.21
C31 3PE W . -14.46 34.10 -12.20
C32 3PE W . -13.16 34.85 -12.15
C33 3PE W . -12.07 34.17 -12.96
C34 3PE W . -10.81 34.99 -13.07
C35 3PE W . -10.07 35.23 -11.76
C36 3PE W . -8.84 36.11 -11.92
C37 3PE W . -8.14 36.47 -10.62
C38 3PE W . -6.96 37.40 -10.81
C39 3PE W . -6.33 37.92 -9.53
C3A 3PE W . -5.25 38.96 -9.76
O21 3PE W . -14.70 31.42 -10.07
O22 3PE W . -13.54 31.03 -11.95
C21 3PE W . -13.58 31.14 -10.75
C22 3PE W . -12.39 31.02 -9.84
C23 3PE W . -12.62 31.66 -8.48
C24 3PE W . -11.32 32.11 -7.82
C25 3PE W . -10.28 31.03 -7.66
C26 3PE W . -8.86 31.56 -7.61
C27 3PE W . -8.60 32.59 -6.52
C28 3PE W . -7.63 33.68 -6.95
C29 3PE W . -6.35 33.78 -6.13
C2A 3PE W . -6.53 34.19 -4.68
C2B 3PE W . -5.22 34.53 -4.00
C2C 3PE W . -5.30 34.79 -2.51
C2D 3PE W . -5.77 33.60 -1.70
C2E 3PE W . -5.43 33.71 -0.22
C2F 3PE W . -3.94 33.86 0.03
C2G 3PE W . -3.60 34.15 1.49
C2H 3PE W . -2.11 34.34 1.73
C2I 3PE W . -1.80 34.83 3.13
C1 CDL X . -13.32 28.86 -14.64
O1 CDL X . -12.02 29.23 -14.17
CA2 CDL X . -13.20 27.70 -15.60
OA2 CDL X . -12.67 28.19 -16.85
PA1 CDL X . -11.50 27.40 -17.60
OA3 CDL X . -11.87 27.22 -19.02
OA4 CDL X . -11.16 26.21 -16.78
OA5 CDL X . -10.29 28.43 -17.50
CA3 CDL X . -10.42 29.72 -18.11
CA4 CDL X . -9.65 30.72 -17.30
OA6 CDL X . -9.79 32.03 -17.93
CA5 CDL X . -9.97 33.09 -17.14
OA7 CDL X . -9.97 33.05 -15.94
C11 CDL X . -10.16 34.35 -17.94
C12 CDL X . -8.94 34.70 -18.79
CA6 CDL X . -8.18 30.37 -17.24
OA8 CDL X . -7.54 31.24 -16.29
CA7 CDL X . -6.73 30.67 -15.39
OA9 CDL X . -6.51 29.50 -15.37
C31 CDL X . -6.15 31.68 -14.46
C32 CDL X . -5.72 32.97 -15.14
C33 CDL X . -5.06 33.96 -14.19
CB2 CDL X . -13.97 30.06 -15.27
OB2 CDL X . -15.29 29.68 -15.73
PB2 CDL X . -16.47 30.77 -15.65
OB3 CDL X . -16.39 31.38 -14.31
OB4 CDL X . -17.73 30.17 -16.10
OB5 CDL X . -16.00 31.88 -16.69
CB3 CDL X . -15.99 33.26 -16.30
CB4 CDL X . -15.20 34.05 -17.32
OB6 CDL X . -14.25 33.08 -17.86
CB5 CDL X . -14.09 33.07 -19.19
OB7 CDL X . -14.55 33.89 -19.92
C51 CDL X . -13.27 31.89 -19.63
C52 CDL X . -13.29 31.64 -21.12
C53 CDL X . -12.32 32.53 -21.90
CB6 CDL X . -14.46 35.20 -16.73
OB8 CDL X . -14.10 36.11 -17.80
CB7 CDL X . -13.83 37.37 -17.47
OB9 CDL X . -13.81 37.78 -16.34
C71 CDL X . -13.54 38.21 -18.68
C72 CDL X . -13.19 37.39 -19.92
C1 CDL Y . -0.10 1.63 -1.03
O1 CDL Y . -1.13 0.70 -0.64
CA2 CDL Y . 1.17 0.87 -1.30
OA2 CDL Y . 2.31 1.61 -0.81
PA1 CDL Y . 3.65 0.80 -0.52
OA3 CDL Y . 4.12 0.27 -1.82
OA4 CDL Y . 3.33 -0.15 0.56
OA5 CDL Y . 4.75 1.79 0.06
CA3 CDL Y . 5.75 1.24 0.93
CA4 CDL Y . 6.86 2.23 1.17
OA6 CDL Y . 7.32 2.74 -0.12
CA5 CDL Y . 7.76 4.01 -0.17
OA7 CDL Y . 7.78 4.75 0.77
C11 CDL Y . 8.19 4.38 -1.56
C12 CDL Y . 7.63 5.72 -2.03
CA6 CDL Y . 8.03 1.60 1.87
OA8 CDL Y . 8.81 2.65 2.48
CA7 CDL Y . 9.34 2.40 3.67
OA9 CDL Y . 9.27 1.34 4.22
C31 CDL Y . 10.04 3.60 4.24
C32 CDL Y . 9.59 3.96 5.64
CB2 CDL Y . -0.57 2.44 -2.21
OB2 CDL Y . 0.38 3.49 -2.50
PB2 CDL Y . 0.52 4.74 -1.52
OB3 CDL Y . 1.75 4.50 -0.72
OB4 CDL Y . -0.76 4.94 -0.82
OB5 CDL Y . 0.80 6.00 -2.45
CB3 CDL Y . 2.09 6.15 -3.07
CB4 CDL Y . 2.86 7.25 -2.40
OB6 CDL Y . 3.40 8.13 -3.44
CB5 CDL Y . 2.63 9.12 -3.90
OB7 CDL Y . 1.51 9.33 -3.52
C51 CDL Y . 3.35 9.92 -4.94
CB6 CDL Y . 4.04 6.71 -1.64
OB8 CDL Y . 4.67 7.77 -0.89
CB7 CDL Y . 5.26 7.44 0.25
OB9 CDL Y . 5.34 6.31 0.65
C71 CDL Y . 5.83 8.64 0.95
C1 U10 Z . 9.52 40.85 5.76
C2 U10 Z . 10.33 42.13 5.89
C3 U10 Z . 11.22 42.59 4.74
C4 U10 Z . 11.33 41.76 3.45
C5 U10 Z . 10.50 40.48 3.33
C6 U10 Z . 9.60 40.02 4.48
C1M U10 Z . 8.62 40.38 6.91
C3M U10 Z . 13.30 43.63 5.09
C4M U10 Z . 13.33 41.50 2.12
C7 U10 Z . 8.77 38.71 4.37
C8 U10 Z . 9.69 37.52 4.66
C9 U10 Z . 9.34 36.55 5.52
C10 U10 Z . 7.99 36.60 6.25
C11 U10 Z . 10.31 35.37 5.76
C12 U10 Z . 9.49 34.05 5.88
C13 U10 Z . 10.01 33.24 7.10
C14 U10 Z . 9.17 32.92 8.11
C15 U10 Z . 7.70 33.35 8.07
C16 U10 Z . 9.71 32.10 9.30
C17 U10 Z . 10.15 30.70 8.79
C18 U10 Z . 10.74 29.87 9.99
C19 U10 Z . 10.78 28.51 9.95
C20 U10 Z . 10.26 27.73 8.74
C21 U10 Z . 11.38 27.74 11.16
O2 U10 Z . 10.26 42.76 6.88
O3 U10 Z . 11.93 43.78 4.90
O4 U10 Z . 12.15 42.21 2.39
O5 U10 Z . 10.55 39.82 2.35
C1 U10 AA . -1.25 13.91 -9.18
C2 U10 AA . -2.69 14.04 -8.66
C3 U10 AA . -3.57 15.19 -9.13
C4 U10 AA . -3.03 16.19 -10.14
C5 U10 AA . -1.59 16.06 -10.66
C6 U10 AA . -0.70 14.91 -10.19
C1M U10 AA . -0.38 12.77 -8.69
C3M U10 AA . -5.83 14.59 -9.39
C4M U10 AA . -4.44 17.10 -11.84
C7 U10 AA . 0.75 14.78 -10.70
C8 U10 AA . 1.62 15.69 -9.80
C9 U10 AA . 2.85 16.08 -10.12
C10 U10 AA . 3.50 15.64 -11.43
C11 U10 AA . 3.64 16.99 -9.13
C12 U10 AA . 5.11 16.49 -8.98
C13 U10 AA . 5.23 15.62 -7.68
C14 U10 AA . 6.35 15.62 -6.94
C15 U10 AA . 7.56 16.47 -7.34
C16 U10 AA . 6.42 14.75 -5.66
O2 U10 AA . -3.10 13.26 -7.88
O3 U10 AA . -4.88 15.32 -8.66
O4 U10 AA . -3.85 17.25 -10.57
O5 U10 AA . -1.16 16.84 -11.44
FE HEC BA . 30.80 60.48 -12.99
CHA HEC BA . 28.73 59.98 -10.34
CHB HEC BA . 28.73 58.65 -14.93
CHC HEC BA . 32.77 61.17 -15.71
CHD HEC BA . 33.13 61.78 -10.96
NA HEC BA . 29.08 59.52 -12.69
C1A HEC BA . 28.35 59.41 -11.53
C2A HEC BA . 27.16 58.62 -11.77
C3A HEC BA . 27.21 58.26 -13.05
C4A HEC BA . 28.38 58.82 -13.63
CMA HEC BA . 26.21 57.42 -13.85
CAA HEC BA . 26.11 58.25 -10.72
CBA HEC BA . 25.24 59.39 -10.20
CGA HEC BA . 23.94 58.90 -9.61
O1A HEC BA . 23.97 58.58 -8.39
O2A HEC BA . 22.97 58.85 -10.40
NB HEC BA . 30.75 60.01 -14.91
C1B HEC BA . 29.81 59.23 -15.53
C2B HEC BA . 30.11 59.10 -16.92
C3B HEC BA . 31.24 59.81 -17.11
C4B HEC BA . 31.65 60.38 -15.88
CMB HEC BA . 29.21 58.28 -17.85
CAB HEC BA . 32.01 60.00 -18.46
CBB HEC BA . 31.34 60.79 -19.40
NC HEC BA . 32.58 61.31 -13.27
C1C HEC BA . 33.23 61.50 -14.46
C2C HEC BA . 34.51 62.14 -14.23
C3C HEC BA . 34.60 62.30 -12.91
C4C HEC BA . 33.43 61.80 -12.29
CMC HEC BA . 35.51 62.50 -15.34
CAC HEC BA . 35.80 62.94 -12.14
CBC HEC BA . 35.71 64.30 -12.05
ND HEC BA . 30.90 60.81 -11.03
C1D HEC BA . 31.96 61.37 -10.37
C2D HEC BA . 31.64 61.44 -8.97
C3D HEC BA . 30.43 60.95 -8.80
C4D HEC BA . 29.94 60.55 -10.10
CMD HEC BA . 32.62 62.02 -7.93
CAD HEC BA . 29.63 60.79 -7.52
CBD HEC BA . 28.57 61.82 -7.19
CGD HEC BA . 27.54 61.24 -6.28
O1D HEC BA . 27.05 62.05 -5.44
O2D HEC BA . 27.26 60.03 -6.44
P 3PE CA . 18.93 28.84 -29.67
N 3PE CA . 21.82 27.16 -29.09
O11 3PE CA . 17.47 28.23 -29.85
O12 3PE CA . 18.91 30.20 -30.25
O13 3PE CA . 19.94 28.02 -30.58
O14 3PE CA . 19.33 28.67 -28.25
C11 3PE CA . 21.21 28.57 -31.01
C12 3PE CA . 22.19 28.35 -29.90
C1 3PE CA . 16.87 27.49 -28.75
C2 3PE CA . 15.78 28.31 -28.12
C3 3PE CA . 14.52 28.32 -28.95
O31 3PE CA . 13.45 28.86 -28.14
O21 3PE CA . 15.43 27.67 -26.85
C1 CDL DA . -14.20 23.81 -22.74
O1 CDL DA . -14.19 22.79 -21.74
CA2 CDL DA . -15.62 24.04 -23.20
OA2 CDL DA . -15.60 24.77 -24.45
PA1 CDL DA . -16.75 25.82 -24.79
OA3 CDL DA . -17.80 25.15 -25.59
OA4 CDL DA . -17.13 26.48 -23.52
OA5 CDL DA . -15.99 26.91 -25.68
CA3 CDL DA . -15.84 28.25 -25.17
CA4 CDL DA . -14.40 28.65 -25.21
OA6 CDL DA . -14.09 29.28 -26.49
CA5 CDL DA . -14.21 30.60 -26.57
OA7 CDL DA . -14.65 31.29 -25.69
C11 CDL DA . -13.72 31.12 -27.89
C12 CDL DA . -12.91 32.41 -27.71
C13 CDL DA . -12.31 32.91 -29.02
CA6 CDL DA . -13.49 27.47 -25.03
OA8 CDL DA . -12.10 27.84 -25.15
CA7 CDL DA . -11.45 28.13 -24.02
OA9 CDL DA . -11.98 28.28 -22.96
C31 CDL DA . -9.96 28.22 -24.26
C32 CDL DA . -9.37 29.56 -23.87
C33 CDL DA . -9.15 30.47 -25.06
C34 CDL DA . -8.07 30.00 -26.00
C35 CDL DA . -8.03 30.73 -27.32
C36 CDL DA . -7.97 32.25 -27.19
C37 CDL DA . -7.97 32.98 -28.52
CB2 CDL DA . -13.52 25.04 -22.19
OB2 CDL DA . -12.19 24.69 -21.76
PB2 CDL DA . -11.07 24.36 -22.85
OB3 CDL DA . -10.84 22.90 -22.81
OB4 CDL DA . -11.45 24.98 -24.15
OB5 CDL DA . -9.76 25.08 -22.30
CB3 CDL DA . -9.03 24.52 -21.20
CB4 CDL DA . -7.83 25.38 -20.95
OB6 CDL DA . -7.29 25.74 -22.26
CB5 CDL DA . -6.85 26.99 -22.43
OB7 CDL DA . -6.87 27.83 -21.56
C51 CDL DA . -6.37 27.22 -23.83
C52 CDL DA . -4.94 27.74 -23.91
CB6 CDL DA . -6.75 24.67 -20.21
OB8 CDL DA . -5.83 25.69 -19.74
CB7 CDL DA . -4.95 25.36 -18.80
OB9 CDL DA . -4.79 24.23 -18.41
C71 CDL DA . -4.22 26.56 -18.29
C72 CDL DA . -3.00 26.21 -17.47
C73 CDL DA . -2.35 27.43 -16.83
C74 CDL DA . -2.03 28.54 -17.80
C75 CDL DA . -1.37 29.75 -17.16
FE1 FES EA . 52.09 7.62 -15.40
FE2 FES EA . 49.78 5.59 -15.03
S1 FES EA . 51.94 5.43 -15.33
S2 FES EA . 49.91 7.77 -15.20
CHA HEM FA . 34.15 16.04 3.13
CHB HEM FA . 29.74 18.02 3.01
CHC HEM FA . 27.83 13.56 2.91
CHD HEM FA . 32.27 11.65 2.75
C1A HEM FA . 33.08 16.91 3.10
C2A HEM FA . 33.26 18.29 3.14
C3A HEM FA . 32.04 18.87 3.10
C4A HEM FA . 31.10 17.84 3.05
CMA HEM FA . 31.73 20.34 3.12
CAA HEM FA . 34.59 18.99 3.20
CBA HEM FA . 34.92 19.28 4.65
CGA HEM FA . 36.18 18.56 5.01
O1A HEM FA . 36.57 17.65 4.33
O2A HEM FA . 36.88 18.93 6.09
C1B HEM FA . 28.88 16.92 2.98
C2B HEM FA . 27.48 17.11 2.95
C3B HEM FA . 26.92 15.89 2.93
C4B HEM FA . 28.04 14.93 2.93
CMB HEM FA . 26.73 18.40 2.93
CAB HEM FA . 25.50 15.57 2.89
CBB HEM FA . 24.81 15.68 1.76
C1C HEM FA . 28.87 12.67 2.84
C2C HEM FA . 28.73 11.28 2.74
C3C HEM FA . 30.00 10.76 2.70
C4C HEM FA . 30.92 11.83 2.78
CMC HEM FA . 27.43 10.53 2.69
CAC HEM FA . 30.33 9.34 2.58
CBC HEM FA . 30.23 8.53 3.62
C1D HEM FA . 33.15 12.70 2.86
C2D HEM FA . 34.59 12.54 2.87
C3D HEM FA . 35.13 13.74 2.97
C4D HEM FA . 34.00 14.67 3.02
CMD HEM FA . 35.35 11.24 2.77
CAD HEM FA . 36.59 14.09 3.05
CBD HEM FA . 36.94 14.30 4.51
CGD HEM FA . 38.38 14.68 4.71
O1D HEM FA . 39.25 14.00 4.24
O2D HEM FA . 38.70 15.77 5.41
NA HEM FA . 31.74 16.65 3.05
NB HEM FA . 29.18 15.62 2.97
NC HEM FA . 30.19 13.00 2.86
ND HEM FA . 32.85 13.99 2.95
FE HEM FA . 31.02 14.80 2.99
CHA HEM GA . 19.24 -5.37 3.15
CHB HEM GA . 20.36 -0.70 3.56
CHC HEM GA . 23.83 -1.28 0.22
CHD HEM GA . 22.15 -5.73 -0.65
C1A HEM GA . 19.30 -4.06 3.55
C2A HEM GA . 18.54 -3.51 4.60
C3A HEM GA . 18.86 -2.20 4.72
C4A HEM GA . 19.81 -1.93 3.75
CMA HEM GA . 18.30 -1.21 5.68
CAA HEM GA . 17.57 -4.22 5.47
CBA HEM GA . 18.37 -4.77 6.65
CGA HEM GA . 18.70 -6.22 6.44
O1A HEM GA . 18.03 -6.88 5.68
O2A HEM GA . 19.73 -6.78 7.07
C1B HEM GA . 21.42 -0.54 2.67
C2B HEM GA . 22.08 0.70 2.62
C3B HEM GA . 23.06 0.59 1.71
C4B HEM GA . 22.97 -0.80 1.19
CMB HEM GA . 21.75 1.92 3.44
CAB HEM GA . 24.01 1.61 1.32
CBB HEM GA . 23.64 2.54 0.44
C1C HEM GA . 23.66 -2.53 -0.31
C2C HEM GA . 24.42 -3.08 -1.33
C3C HEM GA . 23.95 -4.33 -1.58
C4C HEM GA . 22.88 -4.57 -0.68
CMC HEM GA . 25.58 -2.42 -2.02
CAC HEM GA . 24.47 -5.26 -2.59
CBC HEM GA . 24.04 -5.18 -3.83
C1D HEM GA . 21.25 -6.02 0.35
C2D HEM GA . 20.60 -7.31 0.47
C3D HEM GA . 19.79 -7.22 1.53
C4D HEM GA . 19.93 -5.86 2.04
CMD HEM GA . 20.84 -8.50 -0.41
CAD HEM GA . 18.92 -8.31 2.05
CBD HEM GA . 19.56 -9.03 3.24
CGD HEM GA . 18.51 -9.88 3.90
O1D HEM GA . 18.71 -11.05 4.11
O2D HEM GA . 17.32 -9.33 4.23
NA HEM GA . 20.07 -3.06 3.04
NB HEM GA . 21.96 -1.41 1.82
NC HEM GA . 22.73 -3.45 0.09
ND HEM GA . 20.80 -5.21 1.29
FE HEM GA . 21.35 -3.31 1.53
P 3PE HA . 28.64 -20.15 9.65
N 3PE HA . 25.67 -21.28 13.47
O11 3PE HA . 29.43 -18.75 9.58
O12 3PE HA . 27.96 -20.35 8.36
O13 3PE HA . 27.52 -19.85 10.74
O14 3PE HA . 29.55 -21.20 10.17
C11 3PE HA . 27.51 -20.45 12.06
C12 3PE HA . 26.17 -20.14 12.66
C1 3PE HA . 30.60 -18.57 10.40
C2 3PE HA . 30.85 -17.10 10.60
C3 3PE HA . 32.22 -16.86 11.18
O31 3PE HA . 32.60 -15.48 11.01
O32 3PE HA . 34.75 -16.01 11.29
C31 3PE HA . 33.90 -15.20 11.07
C32 3PE HA . 34.16 -13.73 10.85
C33 3PE HA . 35.62 -13.43 10.54
C34 3PE HA . 35.92 -11.95 10.35
C35 3PE HA . 35.46 -11.38 9.02
O21 3PE HA . 30.80 -16.48 9.29
O22 3PE HA . 29.46 -14.86 10.06
C21 3PE HA . 30.09 -15.34 9.16
C22 3PE HA . 30.20 -14.78 7.78
C23 3PE HA . 29.35 -13.53 7.60
C24 3PE HA . 30.17 -12.31 7.21
C25 3PE HA . 30.93 -12.47 5.92
C26 3PE HA . 31.65 -11.22 5.46
C27 3PE HA . 32.64 -10.66 6.45
C28 3PE HA . 33.66 -9.73 5.81
C29 3PE HA . 33.06 -8.52 5.11
C2A 3PE HA . 33.73 -8.16 3.79
C2B 3PE HA . 33.39 -9.14 2.68
C2C 3PE HA . 33.69 -8.64 1.29
C2D 3PE HA . 32.93 -9.37 0.21
C2E 3PE HA . 33.22 -8.92 -1.19
C2F 3PE HA . 32.96 -7.44 -1.45
C2G 3PE HA . 33.62 -6.90 -2.70
C2H 3PE HA . 33.41 -7.77 -3.92
C1 CDL IA . 27.10 -15.97 13.72
O1 CDL IA . 27.50 -14.65 13.32
CA2 CDL IA . 27.01 -16.02 15.22
OA2 CDL IA . 27.84 -14.98 15.78
PA1 CDL IA . 27.11 -13.74 16.45
OA3 CDL IA . 26.29 -14.23 17.60
OA4 CDL IA . 26.43 -13.03 15.35
OA5 CDL IA . 28.24 -12.76 17.02
CA3 CDL IA . 29.63 -13.10 16.89
CA4 CDL IA . 30.21 -12.36 15.70
OA6 CDL IA . 31.68 -12.42 15.60
CA5 CDL IA . 32.52 -11.84 16.49
OA7 CDL IA . 32.17 -11.30 17.52
C11 CDL IA . 33.95 -11.95 16.03
C12 CDL IA . 34.21 -13.12 15.11
CA6 CDL IA . 29.69 -10.95 15.57
OA8 CDL IA . 30.33 -10.38 14.40
CA7 CDL IA . 30.90 -9.19 14.55
OA9 CDL IA . 30.83 -8.54 15.56
C31 CDL IA . 31.63 -8.77 13.31
C32 CDL IA . 32.84 -7.89 13.57
C33 CDL IA . 33.94 -8.59 14.34
CB2 CDL IA . 28.09 -16.97 13.19
OB2 CDL IA . 29.28 -16.90 14.00
PB2 CDL IA . 29.87 -18.25 14.60
OB3 CDL IA . 30.99 -18.67 13.73
OB4 CDL IA . 28.77 -19.20 14.88
OB5 CDL IA . 30.53 -17.78 15.98
CB3 CDL IA . 31.93 -18.06 16.18
CB4 CDL IA . 32.55 -16.95 16.96
OB6 CDL IA . 33.90 -17.39 17.32
CB5 CDL IA . 34.90 -17.09 16.48
OB7 CDL IA . 34.74 -16.54 15.43
C51 CDL IA . 36.22 -17.52 17.04
C52 CDL IA . 36.74 -16.59 18.13
CB6 CDL IA . 31.85 -16.69 18.27
OB8 CDL IA . 32.69 -15.76 19.00
CB7 CDL IA . 32.06 -14.83 19.72
OB9 CDL IA . 30.86 -14.74 19.82
C71 CDL IA . 33.05 -13.90 20.36
C72 CDL IA . 32.40 -12.65 20.96
C1 U10 JA . 16.40 -2.89 9.32
C2 U10 JA . 16.59 -4.37 9.63
C3 U10 JA . 15.55 -5.40 9.22
C4 U10 JA . 14.28 -4.91 8.50
C5 U10 JA . 14.08 -3.42 8.19
C6 U10 JA . 15.13 -2.39 8.61
C1M U10 JA . 17.52 -1.97 9.76
C3M U10 JA . 15.05 -7.30 10.57
C4M U10 JA . 13.36 -6.25 6.79
C7 U10 JA . 14.84 -0.90 8.23
C8 U10 JA . 14.79 0.18 9.34
C9 U10 JA . 15.63 1.23 9.27
C10 U10 JA . 15.59 2.30 10.36
C11 U10 JA . 16.66 1.38 8.10
C12 U10 JA . 16.14 2.42 7.05
C13 U10 JA . 17.17 3.58 6.82
C14 U10 JA . 16.87 4.61 6.02
C15 U10 JA . 15.51 4.67 5.30
C16 U10 JA . 17.88 5.77 5.79
C17 U10 JA . 17.10 7.13 5.78
C18 U10 JA . 18.03 8.29 5.32
O2 U10 JA . 17.58 -4.73 10.18
O3 U10 JA . 15.75 -6.76 9.50
O4 U10 JA . 13.32 -5.85 8.13
O5 U10 JA . 13.10 -3.05 7.65
FE HEC KA . 63.94 24.83 8.67
CHA HEC KA . 63.07 22.79 6.10
CHB HEC KA . 62.03 22.98 10.78
CHC HEC KA . 64.89 26.85 11.28
CHD HEC KA . 65.32 27.00 6.51
NA HEC KA . 62.80 23.22 8.47
C1A HEC KA . 62.55 22.50 7.34
C2A HEC KA . 61.67 21.40 7.61
C3A HEC KA . 61.38 21.47 8.91
C4A HEC KA . 62.08 22.59 9.47
CMA HEC KA . 60.48 20.57 9.78
CAA HEC KA . 61.23 20.48 6.47
CBA HEC KA . 61.41 18.96 6.58
CGA HEC KA . 60.48 18.26 5.62
O1A HEC KA . 60.09 18.97 4.66
O2A HEC KA . 60.19 17.07 5.89
NB HEC KA . 63.54 24.89 10.62
C1B HEC KA . 62.71 24.05 11.31
C2B HEC KA . 62.69 24.44 12.69
C3B HEC KA . 63.47 25.51 12.79
C4B HEC KA . 64.02 25.81 11.52
CMB HEC KA . 61.87 23.72 13.76
CAB HEC KA . 63.75 26.29 14.11
CBB HEC KA . 64.82 25.70 14.80
NC HEC KA . 64.91 26.56 8.85
C1C HEC KA . 65.21 27.24 10.00
C2C HEC KA . 65.92 28.47 9.69
C3C HEC KA . 66.02 28.50 8.37
C4C HEC KA . 65.41 27.34 7.84
CMC HEC KA . 66.42 29.49 10.72
CAC HEC KA . 66.72 29.62 7.52
CBC HEC KA . 68.03 29.37 7.30
ND HEC KA . 64.15 24.87 6.69
C1D HEC KA . 64.75 25.87 5.98
C2D HEC KA . 64.70 25.53 4.59
C3D HEC KA . 64.09 24.36 4.47
C4D HEC KA . 63.72 23.94 5.80
CMD HEC KA . 65.29 26.43 3.49
CAD HEC KA . 63.78 23.57 3.19
CBD HEC KA . 64.70 22.44 2.77
CGD HEC KA . 64.14 21.56 1.70
O1D HEC KA . 63.36 22.14 0.91
O2D HEC KA . 64.48 20.34 1.67
C1 CDL LA . 24.30 -15.10 21.49
O1 CDL LA . 23.58 -14.43 22.53
CA2 CDL LA . 25.11 -16.23 22.08
OA2 CDL LA . 24.40 -16.82 23.19
PA1 CDL LA . 25.23 -17.53 24.34
OA3 CDL LA . 24.35 -17.78 25.50
OA4 CDL LA . 25.95 -18.68 23.74
OA5 CDL LA . 26.34 -16.45 24.73
CA3 CDL LA . 27.73 -16.79 24.60
CA4 CDL LA . 28.56 -15.56 24.33
OA6 CDL LA . 29.20 -15.16 25.57
CA5 CDL LA . 30.53 -15.08 25.59
OA7 CDL LA . 31.23 -15.32 24.64
C11 CDL LA . 31.03 -14.66 26.94
C12 CDL LA . 32.53 -14.39 26.96
CA6 CDL LA . 27.75 -14.42 23.79
OA8 CDL LA . 28.65 -13.40 23.28
CA7 CDL LA . 28.93 -12.38 24.09
OA9 CDL LA . 28.50 -12.27 25.20
C31 CDL LA . 29.84 -11.40 23.42
C32 CDL LA . 30.64 -10.58 24.42
C33 CDL LA . 31.65 -9.65 23.76
C34 CDL LA . 32.51 -8.89 24.75
C35 CDL LA . 33.29 -9.77 25.71
C36 CDL LA . 34.14 -8.99 26.70
CB2 CDL LA . 25.20 -14.13 20.78
OB2 CDL LA . 24.40 -13.04 20.28
PB2 CDL LA . 24.39 -11.65 21.06
OB3 CDL LA . 23.32 -10.84 20.44
OB4 CDL LA . 24.33 -11.92 22.52
OB5 CDL LA . 25.80 -11.00 20.68
CB3 CDL LA . 26.52 -10.19 21.63
CB4 CDL LA . 27.69 -9.58 20.91
OB6 CDL LA . 28.58 -8.72 21.72
CB5 CDL LA . 28.20 -7.54 22.25
OB7 CDL LA . 27.07 -7.13 22.28
C51 CDL LA . 29.38 -6.79 22.79
C52 CDL LA . 29.09 -5.96 24.03
C53 CDL LA . 28.74 -6.80 25.25
C54 CDL LA . 28.74 -6.05 26.57
C55 CDL LA . 30.11 -5.61 27.07
C56 CDL LA . 30.11 -5.13 28.50
CB6 CDL LA . 27.31 -8.95 19.58
OB8 CDL LA . 26.23 -8.00 19.70
CB7 CDL LA . 25.10 -8.28 19.04
OB9 CDL LA . 24.88 -9.33 18.51
C71 CDL LA . 24.16 -7.11 19.03
C72 CDL LA . 24.82 -5.86 18.50
P 3PE MA . 32.29 18.33 28.74
N 3PE MA . 30.03 19.70 31.32
O11 3PE MA . 32.01 16.85 28.21
O12 3PE MA . 32.32 18.30 30.22
O13 3PE MA . 30.97 19.13 28.34
O14 3PE MA . 33.44 18.91 28.02
C11 3PE MA . 29.70 18.91 29.01
C12 3PE MA . 29.52 20.04 29.96
C1 3PE MA . 31.75 16.69 26.81
C2 3PE MA . 31.40 15.27 26.46
C3 3PE MA . 30.19 14.79 27.23
O31 3PE MA . 29.46 13.80 26.48
O32 3PE MA . 30.71 12.14 27.32
C31 3PE MA . 29.79 12.51 26.65
C32 3PE MA . 28.83 11.61 25.94
C33 3PE MA . 29.48 10.37 25.35
C34 3PE MA . 28.50 9.48 24.61
O21 3PE MA . 31.09 15.28 25.04
O22 3PE MA . 32.14 13.33 24.73
C21 3PE MA . 31.58 14.29 24.28
C22 3PE MA . 31.36 14.54 22.82
C23 3PE MA . 30.08 13.92 22.29
C24 3PE MA . 30.13 12.40 22.23
FE1 FES NA . 14.10 51.83 11.89
FE2 FES NA . 11.91 49.67 11.57
S1 FES NA . 11.91 51.85 11.79
S2 FES NA . 14.11 49.65 11.61
#